data_5KKZ
#
_entry.id   5KKZ
#
_cell.length_a   120.773
_cell.length_b   128.277
_cell.length_c   128.283
_cell.angle_alpha   63.92
_cell.angle_beta   88.63
_cell.angle_gamma   63.38
#
_symmetry.space_group_name_H-M   'P 1'
#
loop_
_entity.id
_entity.type
_entity.pdbx_description
1 polymer 'Cytochrome b'
2 polymer 'Cytochrome c1'
3 polymer 'Ubiquinol-cytochrome c reductase iron-sulfur subunit'
4 non-polymer 'PROTOPORPHYRIN IX CONTAINING FE'
5 non-polymer FAMOXADONE
6 non-polymer 'ASCORBIC ACID'
7 non-polymer 'STRONTIUM ION'
8 non-polymer '(1R)-2-{[(R)-(2-AMINOETHOXY)(HYDROXY)PHOSPHORYL]OXY}-1-[(DODECANOYLOXY)METHYL]ETHYL (9Z)-OCTADEC-9-ENOATE'
9 non-polymer 'HEME C'
10 non-polymer 'octyl beta-D-glucopyranoside'
11 non-polymer 'FE2/S2 (INORGANIC) CLUSTER'
12 water water
#
loop_
_entity_poly.entity_id
_entity_poly.type
_entity_poly.pdbx_seq_one_letter_code
_entity_poly.pdbx_strand_id
1 'polypeptide(L)'
;MSGIPHDHYEPRTGIEKWLHSRLPIVALAYDTIMIPTPRNLNWMWIWGVVLAFCLVLQIVTGIVLAMHYTPHVDLAFASV
EHIMRNVNGGFMLRYLHANGASLFFIAVYLHIFRGLYYGSYKAPREVTWIVGMLIYLAMMATAFMGYVLPWGQMSFWGAT
VITGLFGAIPGIGHSIQTWLLGGPAVDNATLNRFFSLHYLLPFVIAALVAIHIWAFHSTGNNNPTGVEVRRTSKAEAQKD
TVPFWPYFIIKDVFALAVVLLVFFAIVGFMPNYLGHPDNYIEANPLSTPAHIVPEWYFLPFYAILRAFTADVWVVQIANF
ISFGIIDAKFFGVLAMFGAILVMALVPWLDTSPVRSGRYRPMFKIYFWLLAADFVILTWVGAQQTTFPYDWISLIASAYW
FAYFLVILPILGAIEKPVAPPATIEEDFNAHYSPATGGTKTVVAE
;
A,E,K,O
2 'polypeptide(L)'
;AGGGHVEDVPFSFEGPFGTFDQHQLQRGLQVYTEVCAACHGMKFVPIRSLSEPGGPELPEDQVRAYATQFTVTDEETGED
REGKPTDHFPHSALENAPDLSLMAKARAGFHGPMGTGISQLFNGIGGPEYIYSVLTGFPEEPPKCAEGHEPDGFYYNRAF
QNGSVPDTCKDANGVKTTAGSWIAMPPPLMDDLVEYADGHDASVHAMAEDVSAFLMWAAEPKLMARKQAGFTAVMFLTVL
SVLLYLTNKRLWAGVKGKKKTNVGTGHHHHHH
;
B,F,L,P
3 'polypeptide(L)'
;MSNAEDHAGTRRDFLYYATAGAGAVATGAAVWPLINQMNPSADVQALASIFVDVSSVEPGVQLTVKFLGKPIFIRRRTEA
DIELGRSVQLGQLVDTNARNANIDAGAEATDQNRTLDEAGEWLVMWGVCTHLGCVPIGGVSGDFGGWFCPCHGSHYDSAG
RIRKGPAPENLPIPLAKFIDETTIQLG
;
C,G,M,Q
#
loop_
_chem_comp.id
_chem_comp.type
_chem_comp.name
_chem_comp.formula
ASC L-saccharide 'ASCORBIC ACID' 'C6 H8 O6'
BOG D-saccharide 'octyl beta-D-glucopyranoside' 'C14 H28 O6'
FES non-polymer 'FE2/S2 (INORGANIC) CLUSTER' 'Fe2 S2'
FMX non-polymer FAMOXADONE 'C22 H18 N2 O4'
HEC non-polymer 'HEME C' 'C34 H34 Fe N4 O4'
HEM non-polymer 'PROTOPORPHYRIN IX CONTAINING FE' 'C34 H32 Fe N4 O4'
LOP non-polymer '(1R)-2-{[(R)-(2-AMINOETHOXY)(HYDROXY)PHOSPHORYL]OXY}-1-[(DODECANOYLOXY)METHYL]ETHYL (9Z)-OCTADEC-9-ENOATE' 'C35 H68 N O8 P'
SR non-polymer 'STRONTIUM ION' 'Sr 2'
#
# COMPACT_ATOMS: atom_id res chain seq x y z
N GLY A 3 -47.00 12.83 54.08
CA GLY A 3 -46.35 14.14 54.15
C GLY A 3 -47.32 15.27 53.94
N ILE A 4 -46.84 16.38 53.37
CA ILE A 4 -47.68 17.53 53.07
C ILE A 4 -48.37 17.32 51.72
N PRO A 5 -49.63 17.73 51.53
CA PRO A 5 -50.26 17.58 50.20
C PRO A 5 -49.66 18.53 49.16
N HIS A 6 -49.33 17.99 47.99
CA HIS A 6 -48.70 18.78 46.94
C HIS A 6 -48.91 18.01 45.64
N ASP A 7 -48.66 18.68 44.53
CA ASP A 7 -48.77 18.04 43.23
C ASP A 7 -47.48 17.31 42.90
N HIS A 8 -47.62 16.24 42.12
CA HIS A 8 -46.53 15.34 41.79
C HIS A 8 -46.06 15.61 40.37
N TYR A 9 -44.94 14.97 40.02
CA TYR A 9 -44.38 15.17 38.70
C TYR A 9 -45.23 14.48 37.66
N GLU A 10 -45.19 14.99 36.46
CA GLU A 10 -45.87 14.42 35.32
C GLU A 10 -44.99 14.65 34.11
N PRO A 11 -44.54 13.62 33.41
CA PRO A 11 -43.67 13.86 32.25
C PRO A 11 -44.44 14.58 31.17
N ARG A 12 -43.79 15.57 30.56
CA ARG A 12 -44.42 16.39 29.55
C ARG A 12 -43.76 16.22 28.18
N THR A 13 -42.46 16.48 28.07
CA THR A 13 -41.74 16.29 26.82
C THR A 13 -41.62 14.79 26.51
N GLY A 14 -41.44 14.48 25.23
CA GLY A 14 -41.22 13.09 24.86
C GLY A 14 -39.96 12.53 25.50
N ILE A 15 -38.93 13.37 25.68
CA ILE A 15 -37.71 12.93 26.34
C ILE A 15 -38.01 12.64 27.81
N GLU A 16 -38.91 13.42 28.42
CA GLU A 16 -39.25 13.22 29.82
C GLU A 16 -40.07 11.95 29.99
N LYS A 17 -41.02 11.70 29.08
CA LYS A 17 -41.78 10.44 29.12
C LYS A 17 -40.85 9.26 28.95
N TRP A 18 -39.81 9.40 28.09
CA TRP A 18 -38.87 8.31 27.86
C TRP A 18 -38.08 7.99 29.10
N LEU A 19 -37.53 9.03 29.73
CA LEU A 19 -36.70 8.81 30.91
C LEU A 19 -37.56 8.37 32.09
N HIS A 20 -38.76 8.95 32.27
CA HIS A 20 -39.57 8.64 33.46
C HIS A 20 -39.99 7.19 33.47
N SER A 21 -40.15 6.59 32.30
CA SER A 21 -40.55 5.19 32.24
C SER A 21 -39.38 4.23 32.47
N ARG A 22 -38.18 4.73 32.75
CA ARG A 22 -37.01 3.89 32.96
C ARG A 22 -36.33 4.22 34.28
N LEU A 23 -36.14 5.52 34.52
CA LEU A 23 -35.54 6.01 35.76
C LEU A 23 -36.18 7.34 36.14
N PRO A 24 -37.09 7.35 37.16
CA PRO A 24 -37.81 8.59 37.53
C PRO A 24 -36.94 9.58 38.34
N ILE A 25 -35.72 9.85 37.85
CA ILE A 25 -34.80 10.74 38.55
C ILE A 25 -35.29 12.18 38.47
N VAL A 26 -35.95 12.53 37.36
CA VAL A 26 -36.55 13.84 37.23
C VAL A 26 -37.73 13.97 38.18
N ALA A 27 -38.54 12.90 38.32
CA ALA A 27 -39.65 12.95 39.27
C ALA A 27 -39.10 13.17 40.68
N LEU A 28 -37.95 12.56 40.98
CA LEU A 28 -37.37 12.68 42.29
C LEU A 28 -36.79 14.08 42.50
N ALA A 29 -36.10 14.62 41.50
CA ALA A 29 -35.57 15.97 41.62
C ALA A 29 -36.69 17.01 41.72
N TYR A 30 -37.80 16.80 40.98
CA TYR A 30 -38.95 17.73 41.00
C TYR A 30 -39.63 17.75 42.36
N ASP A 31 -40.00 16.56 42.86
CA ASP A 31 -40.68 16.45 44.14
C ASP A 31 -39.81 16.97 45.26
N THR A 32 -38.49 16.95 45.07
CA THR A 32 -37.54 17.45 46.05
C THR A 32 -37.48 18.97 46.04
N ILE A 33 -37.32 19.57 44.86
CA ILE A 33 -37.07 21.00 44.79
C ILE A 33 -38.37 21.78 44.92
N MET A 34 -39.53 21.10 44.86
CA MET A 34 -40.85 21.74 44.92
C MET A 34 -41.58 21.39 46.21
N ILE A 35 -40.87 20.85 47.19
CA ILE A 35 -41.43 20.46 48.48
C ILE A 35 -42.10 21.66 49.13
N PRO A 36 -43.32 21.55 49.64
CA PRO A 36 -43.90 22.69 50.37
C PRO A 36 -43.14 22.93 51.66
N THR A 37 -42.57 24.13 51.78
CA THR A 37 -41.74 24.54 52.89
C THR A 37 -42.50 25.61 53.67
N PRO A 38 -42.49 25.62 55.02
CA PRO A 38 -43.22 26.69 55.73
C PRO A 38 -42.80 28.06 55.21
N ARG A 39 -43.82 28.87 54.96
CA ARG A 39 -43.61 30.19 54.38
C ARG A 39 -42.85 31.15 55.30
N ASN A 40 -42.84 30.92 56.63
CA ASN A 40 -42.43 31.90 57.63
C ASN A 40 -40.98 31.68 58.13
N LEU A 41 -40.13 31.06 57.32
CA LEU A 41 -38.73 30.85 57.70
C LEU A 41 -37.97 32.17 57.72
N ASN A 42 -37.14 32.38 58.79
CA ASN A 42 -36.32 33.58 58.95
C ASN A 42 -34.88 33.31 58.51
N TRP A 43 -34.00 34.28 58.75
CA TRP A 43 -32.64 34.23 58.21
C TRP A 43 -31.79 33.16 58.88
N MET A 44 -32.27 32.52 59.96
CA MET A 44 -31.52 31.44 60.61
C MET A 44 -31.67 30.09 59.89
N TRP A 45 -32.48 30.03 58.84
CA TRP A 45 -32.67 28.80 58.09
C TRP A 45 -31.72 28.74 56.88
N ILE A 46 -30.81 29.71 56.73
CA ILE A 46 -29.91 29.73 55.59
C ILE A 46 -28.68 28.88 55.85
N TRP A 47 -28.36 28.58 57.12
CA TRP A 47 -27.06 28.00 57.42
C TRP A 47 -26.94 26.57 56.93
N GLY A 48 -28.05 25.92 56.60
CA GLY A 48 -27.97 24.61 55.98
C GLY A 48 -27.34 24.66 54.61
N VAL A 49 -27.70 25.65 53.78
CA VAL A 49 -27.15 25.80 52.44
C VAL A 49 -25.69 26.21 52.52
N VAL A 50 -25.35 27.06 53.50
CA VAL A 50 -23.95 27.46 53.68
C VAL A 50 -23.12 26.25 54.00
N LEU A 51 -23.63 25.38 54.87
CA LEU A 51 -22.91 24.16 55.17
C LEU A 51 -22.74 23.31 53.93
N ALA A 52 -23.78 23.23 53.09
CA ALA A 52 -23.69 22.47 51.85
C ALA A 52 -22.62 23.05 50.97
N PHE A 53 -22.63 24.38 50.82
CA PHE A 53 -21.61 25.02 50.02
C PHE A 53 -20.21 24.76 50.58
N CYS A 54 -20.04 24.92 51.89
CA CYS A 54 -18.73 24.69 52.51
C CYS A 54 -18.22 23.32 52.20
N LEU A 55 -19.09 22.33 52.30
CA LEU A 55 -18.68 20.96 52.07
C LEU A 55 -18.15 20.81 50.66
N VAL A 56 -18.80 21.44 49.69
CA VAL A 56 -18.28 21.37 48.33
C VAL A 56 -16.96 22.13 48.21
N LEU A 57 -16.88 23.34 48.80
CA LEU A 57 -15.65 24.12 48.76
C LEU A 57 -14.49 23.33 49.35
N GLN A 58 -14.70 22.74 50.53
CA GLN A 58 -13.64 22.00 51.16
C GLN A 58 -13.25 20.82 50.29
N ILE A 59 -14.24 20.16 49.71
CA ILE A 59 -13.97 18.97 48.92
C ILE A 59 -13.23 19.35 47.65
N VAL A 60 -13.69 20.39 46.95
CA VAL A 60 -13.09 20.72 45.68
C VAL A 60 -11.71 21.32 45.87
N THR A 61 -11.54 22.19 46.88
CA THR A 61 -10.20 22.72 47.15
C THR A 61 -9.30 21.65 47.73
N GLY A 62 -9.90 20.74 48.49
CA GLY A 62 -9.14 19.66 49.09
C GLY A 62 -8.55 18.73 48.05
N ILE A 63 -9.37 18.27 47.10
CA ILE A 63 -8.90 17.39 46.04
C ILE A 63 -7.75 18.02 45.30
N VAL A 64 -7.88 19.31 45.01
CA VAL A 64 -6.86 20.03 44.31
C VAL A 64 -5.57 20.12 45.12
N LEU A 65 -5.68 20.47 46.42
CA LEU A 65 -4.49 20.54 47.27
C LEU A 65 -3.78 19.20 47.35
N ALA A 66 -4.52 18.10 47.40
CA ALA A 66 -3.86 16.80 47.47
C ALA A 66 -3.12 16.45 46.18
N MET A 67 -3.37 17.19 45.09
CA MET A 67 -2.60 16.94 43.88
C MET A 67 -1.19 17.48 43.99
N HIS A 68 -0.89 18.26 45.02
CA HIS A 68 0.39 18.93 45.19
C HIS A 68 1.02 18.73 46.57
N TYR A 69 0.36 18.02 47.46
CA TYR A 69 0.81 17.84 48.83
C TYR A 69 1.50 16.48 48.98
N THR A 70 2.54 16.43 49.81
CA THR A 70 3.26 15.17 50.06
C THR A 70 3.17 14.78 51.53
N PRO A 71 2.43 13.65 51.92
CA PRO A 71 2.31 13.21 53.33
C PRO A 71 3.53 12.45 53.85
N HIS A 72 4.61 13.18 53.99
CA HIS A 72 5.82 12.65 54.58
C HIS A 72 6.44 13.77 55.38
N VAL A 73 6.94 13.44 56.56
CA VAL A 73 7.41 14.46 57.52
C VAL A 73 8.51 15.32 56.94
N ASP A 74 9.34 14.77 56.05
CA ASP A 74 10.42 15.52 55.40
C ASP A 74 9.91 16.44 54.28
N LEU A 75 8.69 16.26 53.79
CA LEU A 75 8.22 16.96 52.60
C LEU A 75 6.92 17.70 52.79
N ALA A 76 6.16 17.40 53.84
CA ALA A 76 4.84 17.97 54.04
C ALA A 76 4.87 19.49 54.13
N PHE A 77 5.63 20.03 55.09
CA PHE A 77 5.70 21.48 55.27
C PHE A 77 6.23 22.14 54.00
N ALA A 78 7.25 21.57 53.38
CA ALA A 78 7.75 22.13 52.13
C ALA A 78 6.69 22.08 51.01
N SER A 79 5.86 21.03 50.97
CA SER A 79 4.88 20.91 49.89
C SER A 79 3.76 21.93 50.02
N VAL A 80 3.45 22.37 51.24
CA VAL A 80 2.46 23.41 51.40
C VAL A 80 3.01 24.76 50.95
N GLU A 81 4.29 25.05 51.26
CA GLU A 81 4.93 26.26 50.75
C GLU A 81 5.13 26.19 49.25
N HIS A 82 5.31 25.00 48.70
CA HIS A 82 5.39 24.91 47.26
C HIS A 82 4.06 25.34 46.64
N ILE A 83 2.95 24.88 47.21
CA ILE A 83 1.64 25.35 46.78
C ILE A 83 1.52 26.87 46.89
N MET A 84 1.89 27.41 48.04
CA MET A 84 1.73 28.84 48.28
C MET A 84 2.49 29.70 47.29
N ARG A 85 3.69 29.27 46.86
CA ARG A 85 4.56 30.11 46.06
C ARG A 85 4.52 29.79 44.56
N ASN A 86 4.39 28.52 44.21
CA ASN A 86 4.58 28.05 42.84
C ASN A 86 3.32 27.58 42.12
N VAL A 87 2.46 26.85 42.82
CA VAL A 87 1.27 26.31 42.21
C VAL A 87 0.36 27.47 41.85
N ASN A 88 -0.13 27.42 40.63
CA ASN A 88 -1.07 28.39 40.11
C ASN A 88 -2.28 28.49 41.01
N GLY A 89 -2.49 29.68 41.56
CA GLY A 89 -3.60 29.89 42.47
C GLY A 89 -3.46 29.16 43.76
N GLY A 90 -2.28 28.63 44.05
CA GLY A 90 -2.10 27.79 45.21
C GLY A 90 -2.29 28.55 46.51
N PHE A 91 -1.84 29.80 46.54
CA PHE A 91 -2.04 30.62 47.72
C PHE A 91 -3.52 30.78 48.03
N MET A 92 -4.35 30.95 46.98
CA MET A 92 -5.76 31.19 47.17
C MET A 92 -6.49 29.91 47.50
N LEU A 93 -6.10 28.82 46.86
CA LEU A 93 -6.75 27.54 47.15
C LEU A 93 -6.48 27.10 48.57
N ARG A 94 -5.26 27.32 49.05
CA ARG A 94 -4.90 26.98 50.43
C ARG A 94 -5.66 27.81 51.46
N TYR A 95 -5.70 29.12 51.26
CA TYR A 95 -6.41 29.98 52.19
C TYR A 95 -7.89 29.69 52.12
N LEU A 96 -8.40 29.31 50.94
CA LEU A 96 -9.82 28.98 50.89
C LEU A 96 -10.08 27.73 51.71
N HIS A 97 -9.22 26.73 51.59
CA HIS A 97 -9.44 25.50 52.33
C HIS A 97 -9.28 25.76 53.82
N ALA A 98 -8.28 26.57 54.20
CA ALA A 98 -8.02 26.83 55.63
C ALA A 98 -9.11 27.69 56.24
N ASN A 99 -9.35 28.87 55.66
CA ASN A 99 -10.43 29.71 56.14
C ASN A 99 -11.79 29.06 55.87
N GLY A 100 -11.89 28.20 54.82
CA GLY A 100 -13.12 27.50 54.55
C GLY A 100 -13.52 26.58 55.68
N ALA A 101 -12.53 26.00 56.36
CA ALA A 101 -12.85 25.20 57.53
C ALA A 101 -13.49 26.08 58.60
N SER A 102 -13.00 27.31 58.76
CA SER A 102 -13.60 28.19 59.75
C SER A 102 -15.01 28.54 59.35
N LEU A 103 -15.21 28.88 58.08
CA LEU A 103 -16.58 29.19 57.63
C LEU A 103 -17.46 27.98 57.87
N PHE A 104 -16.92 26.80 57.60
CA PHE A 104 -17.67 25.57 57.83
C PHE A 104 -18.10 25.48 59.26
N PHE A 105 -17.23 25.88 60.18
CA PHE A 105 -17.54 25.67 61.58
C PHE A 105 -18.35 26.78 62.21
N ILE A 106 -18.18 28.03 61.81
CA ILE A 106 -19.11 29.07 62.26
C ILE A 106 -20.54 28.68 61.90
N ALA A 107 -20.70 28.11 60.70
CA ALA A 107 -22.04 27.79 60.22
C ALA A 107 -22.68 26.68 61.04
N VAL A 108 -21.97 25.62 61.39
CA VAL A 108 -22.61 24.58 62.20
C VAL A 108 -23.04 25.13 63.55
N TYR A 109 -22.22 25.97 64.17
CA TYR A 109 -22.60 26.42 65.50
C TYR A 109 -23.87 27.28 65.43
N LEU A 110 -23.96 28.13 64.41
CA LEU A 110 -25.18 28.88 64.19
C LEU A 110 -26.35 27.94 63.82
N HIS A 111 -26.08 26.97 62.95
CA HIS A 111 -27.04 25.94 62.60
C HIS A 111 -27.52 25.20 63.85
N ILE A 112 -26.61 24.81 64.74
CA ILE A 112 -26.96 24.05 65.94
C ILE A 112 -27.79 24.90 66.89
N PHE A 113 -27.36 26.11 67.16
CA PHE A 113 -28.09 26.93 68.11
C PHE A 113 -29.46 27.33 67.59
N ARG A 114 -29.61 27.41 66.26
CA ARG A 114 -30.94 27.58 65.68
C ARG A 114 -31.83 26.44 66.15
N GLY A 115 -31.36 25.21 65.98
CA GLY A 115 -32.13 24.07 66.40
C GLY A 115 -32.44 24.10 67.88
N LEU A 116 -31.47 24.52 68.70
CA LEU A 116 -31.67 24.52 70.14
C LEU A 116 -32.70 25.55 70.57
N TYR A 117 -32.85 26.63 69.82
CA TYR A 117 -33.82 27.66 70.22
C TYR A 117 -35.24 27.28 69.81
N TYR A 118 -35.41 26.85 68.56
CA TYR A 118 -36.70 26.59 67.95
C TYR A 118 -37.18 25.15 68.12
N GLY A 119 -36.43 24.32 68.82
CA GLY A 119 -36.89 22.97 69.05
C GLY A 119 -36.98 22.10 67.84
N SER A 120 -36.02 22.25 66.90
CA SER A 120 -35.93 21.46 65.67
C SER A 120 -35.44 20.04 65.93
N TYR A 121 -35.03 19.74 67.18
CA TYR A 121 -34.61 18.40 67.61
C TYR A 121 -35.73 17.59 68.22
N LYS A 122 -36.82 18.23 68.67
CA LYS A 122 -37.95 17.54 69.29
C LYS A 122 -38.73 16.76 68.21
N ALA A 123 -39.48 15.76 68.67
CA ALA A 123 -40.28 14.92 67.78
C ALA A 123 -41.10 15.76 66.81
N PRO A 124 -41.18 15.37 65.53
CA PRO A 124 -40.65 14.12 64.95
C PRO A 124 -39.20 14.20 64.38
N ARG A 125 -38.33 15.10 64.88
CA ARG A 125 -37.06 15.39 64.22
C ARG A 125 -35.82 14.83 64.93
N GLU A 126 -35.98 13.79 65.77
CA GLU A 126 -34.83 13.21 66.48
C GLU A 126 -33.81 12.65 65.50
N VAL A 127 -34.28 11.93 64.47
CA VAL A 127 -33.34 11.30 63.55
C VAL A 127 -32.55 12.37 62.83
N THR A 128 -33.23 13.43 62.38
CA THR A 128 -32.52 14.55 61.76
C THR A 128 -31.46 15.05 62.72
N TRP A 129 -31.80 15.16 64.00
CA TRP A 129 -30.87 15.70 64.96
C TRP A 129 -29.71 14.75 65.19
N ILE A 130 -29.98 13.47 65.34
CA ILE A 130 -28.93 12.50 65.61
C ILE A 130 -27.99 12.36 64.40
N VAL A 131 -28.55 12.33 63.18
CA VAL A 131 -27.69 12.31 62.01
C VAL A 131 -26.80 13.56 62.01
N GLY A 132 -27.37 14.70 62.42
CA GLY A 132 -26.61 15.92 62.57
C GLY A 132 -25.44 15.77 63.53
N MET A 133 -25.65 15.11 64.67
CA MET A 133 -24.58 14.96 65.63
C MET A 133 -23.42 14.12 65.07
N LEU A 134 -23.74 13.10 64.28
CA LEU A 134 -22.67 12.32 63.67
C LEU A 134 -21.89 13.16 62.69
N ILE A 135 -22.59 13.97 61.90
CA ILE A 135 -21.89 14.85 60.96
C ILE A 135 -20.93 15.76 61.71
N TYR A 136 -21.35 16.29 62.85
CA TYR A 136 -20.51 17.20 63.61
C TYR A 136 -19.27 16.48 64.09
N LEU A 137 -19.45 15.25 64.59
CA LEU A 137 -18.30 14.46 65.01
C LEU A 137 -17.36 14.20 63.83
N ALA A 138 -17.91 13.90 62.67
CA ALA A 138 -17.06 13.64 61.53
C ALA A 138 -16.31 14.89 61.13
N MET A 139 -16.99 16.05 61.17
CA MET A 139 -16.35 17.32 60.87
C MET A 139 -15.17 17.60 61.80
N MET A 140 -15.39 17.40 63.10
CA MET A 140 -14.33 17.67 64.04
C MET A 140 -13.17 16.73 63.77
N ALA A 141 -13.45 15.45 63.57
CA ALA A 141 -12.40 14.50 63.28
C ALA A 141 -11.67 14.85 61.99
N THR A 142 -12.40 15.26 60.96
CA THR A 142 -11.75 15.63 59.72
C THR A 142 -10.83 16.83 59.94
N ALA A 143 -11.36 17.86 60.60
CA ALA A 143 -10.59 19.08 60.77
C ALA A 143 -9.36 18.88 61.63
N PHE A 144 -9.45 18.04 62.66
CA PHE A 144 -8.27 17.79 63.47
C PHE A 144 -7.18 17.21 62.58
N MET A 145 -7.50 16.15 61.85
CA MET A 145 -6.48 15.46 61.03
C MET A 145 -5.99 16.35 59.91
N GLY A 146 -6.86 17.17 59.35
CA GLY A 146 -6.45 18.12 58.33
C GLY A 146 -5.42 19.09 58.83
N TYR A 147 -5.60 19.58 60.06
CA TYR A 147 -4.69 20.57 60.63
C TYR A 147 -3.32 20.02 60.86
N VAL A 148 -3.20 18.69 60.99
CA VAL A 148 -1.92 18.07 61.21
C VAL A 148 -1.11 18.01 59.93
N LEU A 149 -1.76 18.00 58.76
CA LEU A 149 -1.04 17.72 57.53
C LEU A 149 0.08 18.69 57.20
N PRO A 150 -0.04 20.00 57.40
CA PRO A 150 1.11 20.88 57.13
C PRO A 150 2.34 20.58 57.99
N TRP A 151 2.17 19.92 59.13
CA TRP A 151 3.29 19.51 59.97
C TRP A 151 4.09 20.71 60.48
N GLY A 152 3.39 21.75 60.93
CA GLY A 152 4.00 22.86 61.63
C GLY A 152 4.12 22.52 63.09
N GLN A 153 4.49 23.52 63.91
CA GLN A 153 4.64 23.29 65.34
C GLN A 153 3.29 23.02 66.01
N MET A 154 2.23 23.77 65.65
CA MET A 154 0.91 23.49 66.22
C MET A 154 0.39 22.14 65.75
N SER A 155 0.66 21.80 64.50
CA SER A 155 0.27 20.51 63.97
C SER A 155 0.85 19.38 64.82
N PHE A 156 2.16 19.42 65.04
CA PHE A 156 2.81 18.33 65.71
C PHE A 156 2.37 18.25 67.17
N TRP A 157 2.36 19.40 67.86
CA TRP A 157 2.09 19.39 69.30
C TRP A 157 0.61 19.34 69.57
N GLY A 158 -0.21 19.88 68.68
CA GLY A 158 -1.63 19.64 68.81
C GLY A 158 -1.95 18.17 68.66
N ALA A 159 -1.27 17.50 67.73
CA ALA A 159 -1.47 16.07 67.53
C ALA A 159 -1.00 15.27 68.75
N THR A 160 0.13 15.69 69.34
CA THR A 160 0.64 15.09 70.57
C THR A 160 -0.39 15.20 71.70
N VAL A 161 -0.98 16.38 71.87
CA VAL A 161 -1.93 16.63 72.95
C VAL A 161 -3.22 15.85 72.74
N ILE A 162 -3.73 15.87 71.52
CA ILE A 162 -5.05 15.34 71.28
C ILE A 162 -4.99 13.83 71.31
N THR A 163 -3.90 13.24 70.81
CA THR A 163 -3.71 11.80 70.98
C THR A 163 -3.46 11.42 72.43
N GLY A 164 -2.89 12.34 73.22
CA GLY A 164 -2.69 12.04 74.62
C GLY A 164 -4.00 11.90 75.37
N LEU A 165 -5.06 12.58 74.88
CA LEU A 165 -6.38 12.44 75.49
C LEU A 165 -6.80 10.98 75.53
N PHE A 166 -6.48 10.23 74.46
CA PHE A 166 -6.90 8.83 74.35
C PHE A 166 -6.00 7.95 75.23
N GLY A 167 -4.80 8.41 75.56
CA GLY A 167 -3.98 7.71 76.53
C GLY A 167 -4.56 7.75 77.93
N ALA A 168 -5.50 8.65 78.17
CA ALA A 168 -6.11 8.83 79.48
C ALA A 168 -7.20 7.83 79.78
N ILE A 169 -7.61 7.03 78.81
CA ILE A 169 -8.67 6.04 79.05
C ILE A 169 -8.10 4.92 79.93
N PRO A 170 -8.75 4.57 81.06
CA PRO A 170 -8.18 3.52 81.93
C PRO A 170 -8.01 2.20 81.23
N GLY A 171 -6.92 1.49 81.57
CA GLY A 171 -6.74 0.15 81.05
C GLY A 171 -6.22 0.07 79.63
N ILE A 172 -7.08 0.55 78.73
CA ILE A 172 -6.89 0.44 77.30
C ILE A 172 -6.31 1.69 76.67
N GLY A 173 -6.10 2.75 77.45
CA GLY A 173 -5.69 4.02 76.88
C GLY A 173 -4.40 3.94 76.09
N HIS A 174 -3.37 3.28 76.64
CA HIS A 174 -2.12 3.28 75.90
C HIS A 174 -2.23 2.49 74.62
N SER A 175 -3.03 1.43 74.60
CA SER A 175 -3.20 0.68 73.37
C SER A 175 -3.85 1.52 72.30
N ILE A 176 -4.95 2.23 72.62
CA ILE A 176 -5.60 3.09 71.63
C ILE A 176 -4.63 4.14 71.14
N GLN A 177 -3.84 4.71 72.07
CA GLN A 177 -2.91 5.78 71.72
C GLN A 177 -1.85 5.29 70.75
N THR A 178 -1.24 4.13 71.05
CA THR A 178 -0.23 3.55 70.16
C THR A 178 -0.81 3.23 68.79
N TRP A 179 -2.04 2.70 68.77
CA TRP A 179 -2.70 2.35 67.52
C TRP A 179 -2.94 3.60 66.67
N LEU A 180 -3.41 4.70 67.28
CA LEU A 180 -3.59 5.95 66.53
C LEU A 180 -2.27 6.52 66.05
N LEU A 181 -1.23 6.41 66.88
CA LEU A 181 0.05 7.02 66.58
C LEU A 181 0.86 6.19 65.60
N GLY A 182 0.72 4.86 65.66
CA GLY A 182 1.56 3.98 64.88
C GLY A 182 2.96 3.86 65.42
N GLY A 183 3.17 4.19 66.68
CA GLY A 183 4.47 4.16 67.27
C GLY A 183 4.47 4.77 68.66
N PRO A 184 5.66 5.03 69.21
CA PRO A 184 5.70 5.63 70.52
C PRO A 184 5.35 7.11 70.52
N ALA A 185 5.32 7.77 69.37
CA ALA A 185 5.12 9.21 69.34
C ALA A 185 4.51 9.65 68.04
N VAL A 186 4.04 10.89 68.04
CA VAL A 186 3.61 11.51 66.80
C VAL A 186 4.80 11.54 65.86
N ASP A 187 4.66 10.85 64.74
CA ASP A 187 5.70 10.73 63.75
C ASP A 187 5.08 10.58 62.36
N ASN A 188 5.87 10.04 61.42
CA ASN A 188 5.42 9.92 60.03
C ASN A 188 4.24 9.00 59.91
N ALA A 189 4.28 7.87 60.61
CA ALA A 189 3.17 6.94 60.58
C ALA A 189 1.89 7.63 60.91
N THR A 190 1.95 8.60 61.81
CA THR A 190 0.75 9.33 62.20
C THR A 190 0.31 10.25 61.09
N LEU A 191 1.27 10.98 60.51
CA LEU A 191 0.96 11.89 59.41
C LEU A 191 0.37 11.14 58.23
N ASN A 192 0.96 9.99 57.92
CA ASN A 192 0.57 9.24 56.73
C ASN A 192 -0.86 8.73 56.85
N ARG A 193 -1.24 8.23 58.03
CA ARG A 193 -2.60 7.69 58.19
C ARG A 193 -3.61 8.80 58.36
N PHE A 194 -3.23 9.90 58.98
CA PHE A 194 -4.15 11.03 59.08
C PHE A 194 -4.46 11.54 57.68
N PHE A 195 -3.51 11.44 56.78
CA PHE A 195 -3.78 11.88 55.42
C PHE A 195 -4.83 11.03 54.74
N SER A 196 -4.70 9.72 54.85
CA SER A 196 -5.67 8.86 54.21
C SER A 196 -7.04 9.10 54.78
N LEU A 197 -7.12 9.28 56.09
CA LEU A 197 -8.41 9.45 56.75
C LEU A 197 -8.98 10.84 56.53
N HIS A 198 -8.12 11.84 56.34
CA HIS A 198 -8.64 13.17 56.03
C HIS A 198 -9.34 13.18 54.68
N TYR A 199 -8.92 12.34 53.75
CA TYR A 199 -9.53 12.26 52.43
C TYR A 199 -10.87 11.49 52.50
N LEU A 200 -10.88 10.40 53.25
CA LEU A 200 -12.04 9.52 53.36
C LEU A 200 -13.23 10.22 54.05
N LEU A 201 -13.00 10.80 55.24
CA LEU A 201 -14.13 11.23 56.08
C LEU A 201 -15.04 12.24 55.40
N PRO A 202 -14.56 13.21 54.63
CA PRO A 202 -15.48 14.09 53.92
C PRO A 202 -16.45 13.33 53.03
N PHE A 203 -16.08 12.15 52.53
CA PHE A 203 -17.04 11.40 51.75
C PHE A 203 -18.07 10.73 52.69
N VAL A 204 -17.64 10.36 53.89
CA VAL A 204 -18.58 9.86 54.88
C VAL A 204 -19.53 10.97 55.29
N ILE A 205 -19.03 12.18 55.44
CA ILE A 205 -19.90 13.32 55.74
C ILE A 205 -20.91 13.50 54.64
N ALA A 206 -20.47 13.40 53.39
CA ALA A 206 -21.39 13.58 52.26
C ALA A 206 -22.49 12.56 52.28
N ALA A 207 -22.16 11.31 52.62
CA ALA A 207 -23.17 10.28 52.73
C ALA A 207 -24.12 10.57 53.86
N LEU A 208 -23.59 11.06 55.00
CA LEU A 208 -24.47 11.41 56.12
C LEU A 208 -25.39 12.56 55.76
N VAL A 209 -24.89 13.55 55.02
CA VAL A 209 -25.73 14.68 54.62
C VAL A 209 -26.88 14.21 53.75
N ALA A 210 -26.67 13.21 52.91
CA ALA A 210 -27.78 12.72 52.09
C ALA A 210 -28.90 12.17 52.98
N ILE A 211 -28.54 11.44 54.03
CA ILE A 211 -29.51 10.92 54.98
C ILE A 211 -30.13 12.06 55.75
N HIS A 212 -29.31 13.03 56.12
CA HIS A 212 -29.78 14.23 56.78
C HIS A 212 -30.89 14.93 55.99
N ILE A 213 -30.69 15.11 54.67
CA ILE A 213 -31.69 15.78 53.85
C ILE A 213 -32.91 14.90 53.71
N TRP A 214 -32.69 13.61 53.55
CA TRP A 214 -33.81 12.69 53.51
C TRP A 214 -34.61 12.78 54.83
N ALA A 215 -33.93 13.04 55.95
CA ALA A 215 -34.59 13.07 57.25
C ALA A 215 -35.52 14.26 57.40
N PHE A 216 -35.07 15.47 57.04
CA PHE A 216 -35.95 16.61 57.24
C PHE A 216 -36.88 16.80 56.07
N HIS A 217 -36.66 16.09 54.95
CA HIS A 217 -37.67 16.08 53.90
C HIS A 217 -38.81 15.16 54.26
N SER A 218 -38.52 14.08 55.00
CA SER A 218 -39.56 13.15 55.45
C SER A 218 -40.51 13.83 56.42
N THR A 219 -39.98 14.63 57.34
CA THR A 219 -40.80 15.28 58.34
C THR A 219 -41.27 16.67 57.91
N GLY A 220 -40.54 17.33 57.04
CA GLY A 220 -40.80 18.73 56.77
C GLY A 220 -40.02 19.62 57.70
N ASN A 221 -39.67 20.78 57.19
CA ASN A 221 -38.86 21.69 57.95
C ASN A 221 -39.58 22.17 59.17
N ASN A 222 -38.84 22.34 60.25
CA ASN A 222 -39.40 23.05 61.38
C ASN A 222 -39.48 24.52 60.98
N ASN A 223 -40.24 25.28 61.71
CA ASN A 223 -40.33 26.70 61.42
C ASN A 223 -40.30 27.50 62.71
N PRO A 224 -40.10 28.83 62.62
CA PRO A 224 -39.93 29.62 63.85
C PRO A 224 -40.99 29.53 64.93
N THR A 225 -42.23 29.16 64.56
CA THR A 225 -43.34 29.05 65.52
C THR A 225 -43.42 27.69 66.18
N GLY A 226 -42.80 26.69 65.59
CA GLY A 226 -42.90 25.33 66.06
C GLY A 226 -44.23 24.69 65.74
N VAL A 227 -45.11 25.38 65.04
CA VAL A 227 -46.40 24.82 64.66
C VAL A 227 -46.27 24.15 63.30
N GLU A 228 -46.64 22.89 63.22
CA GLU A 228 -46.41 22.15 62.00
C GLU A 228 -47.40 22.57 60.93
N VAL A 229 -46.97 22.36 59.68
CA VAL A 229 -47.82 22.64 58.54
C VAL A 229 -49.04 21.77 58.60
N ARG A 230 -50.22 22.36 58.28
CA ARG A 230 -51.50 21.62 58.19
C ARG A 230 -51.49 20.66 57.00
N ARG A 231 -51.84 19.40 57.25
CA ARG A 231 -51.76 18.38 56.21
C ARG A 231 -53.16 17.81 55.89
N THR A 232 -54.21 18.37 56.51
CA THR A 232 -55.58 17.90 56.36
C THR A 232 -56.16 18.19 54.97
N SER A 233 -55.60 19.15 54.24
CA SER A 233 -56.05 19.42 52.87
C SER A 233 -55.00 20.24 52.13
N LYS A 234 -55.04 20.15 50.79
CA LYS A 234 -54.12 20.91 49.95
C LYS A 234 -54.40 22.40 50.08
N ALA A 235 -55.65 22.76 50.34
CA ALA A 235 -56.06 24.15 50.48
C ALA A 235 -55.25 24.83 51.57
N GLU A 236 -55.20 24.22 52.77
CA GLU A 236 -54.55 24.81 53.93
C GLU A 236 -53.07 24.52 54.01
N ALA A 237 -52.57 23.55 53.26
CA ALA A 237 -51.14 23.36 53.15
C ALA A 237 -50.53 24.51 52.38
N GLN A 238 -51.27 25.03 51.41
CA GLN A 238 -50.77 26.11 50.59
C GLN A 238 -50.77 27.42 51.34
N LYS A 239 -51.65 27.54 52.31
CA LYS A 239 -51.62 28.74 53.12
C LYS A 239 -50.45 28.77 54.11
N ASP A 240 -49.91 27.60 54.47
CA ASP A 240 -48.76 27.49 55.36
C ASP A 240 -47.43 27.42 54.65
N THR A 241 -47.40 27.18 53.33
CA THR A 241 -46.16 26.85 52.66
C THR A 241 -46.05 27.56 51.32
N VAL A 242 -44.82 27.55 50.80
CA VAL A 242 -44.52 27.81 49.40
C VAL A 242 -43.53 26.76 48.95
N PRO A 243 -43.48 26.46 47.64
CA PRO A 243 -42.52 25.46 47.16
C PRO A 243 -41.10 25.95 47.36
N PHE A 244 -40.23 25.02 47.72
CA PHE A 244 -38.83 25.33 47.96
C PHE A 244 -38.23 26.11 46.79
N TRP A 245 -38.37 25.56 45.58
CA TRP A 245 -38.03 26.32 44.38
C TRP A 245 -39.26 27.07 43.89
N PRO A 246 -39.15 28.35 43.53
CA PRO A 246 -37.99 29.28 43.56
C PRO A 246 -37.86 30.04 44.87
N TYR A 247 -38.94 30.08 45.65
CA TYR A 247 -39.08 31.04 46.74
C TYR A 247 -37.92 30.97 47.74
N PHE A 248 -37.54 29.77 48.18
CA PHE A 248 -36.46 29.65 49.17
C PHE A 248 -35.11 29.30 48.56
N ILE A 249 -35.06 28.79 47.32
CA ILE A 249 -33.80 28.65 46.61
C ILE A 249 -33.17 30.01 46.44
N ILE A 250 -33.96 30.95 45.90
CA ILE A 250 -33.47 32.29 45.64
C ILE A 250 -33.15 33.01 46.93
N LYS A 251 -33.97 32.82 47.96
CA LYS A 251 -33.68 33.47 49.23
C LYS A 251 -32.37 32.96 49.83
N ASP A 252 -32.10 31.65 49.69
CA ASP A 252 -30.87 31.07 50.19
C ASP A 252 -29.66 31.51 49.35
N VAL A 253 -29.79 31.45 48.02
CA VAL A 253 -28.70 31.86 47.13
C VAL A 253 -28.35 33.32 47.39
N PHE A 254 -29.37 34.16 47.65
CA PHE A 254 -29.08 35.54 48.00
C PHE A 254 -28.25 35.59 49.28
N ALA A 255 -28.73 34.91 50.31
CA ALA A 255 -28.02 34.87 51.58
C ALA A 255 -26.62 34.31 51.42
N LEU A 256 -26.49 33.27 50.60
CA LEU A 256 -25.16 32.69 50.38
C LEU A 256 -24.21 33.71 49.76
N ALA A 257 -24.67 34.50 48.79
CA ALA A 257 -23.82 35.50 48.15
C ALA A 257 -23.32 36.51 49.16
N VAL A 258 -24.13 36.82 50.18
CA VAL A 258 -23.74 37.78 51.20
C VAL A 258 -22.70 37.19 52.13
N VAL A 259 -22.90 35.92 52.49
CA VAL A 259 -21.93 35.22 53.31
C VAL A 259 -20.59 35.15 52.60
N LEU A 260 -20.60 34.83 51.31
CA LEU A 260 -19.36 34.69 50.58
C LEU A 260 -18.67 36.01 50.35
N LEU A 261 -19.42 37.10 50.26
CA LEU A 261 -18.83 38.42 50.20
C LEU A 261 -17.94 38.64 51.42
N VAL A 262 -18.47 38.37 52.61
CA VAL A 262 -17.67 38.49 53.82
C VAL A 262 -16.53 37.49 53.78
N PHE A 263 -16.84 36.23 53.46
CA PHE A 263 -15.81 35.20 53.47
C PHE A 263 -14.64 35.53 52.55
N PHE A 264 -14.93 36.01 51.34
CA PHE A 264 -13.86 36.32 50.41
C PHE A 264 -13.10 37.58 50.82
N ALA A 265 -13.70 38.47 51.60
CA ALA A 265 -12.92 39.58 52.13
C ALA A 265 -11.90 39.08 53.13
N ILE A 266 -12.29 38.13 53.99
CA ILE A 266 -11.34 37.52 54.93
C ILE A 266 -10.20 36.88 54.16
N VAL A 267 -10.55 36.00 53.20
CA VAL A 267 -9.53 35.26 52.47
C VAL A 267 -8.64 36.22 51.69
N GLY A 268 -9.23 37.28 51.16
CA GLY A 268 -8.47 38.20 50.36
C GLY A 268 -7.63 39.15 51.17
N PHE A 269 -8.09 39.53 52.36
CA PHE A 269 -7.50 40.64 53.09
C PHE A 269 -7.04 40.33 54.51
N MET A 270 -7.47 39.23 55.13
CA MET A 270 -6.97 38.82 56.44
C MET A 270 -7.04 37.31 56.56
N PRO A 271 -6.32 36.62 55.65
CA PRO A 271 -6.42 35.16 55.61
C PRO A 271 -5.79 34.47 56.80
N ASN A 272 -4.91 35.15 57.55
CA ASN A 272 -4.20 34.56 58.67
C ASN A 272 -4.73 35.00 60.02
N TYR A 273 -5.76 35.84 60.05
CA TYR A 273 -6.31 36.32 61.31
C TYR A 273 -6.76 35.19 62.20
N LEU A 274 -7.43 34.18 61.61
CA LEU A 274 -8.00 33.07 62.38
C LEU A 274 -7.01 31.93 62.62
N GLY A 275 -5.73 32.13 62.30
CA GLY A 275 -4.71 31.13 62.44
C GLY A 275 -3.75 31.41 63.59
N HIS A 276 -2.85 30.44 63.79
CA HIS A 276 -1.80 30.53 64.80
C HIS A 276 -0.46 30.73 64.13
N PRO A 277 0.30 31.81 64.35
CA PRO A 277 1.58 31.98 63.63
C PRO A 277 2.54 30.84 63.80
N ASP A 278 2.46 30.09 64.89
CA ASP A 278 3.43 29.04 65.12
C ASP A 278 3.29 27.87 64.15
N ASN A 279 2.20 27.77 63.36
CA ASN A 279 2.08 26.68 62.39
C ASN A 279 2.83 26.97 61.10
N TYR A 280 3.41 28.17 61.00
CA TYR A 280 4.41 28.56 60.02
C TYR A 280 5.85 28.24 60.49
N ILE A 281 5.99 27.50 61.60
CA ILE A 281 7.28 26.98 62.06
C ILE A 281 7.26 25.47 61.87
N GLU A 282 8.31 24.90 61.28
CA GLU A 282 8.35 23.45 61.06
C GLU A 282 8.27 22.68 62.37
N ALA A 283 7.59 21.54 62.32
CA ALA A 283 7.48 20.64 63.47
C ALA A 283 8.85 20.37 64.07
N ASN A 284 8.94 20.54 65.38
CA ASN A 284 10.16 20.25 66.11
C ASN A 284 9.81 19.25 67.20
N PRO A 285 10.10 17.96 67.06
CA PRO A 285 9.67 17.03 68.10
C PRO A 285 10.38 17.22 69.42
N LEU A 286 11.36 18.12 69.50
CA LEU A 286 12.12 18.35 70.71
C LEU A 286 11.81 19.66 71.41
N SER A 287 11.02 20.56 70.86
CA SER A 287 10.70 21.83 71.49
C SER A 287 9.27 22.24 71.20
N THR A 288 8.58 22.77 72.20
CA THR A 288 7.15 23.05 72.19
C THR A 288 6.90 24.56 72.27
N PRO A 289 6.09 25.17 71.39
CA PRO A 289 5.82 26.61 71.53
C PRO A 289 5.27 26.90 72.92
N ALA A 290 5.59 28.08 73.44
CA ALA A 290 5.11 28.38 74.78
C ALA A 290 3.59 28.56 74.85
N HIS A 291 3.02 29.14 73.82
CA HIS A 291 1.62 29.52 73.70
C HIS A 291 0.82 28.64 72.78
N ILE A 292 1.01 27.32 72.81
CA ILE A 292 0.17 26.47 71.96
C ILE A 292 -1.29 26.65 72.33
N VAL A 293 -2.13 26.88 71.31
CA VAL A 293 -3.57 27.06 71.51
C VAL A 293 -4.36 26.43 70.36
N PRO A 294 -5.46 25.75 70.63
CA PRO A 294 -6.24 25.18 69.53
C PRO A 294 -6.95 26.21 68.65
N GLU A 295 -7.37 25.73 67.49
CA GLU A 295 -8.26 26.44 66.57
C GLU A 295 -9.56 26.81 67.27
N TRP A 296 -10.07 28.00 66.92
CA TRP A 296 -11.15 28.57 67.68
C TRP A 296 -12.34 27.62 67.76
N TYR A 297 -12.59 26.83 66.72
CA TYR A 297 -13.77 25.97 66.76
C TYR A 297 -13.60 24.77 67.69
N PHE A 298 -12.39 24.51 68.22
CA PHE A 298 -12.22 23.48 69.24
C PHE A 298 -12.13 24.07 70.65
N LEU A 299 -11.98 25.39 70.75
CA LEU A 299 -11.70 25.98 72.05
C LEU A 299 -12.75 25.75 73.14
N PRO A 300 -14.07 25.85 72.88
CA PRO A 300 -15.04 25.67 73.96
C PRO A 300 -14.96 24.32 74.61
N PHE A 301 -14.79 23.28 73.81
CA PHE A 301 -14.74 21.93 74.35
C PHE A 301 -13.41 21.67 74.99
N TYR A 302 -12.36 22.30 74.46
CA TYR A 302 -11.06 22.21 75.11
C TYR A 302 -11.14 22.86 76.50
N ALA A 303 -11.82 24.00 76.58
CA ALA A 303 -11.97 24.68 77.86
C ALA A 303 -12.69 23.79 78.86
N ILE A 304 -13.68 23.03 78.39
CA ILE A 304 -14.40 22.10 79.25
C ILE A 304 -13.43 21.03 79.73
N LEU A 305 -12.61 20.52 78.82
CA LEU A 305 -11.71 19.44 79.19
C LEU A 305 -10.79 19.85 80.32
N ARG A 306 -10.11 20.99 80.19
CA ARG A 306 -9.12 21.35 81.19
C ARG A 306 -9.70 21.98 82.43
N ALA A 307 -10.99 22.32 82.43
CA ALA A 307 -11.64 22.87 83.62
C ALA A 307 -11.78 21.90 84.78
N PHE A 308 -11.78 20.59 84.54
CA PHE A 308 -12.05 19.61 85.60
C PHE A 308 -10.71 19.06 86.05
N THR A 309 -10.07 19.78 86.98
CA THR A 309 -8.79 19.38 87.52
C THR A 309 -8.93 18.50 88.78
N ALA A 310 -7.80 18.02 89.30
CA ALA A 310 -7.87 17.14 90.47
C ALA A 310 -8.39 17.81 91.74
N ASP A 311 -8.28 19.13 91.86
CA ASP A 311 -8.71 19.84 93.07
C ASP A 311 -10.22 20.09 93.09
N VAL A 312 -10.88 20.00 91.93
CA VAL A 312 -12.31 20.28 91.83
C VAL A 312 -13.02 19.24 92.65
N TRP A 313 -13.91 19.72 93.52
CA TRP A 313 -14.56 18.87 94.52
C TRP A 313 -15.25 17.68 93.86
N VAL A 314 -15.89 17.90 92.72
CA VAL A 314 -16.63 16.84 92.05
C VAL A 314 -15.69 15.80 91.45
N VAL A 315 -14.48 16.20 91.04
CA VAL A 315 -13.47 15.25 90.56
C VAL A 315 -12.96 14.38 91.70
N GLN A 316 -12.73 14.97 92.89
CA GLN A 316 -12.21 14.22 94.02
C GLN A 316 -13.20 13.18 94.53
N ILE A 317 -14.50 13.48 94.43
CA ILE A 317 -15.51 12.48 94.77
C ILE A 317 -15.44 11.35 93.76
N ALA A 318 -15.40 11.71 92.47
CA ALA A 318 -15.28 10.72 91.43
C ALA A 318 -14.05 9.85 91.65
N ASN A 319 -12.92 10.46 92.01
CA ASN A 319 -11.68 9.70 92.21
C ASN A 319 -11.78 8.74 93.38
N PHE A 320 -12.40 9.16 94.47
CA PHE A 320 -12.50 8.32 95.65
C PHE A 320 -13.46 7.16 95.39
N ILE A 321 -14.66 7.46 94.90
CA ILE A 321 -15.70 6.44 94.67
C ILE A 321 -15.23 5.44 93.64
N SER A 322 -14.52 5.88 92.62
CA SER A 322 -14.04 5.00 91.57
C SER A 322 -12.71 4.35 91.91
N PHE A 323 -12.25 4.45 93.16
CA PHE A 323 -10.99 3.85 93.60
C PHE A 323 -9.81 4.31 92.77
N GLY A 324 -9.84 5.54 92.26
CA GLY A 324 -8.69 6.10 91.58
C GLY A 324 -8.71 5.96 90.07
N ILE A 325 -9.64 5.17 89.53
CA ILE A 325 -9.76 4.98 88.09
C ILE A 325 -10.00 6.31 87.38
N ILE A 326 -10.95 7.10 87.87
CA ILE A 326 -11.29 8.38 87.24
C ILE A 326 -10.48 9.47 87.94
N ASP A 327 -9.33 9.81 87.34
CA ASP A 327 -8.58 10.96 87.82
C ASP A 327 -9.00 12.20 87.01
N ALA A 328 -8.37 13.34 87.29
CA ALA A 328 -8.76 14.59 86.63
C ALA A 328 -8.59 14.55 85.13
N LYS A 329 -7.53 13.90 84.66
CA LYS A 329 -7.26 13.87 83.23
C LYS A 329 -8.41 13.19 82.50
N PHE A 330 -8.79 11.99 82.95
CA PHE A 330 -9.84 11.24 82.29
C PHE A 330 -11.21 11.87 82.54
N PHE A 331 -11.39 12.49 83.70
CA PHE A 331 -12.64 13.17 84.00
C PHE A 331 -12.84 14.26 82.98
N GLY A 332 -11.77 15.01 82.69
CA GLY A 332 -11.87 16.07 81.72
C GLY A 332 -12.19 15.49 80.36
N VAL A 333 -11.66 14.31 80.06
CA VAL A 333 -11.99 13.71 78.77
C VAL A 333 -13.45 13.32 78.75
N LEU A 334 -13.96 12.75 79.85
CA LEU A 334 -15.38 12.42 79.93
C LEU A 334 -16.21 13.70 79.82
N ALA A 335 -15.77 14.75 80.50
CA ALA A 335 -16.49 16.01 80.43
C ALA A 335 -16.51 16.53 79.01
N MET A 336 -15.40 16.37 78.27
CA MET A 336 -15.32 16.93 76.94
C MET A 336 -16.27 16.20 75.96
N PHE A 337 -16.17 14.88 75.89
CA PHE A 337 -17.10 14.15 75.05
C PHE A 337 -18.50 14.22 75.65
N GLY A 338 -18.58 14.37 76.97
CA GLY A 338 -19.89 14.49 77.60
C GLY A 338 -20.60 15.77 77.21
N ALA A 339 -19.86 16.84 76.97
CA ALA A 339 -20.52 18.07 76.59
C ALA A 339 -21.23 17.91 75.26
N ILE A 340 -20.64 17.13 74.37
CA ILE A 340 -21.23 16.86 73.07
C ILE A 340 -22.40 15.88 73.21
N LEU A 341 -22.26 14.91 74.09
CA LEU A 341 -23.29 13.87 74.25
C LEU A 341 -24.61 14.43 74.78
N VAL A 342 -24.55 15.31 75.78
CA VAL A 342 -25.82 15.80 76.31
C VAL A 342 -26.53 16.60 75.26
N MET A 343 -25.78 17.21 74.36
CA MET A 343 -26.42 17.95 73.29
C MET A 343 -27.06 16.98 72.30
N ALA A 344 -26.47 15.78 72.14
CA ALA A 344 -27.10 14.78 71.30
C ALA A 344 -28.38 14.23 71.93
N LEU A 345 -28.46 14.22 73.26
CA LEU A 345 -29.58 13.65 74.01
C LEU A 345 -30.66 14.68 74.33
N VAL A 346 -30.54 15.91 73.85
CA VAL A 346 -31.46 16.98 74.22
C VAL A 346 -32.90 16.64 73.81
N PRO A 347 -33.17 15.81 72.78
CA PRO A 347 -34.59 15.48 72.54
C PRO A 347 -35.19 14.76 73.71
N TRP A 348 -34.40 14.03 74.49
CA TRP A 348 -34.90 13.25 75.60
C TRP A 348 -34.70 13.97 76.94
N LEU A 349 -34.02 15.11 76.95
CA LEU A 349 -33.82 15.92 78.15
C LEU A 349 -34.77 17.12 78.23
N ASP A 350 -35.16 17.67 77.08
CA ASP A 350 -36.13 18.75 76.99
C ASP A 350 -37.52 18.17 77.10
N THR A 351 -38.13 18.34 78.25
CA THR A 351 -39.41 17.73 78.60
C THR A 351 -40.61 18.63 78.28
N SER A 352 -40.40 19.81 77.71
CA SER A 352 -41.50 20.70 77.37
C SER A 352 -42.20 20.21 76.09
N PRO A 353 -43.54 20.24 76.04
CA PRO A 353 -44.24 19.87 74.80
C PRO A 353 -44.32 21.01 73.79
N VAL A 354 -43.92 22.22 74.19
CA VAL A 354 -43.92 23.38 73.32
C VAL A 354 -42.70 23.28 72.43
N ARG A 355 -42.93 23.32 71.10
CA ARG A 355 -41.80 23.11 70.19
C ARG A 355 -40.85 24.32 70.21
N SER A 356 -41.34 25.49 69.82
CA SER A 356 -40.49 26.69 69.67
C SER A 356 -40.21 27.36 71.00
N GLY A 357 -38.94 27.68 71.25
CA GLY A 357 -38.56 28.42 72.44
C GLY A 357 -39.04 29.87 72.44
N ARG A 358 -39.56 30.34 71.32
CA ARG A 358 -40.09 31.69 71.21
C ARG A 358 -41.25 31.93 72.17
N TYR A 359 -41.99 30.86 72.53
CA TYR A 359 -43.18 30.93 73.38
C TYR A 359 -42.92 30.29 74.75
N ARG A 360 -41.64 30.27 75.16
CA ARG A 360 -41.18 29.72 76.43
C ARG A 360 -40.43 30.80 77.20
N PRO A 361 -41.10 31.59 78.06
CA PRO A 361 -40.41 32.74 78.71
C PRO A 361 -39.16 32.42 79.53
N MET A 362 -39.21 31.41 80.41
CA MET A 362 -38.03 31.08 81.20
C MET A 362 -36.96 30.46 80.32
N PHE A 363 -37.36 29.63 79.36
CA PHE A 363 -36.40 28.98 78.46
C PHE A 363 -35.53 30.00 77.74
N LYS A 364 -36.11 31.10 77.25
CA LYS A 364 -35.32 32.09 76.53
C LYS A 364 -34.11 32.54 77.34
N ILE A 365 -34.31 32.76 78.65
CA ILE A 365 -33.24 33.21 79.54
C ILE A 365 -32.11 32.20 79.56
N TYR A 366 -32.42 30.94 79.85
CA TYR A 366 -31.33 29.99 80.00
C TYR A 366 -30.67 29.67 78.68
N PHE A 367 -31.40 29.77 77.57
CA PHE A 367 -30.81 29.53 76.27
C PHE A 367 -29.78 30.62 75.95
N TRP A 368 -30.16 31.88 76.14
CA TRP A 368 -29.24 32.95 75.81
C TRP A 368 -28.05 32.94 76.76
N LEU A 369 -28.24 32.41 77.98
CA LEU A 369 -27.10 32.18 78.82
C LEU A 369 -26.21 31.11 78.21
N LEU A 370 -26.83 30.07 77.60
CA LEU A 370 -26.05 29.01 76.98
C LEU A 370 -25.27 29.53 75.77
N ALA A 371 -25.90 30.39 74.98
CA ALA A 371 -25.20 30.99 73.86
C ALA A 371 -24.04 31.84 74.38
N ALA A 372 -24.32 32.66 75.41
CA ALA A 372 -23.27 33.46 76.06
C ALA A 372 -22.23 32.56 76.69
N ASP A 373 -22.66 31.48 77.32
CA ASP A 373 -21.72 30.56 77.93
C ASP A 373 -20.77 29.98 76.89
N PHE A 374 -21.31 29.67 75.71
CA PHE A 374 -20.53 29.08 74.63
C PHE A 374 -19.48 30.07 74.15
N VAL A 375 -19.84 31.36 74.04
CA VAL A 375 -18.86 32.37 73.67
C VAL A 375 -17.81 32.52 74.75
N ILE A 376 -18.25 32.51 76.01
CA ILE A 376 -17.32 32.61 77.13
C ILE A 376 -16.38 31.43 77.10
N LEU A 377 -16.94 30.23 76.96
CA LEU A 377 -16.15 29.00 76.87
C LEU A 377 -15.12 29.05 75.76
N THR A 378 -15.49 29.62 74.61
CA THR A 378 -14.53 29.76 73.53
C THR A 378 -13.39 30.67 73.97
N TRP A 379 -13.71 31.76 74.65
CA TRP A 379 -12.69 32.72 75.03
C TRP A 379 -11.75 32.18 76.08
N VAL A 380 -12.28 31.53 77.12
CA VAL A 380 -11.39 31.01 78.17
C VAL A 380 -10.56 29.90 77.62
N GLY A 381 -11.05 29.21 76.60
CA GLY A 381 -10.24 28.16 75.98
C GLY A 381 -8.87 28.66 75.52
N ALA A 382 -8.79 29.92 75.11
CA ALA A 382 -7.53 30.46 74.65
C ALA A 382 -6.68 31.10 75.75
N GLN A 383 -7.16 31.15 77.00
CA GLN A 383 -6.40 31.72 78.12
C GLN A 383 -5.64 30.65 78.88
N GLN A 384 -4.78 31.13 79.79
CA GLN A 384 -4.04 30.25 80.68
C GLN A 384 -5.03 29.68 81.71
N THR A 385 -4.60 28.66 82.43
CA THR A 385 -5.46 28.00 83.41
C THR A 385 -5.32 28.58 84.80
N THR A 386 -4.66 29.74 84.95
CA THR A 386 -4.50 30.35 86.27
C THR A 386 -5.78 31.07 86.69
N PHE A 387 -5.82 31.47 87.95
CA PHE A 387 -6.94 32.26 88.44
C PHE A 387 -7.00 33.58 87.67
N PRO A 388 -8.20 34.06 87.30
CA PRO A 388 -9.57 33.53 87.54
C PRO A 388 -10.13 32.59 86.44
N TYR A 389 -9.34 32.43 85.38
CA TYR A 389 -9.79 31.67 84.23
C TYR A 389 -10.13 30.25 84.64
N ASP A 390 -9.42 29.70 85.63
CA ASP A 390 -9.75 28.36 86.07
C ASP A 390 -11.17 28.30 86.60
N TRP A 391 -11.58 29.37 87.28
CA TRP A 391 -12.93 29.46 87.79
C TRP A 391 -13.90 29.79 86.67
N ILE A 392 -13.54 30.73 85.77
CA ILE A 392 -14.45 31.06 84.67
C ILE A 392 -14.78 29.81 83.85
N SER A 393 -13.79 28.93 83.64
CA SER A 393 -14.03 27.73 82.87
C SER A 393 -14.79 26.70 83.69
N LEU A 394 -14.65 26.71 85.03
CA LEU A 394 -15.44 25.81 85.85
C LEU A 394 -16.91 26.24 85.90
N ILE A 395 -17.18 27.54 86.10
CA ILE A 395 -18.58 27.99 86.11
C ILE A 395 -19.20 27.82 84.74
N ALA A 396 -18.44 28.13 83.69
CA ALA A 396 -18.97 28.00 82.35
C ALA A 396 -19.23 26.53 82.02
N SER A 397 -18.29 25.65 82.36
CA SER A 397 -18.51 24.22 82.12
C SER A 397 -19.70 23.73 82.92
N ALA A 398 -19.82 24.18 84.16
CA ALA A 398 -20.90 23.75 85.01
C ALA A 398 -22.25 24.13 84.41
N TYR A 399 -22.35 25.34 83.86
CA TYR A 399 -23.62 25.78 83.31
C TYR A 399 -23.98 24.97 82.07
N TRP A 400 -22.97 24.60 81.28
CA TRP A 400 -23.24 23.80 80.09
C TRP A 400 -23.96 22.52 80.45
N PHE A 401 -23.46 21.80 81.45
CA PHE A 401 -24.10 20.56 81.81
C PHE A 401 -25.40 20.81 82.55
N ALA A 402 -25.48 21.91 83.28
CA ALA A 402 -26.71 22.21 84.01
C ALA A 402 -27.87 22.48 83.04
N TYR A 403 -27.58 23.18 81.94
CA TYR A 403 -28.62 23.51 80.96
C TYR A 403 -29.29 22.25 80.43
N PHE A 404 -28.51 21.28 79.99
CA PHE A 404 -29.11 20.11 79.38
C PHE A 404 -29.63 19.13 80.42
N LEU A 405 -28.92 18.97 81.54
CA LEU A 405 -29.25 17.90 82.48
C LEU A 405 -30.18 18.30 83.62
N VAL A 406 -30.30 19.59 83.94
CA VAL A 406 -31.09 20.02 85.09
C VAL A 406 -32.14 21.00 84.64
N ILE A 407 -31.73 22.10 84.00
CA ILE A 407 -32.69 23.13 83.65
C ILE A 407 -33.74 22.57 82.68
N LEU A 408 -33.30 22.00 81.55
CA LEU A 408 -34.25 21.58 80.52
C LEU A 408 -35.19 20.50 81.03
N PRO A 409 -34.74 19.47 81.76
CA PRO A 409 -35.71 18.52 82.32
C PRO A 409 -36.71 19.15 83.28
N ILE A 410 -36.23 20.03 84.16
CA ILE A 410 -37.06 20.69 85.18
C ILE A 410 -38.03 21.68 84.55
N LEU A 411 -37.56 22.43 83.56
CA LEU A 411 -38.36 23.48 82.94
C LEU A 411 -39.65 22.94 82.32
N GLY A 412 -39.61 21.74 81.72
CA GLY A 412 -40.81 21.26 81.04
C GLY A 412 -41.94 20.88 81.96
N ALA A 413 -41.72 20.91 83.27
CA ALA A 413 -42.72 20.56 84.28
C ALA A 413 -42.97 21.73 85.22
N ILE A 414 -42.59 22.95 84.83
CA ILE A 414 -42.68 24.14 85.68
C ILE A 414 -43.09 25.39 84.91
N GLU A 415 -42.51 25.54 83.73
CA GLU A 415 -42.68 26.74 82.92
C GLU A 415 -44.14 26.95 82.57
N LYS A 416 -44.55 28.22 82.45
CA LYS A 416 -45.87 28.53 81.95
C LYS A 416 -45.72 29.14 80.56
N PRO A 417 -45.80 28.34 79.50
CA PRO A 417 -45.54 28.86 78.15
C PRO A 417 -46.69 29.68 77.63
N VAL A 418 -46.35 30.53 76.66
CA VAL A 418 -47.34 31.32 75.94
C VAL A 418 -47.92 30.45 74.82
N ALA A 419 -49.16 30.77 74.45
CA ALA A 419 -49.83 30.07 73.38
C ALA A 419 -49.17 30.38 72.05
N PRO A 420 -48.80 29.38 71.25
CA PRO A 420 -48.30 29.69 69.93
C PRO A 420 -49.47 30.01 69.02
N PRO A 421 -49.20 30.50 67.82
CA PRO A 421 -50.30 30.70 66.87
C PRO A 421 -50.97 29.37 66.53
N ALA A 422 -52.19 29.48 66.05
CA ALA A 422 -52.94 28.30 65.64
C ALA A 422 -52.30 27.66 64.43
N THR A 423 -51.80 28.47 63.51
CA THR A 423 -51.24 27.97 62.26
C THR A 423 -50.05 28.84 61.84
N ILE A 424 -49.28 28.33 60.86
CA ILE A 424 -48.18 29.10 60.27
C ILE A 424 -48.72 30.31 59.53
N GLU A 425 -49.87 30.15 58.88
CA GLU A 425 -50.50 31.24 58.14
C GLU A 425 -50.79 32.44 59.04
N GLU A 426 -51.31 32.18 60.24
CA GLU A 426 -51.63 33.26 61.15
C GLU A 426 -50.37 34.09 61.43
N ASP A 427 -49.26 33.40 61.72
CA ASP A 427 -47.99 34.06 62.03
C ASP A 427 -47.43 34.83 60.85
N PHE A 428 -47.54 34.28 59.64
CA PHE A 428 -46.97 34.93 58.46
C PHE A 428 -47.67 36.25 58.16
N ASN A 429 -49.00 36.25 58.13
CA ASN A 429 -49.74 37.47 57.87
C ASN A 429 -49.49 38.56 58.92
N ALA A 430 -49.25 38.18 60.17
CA ALA A 430 -48.95 39.18 61.19
C ALA A 430 -47.57 39.83 61.02
N HIS A 431 -46.75 39.35 60.09
CA HIS A 431 -45.43 39.94 59.81
C HIS A 431 -45.32 40.43 58.36
N ALA B 1 6.95 32.44 78.49
CA ALA B 1 7.02 33.58 77.52
C ALA B 1 5.70 34.34 77.47
N GLY B 2 5.61 35.28 76.55
CA GLY B 2 4.43 36.11 76.41
C GLY B 2 4.52 36.99 75.18
N GLY B 3 3.55 37.93 75.10
CA GLY B 3 3.55 38.96 74.10
C GLY B 3 4.14 40.25 74.68
N GLY B 4 4.42 41.19 73.78
CA GLY B 4 5.05 42.43 74.20
C GLY B 4 4.73 43.60 73.31
N HIS B 5 5.38 44.73 73.54
CA HIS B 5 5.10 45.95 72.79
C HIS B 5 5.98 45.98 71.55
N VAL B 6 5.37 46.30 70.41
CA VAL B 6 6.06 46.51 69.14
C VAL B 6 5.78 47.91 68.62
N GLU B 7 6.74 48.45 67.87
CA GLU B 7 6.59 49.75 67.22
C GLU B 7 5.67 49.64 65.99
N ASP B 8 4.58 50.41 65.97
CA ASP B 8 3.58 50.36 64.90
C ASP B 8 4.15 51.09 63.67
N VAL B 9 4.81 50.35 62.79
CA VAL B 9 5.36 50.95 61.57
C VAL B 9 4.24 51.08 60.55
N PRO B 10 4.14 52.18 59.77
CA PRO B 10 3.15 52.24 58.69
C PRO B 10 3.73 51.72 57.39
N PHE B 11 3.65 50.41 57.20
CA PHE B 11 4.17 49.78 56.00
C PHE B 11 3.22 50.00 54.84
N SER B 12 3.79 50.17 53.64
CA SER B 12 2.99 50.42 52.46
C SER B 12 2.05 49.27 52.14
N PHE B 13 2.46 48.04 52.46
CA PHE B 13 1.68 46.86 52.08
C PHE B 13 0.48 46.61 52.99
N GLU B 14 0.26 47.42 54.02
CA GLU B 14 -0.85 47.24 54.95
C GLU B 14 -2.10 47.96 54.43
N GLY B 15 -3.27 47.48 54.87
CA GLY B 15 -4.53 48.01 54.37
C GLY B 15 -5.02 47.22 53.18
N PRO B 16 -6.34 47.25 52.89
CA PRO B 16 -6.86 46.45 51.77
C PRO B 16 -6.27 46.81 50.43
N PHE B 17 -5.91 48.08 50.22
CA PHE B 17 -5.27 48.52 49.00
C PHE B 17 -3.76 48.61 49.18
N GLY B 18 -3.21 48.06 50.25
CA GLY B 18 -1.78 48.17 50.45
C GLY B 18 -1.01 47.30 49.49
N THR B 19 0.13 47.83 49.05
CA THR B 19 1.02 47.15 48.12
C THR B 19 2.47 47.40 48.50
N PHE B 20 3.34 46.48 48.08
CA PHE B 20 4.76 46.60 48.31
C PHE B 20 5.39 47.77 47.57
N ASP B 21 6.37 48.42 48.20
CA ASP B 21 7.21 49.43 47.54
C ASP B 21 8.43 48.75 46.94
N GLN B 22 8.53 48.77 45.62
CA GLN B 22 9.55 48.01 44.94
C GLN B 22 10.96 48.35 45.42
N HIS B 23 11.28 49.65 45.54
CA HIS B 23 12.64 50.03 45.94
C HIS B 23 12.98 49.59 47.36
N GLN B 24 12.01 49.65 48.26
CA GLN B 24 12.24 49.19 49.63
C GLN B 24 12.58 47.69 49.66
N LEU B 25 11.87 46.89 48.85
CA LEU B 25 12.15 45.45 48.80
C LEU B 25 13.54 45.17 48.28
N GLN B 26 14.01 45.99 47.33
CA GLN B 26 15.35 45.82 46.79
C GLN B 26 16.39 46.15 47.84
N ARG B 27 16.17 47.25 48.59
CA ARG B 27 17.07 47.62 49.68
C ARG B 27 17.07 46.53 50.76
N GLY B 28 15.90 46.00 51.08
CA GLY B 28 15.81 44.93 52.08
C GLY B 28 16.53 43.70 51.62
N LEU B 29 16.51 43.42 50.31
CA LEU B 29 17.24 42.28 49.79
C LEU B 29 18.73 42.48 50.00
N GLN B 30 19.18 43.72 49.83
CA GLN B 30 20.58 44.04 50.05
C GLN B 30 20.93 43.86 51.53
N VAL B 31 20.05 44.31 52.42
CA VAL B 31 20.29 44.14 53.86
C VAL B 31 20.34 42.65 54.19
N TYR B 32 19.36 41.87 53.70
CA TYR B 32 19.42 40.45 53.98
C TYR B 32 20.74 39.86 53.47
N THR B 33 21.12 40.23 52.24
CA THR B 33 22.29 39.62 51.62
C THR B 33 23.56 40.02 52.34
N GLU B 34 23.67 41.28 52.73
CA GLU B 34 24.92 41.76 53.29
C GLU B 34 25.05 41.56 54.79
N VAL B 35 23.94 41.40 55.51
CA VAL B 35 23.93 41.30 56.97
C VAL B 35 23.29 39.99 57.46
N CYS B 36 22.00 39.80 57.22
CA CYS B 36 21.31 38.69 57.85
C CYS B 36 21.81 37.36 57.33
N ALA B 37 22.15 37.30 56.02
CA ALA B 37 22.47 36.03 55.35
C ALA B 37 23.66 35.30 55.95
N ALA B 38 24.53 36.05 56.68
CA ALA B 38 25.70 35.51 57.35
C ALA B 38 25.34 34.42 58.33
N CYS B 39 24.15 34.51 58.90
CA CYS B 39 23.63 33.58 59.89
C CYS B 39 22.31 32.96 59.46
N HIS B 40 21.39 33.75 58.87
CA HIS B 40 20.04 33.32 58.52
C HIS B 40 19.95 32.88 57.08
N GLY B 41 19.15 31.83 56.85
CA GLY B 41 18.82 31.34 55.53
C GLY B 41 17.37 31.62 55.18
N MET B 42 17.00 31.30 53.94
CA MET B 42 15.62 31.36 53.49
C MET B 42 15.31 30.13 52.63
N LYS B 43 15.32 28.96 53.25
CA LYS B 43 15.35 27.71 52.51
C LYS B 43 14.11 27.44 51.68
N PHE B 44 13.01 28.16 51.90
CA PHE B 44 11.78 27.94 51.12
C PHE B 44 11.60 28.96 50.02
N VAL B 45 12.45 29.98 49.93
CA VAL B 45 12.31 31.04 48.94
C VAL B 45 13.14 30.68 47.70
N PRO B 46 12.52 30.47 46.52
CA PRO B 46 13.31 30.28 45.31
C PRO B 46 13.97 31.57 44.91
N ILE B 47 15.25 31.49 44.56
CA ILE B 47 15.97 32.71 44.21
C ILE B 47 15.36 33.38 43.00
N ARG B 48 14.79 32.58 42.06
CA ARG B 48 14.21 33.09 40.81
C ARG B 48 13.09 34.07 41.08
N SER B 49 12.49 34.03 42.26
CA SER B 49 11.37 34.89 42.62
C SER B 49 11.78 36.35 42.81
N LEU B 50 13.07 36.64 42.84
CA LEU B 50 13.48 38.03 42.86
C LEU B 50 13.13 38.75 41.55
N SER B 51 12.86 38.01 40.47
CA SER B 51 12.44 38.58 39.19
C SER B 51 10.92 38.62 39.04
N GLU B 52 10.20 37.73 39.74
CA GLU B 52 8.76 37.58 39.57
C GLU B 52 8.05 38.90 39.86
N PRO B 53 6.94 39.19 39.19
CA PRO B 53 6.21 40.43 39.48
C PRO B 53 5.62 40.42 40.87
N GLY B 54 5.58 41.60 41.49
CA GLY B 54 5.06 41.73 42.82
C GLY B 54 6.08 41.61 43.91
N GLY B 55 7.36 41.76 43.57
CA GLY B 55 8.46 41.65 44.50
C GLY B 55 9.51 42.68 44.16
N PRO B 56 10.78 42.39 44.45
CA PRO B 56 11.84 43.33 44.05
C PRO B 56 11.85 43.56 42.55
N GLU B 57 11.41 42.57 41.77
CA GLU B 57 11.36 42.66 40.31
C GLU B 57 12.69 43.13 39.71
N LEU B 58 13.71 42.34 39.96
CA LEU B 58 15.03 42.52 39.40
C LEU B 58 15.10 41.92 37.99
N PRO B 59 15.89 42.50 37.08
CA PRO B 59 16.09 41.85 35.78
C PRO B 59 16.61 40.44 35.95
N GLU B 60 16.19 39.55 35.06
CA GLU B 60 16.51 38.14 35.21
C GLU B 60 18.01 37.91 35.10
N ASP B 61 18.70 38.81 34.41
CA ASP B 61 20.15 38.71 34.32
C ASP B 61 20.82 39.06 35.65
N GLN B 62 20.30 40.07 36.35
CA GLN B 62 20.83 40.39 37.67
C GLN B 62 20.61 39.22 38.62
N VAL B 63 19.44 38.60 38.57
CA VAL B 63 19.12 37.49 39.45
C VAL B 63 20.03 36.32 39.12
N ARG B 64 20.32 36.14 37.84
CA ARG B 64 21.21 35.06 37.45
C ARG B 64 22.57 35.31 38.04
N ALA B 65 23.01 36.57 38.02
CA ALA B 65 24.27 36.94 38.62
C ALA B 65 24.21 36.82 40.15
N TYR B 66 23.08 37.20 40.76
CA TYR B 66 22.97 37.14 42.21
C TYR B 66 23.08 35.70 42.71
N ALA B 67 22.41 34.76 42.03
CA ALA B 67 22.42 33.35 42.43
C ALA B 67 23.79 32.71 42.42
N THR B 68 24.74 33.24 41.63
CA THR B 68 26.07 32.62 41.53
C THR B 68 26.80 32.62 42.86
N GLN B 69 26.60 33.65 43.70
CA GLN B 69 27.41 33.78 44.93
C GLN B 69 27.20 32.60 45.86
N PHE B 70 26.09 31.88 45.74
CA PHE B 70 25.82 30.74 46.61
C PHE B 70 26.50 29.52 45.99
N THR B 71 27.08 28.67 46.83
CA THR B 71 27.62 27.38 46.41
C THR B 71 26.59 26.30 46.72
N VAL B 72 26.02 25.74 45.67
CA VAL B 72 24.95 24.75 45.74
C VAL B 72 25.49 23.38 45.32
N THR B 73 25.02 22.33 46.00
CA THR B 73 25.32 20.95 45.62
C THR B 73 24.28 20.52 44.57
N ASP B 74 24.72 20.26 43.33
CA ASP B 74 23.79 19.85 42.28
C ASP B 74 23.14 18.51 42.62
N GLU B 75 21.84 18.42 42.31
CA GLU B 75 21.03 17.25 42.68
C GLU B 75 21.45 16.01 41.89
N GLU B 76 21.49 16.10 40.55
CA GLU B 76 21.93 14.97 39.73
C GLU B 76 23.43 14.68 39.89
N THR B 77 24.26 15.70 39.66
CA THR B 77 25.73 15.54 39.66
C THR B 77 26.29 15.15 41.03
N GLY B 78 25.80 15.77 42.09
CA GLY B 78 26.34 15.56 43.42
C GLY B 78 27.59 16.39 43.69
N GLU B 79 28.14 17.06 42.67
CA GLU B 79 29.30 17.92 42.79
C GLU B 79 28.84 19.36 42.96
N ASP B 80 29.71 20.18 43.55
CA ASP B 80 29.37 21.58 43.83
C ASP B 80 29.33 22.42 42.56
N ARG B 81 28.53 23.50 42.60
CA ARG B 81 28.42 24.42 41.46
C ARG B 81 27.97 25.80 41.91
N GLU B 82 28.02 26.76 40.97
CA GLU B 82 27.51 28.10 41.22
C GLU B 82 26.01 28.00 41.31
N GLY B 83 25.40 28.94 42.04
CA GLY B 83 23.95 28.89 42.21
C GLY B 83 23.21 29.34 40.97
N LYS B 84 22.02 28.79 40.77
CA LYS B 84 21.11 29.19 39.71
C LYS B 84 19.88 29.89 40.31
N PRO B 85 19.09 30.60 39.48
CA PRO B 85 17.82 31.15 39.99
C PRO B 85 16.81 30.09 40.41
N THR B 86 16.90 28.86 39.88
CA THR B 86 15.96 27.81 40.25
C THR B 86 16.24 27.21 41.62
N ASP B 87 17.37 27.53 42.22
CA ASP B 87 17.72 27.10 43.56
C ASP B 87 17.08 27.98 44.62
N HIS B 88 16.91 27.40 45.79
CA HIS B 88 16.50 28.17 46.92
C HIS B 88 17.69 28.89 47.57
N PHE B 89 17.40 29.92 48.36
CA PHE B 89 18.41 30.48 49.23
C PHE B 89 18.92 29.36 50.14
N PRO B 90 20.15 29.43 50.59
CA PRO B 90 20.65 28.36 51.45
C PRO B 90 19.97 28.32 52.82
N HIS B 91 20.14 27.19 53.49
CA HIS B 91 19.74 27.08 54.87
C HIS B 91 20.55 28.06 55.70
N SER B 92 20.09 28.30 56.94
CA SER B 92 20.82 29.15 57.88
C SER B 92 22.21 28.57 58.14
N ALA B 93 23.23 29.40 57.93
CA ALA B 93 24.59 29.01 58.21
C ALA B 93 24.81 28.75 59.69
N LEU B 94 24.17 29.53 60.54
CA LEU B 94 24.25 29.37 61.99
C LEU B 94 23.10 28.50 62.48
N GLU B 95 23.45 27.40 63.16
CA GLU B 95 22.51 26.31 63.42
C GLU B 95 21.29 26.77 64.23
N ASN B 96 21.49 27.67 65.17
CA ASN B 96 20.40 28.16 66.00
C ASN B 96 19.83 29.48 65.50
N ALA B 97 20.25 29.94 64.31
CA ALA B 97 19.63 31.11 63.68
C ALA B 97 18.43 30.65 62.87
N PRO B 98 17.20 31.01 63.24
CA PRO B 98 16.04 30.48 62.54
C PRO B 98 15.96 30.94 61.09
N ASP B 99 15.33 30.10 60.29
CA ASP B 99 15.06 30.44 58.91
C ASP B 99 14.09 31.61 58.83
N LEU B 100 14.38 32.57 57.95
CA LEU B 100 13.60 33.79 57.86
C LEU B 100 12.59 33.78 56.73
N SER B 101 12.45 32.64 56.02
CA SER B 101 11.51 32.55 54.89
C SER B 101 10.11 32.98 55.30
N LEU B 102 9.65 32.51 56.46
CA LEU B 102 8.27 32.74 56.91
C LEU B 102 8.24 33.51 58.21
N MET B 103 9.35 34.15 58.57
CA MET B 103 9.44 34.81 59.87
C MET B 103 8.38 35.88 59.98
N ALA B 104 8.13 36.61 58.88
CA ALA B 104 7.17 37.70 58.98
C ALA B 104 5.74 37.19 59.22
N LYS B 105 5.51 35.90 59.11
CA LYS B 105 4.23 35.31 59.44
C LYS B 105 4.31 34.40 60.67
N ALA B 106 5.49 33.96 61.08
CA ALA B 106 5.59 33.06 62.22
C ALA B 106 5.73 33.80 63.55
N ARG B 107 5.58 35.12 63.54
CA ARG B 107 5.65 35.93 64.74
C ARG B 107 4.47 36.88 64.73
N ALA B 108 3.84 37.07 65.88
CA ALA B 108 2.78 38.06 66.06
C ALA B 108 3.26 39.21 66.93
N GLY B 109 3.05 40.44 66.43
CA GLY B 109 3.44 41.62 67.17
C GLY B 109 2.27 42.21 67.95
N PHE B 110 1.05 41.95 67.52
CA PHE B 110 -0.15 42.48 68.17
C PHE B 110 -0.92 41.35 68.85
N HIS B 111 -1.26 41.55 70.12
CA HIS B 111 -1.99 40.57 70.90
C HIS B 111 -3.07 41.29 71.65
N GLY B 112 -3.92 40.50 72.29
CA GLY B 112 -4.89 41.05 73.16
C GLY B 112 -5.99 41.87 72.52
N PRO B 113 -6.66 42.70 73.35
CA PRO B 113 -6.32 42.88 74.77
C PRO B 113 -6.64 41.76 75.73
N MET B 114 -7.87 41.39 76.02
CA MET B 114 -8.09 40.31 76.98
C MET B 114 -8.09 38.96 76.29
N GLY B 115 -7.22 38.81 75.30
CA GLY B 115 -7.15 37.60 74.51
C GLY B 115 -8.46 37.44 73.78
N THR B 116 -9.01 38.58 73.34
CA THR B 116 -10.20 38.73 72.51
C THR B 116 -9.84 38.78 71.03
N GLY B 117 -8.59 39.08 70.70
CA GLY B 117 -8.17 39.12 69.32
C GLY B 117 -8.59 40.37 68.59
N ILE B 118 -9.13 41.36 69.31
CA ILE B 118 -9.54 42.60 68.68
C ILE B 118 -8.36 43.41 68.19
N SER B 119 -7.21 43.31 68.86
CA SER B 119 -6.04 44.09 68.45
C SER B 119 -5.54 43.68 67.07
N GLN B 120 -5.42 42.38 66.85
CA GLN B 120 -4.97 41.90 65.56
C GLN B 120 -6.00 42.21 64.49
N LEU B 121 -7.29 42.23 64.87
CA LEU B 121 -8.34 42.45 63.89
C LEU B 121 -8.21 43.78 63.20
N PHE B 122 -7.65 44.77 63.89
CA PHE B 122 -7.53 46.12 63.37
C PHE B 122 -6.11 46.48 62.99
N ASN B 123 -5.13 45.91 63.66
CA ASN B 123 -3.75 46.25 63.43
C ASN B 123 -2.97 45.16 62.71
N GLY B 124 -3.60 44.01 62.43
CA GLY B 124 -2.93 42.88 61.81
C GLY B 124 -2.19 41.99 62.81
N ILE B 125 -1.57 40.94 62.26
CA ILE B 125 -0.85 39.98 63.10
C ILE B 125 0.40 40.63 63.65
N GLY B 126 1.10 41.39 62.82
CA GLY B 126 2.21 42.19 63.31
C GLY B 126 3.57 41.56 63.27
N GLY B 127 3.83 40.67 62.35
CA GLY B 127 5.12 40.04 62.23
C GLY B 127 6.24 40.98 61.79
N PRO B 128 6.05 41.74 60.69
CA PRO B 128 7.13 42.66 60.29
C PRO B 128 7.34 43.78 61.29
N GLU B 129 6.29 44.17 62.00
CA GLU B 129 6.44 45.11 63.10
C GLU B 129 7.27 44.49 64.20
N TYR B 130 7.05 43.21 64.48
CA TYR B 130 7.83 42.51 65.50
C TYR B 130 9.30 42.44 65.11
N ILE B 131 9.60 42.03 63.87
CA ILE B 131 10.98 41.96 63.37
C ILE B 131 11.66 43.31 63.55
N TYR B 132 10.98 44.36 63.12
CA TYR B 132 11.51 45.70 63.24
C TYR B 132 11.82 46.02 64.68
N SER B 133 10.94 45.63 65.59
CA SER B 133 11.15 45.93 67.01
C SER B 133 12.36 45.23 67.58
N VAL B 134 12.63 43.99 67.16
CA VAL B 134 13.82 43.29 67.61
C VAL B 134 15.10 43.94 67.05
N LEU B 135 15.09 44.28 65.75
CA LEU B 135 16.28 44.92 65.19
C LEU B 135 16.55 46.28 65.80
N THR B 136 15.52 46.93 66.26
CA THR B 136 15.62 48.26 66.84
C THR B 136 15.80 48.18 68.35
N GLY B 137 15.32 47.09 68.96
CA GLY B 137 15.18 47.03 70.40
C GLY B 137 16.38 46.55 71.17
N PHE B 138 17.57 46.88 70.68
CA PHE B 138 18.83 46.63 71.34
C PHE B 138 19.31 47.91 72.01
N PRO B 139 19.21 48.05 73.32
CA PRO B 139 19.71 49.26 73.99
C PRO B 139 21.20 49.13 74.26
N GLU B 140 21.88 50.28 74.29
CA GLU B 140 23.32 50.26 74.51
C GLU B 140 23.68 49.78 75.92
N GLU B 141 22.89 50.14 76.92
CA GLU B 141 23.09 49.68 78.30
C GLU B 141 21.98 48.70 78.68
N PRO B 142 22.27 47.60 79.36
CA PRO B 142 21.19 46.72 79.79
C PRO B 142 20.40 47.35 80.91
N PRO B 143 19.28 46.74 81.28
CA PRO B 143 18.53 47.23 82.43
C PRO B 143 19.35 47.18 83.70
N LYS B 144 19.08 48.15 84.58
CA LYS B 144 19.89 48.34 85.77
C LYS B 144 19.91 47.08 86.62
N CYS B 145 18.85 46.26 86.56
CA CYS B 145 18.77 45.09 87.42
C CYS B 145 19.81 44.04 87.07
N ALA B 146 20.49 44.15 85.93
CA ALA B 146 21.44 43.10 85.58
C ALA B 146 22.79 43.68 85.25
N GLU B 147 23.11 44.85 85.82
CA GLU B 147 24.41 45.45 85.57
C GLU B 147 25.41 44.46 86.15
N GLY B 148 25.89 43.57 85.32
CA GLY B 148 26.85 42.57 85.69
C GLY B 148 26.25 41.23 86.04
N HIS B 149 25.15 40.85 85.38
CA HIS B 149 24.43 39.61 85.61
C HIS B 149 23.88 39.10 84.27
N GLU B 150 24.39 39.63 83.17
CA GLU B 150 23.97 39.26 81.82
C GLU B 150 24.43 37.84 81.47
N PRO B 151 23.56 36.95 80.97
CA PRO B 151 24.08 35.63 80.55
C PRO B 151 25.09 35.84 79.41
N ASP B 152 26.17 35.05 79.44
CA ASP B 152 27.21 35.20 78.43
C ASP B 152 26.72 34.60 77.12
N GLY B 153 26.93 35.34 76.04
CA GLY B 153 26.50 34.93 74.73
C GLY B 153 25.07 35.34 74.42
N PHE B 154 24.44 36.14 75.29
CA PHE B 154 23.08 36.61 75.10
C PHE B 154 23.06 38.14 75.26
N TYR B 155 22.00 38.78 74.76
CA TYR B 155 21.96 40.23 74.65
C TYR B 155 20.58 40.71 75.01
N TYR B 156 20.48 41.80 75.76
CA TYR B 156 19.15 42.29 76.11
C TYR B 156 18.49 42.92 74.89
N ASN B 157 17.25 42.53 74.64
CA ASN B 157 16.46 43.12 73.57
C ASN B 157 15.08 43.47 74.12
N ARG B 158 14.58 44.69 73.83
CA ARG B 158 13.31 45.13 74.43
C ARG B 158 12.14 44.27 74.02
N ALA B 159 12.11 43.82 72.77
CA ALA B 159 10.95 43.16 72.18
C ALA B 159 11.00 41.63 72.30
N PHE B 160 12.17 41.05 72.43
CA PHE B 160 12.27 39.60 72.54
C PHE B 160 11.71 39.16 73.88
N GLN B 161 10.78 38.21 73.84
CA GLN B 161 10.06 37.78 75.03
C GLN B 161 10.38 36.36 75.44
N ASN B 162 11.07 35.59 74.61
CA ASN B 162 11.31 34.18 74.87
C ASN B 162 12.68 33.91 75.47
N GLY B 163 13.39 34.94 75.86
CA GLY B 163 14.72 34.76 76.38
C GLY B 163 14.79 34.57 77.89
N SER B 164 15.97 34.15 78.34
CA SER B 164 16.21 33.98 79.76
C SER B 164 16.33 35.35 80.39
N VAL B 165 16.23 35.39 81.71
CA VAL B 165 16.32 36.64 82.43
C VAL B 165 17.05 36.35 83.74
N PRO B 166 18.05 37.15 84.11
CA PRO B 166 18.73 36.91 85.38
C PRO B 166 17.78 36.90 86.56
N ASP B 167 18.16 36.17 87.61
CA ASP B 167 17.36 36.08 88.82
C ASP B 167 17.16 37.46 89.45
N THR B 168 18.14 38.36 89.29
CA THR B 168 18.03 39.70 89.86
C THR B 168 17.04 40.59 89.11
N CYS B 169 16.48 40.10 88.02
CA CYS B 169 15.53 40.81 87.15
C CYS B 169 14.11 40.23 87.27
N LYS B 170 13.87 39.41 88.30
CA LYS B 170 12.57 38.83 88.60
C LYS B 170 12.07 39.39 89.93
N ASP B 171 10.73 39.50 90.08
CA ASP B 171 10.14 39.99 91.32
C ASP B 171 10.03 38.85 92.34
N ALA B 172 9.37 39.11 93.48
CA ALA B 172 9.27 38.13 94.56
C ALA B 172 8.51 36.85 94.19
N ASN B 173 7.60 36.89 93.22
CA ASN B 173 6.87 35.71 92.74
C ASN B 173 7.49 35.15 91.45
N GLY B 174 8.65 35.67 91.04
CA GLY B 174 9.39 35.17 89.88
C GLY B 174 9.04 35.73 88.51
N VAL B 175 8.16 36.73 88.45
CA VAL B 175 7.83 37.32 87.16
C VAL B 175 8.89 38.36 86.79
N LYS B 176 9.27 38.39 85.52
CA LYS B 176 10.38 39.25 85.10
C LYS B 176 9.98 40.70 85.14
N THR B 177 10.92 41.54 85.52
CA THR B 177 10.74 42.99 85.62
C THR B 177 10.97 43.69 84.30
N THR B 178 11.88 43.16 83.48
CA THR B 178 12.32 43.82 82.26
C THR B 178 11.27 43.79 81.18
N ALA B 179 11.31 44.83 80.33
CA ALA B 179 10.41 44.92 79.19
C ALA B 179 10.58 43.77 78.21
N GLY B 180 11.81 43.34 77.98
CA GLY B 180 12.11 42.26 77.07
C GLY B 180 12.87 41.15 77.74
N SER B 181 13.78 40.51 77.02
CA SER B 181 14.56 39.43 77.63
C SER B 181 15.81 39.25 76.80
N TRP B 182 16.59 38.23 77.14
CA TRP B 182 17.90 38.09 76.53
C TRP B 182 17.86 37.13 75.35
N ILE B 183 18.34 37.63 74.21
CA ILE B 183 18.29 36.96 72.92
C ILE B 183 19.71 36.56 72.55
N ALA B 184 19.83 35.44 71.84
CA ALA B 184 21.14 34.97 71.44
C ALA B 184 21.68 35.70 70.21
N MET B 185 20.88 36.56 69.58
CA MET B 185 21.36 37.32 68.43
C MET B 185 22.05 38.61 68.86
N PRO B 186 23.37 38.82 68.57
CA PRO B 186 23.97 40.13 68.81
C PRO B 186 23.39 41.16 67.88
N PRO B 187 23.41 42.45 68.25
CA PRO B 187 22.85 43.50 67.40
C PRO B 187 23.41 43.45 65.99
N PRO B 188 22.61 43.07 65.01
CA PRO B 188 23.18 42.87 63.68
C PRO B 188 23.37 44.14 62.89
N LEU B 189 22.60 45.19 63.20
CA LEU B 189 22.61 46.43 62.42
C LEU B 189 23.39 47.51 63.13
N MET B 190 23.71 48.56 62.38
CA MET B 190 24.45 49.73 62.82
C MET B 190 24.41 50.74 61.69
N ASP B 191 24.30 52.03 62.04
CA ASP B 191 24.09 53.10 61.05
C ASP B 191 25.05 52.99 59.86
N ASP B 192 24.46 52.95 58.66
CA ASP B 192 25.21 52.92 57.39
C ASP B 192 26.11 51.70 57.29
N LEU B 193 25.64 50.56 57.80
CA LEU B 193 26.36 49.29 57.62
C LEU B 193 26.25 48.83 56.17
N VAL B 194 25.22 49.29 55.46
CA VAL B 194 24.95 49.01 54.07
C VAL B 194 25.01 50.31 53.28
N GLU B 195 25.55 50.25 52.06
CA GLU B 195 25.63 51.41 51.18
C GLU B 195 24.61 51.24 50.05
N TYR B 196 23.43 51.84 50.20
CA TYR B 196 22.39 51.80 49.16
C TYR B 196 22.79 52.58 47.90
N ALA B 197 22.47 52.01 46.73
CA ALA B 197 22.88 52.62 45.46
C ALA B 197 22.15 53.94 45.18
N ASP B 198 20.84 54.02 45.46
CA ASP B 198 20.07 55.24 45.16
C ASP B 198 20.26 56.34 46.21
N GLY B 199 21.14 56.14 47.19
CA GLY B 199 21.42 57.11 48.22
C GLY B 199 20.40 57.15 49.34
N HIS B 200 19.47 56.19 49.36
CA HIS B 200 18.47 56.06 50.40
C HIS B 200 19.12 55.92 51.76
N ASP B 201 18.47 56.45 52.79
CA ASP B 201 19.09 56.48 54.11
C ASP B 201 19.21 55.08 54.71
N ALA B 202 20.34 54.82 55.39
CA ALA B 202 20.66 53.51 55.97
C ALA B 202 20.86 53.55 57.48
N SER B 203 20.05 54.32 58.20
CA SER B 203 20.04 54.29 59.65
C SER B 203 19.52 52.92 60.10
N VAL B 204 19.75 52.57 61.38
CA VAL B 204 19.22 51.29 61.87
C VAL B 204 17.71 51.27 61.67
N HIS B 205 17.06 52.42 61.86
CA HIS B 205 15.62 52.51 61.65
C HIS B 205 15.29 52.19 60.20
N ALA B 206 15.99 52.84 59.27
CA ALA B 206 15.69 52.68 57.85
C ALA B 206 15.97 51.26 57.40
N MET B 207 17.14 50.70 57.74
CA MET B 207 17.39 49.32 57.30
C MET B 207 16.41 48.34 57.92
N ALA B 208 16.02 48.58 59.18
CA ALA B 208 15.11 47.66 59.87
C ALA B 208 13.74 47.66 59.20
N GLU B 209 13.28 48.83 58.76
CA GLU B 209 12.00 48.88 58.07
C GLU B 209 12.14 48.26 56.68
N ASP B 210 13.25 48.55 55.99
CA ASP B 210 13.45 48.01 54.65
C ASP B 210 13.54 46.50 54.68
N VAL B 211 14.34 45.95 55.58
CA VAL B 211 14.53 44.51 55.62
C VAL B 211 13.28 43.84 56.18
N SER B 212 12.54 44.55 57.04
CA SER B 212 11.29 43.96 57.53
C SER B 212 10.28 43.85 56.39
N ALA B 213 10.25 44.83 55.50
CA ALA B 213 9.37 44.77 54.36
C ALA B 213 9.78 43.68 53.39
N PHE B 214 11.08 43.54 53.15
CA PHE B 214 11.56 42.49 52.25
C PHE B 214 11.18 41.12 52.79
N LEU B 215 11.31 40.94 54.10
CA LEU B 215 11.00 39.67 54.74
C LEU B 215 9.51 39.39 54.78
N MET B 216 8.69 40.44 54.66
CA MET B 216 7.25 40.23 54.54
C MET B 216 6.94 39.68 53.15
N TRP B 217 7.63 40.20 52.14
CA TRP B 217 7.45 39.70 50.78
C TRP B 217 7.99 38.27 50.67
N ALA B 218 9.11 37.99 51.31
CA ALA B 218 9.66 36.64 51.23
C ALA B 218 8.70 35.60 51.81
N ALA B 219 7.92 36.00 52.82
CA ALA B 219 6.96 35.13 53.48
C ALA B 219 5.63 35.04 52.72
N GLU B 220 5.19 36.16 52.18
CA GLU B 220 3.92 36.26 51.46
C GLU B 220 4.19 36.88 50.10
N PRO B 221 4.84 36.13 49.22
CA PRO B 221 5.16 36.69 47.89
C PRO B 221 3.95 37.04 47.07
N LYS B 222 2.83 36.37 47.30
CA LYS B 222 1.60 36.57 46.54
C LYS B 222 0.64 37.52 47.24
N LEU B 223 1.13 38.38 48.13
CA LEU B 223 0.25 39.29 48.86
C LEU B 223 -0.57 40.14 47.90
N MET B 224 0.08 40.76 46.91
CA MET B 224 -0.62 41.62 45.97
C MET B 224 -1.64 40.85 45.13
N ALA B 225 -1.30 39.64 44.67
CA ALA B 225 -2.26 38.84 43.92
C ALA B 225 -3.48 38.49 44.76
N ARG B 226 -3.26 38.19 46.02
CA ARG B 226 -4.34 37.83 46.92
C ARG B 226 -5.32 38.97 47.11
N LYS B 227 -4.82 40.20 47.22
CA LYS B 227 -5.71 41.34 47.40
C LYS B 227 -6.47 41.66 46.12
N GLN B 228 -5.80 41.65 44.97
CA GLN B 228 -6.50 41.82 43.69
C GLN B 228 -7.67 40.85 43.59
N ALA B 229 -7.42 39.58 43.92
CA ALA B 229 -8.47 38.58 43.90
C ALA B 229 -9.56 38.88 44.90
N GLY B 230 -9.17 39.36 46.08
CA GLY B 230 -10.17 39.69 47.08
C GLY B 230 -11.07 40.80 46.59
N PHE B 231 -10.47 41.89 46.10
CA PHE B 231 -11.21 42.99 45.53
C PHE B 231 -12.15 42.50 44.44
N THR B 232 -11.64 41.70 43.50
CA THR B 232 -12.47 41.23 42.40
C THR B 232 -13.67 40.47 42.92
N ALA B 233 -13.44 39.48 43.79
CA ALA B 233 -14.55 38.70 44.32
C ALA B 233 -15.52 39.59 45.06
N VAL B 234 -15.02 40.57 45.79
CA VAL B 234 -15.89 41.43 46.55
C VAL B 234 -16.71 42.34 45.63
N MET B 235 -16.10 42.86 44.58
CA MET B 235 -16.90 43.70 43.70
C MET B 235 -17.94 42.86 42.97
N PHE B 236 -17.53 41.69 42.49
CA PHE B 236 -18.47 40.74 41.90
C PHE B 236 -19.63 40.44 42.83
N LEU B 237 -19.32 40.02 44.05
CA LEU B 237 -20.35 39.56 44.97
C LEU B 237 -21.23 40.71 45.45
N THR B 238 -20.73 41.94 45.41
CA THR B 238 -21.62 43.06 45.71
C THR B 238 -22.71 43.13 44.63
N VAL B 239 -22.29 43.14 43.37
CA VAL B 239 -23.23 43.14 42.25
C VAL B 239 -24.14 41.92 42.33
N LEU B 240 -23.55 40.75 42.55
CA LEU B 240 -24.36 39.54 42.55
C LEU B 240 -25.39 39.55 43.68
N SER B 241 -25.03 40.10 44.83
CA SER B 241 -25.95 40.15 45.96
C SER B 241 -27.11 41.09 45.65
N VAL B 242 -26.82 42.24 45.05
CA VAL B 242 -27.86 43.20 44.70
C VAL B 242 -28.84 42.56 43.73
N LEU B 243 -28.32 41.94 42.68
CA LEU B 243 -29.22 41.31 41.73
C LEU B 243 -30.04 40.21 42.38
N LEU B 244 -29.43 39.43 43.25
CA LEU B 244 -30.15 38.36 43.90
C LEU B 244 -31.16 38.91 44.90
N TYR B 245 -30.86 40.10 45.44
CA TYR B 245 -31.77 40.75 46.37
C TYR B 245 -33.02 41.22 45.65
N LEU B 246 -32.84 41.92 44.53
CA LEU B 246 -33.97 42.39 43.77
C LEU B 246 -34.82 41.22 43.26
N THR B 247 -34.16 40.14 42.80
CA THR B 247 -34.89 38.94 42.38
C THR B 247 -35.71 38.39 43.52
N ASN B 248 -35.10 38.25 44.71
CA ASN B 248 -35.80 37.70 45.87
C ASN B 248 -36.96 38.59 46.26
N LYS B 249 -36.78 39.90 46.17
CA LYS B 249 -37.81 40.83 46.58
C LYS B 249 -39.00 40.77 45.61
N ARG B 250 -38.69 40.86 44.31
CA ARG B 250 -39.71 40.87 43.26
C ARG B 250 -40.46 39.54 43.12
N LEU B 251 -39.90 38.46 43.67
CA LEU B 251 -40.52 37.13 43.64
C LEU B 251 -41.57 36.99 44.72
N TRP B 252 -41.20 37.32 45.96
CA TRP B 252 -42.07 37.20 47.13
C TRP B 252 -43.21 38.22 47.13
N ALA B 253 -43.22 39.17 46.19
CA ALA B 253 -44.30 40.15 46.10
C ALA B 253 -45.64 39.47 45.89
N GLY B 254 -45.68 38.38 45.11
CA GLY B 254 -46.90 37.65 44.87
C GLY B 254 -47.22 36.61 45.92
N VAL B 255 -46.90 36.93 47.18
CA VAL B 255 -47.08 36.02 48.31
C VAL B 255 -47.52 36.80 49.54
N LYS B 256 -46.90 37.95 49.78
CA LYS B 256 -47.22 38.77 50.96
C LYS B 256 -47.64 40.18 50.58
N GLY C 9 -42.33 47.44 30.25
CA GLY C 9 -41.39 47.13 29.18
C GLY C 9 -40.41 46.03 29.53
N THR C 10 -39.11 46.31 29.31
CA THR C 10 -38.04 45.35 29.53
C THR C 10 -37.49 45.42 30.96
N ARG C 11 -38.24 45.97 31.91
CA ARG C 11 -37.73 46.06 33.27
C ARG C 11 -37.94 44.77 34.08
N ARG C 12 -39.15 44.16 34.02
CA ARG C 12 -39.32 42.89 34.72
C ARG C 12 -38.82 41.62 34.02
N ASP C 13 -38.63 41.63 32.70
CA ASP C 13 -38.03 40.49 32.01
C ASP C 13 -36.51 40.39 32.16
N PHE C 14 -35.84 41.55 32.25
CA PHE C 14 -34.38 41.67 32.36
C PHE C 14 -33.74 41.24 33.69
N LEU C 15 -34.42 41.39 34.83
CA LEU C 15 -33.77 40.97 36.07
C LEU C 15 -33.44 39.48 36.12
N TYR C 16 -34.37 38.61 35.75
CA TYR C 16 -34.06 37.18 35.80
C TYR C 16 -32.98 36.77 34.80
N TYR C 17 -32.76 37.54 33.74
CA TYR C 17 -31.64 37.27 32.84
C TYR C 17 -30.31 37.77 33.42
N ALA C 18 -30.26 39.02 33.88
CA ALA C 18 -29.01 39.59 34.41
C ALA C 18 -28.48 38.79 35.61
N THR C 19 -29.38 38.32 36.48
CA THR C 19 -29.01 37.52 37.65
C THR C 19 -28.38 36.20 37.22
N ALA C 20 -29.02 35.51 36.27
CA ALA C 20 -28.50 34.24 35.78
C ALA C 20 -27.16 34.44 35.09
N GLY C 21 -27.00 35.56 34.37
CA GLY C 21 -25.74 35.84 33.71
C GLY C 21 -24.61 36.01 34.70
N ALA C 22 -24.88 36.68 35.83
CA ALA C 22 -23.87 36.83 36.87
C ALA C 22 -23.51 35.47 37.47
N GLY C 23 -24.50 34.61 37.67
CA GLY C 23 -24.23 33.28 38.20
C GLY C 23 -23.36 32.45 37.29
N ALA C 24 -23.57 32.57 35.96
CA ALA C 24 -22.77 31.81 35.00
C ALA C 24 -21.31 32.25 35.07
N VAL C 25 -21.07 33.56 35.13
CA VAL C 25 -19.72 34.10 35.24
C VAL C 25 -19.07 33.60 36.53
N ALA C 26 -19.81 33.68 37.66
CA ALA C 26 -19.28 33.26 38.95
C ALA C 26 -18.85 31.79 38.92
N THR C 27 -19.63 30.94 38.26
CA THR C 27 -19.22 29.54 38.15
C THR C 27 -17.92 29.44 37.36
N GLY C 28 -17.87 30.12 36.21
CA GLY C 28 -16.66 30.08 35.38
C GLY C 28 -15.43 30.58 36.12
N ALA C 29 -15.59 31.64 36.92
CA ALA C 29 -14.48 32.20 37.70
C ALA C 29 -14.00 31.23 38.74
N ALA C 30 -14.85 30.31 39.17
CA ALA C 30 -14.49 29.31 40.16
C ALA C 30 -13.87 28.10 39.47
N VAL C 31 -14.29 27.83 38.23
CA VAL C 31 -13.83 26.64 37.53
C VAL C 31 -12.46 26.82 36.90
N TRP C 32 -12.16 27.98 36.30
CA TRP C 32 -10.87 28.16 35.65
C TRP C 32 -9.67 27.93 36.57
N PRO C 33 -9.61 28.50 37.77
CA PRO C 33 -8.45 28.25 38.65
C PRO C 33 -8.33 26.80 39.09
N LEU C 34 -9.45 26.05 39.07
CA LEU C 34 -9.42 24.62 39.39
C LEU C 34 -8.78 23.83 38.28
N ILE C 35 -8.82 24.35 37.06
CA ILE C 35 -8.14 23.71 35.93
C ILE C 35 -6.68 24.16 35.89
N ASN C 36 -6.44 25.46 36.05
CA ASN C 36 -5.10 25.99 35.84
C ASN C 36 -4.12 25.54 36.91
N GLN C 37 -4.60 25.08 38.07
CA GLN C 37 -3.66 24.59 39.09
C GLN C 37 -2.92 23.34 38.63
N MET C 38 -3.45 22.62 37.66
CA MET C 38 -2.82 21.42 37.12
C MET C 38 -1.85 21.74 35.98
N ASN C 39 -1.91 22.94 35.43
CA ASN C 39 -0.94 23.38 34.45
C ASN C 39 0.40 23.62 35.11
N PRO C 40 1.50 23.61 34.34
CA PRO C 40 2.84 23.68 34.93
C PRO C 40 3.02 24.83 35.92
N SER C 41 3.51 24.49 37.11
CA SER C 41 3.77 25.43 38.19
C SER C 41 5.04 26.22 37.94
N ALA C 42 5.25 27.22 38.80
CA ALA C 42 6.31 28.19 38.57
C ALA C 42 7.67 27.53 38.64
N ASP C 43 7.80 26.49 39.46
CA ASP C 43 9.06 25.77 39.53
C ASP C 43 9.38 25.07 38.24
N VAL C 44 8.34 24.58 37.53
CA VAL C 44 8.56 23.85 36.28
C VAL C 44 8.81 24.82 35.13
N GLN C 45 8.00 25.87 35.02
CA GLN C 45 8.16 26.85 33.95
C GLN C 45 9.54 27.46 33.90
N ALA C 46 10.26 27.48 35.03
CA ALA C 46 11.52 28.17 35.18
C ALA C 46 12.75 27.33 34.86
N LEU C 47 12.60 26.01 34.67
CA LEU C 47 13.76 25.16 34.38
C LEU C 47 14.51 25.68 33.16
N ALA C 48 15.82 25.84 33.31
CA ALA C 48 16.64 26.55 32.33
C ALA C 48 17.72 25.60 31.77
N SER C 49 18.66 26.18 31.02
CA SER C 49 19.62 25.37 30.31
C SER C 49 20.53 24.62 31.27
N ILE C 50 21.24 23.65 30.72
CA ILE C 50 22.28 22.92 31.43
C ILE C 50 23.50 22.82 30.51
N PHE C 51 24.64 22.44 31.10
CA PHE C 51 25.90 22.30 30.38
C PHE C 51 26.48 20.90 30.61
N VAL C 52 26.98 20.28 29.54
CA VAL C 52 27.46 18.90 29.59
C VAL C 52 28.92 18.89 29.18
N ASP C 53 29.78 18.35 30.03
CA ASP C 53 31.18 18.20 29.68
C ASP C 53 31.33 16.98 28.77
N VAL C 54 32.06 17.13 27.66
CA VAL C 54 32.07 16.16 26.58
C VAL C 54 33.48 15.70 26.25
N SER C 55 34.50 16.29 26.88
CA SER C 55 35.89 15.95 26.61
C SER C 55 36.17 14.47 26.76
N SER C 56 35.35 13.75 27.52
CA SER C 56 35.56 12.36 27.85
C SER C 56 34.87 11.42 26.85
N VAL C 57 34.20 11.97 25.83
CA VAL C 57 33.37 11.19 24.91
C VAL C 57 34.24 10.83 23.73
N GLU C 58 34.54 9.51 23.58
CA GLU C 58 35.27 9.03 22.42
C GLU C 58 34.29 8.76 21.29
N PRO C 59 34.77 8.67 20.04
CA PRO C 59 33.85 8.29 18.96
C PRO C 59 33.27 6.91 19.21
N GLY C 60 31.99 6.76 18.90
CA GLY C 60 31.27 5.52 19.13
C GLY C 60 30.59 5.43 20.48
N VAL C 61 30.67 6.49 21.30
CA VAL C 61 30.04 6.53 22.61
C VAL C 61 28.85 7.47 22.55
N GLN C 62 27.73 7.04 23.12
CA GLN C 62 26.58 7.90 23.32
C GLN C 62 26.50 8.22 24.80
N LEU C 63 26.47 9.51 25.11
CA LEU C 63 26.23 10.01 26.46
C LEU C 63 24.75 10.35 26.57
N THR C 64 24.09 9.85 27.62
CA THR C 64 22.65 10.10 27.86
C THR C 64 22.46 10.90 29.15
N VAL C 65 21.78 12.03 29.02
CA VAL C 65 21.67 13.08 30.03
C VAL C 65 20.18 13.45 30.18
N LYS C 66 19.77 13.77 31.41
CA LYS C 66 18.38 14.13 31.69
C LYS C 66 18.21 15.63 31.53
N PHE C 67 17.17 16.02 30.83
CA PHE C 67 16.87 17.43 30.58
C PHE C 67 15.35 17.58 30.43
N LEU C 68 14.76 18.36 31.32
CA LEU C 68 13.32 18.52 31.36
C LEU C 68 12.61 17.19 31.54
N GLY C 69 13.19 16.33 32.38
CA GLY C 69 12.59 15.07 32.75
C GLY C 69 12.65 14.02 31.68
N LYS C 70 13.31 14.29 30.56
CA LYS C 70 13.43 13.40 29.42
C LYS C 70 14.88 13.19 29.05
N PRO C 71 15.19 12.10 28.35
CA PRO C 71 16.59 11.83 27.96
C PRO C 71 17.07 12.68 26.78
N ILE C 72 18.34 13.10 26.86
CA ILE C 72 19.03 13.69 25.72
C ILE C 72 20.22 12.82 25.35
N PHE C 73 20.31 12.47 24.06
CA PHE C 73 21.38 11.64 23.51
C PHE C 73 22.48 12.54 22.98
N ILE C 74 23.72 12.28 23.40
CA ILE C 74 24.91 12.93 22.83
C ILE C 74 25.83 11.82 22.33
N ARG C 75 25.83 11.60 21.03
CA ARG C 75 26.69 10.59 20.42
C ARG C 75 27.79 11.29 19.66
N ARG C 76 29.03 10.93 19.97
CA ARG C 76 30.17 11.33 19.16
C ARG C 76 30.30 10.26 18.08
N ARG C 77 29.89 10.61 16.87
CA ARG C 77 29.78 9.60 15.83
C ARG C 77 31.15 9.23 15.28
N THR C 78 31.28 7.96 14.94
CA THR C 78 32.44 7.39 14.30
C THR C 78 32.43 7.70 12.81
N GLU C 79 33.49 7.30 12.12
CA GLU C 79 33.53 7.47 10.66
C GLU C 79 32.41 6.68 9.98
N ALA C 80 32.18 5.43 10.40
CA ALA C 80 31.10 4.62 9.81
C ALA C 80 29.74 5.28 9.96
N ASP C 81 29.41 5.76 11.16
CA ASP C 81 28.15 6.48 11.38
C ASP C 81 27.96 7.63 10.40
N ILE C 82 29.03 8.43 10.19
CA ILE C 82 28.95 9.63 9.35
C ILE C 82 28.79 9.25 7.88
N GLU C 83 29.56 8.27 7.40
CA GLU C 83 29.46 7.83 6.02
C GLU C 83 28.05 7.37 5.70
N LEU C 84 27.48 6.52 6.57
CA LEU C 84 26.11 6.05 6.36
C LEU C 84 25.13 7.22 6.27
N GLY C 85 25.28 8.22 7.14
CA GLY C 85 24.33 9.33 7.15
C GLY C 85 24.32 10.15 5.88
N ARG C 86 25.49 10.43 5.32
CA ARG C 86 25.53 11.22 4.12
C ARG C 86 25.14 10.42 2.89
N SER C 87 25.18 9.09 2.98
CA SER C 87 24.86 8.22 1.86
C SER C 87 23.35 8.08 1.66
N VAL C 88 22.55 8.45 2.66
CA VAL C 88 21.09 8.35 2.55
C VAL C 88 20.61 9.49 1.67
N GLN C 89 19.80 9.15 0.67
CA GLN C 89 19.18 10.17 -0.17
C GLN C 89 17.89 10.70 0.48
N LEU C 90 17.62 11.99 0.24
CA LEU C 90 16.47 12.67 0.85
C LEU C 90 15.16 11.94 0.54
N GLY C 91 14.96 11.51 -0.71
CA GLY C 91 13.72 10.84 -1.08
C GLY C 91 13.51 9.49 -0.44
N GLN C 92 14.52 8.97 0.27
CA GLN C 92 14.45 7.70 0.98
C GLN C 92 14.07 7.88 2.45
N LEU C 93 13.92 9.12 2.91
CA LEU C 93 13.65 9.40 4.31
C LEU C 93 12.16 9.49 4.52
N VAL C 94 11.70 8.99 5.67
CA VAL C 94 10.31 9.14 6.10
C VAL C 94 9.98 10.61 6.35
N ASP C 95 10.85 11.30 7.09
CA ASP C 95 10.67 12.71 7.44
C ASP C 95 11.89 13.51 6.97
N THR C 96 11.68 14.46 6.04
CA THR C 96 12.78 15.22 5.41
C THR C 96 13.04 16.55 6.12
N ASN C 97 12.36 16.82 7.23
CA ASN C 97 12.56 18.02 8.03
C ASN C 97 13.64 17.75 9.07
N ALA C 98 14.48 18.78 9.32
CA ALA C 98 15.59 18.64 10.25
C ALA C 98 15.12 18.50 11.71
N ARG C 99 13.92 19.02 12.04
CA ARG C 99 13.40 19.03 13.42
C ARG C 99 14.45 19.63 14.35
N ASN C 100 14.98 20.77 13.92
CA ASN C 100 16.13 21.38 14.57
C ASN C 100 15.82 22.79 15.05
N ALA C 101 15.83 22.98 16.37
CA ALA C 101 15.51 24.26 16.98
C ALA C 101 16.58 25.31 16.71
N ASN C 102 17.78 24.89 16.30
CA ASN C 102 18.90 25.81 16.13
C ASN C 102 18.90 26.48 14.77
N ILE C 103 18.13 25.95 13.81
CA ILE C 103 18.09 26.47 12.45
C ILE C 103 16.64 26.64 12.03
N ASP C 104 16.45 27.01 10.75
CA ASP C 104 15.14 27.28 10.20
C ASP C 104 14.23 26.10 10.45
N ALA C 105 12.95 26.39 10.67
CA ALA C 105 12.02 25.31 10.96
C ALA C 105 11.79 24.44 9.75
N GLY C 106 11.95 25.00 8.53
CA GLY C 106 11.75 24.32 7.27
C GLY C 106 12.98 23.68 6.68
N ALA C 107 14.13 23.76 7.37
CA ALA C 107 15.38 23.22 6.86
C ALA C 107 15.29 21.71 6.59
N GLU C 108 16.01 21.26 5.57
CA GLU C 108 15.96 19.85 5.17
C GLU C 108 16.89 19.00 6.04
N ALA C 109 16.52 17.71 6.17
CA ALA C 109 17.20 16.73 7.03
C ALA C 109 18.43 16.10 6.44
N THR C 110 19.26 16.88 5.77
CA THR C 110 20.56 16.37 5.36
C THR C 110 21.42 16.12 6.59
N ASP C 111 22.37 15.19 6.46
CA ASP C 111 23.24 14.83 7.58
C ASP C 111 23.98 16.04 8.14
N GLN C 112 24.32 17.04 7.32
CA GLN C 112 25.01 18.23 7.81
C GLN C 112 24.11 19.00 8.79
N ASN C 113 22.78 19.04 8.50
CA ASN C 113 21.81 19.77 9.32
C ASN C 113 21.35 18.98 10.56
N ARG C 114 21.96 17.84 10.88
CA ARG C 114 21.59 17.00 12.01
C ARG C 114 22.67 16.95 13.09
N THR C 115 23.81 17.62 12.86
CA THR C 115 24.95 17.64 13.76
C THR C 115 25.28 19.08 14.14
N LEU C 116 25.99 19.25 15.25
CA LEU C 116 26.37 20.58 15.71
C LEU C 116 27.53 21.17 14.91
N ASP C 117 28.47 20.32 14.47
CA ASP C 117 29.68 20.74 13.78
C ASP C 117 29.61 20.42 12.29
N GLU C 118 30.48 21.08 11.53
CA GLU C 118 30.50 20.84 10.09
C GLU C 118 31.05 19.46 9.78
N ALA C 119 31.99 18.96 10.60
CA ALA C 119 32.54 17.63 10.41
C ALA C 119 31.51 16.53 10.69
N GLY C 120 30.41 16.84 11.38
CA GLY C 120 29.35 15.89 11.62
C GLY C 120 29.68 14.84 12.66
N GLU C 121 30.60 15.14 13.57
CA GLU C 121 31.03 14.18 14.59
C GLU C 121 30.10 14.15 15.80
N TRP C 122 29.46 15.28 16.15
CA TRP C 122 28.68 15.45 17.39
C TRP C 122 27.18 15.50 17.10
N LEU C 123 26.47 14.39 17.39
CA LEU C 123 25.01 14.27 17.25
C LEU C 123 24.29 14.43 18.60
N VAL C 124 23.58 15.55 18.76
CA VAL C 124 22.82 15.89 19.97
C VAL C 124 21.34 15.95 19.60
N MET C 125 20.52 15.16 20.31
CA MET C 125 19.08 15.12 20.01
C MET C 125 18.32 14.62 21.23
N TRP C 126 17.02 14.93 21.26
CA TRP C 126 16.11 14.38 22.27
C TRP C 126 16.00 12.88 22.12
N GLY C 127 16.30 12.16 23.16
CA GLY C 127 16.12 10.72 23.13
C GLY C 127 14.69 10.29 23.40
N VAL C 128 13.73 10.86 22.69
CA VAL C 128 12.31 10.65 22.95
C VAL C 128 11.66 10.25 21.64
N CYS C 129 11.35 8.95 21.53
CA CYS C 129 10.68 8.42 20.35
C CYS C 129 9.45 9.23 20.01
N THR C 130 9.34 9.58 18.73
CA THR C 130 8.27 10.46 18.29
C THR C 130 6.92 9.75 18.10
N HIS C 131 6.86 8.42 18.29
CA HIS C 131 5.58 7.72 18.32
C HIS C 131 4.87 8.07 19.62
N LEU C 132 5.24 7.44 20.74
CA LEU C 132 4.58 7.64 22.02
C LEU C 132 5.57 7.85 23.17
N GLY C 133 6.79 8.31 22.85
CA GLY C 133 7.63 8.90 23.88
C GLY C 133 8.64 8.00 24.54
N CYS C 134 8.71 6.71 24.16
CA CYS C 134 9.73 5.84 24.74
C CYS C 134 11.19 6.22 24.40
N VAL C 135 12.15 5.52 24.97
CA VAL C 135 13.58 5.76 24.72
C VAL C 135 14.08 4.72 23.73
N PRO C 136 14.58 5.11 22.55
CA PRO C 136 15.22 4.12 21.68
C PRO C 136 16.58 3.64 22.18
N ILE C 137 16.88 2.38 21.85
CA ILE C 137 18.11 1.70 22.26
C ILE C 137 19.19 2.01 21.20
N GLY C 138 20.34 2.49 21.65
CA GLY C 138 21.42 2.88 20.77
C GLY C 138 22.49 1.81 20.66
N GLY C 139 23.73 2.24 20.53
CA GLY C 139 24.82 1.30 20.29
C GLY C 139 24.75 0.59 18.95
N VAL C 140 24.35 1.30 17.90
CA VAL C 140 24.18 0.73 16.57
C VAL C 140 23.19 -0.43 16.61
N SER C 141 21.92 -0.10 16.84
CA SER C 141 20.84 -1.08 16.90
C SER C 141 19.87 -0.84 15.73
N GLY C 142 19.06 -1.84 15.45
CA GLY C 142 18.09 -1.74 14.37
C GLY C 142 18.73 -2.15 13.07
N ASP C 143 18.01 -1.84 11.97
CA ASP C 143 18.35 -2.27 10.61
C ASP C 143 19.07 -1.18 9.82
N PHE C 144 19.32 -0.02 10.45
CA PHE C 144 19.91 1.13 9.77
C PHE C 144 21.09 1.68 10.56
N GLY C 145 21.76 0.84 11.35
CA GLY C 145 22.96 1.22 12.08
C GLY C 145 22.79 2.42 12.99
N GLY C 146 21.66 2.50 13.71
CA GLY C 146 21.38 3.63 14.56
C GLY C 146 20.72 3.31 15.89
N TRP C 147 19.41 3.54 15.99
CA TRP C 147 18.64 3.31 17.21
C TRP C 147 17.42 2.46 16.89
N PHE C 148 17.01 1.66 17.86
CA PHE C 148 15.82 0.81 17.80
C PHE C 148 14.93 1.11 18.97
N CYS C 149 13.66 1.47 18.71
CA CYS C 149 12.71 1.70 19.81
C CYS C 149 11.93 0.43 20.20
N PRO C 150 12.11 -0.12 21.42
CA PRO C 150 11.47 -1.40 21.74
C PRO C 150 9.99 -1.33 22.07
N CYS C 151 9.40 -0.15 22.09
CA CYS C 151 8.00 -0.05 22.53
C CYS C 151 7.04 -0.47 21.42
N HIS C 152 7.27 0.00 20.20
CA HIS C 152 6.47 -0.46 19.07
C HIS C 152 7.31 -0.61 17.81
N GLY C 153 8.64 -0.62 17.92
CA GLY C 153 9.50 -1.04 16.82
C GLY C 153 9.94 -0.04 15.76
N SER C 154 10.25 1.19 16.15
CA SER C 154 10.82 2.17 15.22
C SER C 154 12.33 2.03 15.09
N HIS C 155 12.82 2.18 13.84
CA HIS C 155 14.26 2.15 13.55
C HIS C 155 14.69 3.54 13.07
N TYR C 156 15.75 4.06 13.67
CA TYR C 156 16.38 5.31 13.29
C TYR C 156 17.77 5.01 12.74
N ASP C 157 18.25 5.85 11.83
CA ASP C 157 19.55 5.60 11.21
C ASP C 157 20.66 6.32 11.99
N SER C 158 21.87 6.38 11.42
CA SER C 158 23.05 6.88 12.15
C SER C 158 23.04 8.38 12.41
N ALA C 159 22.13 9.14 11.77
CA ALA C 159 21.93 10.56 12.01
C ALA C 159 20.64 10.85 12.80
N GLY C 160 19.97 9.82 13.33
CA GLY C 160 18.77 9.97 14.11
C GLY C 160 17.51 10.24 13.30
N ARG C 161 17.52 9.92 12.00
CA ARG C 161 16.37 10.13 11.11
C ARG C 161 15.52 8.87 11.07
N ILE C 162 14.19 9.06 11.12
CA ILE C 162 13.27 7.93 11.10
C ILE C 162 13.23 7.28 9.72
N ARG C 163 13.30 5.95 9.72
CA ARG C 163 13.35 5.14 8.50
C ARG C 163 12.30 4.05 8.45
N LYS C 164 11.78 3.59 9.58
CA LYS C 164 10.93 2.40 9.66
C LYS C 164 10.18 2.39 11.00
N GLY C 165 8.90 2.02 11.00
CA GLY C 165 8.11 1.90 12.21
C GLY C 165 6.96 2.90 12.34
N PRO C 166 6.33 3.00 13.53
CA PRO C 166 5.19 3.93 13.67
C PRO C 166 5.55 5.41 13.83
N ALA C 167 6.78 5.72 14.23
CA ALA C 167 7.17 7.11 14.50
C ALA C 167 7.06 8.01 13.26
N PRO C 168 6.44 9.19 13.36
CA PRO C 168 6.24 10.01 12.16
C PRO C 168 7.41 10.90 11.80
N GLU C 169 8.25 11.25 12.78
CA GLU C 169 9.26 12.28 12.59
C GLU C 169 10.62 11.86 13.12
N ASN C 170 11.63 12.58 12.64
CA ASN C 170 12.97 12.46 13.16
C ASN C 170 12.98 12.90 14.62
N LEU C 171 13.89 12.29 15.40
CA LEU C 171 14.05 12.68 16.79
C LEU C 171 14.35 14.17 16.88
N PRO C 172 13.60 14.95 17.67
CA PRO C 172 13.82 16.40 17.61
C PRO C 172 15.17 16.74 18.24
N ILE C 173 15.76 17.80 17.71
CA ILE C 173 17.06 18.29 18.17
C ILE C 173 16.84 19.54 19.01
N PRO C 174 17.27 19.56 20.29
CA PRO C 174 17.04 20.74 21.13
C PRO C 174 17.99 21.86 20.76
N LEU C 175 17.74 23.01 21.34
CA LEU C 175 18.73 24.07 21.26
C LEU C 175 20.04 23.60 21.90
N ALA C 176 21.11 23.54 21.11
CA ALA C 176 22.39 23.04 21.60
C ALA C 176 23.56 23.70 20.86
N LYS C 177 24.59 24.08 21.60
CA LYS C 177 25.75 24.74 21.00
C LYS C 177 26.96 24.56 21.90
N PHE C 178 28.15 24.44 21.30
CA PHE C 178 29.36 24.40 22.11
C PHE C 178 29.61 25.81 22.64
N ILE C 179 29.60 25.95 23.98
CA ILE C 179 29.89 27.22 24.62
C ILE C 179 31.41 27.48 24.62
N ASP C 180 32.21 26.42 24.72
CA ASP C 180 33.65 26.52 24.56
C ASP C 180 34.15 25.22 23.94
N GLU C 181 35.45 24.95 24.05
CA GLU C 181 36.08 23.82 23.39
C GLU C 181 35.48 22.47 23.78
N THR C 182 34.95 22.35 25.00
CA THR C 182 34.62 21.04 25.58
C THR C 182 33.23 20.96 26.22
N THR C 183 32.38 21.98 26.08
CA THR C 183 31.10 22.05 26.77
C THR C 183 29.95 22.38 25.83
N ILE C 184 28.88 21.57 25.88
CA ILE C 184 27.66 21.79 25.11
C ILE C 184 26.59 22.34 26.06
N GLN C 185 25.94 23.43 25.64
CA GLN C 185 24.80 24.00 26.36
C GLN C 185 23.49 23.55 25.72
N LEU C 186 22.70 22.78 26.47
CA LEU C 186 21.36 22.35 26.05
C LEU C 186 20.27 23.31 26.51
N GLY C 187 19.30 23.55 25.64
CA GLY C 187 18.20 24.47 25.93
C GLY C 187 18.45 25.92 25.53
N GLY D 3 -43.89 -0.29 39.51
CA GLY D 3 -43.08 -1.50 39.38
C GLY D 3 -43.92 -2.77 39.31
N ILE D 4 -43.36 -3.85 39.83
CA ILE D 4 -43.99 -5.17 39.91
C ILE D 4 -44.91 -5.21 41.14
N PRO D 5 -46.07 -5.89 41.08
CA PRO D 5 -46.93 -5.96 42.27
C PRO D 5 -46.30 -6.82 43.37
N HIS D 6 -46.31 -6.31 44.59
CA HIS D 6 -45.71 -7.02 45.70
C HIS D 6 -46.32 -6.45 46.97
N ASP D 7 -46.12 -7.16 48.07
CA ASP D 7 -46.60 -6.69 49.36
C ASP D 7 -45.54 -5.74 49.96
N HIS D 8 -46.03 -4.80 50.76
CA HIS D 8 -45.20 -3.74 51.30
C HIS D 8 -44.86 -3.99 52.77
N TYR D 9 -43.93 -3.15 53.26
CA TYR D 9 -43.45 -3.24 54.63
C TYR D 9 -44.53 -2.74 55.59
N GLU D 10 -44.49 -3.25 56.82
CA GLU D 10 -45.40 -2.81 57.87
C GLU D 10 -44.65 -2.83 59.20
N PRO D 11 -44.53 -1.70 59.90
CA PRO D 11 -43.81 -1.72 61.18
C PRO D 11 -44.57 -2.55 62.18
N ARG D 12 -43.83 -3.38 62.92
CA ARG D 12 -44.41 -4.31 63.87
C ARG D 12 -44.00 -3.99 65.31
N THR D 13 -42.71 -3.94 65.61
CA THR D 13 -42.25 -3.62 66.95
C THR D 13 -42.55 -2.15 67.27
N GLY D 14 -42.63 -1.84 68.57
CA GLY D 14 -42.83 -0.45 68.97
C GLY D 14 -41.71 0.45 68.51
N ILE D 15 -40.47 -0.06 68.47
CA ILE D 15 -39.31 0.69 67.98
C ILE D 15 -39.41 0.95 66.48
N GLU D 16 -39.97 -0.01 65.73
CA GLU D 16 -40.11 0.11 64.29
C GLU D 16 -41.16 1.15 63.92
N LYS D 17 -42.30 1.15 64.64
CA LYS D 17 -43.34 2.15 64.40
C LYS D 17 -42.77 3.55 64.63
N TRP D 18 -41.87 3.68 65.63
CA TRP D 18 -41.26 4.97 65.96
C TRP D 18 -40.37 5.45 64.83
N LEU D 19 -39.48 4.58 64.35
CA LEU D 19 -38.54 4.97 63.30
C LEU D 19 -39.22 5.18 61.95
N HIS D 20 -40.20 4.34 61.61
CA HIS D 20 -40.82 4.41 60.29
C HIS D 20 -41.57 5.73 60.06
N SER D 21 -42.12 6.35 61.11
CA SER D 21 -42.84 7.61 60.97
C SER D 21 -41.92 8.84 60.91
N ARG D 22 -40.57 8.65 60.90
CA ARG D 22 -39.56 9.71 60.89
C ARG D 22 -38.56 9.58 59.74
N LEU D 23 -38.00 8.38 59.55
CA LEU D 23 -37.07 8.10 58.46
C LEU D 23 -37.34 6.65 58.06
N PRO D 24 -38.07 6.40 56.91
CA PRO D 24 -38.43 5.05 56.50
C PRO D 24 -37.29 4.23 55.88
N ILE D 25 -36.12 4.25 56.52
CA ILE D 25 -34.96 3.54 55.97
C ILE D 25 -35.18 2.03 56.09
N VAL D 26 -35.92 1.59 57.11
CA VAL D 26 -36.24 0.18 57.25
C VAL D 26 -37.20 -0.24 56.15
N ALA D 27 -38.15 0.63 55.82
CA ALA D 27 -39.07 0.34 54.71
C ALA D 27 -38.31 0.18 53.40
N LEU D 28 -37.27 0.98 53.22
CA LEU D 28 -36.49 0.93 51.99
C LEU D 28 -35.66 -0.35 51.89
N ALA D 29 -35.01 -0.77 52.98
CA ALA D 29 -34.25 -2.01 52.92
C ALA D 29 -35.17 -3.21 52.68
N TYR D 30 -36.37 -3.19 53.26
CA TYR D 30 -37.29 -4.29 53.07
C TYR D 30 -37.72 -4.35 51.59
N ASP D 31 -38.23 -3.23 51.07
CA ASP D 31 -38.71 -3.21 49.68
C ASP D 31 -37.60 -3.51 48.69
N THR D 32 -36.36 -3.21 49.05
CA THR D 32 -35.24 -3.52 48.16
C THR D 32 -34.93 -5.00 48.21
N ILE D 33 -34.80 -5.54 49.42
CA ILE D 33 -34.30 -6.90 49.51
C ILE D 33 -35.39 -7.92 49.24
N MET D 34 -36.66 -7.50 49.17
CA MET D 34 -37.77 -8.43 48.98
C MET D 34 -38.41 -8.27 47.60
N ILE D 35 -37.75 -7.55 46.71
CA ILE D 35 -38.23 -7.29 45.34
C ILE D 35 -38.46 -8.64 44.66
N PRO D 36 -39.59 -8.87 44.01
CA PRO D 36 -39.75 -10.12 43.26
C PRO D 36 -38.78 -10.17 42.09
N THR D 37 -37.93 -11.18 42.09
CA THR D 37 -36.88 -11.35 41.10
C THR D 37 -37.21 -12.57 40.27
N PRO D 38 -37.01 -12.57 38.94
CA PRO D 38 -37.33 -13.76 38.15
C PRO D 38 -36.66 -14.99 38.73
N ARG D 39 -37.44 -16.07 38.85
CA ARG D 39 -36.99 -17.31 39.46
C ARG D 39 -35.91 -18.03 38.64
N ASN D 40 -35.79 -17.76 37.34
CA ASN D 40 -35.02 -18.59 36.43
C ASN D 40 -33.63 -17.99 36.12
N LEU D 41 -33.09 -17.17 37.01
CA LEU D 41 -31.74 -16.63 36.79
C LEU D 41 -30.69 -17.73 36.93
N ASN D 42 -29.75 -17.76 35.98
CA ASN D 42 -28.66 -18.72 35.99
C ASN D 42 -27.38 -18.08 36.55
N TRP D 43 -26.26 -18.82 36.48
CA TRP D 43 -25.06 -18.38 37.17
C TRP D 43 -24.44 -17.15 36.55
N MET D 44 -24.93 -16.69 35.40
CA MET D 44 -24.40 -15.48 34.81
C MET D 44 -24.99 -14.24 35.46
N TRP D 45 -25.91 -14.39 36.42
CA TRP D 45 -26.51 -13.25 37.10
C TRP D 45 -25.78 -12.93 38.42
N ILE D 46 -24.66 -13.60 38.70
CA ILE D 46 -23.89 -13.40 39.92
C ILE D 46 -22.89 -12.26 39.79
N TRP D 47 -22.55 -11.87 38.57
CA TRP D 47 -21.40 -10.99 38.43
C TRP D 47 -21.67 -9.58 38.95
N GLY D 48 -22.93 -9.22 39.16
CA GLY D 48 -23.22 -7.93 39.80
C GLY D 48 -22.74 -7.90 41.24
N VAL D 49 -22.98 -8.98 41.99
CA VAL D 49 -22.55 -9.05 43.37
C VAL D 49 -21.04 -9.16 43.45
N VAL D 50 -20.43 -9.91 42.52
CA VAL D 50 -18.97 -10.00 42.52
C VAL D 50 -18.37 -8.61 42.30
N LEU D 51 -18.92 -7.86 41.34
CA LEU D 51 -18.43 -6.51 41.09
C LEU D 51 -18.61 -5.61 42.31
N ALA D 52 -19.75 -5.74 42.99
CA ALA D 52 -20.02 -4.97 44.18
C ALA D 52 -19.00 -5.30 45.26
N PHE D 53 -18.71 -6.59 45.45
CA PHE D 53 -17.69 -6.97 46.43
C PHE D 53 -16.34 -6.38 46.10
N CYS D 54 -15.91 -6.46 44.83
CA CYS D 54 -14.60 -5.92 44.44
C CYS D 54 -14.45 -4.46 44.81
N LEU D 55 -15.48 -3.66 44.54
CA LEU D 55 -15.38 -2.24 44.85
C LEU D 55 -15.15 -2.03 46.34
N VAL D 56 -15.83 -2.82 47.17
CA VAL D 56 -15.60 -2.70 48.59
C VAL D 56 -14.19 -3.19 48.95
N LEU D 57 -13.77 -4.34 48.40
CA LEU D 57 -12.42 -4.84 48.66
C LEU D 57 -11.37 -3.83 48.27
N GLN D 58 -11.50 -3.28 47.05
CA GLN D 58 -10.51 -2.31 46.56
C GLN D 58 -10.50 -1.08 47.46
N ILE D 59 -11.68 -0.64 47.88
CA ILE D 59 -11.76 0.57 48.69
C ILE D 59 -11.15 0.32 50.05
N VAL D 60 -11.49 -0.79 50.66
CA VAL D 60 -11.02 -1.01 52.02
C VAL D 60 -9.54 -1.29 52.03
N THR D 61 -9.04 -2.08 51.09
CA THR D 61 -7.59 -2.27 51.06
C THR D 61 -6.90 -1.01 50.58
N GLY D 62 -7.57 -0.24 49.73
CA GLY D 62 -6.97 0.99 49.25
C GLY D 62 -6.74 2.01 50.35
N ILE D 63 -7.77 2.29 51.15
CA ILE D 63 -7.65 3.24 52.23
C ILE D 63 -6.51 2.84 53.16
N VAL D 64 -6.43 1.56 53.44
CA VAL D 64 -5.40 1.05 54.31
C VAL D 64 -4.02 1.23 53.69
N LEU D 65 -3.88 0.89 52.40
CA LEU D 65 -2.58 1.08 51.77
C LEU D 65 -2.17 2.54 51.77
N ALA D 66 -3.12 3.44 51.57
CA ALA D 66 -2.79 4.84 51.52
C ALA D 66 -2.32 5.38 52.87
N MET D 67 -2.53 4.64 53.96
CA MET D 67 -2.04 5.03 55.26
C MET D 67 -0.54 4.85 55.43
N HIS D 68 0.11 4.13 54.49
CA HIS D 68 1.53 3.78 54.58
C HIS D 68 2.29 4.13 53.30
N TYR D 69 1.61 4.67 52.29
CA TYR D 69 2.16 4.98 50.98
C TYR D 69 2.47 6.47 50.89
N THR D 70 3.55 6.79 50.17
CA THR D 70 3.98 8.17 49.94
C THR D 70 3.96 8.53 48.46
N PRO D 71 3.07 9.42 47.99
CA PRO D 71 3.04 9.79 46.55
C PRO D 71 4.13 10.79 46.22
N HIS D 72 5.35 10.33 46.28
CA HIS D 72 6.49 11.14 45.88
C HIS D 72 7.48 10.22 45.20
N VAL D 73 8.04 10.72 44.09
CA VAL D 73 8.88 9.88 43.22
C VAL D 73 10.08 9.29 43.96
N ASP D 74 10.62 10.02 44.98
CA ASP D 74 11.75 9.55 45.78
C ASP D 74 11.37 8.51 46.82
N LEU D 75 10.09 8.39 47.13
CA LEU D 75 9.61 7.59 48.24
C LEU D 75 8.52 6.59 47.83
N ALA D 76 7.87 6.77 46.68
CA ALA D 76 6.74 5.95 46.33
C ALA D 76 7.08 4.47 46.26
N PHE D 77 8.05 4.12 45.43
CA PHE D 77 8.43 2.72 45.28
C PHE D 77 8.89 2.15 46.61
N ALA D 78 9.72 2.90 47.35
CA ALA D 78 10.20 2.44 48.65
C ALA D 78 9.09 2.25 49.65
N SER D 79 8.05 3.09 49.61
CA SER D 79 6.97 2.98 50.59
C SER D 79 6.14 1.73 50.35
N VAL D 80 6.06 1.27 49.10
CA VAL D 80 5.35 0.02 48.81
C VAL D 80 6.15 -1.18 49.32
N GLU D 81 7.47 -1.15 49.16
CA GLU D 81 8.27 -2.21 49.76
C GLU D 81 8.23 -2.13 51.27
N HIS D 82 8.07 -0.92 51.81
CA HIS D 82 7.91 -0.80 53.24
C HIS D 82 6.64 -1.50 53.68
N ILE D 83 5.53 -1.31 52.92
CA ILE D 83 4.28 -2.02 53.14
C ILE D 83 4.49 -3.52 53.08
N MET D 84 5.14 -3.98 52.02
CA MET D 84 5.35 -5.42 51.82
C MET D 84 6.14 -6.05 52.96
N ARG D 85 7.13 -5.35 53.50
CA ARG D 85 8.07 -5.93 54.44
C ARG D 85 7.77 -5.64 55.87
N ASN D 86 7.26 -4.44 56.17
CA ASN D 86 7.16 -3.97 57.55
C ASN D 86 5.73 -3.87 58.07
N VAL D 87 4.79 -3.39 57.26
CA VAL D 87 3.42 -3.22 57.74
C VAL D 87 2.82 -4.57 58.02
N ASN D 88 2.18 -4.70 59.19
CA ASN D 88 1.51 -5.94 59.58
C ASN D 88 0.54 -6.35 58.51
N GLY D 89 0.77 -7.51 57.93
CA GLY D 89 -0.10 -7.95 56.87
C GLY D 89 -0.01 -7.14 55.61
N GLY D 90 1.01 -6.28 55.49
CA GLY D 90 1.05 -5.38 54.36
C GLY D 90 1.21 -6.13 53.06
N PHE D 91 2.00 -7.20 53.05
CA PHE D 91 2.17 -7.98 51.82
C PHE D 91 0.83 -8.52 51.33
N MET D 92 -0.01 -8.95 52.25
CA MET D 92 -1.26 -9.58 51.86
C MET D 92 -2.25 -8.51 51.42
N LEU D 93 -2.25 -7.36 52.09
CA LEU D 93 -3.15 -6.28 51.73
C LEU D 93 -2.79 -5.74 50.35
N ARG D 94 -1.50 -5.65 50.06
CA ARG D 94 -1.04 -5.19 48.75
C ARG D 94 -1.42 -6.15 47.62
N TYR D 95 -1.17 -7.44 47.80
CA TYR D 95 -1.52 -8.39 46.75
C TYR D 95 -3.03 -8.48 46.57
N LEU D 96 -3.78 -8.29 47.66
CA LEU D 96 -5.22 -8.32 47.52
C LEU D 96 -5.67 -7.15 46.69
N HIS D 97 -5.10 -5.98 46.92
CA HIS D 97 -5.48 -4.81 46.16
C HIS D 97 -5.08 -4.95 44.70
N ALA D 98 -3.89 -5.48 44.44
CA ALA D 98 -3.43 -5.58 43.06
C ALA D 98 -4.22 -6.63 42.31
N ASN D 99 -4.25 -7.87 42.83
CA ASN D 99 -5.05 -8.92 42.20
C ASN D 99 -6.53 -8.62 42.29
N GLY D 100 -6.96 -7.85 43.30
CA GLY D 100 -8.36 -7.48 43.38
C GLY D 100 -8.77 -6.66 42.19
N ALA D 101 -7.85 -5.85 41.65
CA ALA D 101 -8.16 -5.12 40.43
C ALA D 101 -8.39 -6.09 39.28
N SER D 102 -7.63 -7.17 39.22
CA SER D 102 -7.83 -8.15 38.16
C SER D 102 -9.18 -8.82 38.31
N LEU D 103 -9.52 -9.22 39.53
CA LEU D 103 -10.84 -9.81 39.74
C LEU D 103 -11.93 -8.82 39.34
N PHE D 104 -11.74 -7.55 39.65
CA PHE D 104 -12.71 -6.54 39.27
C PHE D 104 -12.92 -6.55 37.77
N PHE D 105 -11.85 -6.73 37.01
CA PHE D 105 -12.00 -6.60 35.57
C PHE D 105 -12.44 -7.88 34.87
N ILE D 106 -12.04 -9.07 35.33
CA ILE D 106 -12.63 -10.30 34.82
C ILE D 106 -14.13 -10.25 35.01
N ALA D 107 -14.58 -9.72 36.14
CA ALA D 107 -16.00 -9.72 36.44
C ALA D 107 -16.82 -8.80 35.53
N VAL D 108 -16.33 -7.57 35.24
CA VAL D 108 -17.11 -6.69 34.36
C VAL D 108 -17.25 -7.28 32.97
N TYR D 109 -16.17 -7.86 32.46
CA TYR D 109 -16.22 -8.33 31.08
C TYR D 109 -17.22 -9.48 30.98
N LEU D 110 -17.25 -10.35 31.99
CA LEU D 110 -18.28 -11.39 32.03
C LEU D 110 -19.66 -10.77 32.23
N HIS D 111 -19.75 -9.78 33.11
CA HIS D 111 -20.98 -9.01 33.32
C HIS D 111 -21.49 -8.40 31.99
N ILE D 112 -20.59 -7.76 31.24
CA ILE D 112 -20.93 -7.09 29.98
C ILE D 112 -21.38 -8.09 28.90
N PHE D 113 -20.60 -9.17 28.70
CA PHE D 113 -20.95 -10.12 27.66
C PHE D 113 -22.23 -10.85 28.00
N ARG D 114 -22.54 -11.00 29.31
CA ARG D 114 -23.85 -11.48 29.71
C ARG D 114 -24.91 -10.56 29.14
N GLY D 115 -24.73 -9.25 29.37
CA GLY D 115 -25.66 -8.26 28.86
C GLY D 115 -25.78 -8.29 27.36
N LEU D 116 -24.65 -8.44 26.66
CA LEU D 116 -24.72 -8.42 25.21
C LEU D 116 -25.49 -9.63 24.64
N TYR D 117 -25.47 -10.77 25.35
CA TYR D 117 -26.13 -11.97 24.86
C TYR D 117 -27.63 -11.95 25.11
N TYR D 118 -28.02 -11.60 26.31
CA TYR D 118 -29.39 -11.69 26.75
C TYR D 118 -30.15 -10.40 26.49
N GLY D 119 -29.50 -9.42 25.88
CA GLY D 119 -30.20 -8.19 25.56
C GLY D 119 -30.59 -7.41 26.78
N SER D 120 -29.74 -7.42 27.80
CA SER D 120 -30.03 -6.64 28.99
C SER D 120 -29.82 -5.16 28.72
N TYR D 121 -29.29 -4.79 27.54
CA TYR D 121 -29.11 -3.39 27.16
C TYR D 121 -30.28 -2.85 26.36
N LYS D 122 -31.10 -3.71 25.74
CA LYS D 122 -32.25 -3.25 24.95
C LYS D 122 -33.33 -2.76 25.90
N ALA D 123 -34.21 -1.91 25.36
CA ALA D 123 -35.29 -1.29 26.11
C ALA D 123 -36.03 -2.30 26.98
N PRO D 124 -36.41 -1.94 28.22
CA PRO D 124 -36.30 -0.62 28.87
C PRO D 124 -35.01 -0.37 29.65
N ARG D 125 -33.90 -1.03 29.28
CA ARG D 125 -32.71 -1.04 30.10
C ARG D 125 -31.57 -0.17 29.56
N GLU D 126 -31.87 0.83 28.71
CA GLU D 126 -30.79 1.66 28.18
C GLU D 126 -30.07 2.41 29.29
N VAL D 127 -30.81 2.94 30.26
CA VAL D 127 -30.19 3.75 31.31
C VAL D 127 -29.25 2.90 32.14
N THR D 128 -29.69 1.69 32.50
CA THR D 128 -28.81 0.79 33.23
C THR D 128 -27.53 0.58 32.45
N TRP D 129 -27.66 0.42 31.13
CA TRP D 129 -26.51 0.16 30.26
C TRP D 129 -25.59 1.37 30.18
N ILE D 130 -26.17 2.57 30.01
CA ILE D 130 -25.37 3.79 29.88
C ILE D 130 -24.64 4.09 31.19
N VAL D 131 -25.31 3.93 32.33
CA VAL D 131 -24.66 4.11 33.63
C VAL D 131 -23.54 3.10 33.76
N GLY D 132 -23.77 1.88 33.29
CA GLY D 132 -22.71 0.91 33.28
C GLY D 132 -21.50 1.37 32.48
N MET D 133 -21.74 1.95 31.30
CA MET D 133 -20.63 2.40 30.46
C MET D 133 -19.82 3.49 31.15
N LEU D 134 -20.50 4.38 31.87
CA LEU D 134 -19.77 5.40 32.60
C LEU D 134 -18.92 4.77 33.69
N ILE D 135 -19.48 3.79 34.40
CA ILE D 135 -18.72 3.08 35.43
C ILE D 135 -17.49 2.43 34.83
N TYR D 136 -17.66 1.84 33.66
CA TYR D 136 -16.53 1.15 33.06
C TYR D 136 -15.42 2.13 32.71
N LEU D 137 -15.79 3.29 32.14
CA LEU D 137 -14.81 4.32 31.83
C LEU D 137 -14.11 4.78 33.11
N ALA D 138 -14.86 4.91 34.19
CA ALA D 138 -14.23 5.36 35.41
C ALA D 138 -13.24 4.31 35.92
N MET D 139 -13.63 3.04 35.81
CA MET D 139 -12.77 1.94 36.24
C MET D 139 -11.45 1.95 35.51
N MET D 140 -11.48 2.13 34.20
CA MET D 140 -10.23 2.12 33.44
C MET D 140 -9.35 3.29 33.88
N ALA D 141 -9.95 4.47 34.01
CA ALA D 141 -9.18 5.61 34.46
C ALA D 141 -8.63 5.37 35.87
N THR D 142 -9.43 4.79 36.76
CA THR D 142 -8.96 4.50 38.11
C THR D 142 -7.79 3.51 38.10
N ALA D 143 -7.94 2.41 37.37
CA ALA D 143 -6.91 1.39 37.39
C ALA D 143 -5.61 1.87 36.79
N PHE D 144 -5.70 2.69 35.75
CA PHE D 144 -4.49 3.22 35.14
C PHE D 144 -3.69 4.02 36.16
N MET D 145 -4.34 4.99 36.79
CA MET D 145 -3.62 5.87 37.72
C MET D 145 -3.11 5.09 38.91
N GLY D 146 -3.88 4.09 39.35
CA GLY D 146 -3.43 3.23 40.43
C GLY D 146 -2.15 2.52 40.05
N TYR D 147 -2.07 2.05 38.81
CA TYR D 147 -0.91 1.30 38.40
C TYR D 147 0.32 2.18 38.37
N VAL D 148 0.13 3.49 38.23
CA VAL D 148 1.28 4.38 38.22
C VAL D 148 1.86 4.58 39.62
N LEU D 149 1.06 4.46 40.67
CA LEU D 149 1.54 4.86 41.99
C LEU D 149 2.78 4.14 42.50
N PRO D 150 2.96 2.83 42.32
CA PRO D 150 4.22 2.21 42.78
C PRO D 150 5.45 2.78 42.13
N TRP D 151 5.31 3.43 40.97
CA TRP D 151 6.42 4.09 40.29
C TRP D 151 7.52 3.11 39.88
N GLY D 152 7.09 1.95 39.35
CA GLY D 152 8.00 1.01 38.72
C GLY D 152 8.22 1.38 37.26
N GLN D 153 8.90 0.48 36.54
CA GLN D 153 9.18 0.76 35.15
C GLN D 153 7.92 0.75 34.31
N MET D 154 7.00 -0.20 34.56
CA MET D 154 5.75 -0.18 33.81
C MET D 154 4.90 1.02 34.17
N SER D 155 4.92 1.40 35.44
CA SER D 155 4.21 2.58 35.87
C SER D 155 4.65 3.79 35.06
N PHE D 156 5.96 4.05 35.03
CA PHE D 156 6.48 5.26 34.42
C PHE D 156 6.27 5.24 32.91
N TRP D 157 6.62 4.12 32.27
CA TRP D 157 6.59 4.04 30.83
C TRP D 157 5.19 3.76 30.32
N GLY D 158 4.38 3.05 31.12
CA GLY D 158 2.99 2.92 30.78
C GLY D 158 2.32 4.26 30.78
N ALA D 159 2.69 5.10 31.75
CA ALA D 159 2.14 6.47 31.86
C ALA D 159 2.61 7.33 30.68
N THR D 160 3.87 7.16 30.29
CA THR D 160 4.43 7.85 29.12
C THR D 160 3.62 7.50 27.86
N VAL D 161 3.34 6.21 27.67
CA VAL D 161 2.65 5.75 26.47
C VAL D 161 1.22 6.25 26.46
N ILE D 162 0.53 6.13 27.60
CA ILE D 162 -0.89 6.38 27.63
C ILE D 162 -1.16 7.89 27.58
N THR D 163 -0.31 8.69 28.23
CA THR D 163 -0.45 10.14 28.08
C THR D 163 -0.08 10.60 26.68
N GLY D 164 0.78 9.86 25.98
CA GLY D 164 1.10 10.23 24.61
C GLY D 164 -0.10 10.11 23.69
N LEU D 165 -1.05 9.23 24.04
CA LEU D 165 -2.26 9.07 23.28
C LEU D 165 -2.96 10.40 23.14
N PHE D 166 -2.97 11.17 24.21
CA PHE D 166 -3.68 12.44 24.20
C PHE D 166 -2.91 13.52 23.46
N GLY D 167 -1.58 13.37 23.34
CA GLY D 167 -0.78 14.29 22.54
C GLY D 167 -1.07 14.20 21.06
N ALA D 168 -1.74 13.12 20.64
CA ALA D 168 -2.08 12.82 19.26
C ALA D 168 -3.33 13.54 18.80
N ILE D 169 -4.05 14.18 19.71
CA ILE D 169 -5.26 14.89 19.27
C ILE D 169 -4.85 16.15 18.50
N PRO D 170 -5.35 16.37 17.27
CA PRO D 170 -4.93 17.56 16.52
C PRO D 170 -5.28 18.85 17.25
N GLY D 171 -4.39 19.85 17.12
CA GLY D 171 -4.67 21.16 17.66
C GLY D 171 -4.43 21.29 19.15
N ILE D 172 -5.23 20.55 19.92
CA ILE D 172 -5.29 20.66 21.37
C ILE D 172 -4.47 19.56 22.07
N GLY D 173 -3.90 18.63 21.31
CA GLY D 173 -3.26 17.48 21.92
C GLY D 173 -2.14 17.83 22.88
N HIS D 174 -1.24 18.73 22.47
CA HIS D 174 -0.11 19.01 23.33
C HIS D 174 -0.54 19.71 24.60
N SER D 175 -1.57 20.55 24.55
CA SER D 175 -2.07 21.18 25.76
C SER D 175 -2.67 20.14 26.68
N ILE D 176 -3.50 19.24 26.16
CA ILE D 176 -4.08 18.20 27.01
C ILE D 176 -2.98 17.36 27.66
N GLN D 177 -1.95 17.00 26.89
CA GLN D 177 -0.90 16.15 27.43
C GLN D 177 -0.14 16.84 28.56
N THR D 178 0.25 18.11 28.36
CA THR D 178 0.95 18.87 29.39
C THR D 178 0.11 19.07 30.64
N TRP D 179 -1.18 19.34 30.46
CA TRP D 179 -2.10 19.55 31.58
C TRP D 179 -2.20 18.28 32.42
N LEU D 180 -2.31 17.12 31.75
CA LEU D 180 -2.34 15.85 32.47
C LEU D 180 -1.03 15.58 33.20
N LEU D 181 0.10 15.92 32.58
CA LEU D 181 1.41 15.60 33.14
C LEU D 181 1.81 16.59 34.22
N GLY D 182 1.37 17.85 34.09
CA GLY D 182 1.80 18.93 34.96
C GLY D 182 3.19 19.43 34.66
N GLY D 183 3.66 19.17 33.43
CA GLY D 183 4.98 19.55 32.98
C GLY D 183 5.32 18.94 31.63
N PRO D 184 6.60 19.02 31.24
CA PRO D 184 7.01 18.46 29.95
C PRO D 184 7.10 16.95 29.93
N ALA D 185 7.07 16.27 31.07
CA ALA D 185 7.27 14.83 31.11
C ALA D 185 6.57 14.24 32.33
N VAL D 186 6.44 12.93 32.31
CA VAL D 186 5.99 12.22 33.48
C VAL D 186 7.00 12.47 34.58
N ASP D 187 6.58 13.10 35.67
CA ASP D 187 7.49 13.43 36.76
C ASP D 187 6.68 13.42 38.04
N ASN D 188 7.16 14.09 39.09
CA ASN D 188 6.49 14.04 40.39
C ASN D 188 5.12 14.66 40.31
N ALA D 189 4.99 15.77 39.61
CA ALA D 189 3.70 16.42 39.44
C ALA D 189 2.67 15.46 38.92
N THR D 190 3.06 14.55 38.03
CA THR D 190 2.11 13.58 37.49
C THR D 190 1.75 12.56 38.55
N LEU D 191 2.75 12.04 39.25
CA LEU D 191 2.52 11.06 40.31
C LEU D 191 1.63 11.65 41.42
N ASN D 192 1.90 12.91 41.79
CA ASN D 192 1.19 13.55 42.90
C ASN D 192 -0.30 13.69 42.61
N ARG D 193 -0.66 14.08 41.38
CA ARG D 193 -2.07 14.28 41.02
C ARG D 193 -2.80 12.99 40.73
N PHE D 194 -2.10 11.99 40.18
CA PHE D 194 -2.77 10.71 39.98
C PHE D 194 -3.17 10.09 41.31
N PHE D 195 -2.41 10.34 42.35
CA PHE D 195 -2.74 9.81 43.65
C PHE D 195 -4.04 10.38 44.14
N SER D 196 -4.21 11.71 44.03
CA SER D 196 -5.47 12.31 44.48
C SER D 196 -6.64 11.75 43.71
N LEU D 197 -6.48 11.61 42.38
CA LEU D 197 -7.59 11.14 41.56
C LEU D 197 -7.82 9.67 41.73
N HIS D 198 -6.78 8.88 42.02
CA HIS D 198 -7.02 7.48 42.26
C HIS D 198 -7.88 7.30 43.51
N TYR D 199 -7.76 8.22 44.47
CA TYR D 199 -8.58 8.14 45.68
C TYR D 199 -10.01 8.59 45.39
N LEU D 200 -10.15 9.68 44.64
CA LEU D 200 -11.46 10.27 44.39
C LEU D 200 -12.34 9.34 43.58
N LEU D 201 -11.85 8.88 42.44
CA LEU D 201 -12.72 8.24 41.46
C LEU D 201 -13.46 7.02 42.01
N PRO D 202 -12.88 6.16 42.84
CA PRO D 202 -13.67 5.06 43.41
C PRO D 202 -14.92 5.51 44.12
N PHE D 203 -14.94 6.71 44.67
CA PHE D 203 -16.16 7.20 45.28
C PHE D 203 -17.15 7.66 44.20
N VAL D 204 -16.65 8.20 43.09
CA VAL D 204 -17.53 8.52 41.98
C VAL D 204 -18.14 7.24 41.42
N ILE D 205 -17.33 6.19 41.32
CA ILE D 205 -17.84 4.89 40.89
C ILE D 205 -18.95 4.42 41.83
N ALA D 206 -18.75 4.58 43.13
CA ALA D 206 -19.79 4.17 44.06
C ALA D 206 -21.07 4.95 43.82
N ALA D 207 -20.96 6.24 43.55
CA ALA D 207 -22.18 6.99 43.28
C ALA D 207 -22.83 6.49 42.00
N LEU D 208 -22.04 6.20 40.97
CA LEU D 208 -22.63 5.68 39.75
C LEU D 208 -23.26 4.32 40.00
N VAL D 209 -22.62 3.45 40.78
CA VAL D 209 -23.22 2.15 41.08
C VAL D 209 -24.53 2.33 41.82
N ALA D 210 -24.61 3.35 42.66
CA ALA D 210 -25.87 3.57 43.34
C ALA D 210 -26.98 3.86 42.34
N ILE D 211 -26.68 4.67 41.31
CA ILE D 211 -27.65 4.97 40.25
C ILE D 211 -27.91 3.73 39.38
N HIS D 212 -26.86 2.99 39.09
CA HIS D 212 -26.93 1.71 38.39
C HIS D 212 -27.90 0.77 39.08
N ILE D 213 -27.82 0.67 40.41
CA ILE D 213 -28.70 -0.24 41.14
C ILE D 213 -30.13 0.27 41.10
N TRP D 214 -30.30 1.57 41.22
CA TRP D 214 -31.61 2.17 41.11
C TRP D 214 -32.23 1.86 39.75
N ALA D 215 -31.40 1.77 38.72
CA ALA D 215 -31.89 1.60 37.36
C ALA D 215 -32.56 0.26 37.14
N PHE D 216 -31.92 -0.84 37.57
CA PHE D 216 -32.55 -2.13 37.30
C PHE D 216 -33.57 -2.52 38.37
N HIS D 217 -33.65 -1.77 39.45
CA HIS D 217 -34.74 -1.95 40.39
C HIS D 217 -35.99 -1.29 39.84
N SER D 218 -35.83 -0.20 39.09
CA SER D 218 -36.97 0.47 38.46
C SER D 218 -37.61 -0.41 37.38
N THR D 219 -36.80 -1.09 36.57
CA THR D 219 -37.30 -1.93 35.49
C THR D 219 -37.49 -3.37 35.90
N GLY D 220 -36.79 -3.85 36.88
CA GLY D 220 -36.77 -5.27 37.18
C GLY D 220 -35.68 -6.00 36.43
N ASN D 221 -35.17 -7.04 37.06
CA ASN D 221 -34.08 -7.79 36.48
C ASN D 221 -34.53 -8.47 35.19
N ASN D 222 -33.62 -8.50 34.22
CA ASN D 222 -33.79 -9.32 33.03
C ASN D 222 -33.57 -10.77 33.45
N ASN D 223 -33.98 -11.69 32.61
CA ASN D 223 -33.76 -13.11 32.88
C ASN D 223 -33.36 -13.80 31.59
N PRO D 224 -32.84 -15.03 31.65
CA PRO D 224 -32.34 -15.69 30.43
C PRO D 224 -33.33 -15.78 29.27
N THR D 225 -34.64 -15.74 29.51
CA THR D 225 -35.62 -15.87 28.43
C THR D 225 -35.93 -14.54 27.77
N GLY D 226 -35.61 -13.42 28.41
CA GLY D 226 -35.97 -12.13 27.92
C GLY D 226 -37.44 -11.77 28.10
N VAL D 227 -38.23 -12.65 28.75
CA VAL D 227 -39.65 -12.40 29.01
C VAL D 227 -39.80 -11.71 30.36
N GLU D 228 -40.48 -10.57 30.38
CA GLU D 228 -40.61 -9.78 31.59
C GLU D 228 -41.59 -10.44 32.57
N VAL D 229 -41.40 -10.13 33.86
CA VAL D 229 -42.31 -10.62 34.88
C VAL D 229 -43.68 -10.04 34.59
N ARG D 230 -44.70 -10.88 34.72
CA ARG D 230 -46.08 -10.44 34.58
C ARG D 230 -46.44 -9.51 35.74
N ARG D 231 -47.05 -8.36 35.42
CA ARG D 231 -47.34 -7.33 36.41
C ARG D 231 -48.82 -7.01 36.62
N THR D 232 -49.73 -7.73 35.96
CA THR D 232 -51.18 -7.46 36.05
C THR D 232 -51.78 -7.79 37.42
N SER D 233 -51.12 -8.64 38.20
CA SER D 233 -51.59 -8.96 39.54
C SER D 233 -50.47 -9.60 40.35
N LYS D 234 -50.61 -9.53 41.67
CA LYS D 234 -49.62 -10.12 42.56
C LYS D 234 -49.60 -11.64 42.39
N ALA D 235 -50.76 -12.22 42.05
CA ALA D 235 -50.91 -13.67 41.87
C ALA D 235 -49.94 -14.24 40.83
N GLU D 236 -49.93 -13.64 39.64
CA GLU D 236 -49.12 -14.16 38.55
C GLU D 236 -47.68 -13.61 38.53
N ALA D 237 -47.41 -12.54 39.28
CA ALA D 237 -46.03 -12.09 39.44
C ALA D 237 -45.25 -13.08 40.30
N GLN D 238 -45.92 -13.72 41.26
CA GLN D 238 -45.24 -14.66 42.14
C GLN D 238 -44.93 -15.97 41.45
N LYS D 239 -45.71 -16.34 40.44
CA LYS D 239 -45.37 -17.54 39.69
C LYS D 239 -44.15 -17.31 38.81
N ASP D 240 -43.86 -16.06 38.46
CA ASP D 240 -42.67 -15.75 37.67
C ASP D 240 -41.47 -15.42 38.52
N THR D 241 -41.66 -15.17 39.83
CA THR D 241 -40.61 -14.59 40.66
C THR D 241 -40.54 -15.28 42.02
N VAL D 242 -39.42 -15.02 42.68
CA VAL D 242 -39.27 -15.25 44.11
C VAL D 242 -38.60 -14.00 44.66
N PRO D 243 -38.77 -13.68 45.94
CA PRO D 243 -38.14 -12.49 46.50
C PRO D 243 -36.62 -12.59 46.50
N PHE D 244 -35.97 -11.48 46.24
CA PHE D 244 -34.51 -11.44 46.20
C PHE D 244 -33.91 -12.05 47.46
N TRP D 245 -34.37 -11.57 48.65
CA TRP D 245 -34.02 -12.22 49.91
C TRP D 245 -35.04 -13.28 50.26
N PRO D 246 -34.60 -14.49 50.67
CA PRO D 246 -33.25 -15.05 50.82
C PRO D 246 -32.71 -15.73 49.57
N TYR D 247 -33.64 -16.06 48.66
CA TYR D 247 -33.38 -17.01 47.58
C TYR D 247 -32.17 -16.64 46.71
N PHE D 248 -32.07 -15.39 46.28
CA PHE D 248 -30.95 -14.99 45.42
C PHE D 248 -29.80 -14.33 46.16
N ILE D 249 -30.03 -13.84 47.39
CA ILE D 249 -28.94 -13.41 48.25
C ILE D 249 -28.01 -14.56 48.56
N ILE D 250 -28.58 -15.66 49.05
CA ILE D 250 -27.75 -16.79 49.43
C ILE D 250 -27.09 -17.41 48.20
N LYS D 251 -27.82 -17.48 47.08
CA LYS D 251 -27.25 -18.04 45.87
C LYS D 251 -26.08 -17.18 45.38
N ASP D 252 -26.19 -15.86 45.53
CA ASP D 252 -25.10 -14.97 45.12
C ASP D 252 -23.94 -15.13 46.09
N VAL D 253 -24.25 -15.14 47.39
CA VAL D 253 -23.23 -15.31 48.42
C VAL D 253 -22.50 -16.63 48.24
N PHE D 254 -23.23 -17.68 47.85
CA PHE D 254 -22.57 -18.95 47.59
C PHE D 254 -21.56 -18.79 46.45
N ALA D 255 -22.02 -18.24 45.33
CA ALA D 255 -21.15 -18.04 44.18
C ALA D 255 -19.96 -17.18 44.57
N LEU D 256 -20.19 -16.18 45.41
CA LEU D 256 -19.09 -15.33 45.85
C LEU D 256 -18.07 -16.15 46.63
N ALA D 257 -18.53 -17.06 47.50
CA ALA D 257 -17.61 -17.90 48.27
C ALA D 257 -16.75 -18.76 47.35
N VAL D 258 -17.31 -19.18 46.22
CA VAL D 258 -16.56 -20.02 45.29
C VAL D 258 -15.56 -19.14 44.54
N VAL D 259 -16.00 -17.96 44.14
CA VAL D 259 -15.12 -17.01 43.47
C VAL D 259 -13.96 -16.64 44.37
N LEU D 260 -14.26 -16.36 45.64
CA LEU D 260 -13.20 -15.95 46.53
C LEU D 260 -12.28 -17.10 46.85
N LEU D 261 -12.79 -18.32 46.84
CA LEU D 261 -11.92 -19.48 47.02
C LEU D 261 -10.83 -19.49 45.96
N VAL D 262 -11.20 -19.33 44.70
CA VAL D 262 -10.22 -19.28 43.62
C VAL D 262 -9.33 -18.04 43.77
N PHE D 263 -9.93 -16.88 44.00
CA PHE D 263 -9.19 -15.63 44.13
C PHE D 263 -8.16 -15.71 45.24
N PHE D 264 -8.55 -16.27 46.38
CA PHE D 264 -7.61 -16.37 47.48
C PHE D 264 -6.54 -17.40 47.21
N ALA D 265 -6.82 -18.38 46.34
CA ALA D 265 -5.75 -19.29 45.92
C ALA D 265 -4.74 -18.53 45.05
N ILE D 266 -5.22 -17.66 44.15
CA ILE D 266 -4.30 -16.84 43.37
C ILE D 266 -3.45 -15.98 44.28
N VAL D 267 -4.09 -15.21 45.15
CA VAL D 267 -3.36 -14.27 46.00
C VAL D 267 -2.42 -15.03 46.90
N GLY D 268 -2.83 -16.20 47.35
CA GLY D 268 -2.01 -16.95 48.28
C GLY D 268 -0.86 -17.67 47.63
N PHE D 269 -1.01 -18.10 46.39
CA PHE D 269 -0.07 -19.04 45.80
C PHE D 269 0.54 -18.59 44.47
N MET D 270 -0.05 -17.63 43.76
CA MET D 270 0.54 -17.08 42.55
C MET D 270 0.10 -15.64 42.39
N PRO D 271 0.46 -14.81 43.36
CA PRO D 271 -0.03 -13.43 43.35
C PRO D 271 0.57 -12.59 42.24
N ASN D 272 1.66 -13.03 41.63
CA ASN D 272 2.34 -12.23 40.61
C ASN D 272 2.10 -12.71 39.17
N TYR D 273 1.31 -13.78 38.99
CA TYR D 273 1.07 -14.32 37.65
C TYR D 273 0.49 -13.26 36.74
N LEU D 274 -0.46 -12.49 37.24
CA LEU D 274 -1.14 -11.50 36.43
C LEU D 274 -0.44 -10.16 36.40
N GLY D 275 0.78 -10.08 36.94
CA GLY D 275 1.55 -8.85 36.98
C GLY D 275 2.71 -8.90 36.01
N HIS D 276 3.38 -7.75 35.91
CA HIS D 276 4.57 -7.63 35.09
C HIS D 276 5.85 -7.48 35.92
N PRO D 277 6.84 -8.38 35.84
CA PRO D 277 8.04 -8.23 36.67
C PRO D 277 8.72 -6.89 36.47
N ASP D 278 8.57 -6.23 35.34
CA ASP D 278 9.34 -5.00 35.20
C ASP D 278 8.87 -3.92 36.13
N ASN D 279 7.70 -4.08 36.75
CA ASN D 279 7.25 -3.10 37.71
C ASN D 279 7.85 -3.29 39.10
N TYR D 280 8.62 -4.36 39.32
CA TYR D 280 9.46 -4.48 40.51
C TYR D 280 10.83 -3.82 40.32
N ILE D 281 11.01 -3.06 39.24
CA ILE D 281 12.17 -2.23 38.97
C ILE D 281 11.77 -0.76 39.07
N GLU D 282 12.59 0.04 39.75
CA GLU D 282 12.31 1.46 39.93
C GLU D 282 12.23 2.18 38.61
N ALA D 283 11.30 3.13 38.53
CA ALA D 283 11.12 3.99 37.37
C ALA D 283 12.45 4.61 36.95
N ASN D 284 12.78 4.48 35.67
CA ASN D 284 13.99 5.07 35.10
C ASN D 284 13.64 5.95 33.91
N PRO D 285 13.62 7.28 34.04
CA PRO D 285 13.18 8.09 32.90
C PRO D 285 14.12 8.08 31.72
N LEU D 286 15.29 7.44 31.85
CA LEU D 286 16.31 7.37 30.81
C LEU D 286 16.43 6.01 30.15
N SER D 287 15.72 4.99 30.61
CA SER D 287 15.77 3.68 29.98
C SER D 287 14.39 3.04 30.08
N THR D 288 13.99 2.39 29.00
CA THR D 288 12.67 1.86 28.78
C THR D 288 12.75 0.33 28.71
N PRO D 289 11.94 -0.42 29.45
CA PRO D 289 11.99 -1.88 29.31
C PRO D 289 11.76 -2.26 27.85
N ALA D 290 12.41 -3.34 27.41
CA ALA D 290 12.23 -3.72 26.01
C ALA D 290 10.82 -4.26 25.70
N HIS D 291 10.25 -4.99 26.66
CA HIS D 291 8.98 -5.72 26.60
C HIS D 291 7.85 -5.08 27.38
N ILE D 292 7.69 -3.75 27.32
CA ILE D 292 6.56 -3.11 28.00
C ILE D 292 5.25 -3.64 27.48
N VAL D 293 4.36 -4.05 28.40
CA VAL D 293 3.04 -4.57 28.01
C VAL D 293 1.96 -4.15 29.00
N PRO D 294 0.77 -3.77 28.55
CA PRO D 294 -0.27 -3.42 29.52
C PRO D 294 -0.79 -4.60 30.31
N GLU D 295 -1.48 -4.26 31.40
CA GLU D 295 -2.28 -5.19 32.17
C GLU D 295 -3.31 -5.79 31.26
N TRP D 296 -3.58 -7.08 31.47
CA TRP D 296 -4.35 -7.86 30.52
C TRP D 296 -5.71 -7.23 30.24
N TYR D 297 -6.32 -6.58 31.23
CA TYR D 297 -7.65 -6.04 30.99
C TYR D 297 -7.66 -4.81 30.08
N PHE D 298 -6.50 -4.24 29.77
CA PHE D 298 -6.41 -3.15 28.79
C PHE D 298 -5.95 -3.66 27.42
N LEU D 299 -5.47 -4.90 27.34
CA LEU D 299 -4.84 -5.38 26.12
C LEU D 299 -5.75 -5.35 24.90
N PRO D 300 -7.04 -5.74 24.97
CA PRO D 300 -7.84 -5.73 23.75
C PRO D 300 -7.94 -4.38 23.11
N PHE D 301 -8.12 -3.37 23.92
CA PHE D 301 -8.27 -2.03 23.39
C PHE D 301 -6.95 -1.46 22.96
N TYR D 302 -5.89 -1.87 23.64
CA TYR D 302 -4.55 -1.48 23.23
C TYR D 302 -4.25 -2.08 21.86
N ALA D 303 -4.65 -3.34 21.64
CA ALA D 303 -4.44 -3.99 20.33
C ALA D 303 -5.15 -3.23 19.21
N ILE D 304 -6.35 -2.71 19.48
CA ILE D 304 -7.10 -1.93 18.50
C ILE D 304 -6.33 -0.67 18.15
N LEU D 305 -5.78 0.00 19.17
CA LEU D 305 -5.07 1.25 18.93
C LEU D 305 -3.90 1.02 17.97
N ARG D 306 -3.08 0.01 18.25
CA ARG D 306 -1.89 -0.17 17.45
C ARG D 306 -2.13 -0.91 16.14
N ALA D 307 -3.33 -1.49 15.92
CA ALA D 307 -3.62 -2.14 14.63
C ALA D 307 -3.72 -1.20 13.43
N PHE D 308 -4.00 0.09 13.64
CA PHE D 308 -4.25 1.03 12.56
C PHE D 308 -3.01 1.87 12.29
N THR D 309 -2.11 1.31 11.48
CA THR D 309 -0.88 2.00 11.09
C THR D 309 -1.12 2.79 9.78
N ALA D 310 -0.08 3.54 9.35
CA ALA D 310 -0.17 4.35 8.13
C ALA D 310 -0.36 3.56 6.86
N ASP D 311 0.04 2.28 6.82
CA ASP D 311 -0.09 1.48 5.61
C ASP D 311 -1.51 0.95 5.42
N VAL D 312 -2.31 0.96 6.50
CA VAL D 312 -3.66 0.43 6.46
C VAL D 312 -4.46 1.27 5.49
N TRP D 313 -5.20 0.59 4.60
CA TRP D 313 -5.85 1.31 3.51
C TRP D 313 -6.87 2.29 4.04
N VAL D 314 -7.62 1.89 5.07
CA VAL D 314 -8.64 2.79 5.63
C VAL D 314 -8.00 4.01 6.29
N VAL D 315 -6.80 3.84 6.83
CA VAL D 315 -6.05 4.97 7.40
C VAL D 315 -5.62 5.94 6.31
N GLN D 316 -5.17 5.43 5.17
CA GLN D 316 -4.71 6.30 4.09
C GLN D 316 -5.85 7.13 3.49
N ILE D 317 -7.08 6.58 3.46
CA ILE D 317 -8.25 7.36 3.01
C ILE D 317 -8.55 8.45 4.03
N ALA D 318 -8.56 8.08 5.32
CA ALA D 318 -8.77 9.07 6.37
C ALA D 318 -7.75 10.19 6.25
N ASN D 319 -6.49 9.84 6.00
CA ASN D 319 -5.45 10.85 5.89
C ASN D 319 -5.72 11.73 4.68
N PHE D 320 -6.15 11.13 3.56
CA PHE D 320 -6.39 11.90 2.35
C PHE D 320 -7.61 12.80 2.53
N ILE D 321 -8.75 12.22 2.96
CA ILE D 321 -9.99 12.98 3.14
C ILE D 321 -9.84 14.07 4.19
N SER D 322 -9.10 13.80 5.26
CA SER D 322 -8.94 14.80 6.31
C SER D 322 -7.77 15.76 6.06
N PHE D 323 -7.20 15.77 4.84
CA PHE D 323 -6.09 16.67 4.51
C PHE D 323 -4.90 16.54 5.46
N GLY D 324 -4.66 15.34 5.99
CA GLY D 324 -3.48 15.07 6.81
C GLY D 324 -3.69 15.18 8.31
N ILE D 325 -4.85 15.71 8.73
CA ILE D 325 -5.21 15.86 10.14
C ILE D 325 -5.24 14.51 10.85
N ILE D 326 -5.89 13.51 10.25
CA ILE D 326 -6.04 12.17 10.86
C ILE D 326 -4.92 11.28 10.35
N ASP D 327 -3.83 11.19 11.12
CA ASP D 327 -2.78 10.24 10.80
C ASP D 327 -3.01 8.93 11.57
N ALA D 328 -2.10 7.97 11.38
CA ALA D 328 -2.26 6.66 12.01
C ALA D 328 -2.27 6.74 13.54
N LYS D 329 -1.46 7.64 14.10
CA LYS D 329 -1.39 7.76 15.54
C LYS D 329 -2.75 8.20 16.08
N PHE D 330 -3.28 9.28 15.52
CA PHE D 330 -4.56 9.79 16.00
C PHE D 330 -5.69 8.87 15.60
N PHE D 331 -5.56 8.22 14.45
CA PHE D 331 -6.59 7.28 14.00
C PHE D 331 -6.70 6.15 15.02
N GLY D 332 -5.56 5.63 15.47
CA GLY D 332 -5.56 4.53 16.40
C GLY D 332 -6.22 4.94 17.71
N VAL D 333 -6.07 6.20 18.10
CA VAL D 333 -6.71 6.73 19.30
C VAL D 333 -8.22 6.82 19.09
N LEU D 334 -8.64 7.29 17.92
CA LEU D 334 -10.06 7.34 17.59
C LEU D 334 -10.63 5.94 17.61
N ALA D 335 -9.90 4.99 17.06
CA ALA D 335 -10.39 3.61 17.03
C ALA D 335 -10.59 3.04 18.43
N MET D 336 -9.68 3.36 19.36
CA MET D 336 -9.70 2.79 20.71
C MET D 336 -10.91 3.29 21.50
N PHE D 337 -11.10 4.62 21.55
CA PHE D 337 -12.29 5.15 22.18
C PHE D 337 -13.52 4.82 21.32
N GLY D 338 -13.33 4.68 20.00
CA GLY D 338 -14.43 4.31 19.15
C GLY D 338 -14.92 2.90 19.41
N ALA D 339 -14.02 1.99 19.79
CA ALA D 339 -14.45 0.62 20.09
C ALA D 339 -15.38 0.54 21.31
N ILE D 340 -15.13 1.37 22.31
CA ILE D 340 -16.01 1.39 23.49
C ILE D 340 -17.31 2.09 23.16
N LEU D 341 -17.22 3.14 22.36
CA LEU D 341 -18.40 3.95 22.06
C LEU D 341 -19.43 3.14 21.28
N VAL D 342 -18.99 2.35 20.31
CA VAL D 342 -19.97 1.58 19.54
C VAL D 342 -20.66 0.56 20.43
N MET D 343 -19.94 0.10 21.46
CA MET D 343 -20.53 -0.80 22.44
C MET D 343 -21.51 -0.08 23.35
N ALA D 344 -21.27 1.21 23.59
CA ALA D 344 -22.21 1.98 24.38
C ALA D 344 -23.50 2.22 23.61
N LEU D 345 -23.41 2.23 22.30
CA LEU D 345 -24.53 2.52 21.42
C LEU D 345 -25.28 1.26 21.02
N VAL D 346 -24.90 0.11 21.55
CA VAL D 346 -25.49 -1.15 21.09
C VAL D 346 -27.02 -1.20 21.32
N PRO D 347 -27.62 -0.49 22.28
CA PRO D 347 -29.10 -0.55 22.31
C PRO D 347 -29.74 0.02 21.06
N TRP D 348 -29.06 0.96 20.40
CA TRP D 348 -29.59 1.63 19.22
C TRP D 348 -29.02 1.06 17.94
N LEU D 349 -28.06 0.13 18.04
CA LEU D 349 -27.51 -0.54 16.88
C LEU D 349 -28.12 -1.91 16.70
N ASP D 350 -28.52 -2.54 17.81
CA ASP D 350 -29.22 -3.81 17.76
C ASP D 350 -30.66 -3.48 17.43
N THR D 351 -31.02 -3.73 16.19
CA THR D 351 -32.33 -3.35 15.67
C THR D 351 -33.35 -4.47 15.80
N SER D 352 -32.97 -5.59 16.38
CA SER D 352 -33.88 -6.71 16.57
C SER D 352 -34.83 -6.42 17.75
N PRO D 353 -36.13 -6.76 17.62
CA PRO D 353 -37.07 -6.58 18.75
C PRO D 353 -37.04 -7.72 19.77
N VAL D 354 -36.31 -8.79 19.45
CA VAL D 354 -36.16 -9.96 20.32
C VAL D 354 -35.13 -9.64 21.40
N ARG D 355 -35.53 -9.80 22.66
CA ARG D 355 -34.64 -9.41 23.75
C ARG D 355 -33.48 -10.39 23.87
N SER D 356 -33.78 -11.65 24.18
CA SER D 356 -32.74 -12.64 24.45
C SER D 356 -32.08 -13.22 23.22
N GLY D 357 -30.74 -13.24 23.22
CA GLY D 357 -30.00 -13.86 22.14
C GLY D 357 -30.17 -15.37 22.10
N ARG D 358 -30.75 -15.95 23.16
CA ARG D 358 -31.00 -17.38 23.22
C ARG D 358 -31.94 -17.83 22.09
N TYR D 359 -32.81 -16.95 21.62
CA TYR D 359 -33.80 -17.27 20.61
C TYR D 359 -33.51 -16.59 19.27
N ARG D 360 -32.23 -16.29 19.03
CA ARG D 360 -31.76 -15.63 17.81
C ARG D 360 -30.67 -16.50 17.16
N PRO D 361 -31.05 -17.41 16.24
CA PRO D 361 -30.06 -18.37 15.70
C PRO D 361 -28.85 -17.74 15.03
N MET D 362 -29.03 -16.73 14.18
CA MET D 362 -27.87 -16.12 13.53
C MET D 362 -27.05 -15.29 14.52
N PHE D 363 -27.73 -14.59 15.43
CA PHE D 363 -27.04 -13.76 16.43
C PHE D 363 -26.04 -14.57 17.26
N LYS D 364 -26.41 -15.79 17.68
CA LYS D 364 -25.51 -16.59 18.51
C LYS D 364 -24.14 -16.72 17.86
N ILE D 365 -24.11 -16.95 16.55
CA ILE D 365 -22.85 -17.11 15.82
C ILE D 365 -22.00 -15.85 15.98
N TYR D 366 -22.59 -14.69 15.66
CA TYR D 366 -21.80 -13.46 15.66
C TYR D 366 -21.45 -13.07 17.08
N PHE D 367 -22.29 -13.45 18.04
CA PHE D 367 -21.96 -13.16 19.41
C PHE D 367 -20.77 -13.98 19.86
N TRP D 368 -20.78 -15.28 19.59
CA TRP D 368 -19.68 -16.10 20.05
C TRP D 368 -18.38 -15.79 19.29
N LEU D 369 -18.50 -15.29 18.07
CA LEU D 369 -17.30 -14.79 17.39
C LEU D 369 -16.76 -13.57 18.11
N LEU D 370 -17.65 -12.73 18.62
CA LEU D 370 -17.20 -11.54 19.33
C LEU D 370 -16.49 -11.94 20.61
N ALA D 371 -17.01 -12.94 21.32
CA ALA D 371 -16.33 -13.39 22.53
C ALA D 371 -14.95 -13.93 22.17
N ALA D 372 -14.89 -14.76 21.13
CA ALA D 372 -13.58 -15.25 20.68
C ALA D 372 -12.70 -14.08 20.22
N ASP D 373 -13.30 -13.12 19.53
CA ASP D 373 -12.55 -11.96 19.07
C ASP D 373 -11.95 -11.20 20.24
N PHE D 374 -12.71 -11.08 21.33
CA PHE D 374 -12.23 -10.34 22.48
C PHE D 374 -11.04 -11.05 23.09
N VAL D 375 -11.12 -12.38 23.17
CA VAL D 375 -9.99 -13.16 23.65
C VAL D 375 -8.82 -13.03 22.69
N ILE D 376 -9.09 -13.09 21.38
CA ILE D 376 -8.02 -12.93 20.41
C ILE D 376 -7.38 -11.55 20.57
N LEU D 377 -8.23 -10.52 20.63
CA LEU D 377 -7.77 -9.15 20.84
C LEU D 377 -6.92 -9.01 22.09
N THR D 378 -7.32 -9.67 23.19
CA THR D 378 -6.52 -9.62 24.41
C THR D 378 -5.15 -10.22 24.15
N TRP D 379 -5.12 -11.34 23.44
CA TRP D 379 -3.89 -12.05 23.19
C TRP D 379 -2.95 -11.27 22.25
N VAL D 380 -3.46 -10.71 21.15
CA VAL D 380 -2.57 -9.98 20.24
C VAL D 380 -2.05 -8.70 20.87
N GLY D 381 -2.80 -8.10 21.79
CA GLY D 381 -2.31 -6.90 22.45
C GLY D 381 -0.94 -7.05 23.10
N ALA D 382 -0.62 -8.25 23.59
CA ALA D 382 0.64 -8.51 24.25
C ALA D 382 1.72 -8.96 23.30
N GLN D 383 1.42 -9.13 21.99
CA GLN D 383 2.40 -9.56 21.01
C GLN D 383 3.04 -8.36 20.33
N GLN D 384 4.07 -8.65 19.56
CA GLN D 384 4.70 -7.63 18.77
C GLN D 384 3.78 -7.26 17.61
N THR D 385 4.11 -6.15 16.96
CA THR D 385 3.33 -5.63 15.85
C THR D 385 3.84 -6.15 14.51
N THR D 386 4.73 -7.15 14.51
CA THR D 386 5.22 -7.70 13.26
C THR D 386 4.21 -8.66 12.66
N PHE D 387 4.45 -9.04 11.41
CA PHE D 387 3.63 -10.05 10.76
C PHE D 387 3.75 -11.37 11.52
N PRO D 388 2.66 -12.13 11.72
CA PRO D 388 1.27 -11.91 11.26
C PRO D 388 0.40 -11.17 12.25
N TYR D 389 0.97 -10.88 13.43
CA TYR D 389 0.17 -10.27 14.49
C TYR D 389 -0.42 -8.95 14.03
N ASP D 390 0.28 -8.23 13.15
CA ASP D 390 -0.25 -6.99 12.59
C ASP D 390 -1.53 -7.26 11.82
N TRP D 391 -1.59 -8.37 11.10
CA TRP D 391 -2.82 -8.71 10.41
C TRP D 391 -3.85 -9.27 11.38
N ILE D 392 -3.41 -10.15 12.30
CA ILE D 392 -4.33 -10.73 13.29
C ILE D 392 -5.03 -9.62 14.06
N SER D 393 -4.31 -8.56 14.37
CA SER D 393 -4.94 -7.48 15.12
C SER D 393 -5.83 -6.67 14.22
N LEU D 394 -5.55 -6.63 12.91
CA LEU D 394 -6.42 -5.93 11.97
C LEU D 394 -7.73 -6.68 11.77
N ILE D 395 -7.69 -8.00 11.62
CA ILE D 395 -8.93 -8.78 11.48
C ILE D 395 -9.76 -8.70 12.77
N ALA D 396 -9.08 -8.80 13.92
CA ALA D 396 -9.76 -8.76 15.20
C ALA D 396 -10.41 -7.41 15.46
N SER D 397 -9.68 -6.31 15.19
CA SER D 397 -10.27 -4.98 15.37
C SER D 397 -11.44 -4.82 14.43
N ALA D 398 -11.29 -5.32 13.21
CA ALA D 398 -12.33 -5.19 12.19
C ALA D 398 -13.64 -5.85 12.60
N TYR D 399 -13.57 -7.05 13.18
CA TYR D 399 -14.81 -7.73 13.52
C TYR D 399 -15.57 -7.00 14.61
N TRP D 400 -14.87 -6.40 15.57
CA TRP D 400 -15.52 -5.70 16.67
C TRP D 400 -16.45 -4.61 16.12
N PHE D 401 -15.98 -3.80 15.18
CA PHE D 401 -16.83 -2.74 14.64
C PHE D 401 -17.88 -3.34 13.72
N ALA D 402 -17.57 -4.44 13.05
CA ALA D 402 -18.56 -5.03 12.17
C ALA D 402 -19.74 -5.55 12.98
N TYR D 403 -19.47 -6.15 14.14
CA TYR D 403 -20.54 -6.68 14.97
C TYR D 403 -21.53 -5.60 15.35
N PHE D 404 -21.04 -4.48 15.87
CA PHE D 404 -21.94 -3.45 16.37
C PHE D 404 -22.51 -2.58 15.26
N LEU D 405 -21.71 -2.27 14.23
CA LEU D 405 -22.10 -1.27 13.23
C LEU D 405 -22.77 -1.84 11.98
N VAL D 406 -22.58 -3.13 11.69
CA VAL D 406 -23.13 -3.71 10.46
C VAL D 406 -24.02 -4.89 10.76
N ILE D 407 -23.48 -5.91 11.45
CA ILE D 407 -24.23 -7.15 11.67
C ILE D 407 -25.47 -6.88 12.50
N LEU D 408 -25.31 -6.26 13.67
CA LEU D 408 -26.45 -6.09 14.58
C LEU D 408 -27.54 -5.27 13.92
N PRO D 409 -27.24 -4.15 13.25
CA PRO D 409 -28.31 -3.45 12.52
C PRO D 409 -28.96 -4.31 11.44
N ILE D 410 -28.12 -5.04 10.70
CA ILE D 410 -28.61 -5.88 9.62
C ILE D 410 -29.37 -7.07 10.18
N LEU D 411 -28.86 -7.66 11.25
CA LEU D 411 -29.49 -8.84 11.80
C LEU D 411 -30.93 -8.56 12.21
N GLY D 412 -31.18 -7.37 12.74
CA GLY D 412 -32.53 -7.09 13.19
C GLY D 412 -33.53 -6.93 12.07
N ALA D 413 -33.08 -6.94 10.82
CA ALA D 413 -33.94 -6.77 9.66
C ALA D 413 -33.87 -7.96 8.71
N ILE D 414 -33.39 -9.11 9.19
CA ILE D 414 -33.20 -10.32 8.37
C ILE D 414 -33.52 -11.57 9.17
N GLU D 415 -33.10 -11.61 10.43
CA GLU D 415 -33.19 -12.79 11.27
C GLU D 415 -34.61 -13.28 11.45
N LYS D 416 -34.75 -14.61 11.57
CA LYS D 416 -35.99 -15.30 11.91
C LYS D 416 -35.93 -15.90 13.31
N PRO D 417 -36.41 -15.19 14.34
CA PRO D 417 -36.26 -15.68 15.72
C PRO D 417 -37.17 -16.84 16.09
N VAL D 418 -36.74 -17.60 17.11
CA VAL D 418 -37.54 -18.68 17.65
C VAL D 418 -38.54 -18.09 18.64
N ALA D 419 -39.68 -18.77 18.80
CA ALA D 419 -40.66 -18.30 19.76
C ALA D 419 -40.11 -18.45 21.16
N PRO D 420 -40.10 -17.40 21.99
CA PRO D 420 -39.70 -17.57 23.40
C PRO D 420 -40.83 -18.21 24.19
N PRO D 421 -40.58 -18.58 25.44
CA PRO D 421 -41.65 -19.10 26.28
C PRO D 421 -42.73 -18.06 26.48
N ALA D 422 -43.91 -18.55 26.84
CA ALA D 422 -45.02 -17.66 27.14
C ALA D 422 -44.75 -16.85 28.39
N THR D 423 -44.16 -17.48 29.40
CA THR D 423 -43.91 -16.86 30.69
C THR D 423 -42.60 -17.41 31.25
N ILE D 424 -42.12 -16.74 32.30
CA ILE D 424 -40.96 -17.17 33.08
C ILE D 424 -41.27 -18.51 33.78
N GLU D 425 -42.53 -18.64 34.24
CA GLU D 425 -43.00 -19.85 34.91
C GLU D 425 -42.83 -21.09 34.04
N GLU D 426 -43.17 -20.99 32.76
CA GLU D 426 -43.04 -22.12 31.85
C GLU D 426 -41.61 -22.64 31.79
N ASP D 427 -40.63 -21.74 31.66
CA ASP D 427 -39.23 -22.14 31.54
C ASP D 427 -38.74 -22.81 32.81
N PHE D 428 -39.15 -22.31 33.97
CA PHE D 428 -38.68 -22.88 35.25
C PHE D 428 -39.15 -24.32 35.46
N ASN D 429 -40.45 -24.59 35.24
CA ASN D 429 -41.00 -25.93 35.43
C ASN D 429 -40.34 -26.95 34.51
N ALA D 430 -39.92 -26.53 33.31
CA ALA D 430 -39.22 -27.46 32.44
C ALA D 430 -37.83 -27.82 32.96
N HIS D 431 -37.36 -27.17 34.04
CA HIS D 431 -36.07 -27.48 34.69
C HIS D 431 -36.29 -27.93 36.16
N ALA E 1 15.22 -7.42 22.18
CA ALA E 1 15.41 -8.54 23.15
C ALA E 1 14.23 -9.50 23.10
N GLY E 2 14.22 -10.47 24.00
CA GLY E 2 13.17 -11.47 24.05
C GLY E 2 13.33 -12.35 25.28
N GLY E 3 12.55 -13.44 25.32
CA GLY E 3 12.69 -14.45 26.34
C GLY E 3 13.52 -15.63 25.86
N GLY E 4 13.90 -16.47 26.82
CA GLY E 4 14.75 -17.61 26.54
C GLY E 4 14.58 -18.77 27.51
N HIS E 5 15.44 -19.78 27.39
CA HIS E 5 15.37 -21.00 28.19
C HIS E 5 16.15 -20.88 29.50
N VAL E 6 15.54 -21.34 30.59
CA VAL E 6 16.15 -21.44 31.90
C VAL E 6 16.14 -22.88 32.39
N GLU E 7 17.13 -23.23 33.21
CA GLU E 7 17.22 -24.54 33.83
C GLU E 7 16.19 -24.64 34.95
N ASP E 8 15.30 -25.64 34.85
CA ASP E 8 14.20 -25.81 35.80
C ASP E 8 14.78 -26.41 37.09
N VAL E 9 15.13 -25.53 38.03
CA VAL E 9 15.68 -25.94 39.33
C VAL E 9 14.53 -26.35 40.25
N PRO E 10 14.67 -27.41 41.08
CA PRO E 10 13.62 -27.71 42.06
C PRO E 10 13.87 -27.00 43.38
N PHE E 11 13.45 -25.75 43.49
CA PHE E 11 13.64 -25.02 44.72
C PHE E 11 12.63 -25.47 45.75
N SER E 12 13.07 -25.49 47.01
CA SER E 12 12.21 -25.93 48.09
C SER E 12 10.99 -25.04 48.24
N PHE E 13 11.12 -23.77 47.94
CA PHE E 13 10.03 -22.84 48.19
C PHE E 13 8.92 -22.91 47.16
N GLU E 14 9.05 -23.74 46.13
CA GLU E 14 8.05 -23.82 45.08
C GLU E 14 6.98 -24.84 45.46
N GLY E 15 5.79 -24.65 44.88
CA GLY E 15 4.63 -25.45 45.22
C GLY E 15 3.84 -24.84 46.35
N PRO E 16 2.55 -25.16 46.45
CA PRO E 16 1.74 -24.52 47.50
C PRO E 16 2.20 -24.83 48.92
N PHE E 17 2.79 -25.99 49.16
CA PHE E 17 3.30 -26.36 50.47
C PHE E 17 4.80 -26.13 50.56
N GLY E 18 5.37 -25.43 49.59
CA GLY E 18 6.80 -25.18 49.57
C GLY E 18 7.25 -24.20 50.65
N THR E 19 8.45 -24.45 51.18
CA THR E 19 9.04 -23.60 52.20
C THR E 19 10.54 -23.45 51.97
N PHE E 20 11.09 -22.34 52.49
CA PHE E 20 12.51 -22.08 52.41
C PHE E 20 13.32 -23.07 53.24
N ASP E 21 14.49 -23.46 52.73
CA ASP E 21 15.44 -24.24 53.51
C ASP E 21 16.36 -23.27 54.25
N GLN E 22 16.28 -23.25 55.58
CA GLN E 22 16.97 -22.25 56.40
C GLN E 22 18.47 -22.28 56.14
N HIS E 23 19.08 -23.47 56.10
CA HIS E 23 20.52 -23.55 55.85
C HIS E 23 20.88 -23.07 54.45
N GLN E 24 20.03 -23.36 53.45
CA GLN E 24 20.30 -22.87 52.11
C GLN E 24 20.31 -21.35 52.09
N LEU E 25 19.35 -20.72 52.78
CA LEU E 25 19.32 -19.26 52.80
C LEU E 25 20.56 -18.69 53.45
N GLN E 26 21.08 -19.38 54.47
CA GLN E 26 22.30 -18.93 55.11
C GLN E 26 23.49 -19.07 54.18
N ARG E 27 23.57 -20.19 53.43
CA ARG E 27 24.62 -20.33 52.44
C ARG E 27 24.50 -19.25 51.38
N GLY E 28 23.30 -18.96 50.94
CA GLY E 28 23.13 -17.90 49.96
C GLY E 28 23.54 -16.55 50.50
N LEU E 29 23.28 -16.32 51.79
CA LEU E 29 23.67 -15.06 52.41
C LEU E 29 25.17 -14.92 52.43
N GLN E 30 25.87 -16.03 52.66
CA GLN E 30 27.33 -16.03 52.64
C GLN E 30 27.84 -15.72 51.24
N VAL E 31 27.22 -16.31 50.21
CA VAL E 31 27.61 -16.03 48.83
C VAL E 31 27.38 -14.57 48.51
N TYR E 32 26.20 -14.03 48.86
CA TYR E 32 25.95 -12.64 48.56
C TYR E 32 26.98 -11.72 49.21
N THR E 33 27.31 -11.96 50.48
CA THR E 33 28.21 -11.05 51.18
C THR E 33 29.62 -11.12 50.61
N GLU E 34 30.07 -12.33 50.29
CA GLU E 34 31.45 -12.58 49.90
C GLU E 34 31.72 -12.38 48.41
N VAL E 35 30.69 -12.41 47.56
CA VAL E 35 30.87 -12.32 46.11
C VAL E 35 30.08 -11.15 45.55
N CYS E 36 28.76 -11.25 45.63
CA CYS E 36 27.89 -10.31 44.95
C CYS E 36 28.01 -8.91 45.54
N ALA E 37 28.15 -8.80 46.86
CA ALA E 37 28.08 -7.51 47.55
C ALA E 37 29.13 -6.53 47.08
N ALA E 38 30.22 -7.03 46.46
CA ALA E 38 31.28 -6.19 45.91
C ALA E 38 30.75 -5.22 44.87
N CYS E 39 29.68 -5.60 44.16
CA CYS E 39 29.07 -4.79 43.11
C CYS E 39 27.60 -4.50 43.37
N HIS E 40 26.84 -5.49 43.83
CA HIS E 40 25.40 -5.38 44.01
C HIS E 40 25.00 -5.03 45.44
N GLY E 41 23.99 -4.18 45.57
CA GLY E 41 23.40 -3.84 46.85
C GLY E 41 22.02 -4.46 46.99
N MET E 42 21.44 -4.27 48.20
CA MET E 42 20.04 -4.67 48.47
C MET E 42 19.32 -3.59 49.27
N LYS E 43 19.11 -2.45 48.63
CA LYS E 43 18.72 -1.23 49.31
C LYS E 43 17.33 -1.30 49.95
N PHE E 44 16.53 -2.31 49.62
CA PHE E 44 15.19 -2.45 50.17
C PHE E 44 15.13 -3.49 51.31
N VAL E 45 16.22 -4.20 51.59
CA VAL E 45 16.22 -5.23 52.62
C VAL E 45 16.71 -4.66 53.95
N PRO E 46 15.88 -4.61 54.99
CA PRO E 46 16.40 -4.23 56.31
C PRO E 46 17.28 -5.37 56.81
N ILE E 47 18.44 -5.00 57.35
CA ILE E 47 19.38 -6.00 57.83
C ILE E 47 18.77 -6.86 58.93
N ARG E 48 17.87 -6.28 59.74
CA ARG E 48 17.26 -7.00 60.85
C ARG E 48 16.49 -8.23 60.36
N SER E 49 16.11 -8.26 59.08
CA SER E 49 15.31 -9.37 58.58
C SER E 49 16.10 -10.67 58.49
N LEU E 50 17.42 -10.63 58.66
CA LEU E 50 18.15 -11.88 58.72
C LEU E 50 17.78 -12.69 59.94
N SER E 51 17.19 -12.07 60.97
CA SER E 51 16.73 -12.77 62.15
C SER E 51 15.25 -13.17 62.08
N GLU E 52 14.43 -12.44 61.29
CA GLU E 52 12.99 -12.68 61.29
C GLU E 52 12.67 -14.11 60.88
N PRO E 53 11.59 -14.67 61.43
CA PRO E 53 11.21 -16.04 61.05
C PRO E 53 10.78 -16.10 59.60
N GLY E 54 11.08 -17.22 58.97
CA GLY E 54 10.78 -17.43 57.58
C GLY E 54 11.91 -17.03 56.66
N GLY E 55 13.12 -16.89 57.21
CA GLY E 55 14.28 -16.51 56.48
C GLY E 55 15.50 -17.26 56.99
N PRO E 56 16.67 -16.63 56.88
CA PRO E 56 17.86 -17.27 57.44
C PRO E 56 17.74 -17.49 58.93
N GLU E 57 16.98 -16.67 59.62
CA GLU E 57 16.78 -16.78 61.07
C GLU E 57 18.13 -16.88 61.79
N LEU E 58 18.94 -15.86 61.61
CA LEU E 58 20.18 -15.82 62.35
C LEU E 58 19.90 -15.27 63.74
N PRO E 59 20.61 -15.73 64.77
CA PRO E 59 20.46 -15.11 66.10
C PRO E 59 20.76 -13.62 66.06
N GLU E 60 20.04 -12.85 66.89
CA GLU E 60 20.14 -11.39 66.82
C GLU E 60 21.52 -10.90 67.16
N ASP E 61 22.29 -11.67 67.91
CA ASP E 61 23.66 -11.25 68.18
C ASP E 61 24.52 -11.40 66.93
N GLN E 62 24.33 -12.50 66.17
CA GLN E 62 25.05 -12.64 64.90
C GLN E 62 24.69 -11.54 63.92
N VAL E 63 23.40 -11.22 63.82
CA VAL E 63 22.94 -10.20 62.88
C VAL E 63 23.51 -8.85 63.28
N ARG E 64 23.59 -8.60 64.59
CA ARG E 64 24.13 -7.36 65.10
C ARG E 64 25.59 -7.25 64.72
N ALA E 65 26.31 -8.37 64.79
CA ALA E 65 27.70 -8.40 64.38
C ALA E 65 27.85 -8.22 62.88
N TYR E 66 26.94 -8.81 62.09
CA TYR E 66 27.03 -8.69 60.63
C TYR E 66 26.83 -7.25 60.19
N ALA E 67 25.86 -6.57 60.78
CA ALA E 67 25.57 -5.19 60.38
C ALA E 67 26.74 -4.24 60.59
N THR E 68 27.67 -4.56 61.50
CA THR E 68 28.76 -3.63 61.83
C THR E 68 29.64 -3.36 60.62
N GLN E 69 29.85 -4.34 59.75
CA GLN E 69 30.81 -4.19 58.68
C GLN E 69 30.44 -3.05 57.73
N PHE E 70 29.17 -2.68 57.69
CA PHE E 70 28.74 -1.63 56.78
C PHE E 70 28.97 -0.27 57.42
N THR E 71 29.42 0.69 56.61
CA THR E 71 29.56 2.09 57.02
C THR E 71 28.35 2.87 56.53
N VAL E 72 27.54 3.31 57.49
CA VAL E 72 26.28 4.01 57.25
C VAL E 72 26.45 5.47 57.65
N THR E 73 25.88 6.37 56.85
CA THR E 73 25.82 7.80 57.20
C THR E 73 24.56 8.05 58.03
N ASP E 74 24.73 8.41 59.30
CA ASP E 74 23.56 8.69 60.12
C ASP E 74 22.82 9.90 59.55
N GLU E 75 21.49 9.85 59.53
CA GLU E 75 20.73 10.92 58.89
C GLU E 75 20.79 12.24 59.66
N GLU E 76 20.48 12.21 60.95
CA GLU E 76 20.58 13.44 61.76
C GLU E 76 22.03 13.88 61.94
N THR E 77 22.90 13.00 62.42
CA THR E 77 24.28 13.38 62.72
C THR E 77 25.02 13.79 61.45
N GLY E 78 24.80 13.06 60.36
CA GLY E 78 25.50 13.29 59.12
C GLY E 78 26.88 12.70 59.07
N GLU E 79 27.40 12.17 60.18
CA GLU E 79 28.71 11.55 60.21
C GLU E 79 28.55 10.04 60.02
N ASP E 80 29.60 9.41 59.52
CA ASP E 80 29.57 7.97 59.24
C ASP E 80 29.61 7.17 60.54
N ARG E 81 29.07 5.95 60.50
CA ARG E 81 29.07 5.07 61.67
C ARG E 81 28.96 3.63 61.20
N GLU E 82 29.13 2.69 62.15
CA GLU E 82 28.94 1.27 61.89
C GLU E 82 27.47 0.97 61.65
N GLY E 83 27.20 -0.10 60.89
CA GLY E 83 25.83 -0.43 60.58
C GLY E 83 25.12 -1.09 61.76
N LYS E 84 23.82 -0.85 61.81
CA LYS E 84 22.94 -1.47 62.76
C LYS E 84 21.99 -2.42 62.03
N PRO E 85 21.30 -3.29 62.76
CA PRO E 85 20.26 -4.10 62.10
C PRO E 85 19.10 -3.27 61.54
N THR E 86 18.84 -2.07 62.06
CA THR E 86 17.75 -1.25 61.53
C THR E 86 18.09 -0.59 60.21
N ASP E 87 19.34 -0.62 59.81
CA ASP E 87 19.75 -0.08 58.54
C ASP E 87 19.45 -1.09 57.46
N HIS E 88 19.26 -0.57 56.25
CA HIS E 88 19.17 -1.42 55.08
C HIS E 88 20.58 -1.80 54.59
N PHE E 89 20.65 -2.87 53.81
CA PHE E 89 21.87 -3.16 53.07
C PHE E 89 22.24 -1.98 52.18
N PRO E 90 23.51 -1.80 51.89
CA PRO E 90 23.92 -0.64 51.08
C PRO E 90 23.44 -0.72 49.64
N HIS E 91 23.50 0.44 48.98
CA HIS E 91 23.29 0.53 47.55
C HIS E 91 24.39 -0.21 46.81
N SER E 92 24.13 -0.46 45.52
CA SER E 92 25.16 -1.07 44.66
C SER E 92 26.41 -0.19 44.59
N ALA E 93 27.57 -0.80 44.88
CA ALA E 93 28.84 -0.09 44.74
C ALA E 93 29.11 0.28 43.29
N LEU E 94 28.74 -0.60 42.37
CA LEU E 94 28.95 -0.39 40.94
C LEU E 94 27.70 0.21 40.32
N GLU E 95 27.87 1.37 39.69
CA GLU E 95 26.75 2.21 39.31
C GLU E 95 25.78 1.51 38.35
N ASN E 96 26.29 0.69 37.43
CA ASN E 96 25.44 -0.01 36.47
C ASN E 96 25.12 -1.45 36.92
N ALA E 97 25.46 -1.81 38.17
CA ALA E 97 25.05 -3.09 38.76
C ALA E 97 23.66 -2.96 39.39
N PRO E 98 22.63 -3.63 38.87
CA PRO E 98 21.29 -3.43 39.41
C PRO E 98 21.16 -3.90 40.85
N ASP E 99 20.25 -3.27 41.57
CA ASP E 99 19.93 -3.69 42.91
C ASP E 99 19.28 -5.07 42.93
N LEU E 100 19.69 -5.92 43.88
CA LEU E 100 19.23 -7.30 43.93
C LEU E 100 18.12 -7.54 44.94
N SER E 101 17.61 -6.47 45.58
CA SER E 101 16.54 -6.65 46.57
C SER E 101 15.37 -7.41 45.99
N LEU E 102 14.96 -7.04 44.77
CA LEU E 102 13.75 -7.58 44.13
C LEU E 102 14.05 -8.31 42.84
N MET E 103 15.31 -8.68 42.62
CA MET E 103 15.69 -9.29 41.37
C MET E 103 14.94 -10.60 41.12
N ALA E 104 14.74 -11.43 42.15
CA ALA E 104 14.09 -12.72 41.91
C ALA E 104 12.61 -12.59 41.53
N LYS E 105 12.03 -11.39 41.65
CA LYS E 105 10.66 -11.13 41.21
C LYS E 105 10.58 -10.19 40.01
N ALA E 106 11.67 -9.46 39.72
CA ALA E 106 11.77 -8.50 38.62
C ALA E 106 12.26 -9.14 37.32
N ARG E 107 12.40 -10.46 37.31
CA ARG E 107 12.83 -11.21 36.15
C ARG E 107 11.91 -12.39 35.96
N ALA E 108 11.57 -12.68 34.71
CA ALA E 108 10.83 -13.89 34.37
C ALA E 108 11.72 -14.86 33.63
N GLY E 109 11.76 -16.10 34.12
CA GLY E 109 12.56 -17.14 33.50
C GLY E 109 11.73 -18.00 32.55
N PHE E 110 10.42 -18.06 32.76
CA PHE E 110 9.51 -18.86 31.93
C PHE E 110 8.64 -17.87 31.13
N HIS E 111 8.56 -18.07 29.83
CA HIS E 111 7.80 -17.21 28.94
C HIS E 111 7.00 -18.10 28.01
N GLY E 112 6.13 -17.46 27.24
CA GLY E 112 5.44 -18.20 26.23
C GLY E 112 4.39 -19.22 26.70
N PRO E 113 4.04 -20.17 25.80
CA PRO E 113 4.58 -20.33 24.44
C PRO E 113 4.12 -19.30 23.41
N MET E 114 2.90 -19.32 22.90
CA MET E 114 2.49 -18.32 21.91
C MET E 114 1.97 -17.08 22.59
N GLY E 115 2.59 -16.71 23.71
CA GLY E 115 2.16 -15.57 24.51
C GLY E 115 0.77 -15.87 25.01
N THR E 116 0.54 -17.13 25.36
CA THR E 116 -0.70 -17.62 25.96
C THR E 116 -0.62 -17.61 27.47
N GLY E 117 0.60 -17.58 28.01
CA GLY E 117 0.82 -17.53 29.43
C GLY E 117 0.65 -18.85 30.12
N ILE E 118 0.49 -19.94 29.37
CA ILE E 118 0.33 -21.25 29.99
C ILE E 118 1.61 -21.71 30.67
N SER E 119 2.78 -21.31 30.16
CA SER E 119 4.06 -21.74 30.74
C SER E 119 4.25 -21.22 32.16
N GLN E 120 3.99 -19.94 32.39
CA GLN E 120 4.12 -19.41 33.74
C GLN E 120 3.04 -19.98 34.66
N LEU E 121 1.86 -20.29 34.12
CA LEU E 121 0.76 -20.78 34.95
C LEU E 121 1.10 -22.09 35.65
N PHE E 122 1.96 -22.89 35.04
CA PHE E 122 2.30 -24.20 35.58
C PHE E 122 3.71 -24.26 36.16
N ASN E 123 4.65 -23.46 35.66
CA ASN E 123 6.05 -23.50 36.08
C ASN E 123 6.47 -22.30 36.94
N GLY E 124 5.57 -21.35 37.17
CA GLY E 124 5.87 -20.15 37.89
C GLY E 124 6.53 -19.14 36.98
N ILE E 125 6.84 -17.97 37.55
CA ILE E 125 7.46 -16.91 36.77
C ILE E 125 8.90 -17.26 36.44
N GLY E 126 9.64 -17.84 37.40
CA GLY E 126 10.97 -18.38 37.14
C GLY E 126 12.12 -17.40 37.37
N GLY E 127 11.94 -16.45 38.26
CA GLY E 127 12.96 -15.49 38.55
C GLY E 127 14.17 -16.13 39.15
N PRO E 128 14.02 -16.92 40.22
CA PRO E 128 15.23 -17.57 40.78
C PRO E 128 15.84 -18.58 39.83
N GLU E 129 15.02 -19.20 38.98
CA GLU E 129 15.57 -20.06 37.92
C GLU E 129 16.41 -19.23 36.98
N TYR E 130 15.92 -18.04 36.63
CA TYR E 130 16.65 -17.15 35.74
C TYR E 130 17.98 -16.74 36.34
N ILE E 131 17.98 -16.28 37.58
CA ILE E 131 19.21 -15.91 38.26
C ILE E 131 20.19 -17.09 38.22
N TYR E 132 19.70 -18.28 38.56
CA TYR E 132 20.55 -19.48 38.53
C TYR E 132 21.14 -19.68 37.13
N SER E 133 20.32 -19.51 36.09
CA SER E 133 20.74 -19.73 34.72
C SER E 133 21.80 -18.72 34.29
N VAL E 134 21.69 -17.49 34.75
CA VAL E 134 22.69 -16.49 34.43
C VAL E 134 24.02 -16.83 35.12
N LEU E 135 23.96 -17.18 36.41
CA LEU E 135 25.20 -17.53 37.12
C LEU E 135 25.85 -18.77 36.54
N THR E 136 25.07 -19.65 35.92
CA THR E 136 25.55 -20.89 35.37
C THR E 136 25.97 -20.71 33.92
N GLY E 137 25.37 -19.74 33.24
CA GLY E 137 25.46 -19.64 31.80
C GLY E 137 26.62 -18.85 31.22
N PHE E 138 27.78 -18.88 31.87
CA PHE E 138 29.00 -18.29 31.33
C PHE E 138 29.87 -19.38 30.71
N PRO E 139 29.91 -19.55 29.39
CA PRO E 139 30.78 -20.57 28.78
C PRO E 139 32.20 -20.09 28.53
N GLU E 140 33.14 -21.03 28.56
CA GLU E 140 34.54 -20.65 28.34
C GLU E 140 34.79 -20.16 26.92
N GLU E 141 34.11 -20.77 25.91
CA GLU E 141 34.23 -20.30 24.53
C GLU E 141 32.96 -19.60 24.07
N PRO E 142 33.03 -18.46 23.39
CA PRO E 142 31.82 -17.86 22.87
C PRO E 142 31.30 -18.64 21.68
N PRO E 143 30.10 -18.31 21.21
CA PRO E 143 29.59 -18.95 19.98
C PRO E 143 30.48 -18.67 18.77
N LYS E 144 30.51 -19.66 17.88
CA LYS E 144 31.44 -19.64 16.75
C LYS E 144 31.28 -18.38 15.90
N CYS E 145 30.07 -17.79 15.87
CA CYS E 145 29.81 -16.64 15.02
C CYS E 145 30.54 -15.38 15.45
N ALA E 146 31.16 -15.36 16.64
CA ALA E 146 31.81 -14.15 17.09
C ALA E 146 33.24 -14.44 17.51
N GLU E 147 33.85 -15.45 16.88
CA GLU E 147 35.23 -15.81 17.21
C GLU E 147 36.06 -14.59 16.86
N GLY E 148 36.30 -13.71 17.83
CA GLY E 148 37.09 -12.51 17.62
C GLY E 148 36.29 -11.26 17.32
N HIS E 149 35.10 -11.11 17.89
CA HIS E 149 34.19 -9.99 17.64
C HIS E 149 33.48 -9.61 18.94
N GLU E 150 34.01 -10.04 20.08
CA GLU E 150 33.42 -9.76 21.38
C GLU E 150 33.53 -8.28 21.72
N PRO E 151 32.45 -7.60 22.10
CA PRO E 151 32.61 -6.21 22.55
C PRO E 151 33.50 -6.20 23.79
N ASP E 152 34.37 -5.21 23.86
CA ASP E 152 35.30 -5.13 24.99
C ASP E 152 34.54 -4.67 26.23
N GLY E 153 34.82 -5.36 27.34
CA GLY E 153 34.18 -5.09 28.60
C GLY E 153 32.88 -5.85 28.81
N PHE E 154 32.54 -6.76 27.89
CA PHE E 154 31.32 -7.57 27.96
C PHE E 154 31.67 -9.04 27.81
N TYR E 155 30.74 -9.90 28.20
CA TYR E 155 30.97 -11.34 28.30
C TYR E 155 29.73 -12.07 27.84
N TYR E 156 29.92 -13.14 27.05
CA TYR E 156 28.77 -13.89 26.57
C TYR E 156 28.14 -14.69 27.70
N ASN E 157 26.80 -14.61 27.81
CA ASN E 157 26.04 -15.37 28.78
C ASN E 157 24.84 -16.03 28.09
N ARG E 158 24.63 -17.33 28.37
CA ARG E 158 23.59 -18.11 27.68
C ARG E 158 22.19 -17.58 27.98
N ALA E 159 21.93 -17.15 29.21
CA ALA E 159 20.57 -16.82 29.63
C ALA E 159 20.23 -15.35 29.46
N PHE E 160 21.22 -14.46 29.45
CA PHE E 160 20.97 -13.03 29.30
C PHE E 160 20.51 -12.73 27.87
N GLN E 161 19.36 -12.07 27.73
CA GLN E 161 18.75 -11.84 26.43
C GLN E 161 18.71 -10.38 26.02
N ASN E 162 19.00 -9.45 26.93
CA ASN E 162 18.86 -8.02 26.67
C ASN E 162 20.18 -7.36 26.33
N GLY E 163 21.22 -8.15 26.09
CA GLY E 163 22.54 -7.64 25.80
C GLY E 163 22.77 -7.41 24.32
N SER E 164 23.87 -6.72 24.02
CA SER E 164 24.26 -6.47 22.64
C SER E 164 24.77 -7.75 22.01
N VAL E 165 24.84 -7.75 20.68
CA VAL E 165 25.28 -8.93 19.94
C VAL E 165 26.08 -8.48 18.72
N PRO E 166 27.25 -9.07 18.44
CA PRO E 166 28.02 -8.69 17.24
C PRO E 166 27.21 -8.80 15.94
N ASP E 167 27.61 -7.98 14.97
CA ASP E 167 26.94 -7.97 13.68
C ASP E 167 26.96 -9.35 13.02
N THR E 168 28.01 -10.14 13.25
CA THR E 168 28.20 -11.48 12.65
C THR E 168 27.29 -12.56 13.24
N CYS E 169 26.50 -12.26 14.26
CA CYS E 169 25.64 -13.21 14.94
C CYS E 169 24.17 -12.97 14.64
N LYS E 170 23.87 -12.16 13.63
CA LYS E 170 22.52 -11.88 13.21
C LYS E 170 22.29 -12.45 11.82
N ASP E 171 21.04 -12.84 11.53
CA ASP E 171 20.67 -13.37 10.22
C ASP E 171 20.39 -12.21 9.24
N ALA E 172 19.89 -12.53 8.04
CA ALA E 172 19.64 -11.50 7.04
C ALA E 172 18.58 -10.48 7.45
N ASN E 173 17.69 -10.82 8.37
CA ASN E 173 16.68 -9.89 8.89
C ASN E 173 17.06 -9.26 10.24
N GLY E 174 18.28 -9.51 10.75
CA GLY E 174 18.79 -8.88 11.95
C GLY E 174 18.46 -9.51 13.29
N VAL E 175 17.78 -10.65 13.34
CA VAL E 175 17.48 -11.31 14.61
C VAL E 175 18.67 -12.15 15.05
N LYS E 176 18.96 -12.13 16.35
CA LYS E 176 20.16 -12.77 16.83
C LYS E 176 20.03 -14.29 16.75
N THR E 177 21.14 -14.94 16.43
CA THR E 177 21.21 -16.38 16.29
C THR E 177 21.50 -17.08 17.63
N THR E 178 22.25 -16.42 18.50
CA THR E 178 22.74 -17.00 19.75
C THR E 178 21.64 -17.20 20.79
N ALA E 179 21.86 -18.21 21.64
CA ALA E 179 20.94 -18.48 22.74
C ALA E 179 20.85 -17.30 23.68
N GLY E 180 21.98 -16.63 23.92
CA GLY E 180 22.02 -15.47 24.80
C GLY E 180 22.56 -14.20 24.18
N SER E 181 23.25 -13.39 24.97
CA SER E 181 23.84 -12.13 24.49
C SER E 181 24.93 -11.71 25.46
N TRP E 182 25.51 -10.52 25.23
CA TRP E 182 26.68 -10.07 25.98
C TRP E 182 26.29 -9.16 27.14
N ILE E 183 26.73 -9.56 28.33
CA ILE E 183 26.40 -8.95 29.60
C ILE E 183 27.64 -8.27 30.14
N ALA E 184 27.44 -7.16 30.85
CA ALA E 184 28.56 -6.41 31.43
C ALA E 184 29.06 -7.04 32.73
N MET E 185 28.38 -8.07 33.24
CA MET E 185 28.81 -8.75 34.46
C MET E 185 29.82 -9.85 34.13
N PRO E 186 31.06 -9.78 34.63
CA PRO E 186 31.97 -10.92 34.46
C PRO E 186 31.48 -12.14 35.23
N PRO E 187 31.85 -13.34 34.80
CA PRO E 187 31.43 -14.57 35.53
C PRO E 187 31.79 -14.48 37.00
N PRO E 188 30.81 -14.37 37.90
CA PRO E 188 31.16 -14.13 39.31
C PRO E 188 31.59 -15.36 40.11
N LEU E 189 31.16 -16.57 39.72
CA LEU E 189 31.39 -17.77 40.53
C LEU E 189 32.54 -18.60 39.98
N MET E 190 32.99 -19.55 40.81
CA MET E 190 34.05 -20.49 40.50
C MET E 190 34.13 -21.48 41.64
N ASP E 191 34.40 -22.75 41.30
CA ASP E 191 34.37 -23.84 42.27
C ASP E 191 35.12 -23.52 43.56
N ASP E 192 34.41 -23.66 44.67
CA ASP E 192 34.95 -23.48 46.02
C ASP E 192 35.47 -22.06 46.23
N LEU E 193 34.77 -21.07 45.65
CA LEU E 193 35.11 -19.68 45.93
C LEU E 193 34.68 -19.31 47.35
N VAL E 194 33.69 -20.02 47.87
CA VAL E 194 33.17 -19.80 49.22
C VAL E 194 33.39 -21.09 50.01
N GLU E 195 33.76 -20.95 51.29
CA GLU E 195 34.01 -22.08 52.18
C GLU E 195 32.83 -22.11 53.13
N TYR E 196 31.84 -22.94 52.83
CA TYR E 196 30.67 -23.09 53.69
C TYR E 196 31.00 -23.76 55.02
N ALA E 197 30.38 -23.25 56.09
CA ALA E 197 30.69 -23.73 57.42
C ALA E 197 30.21 -25.16 57.61
N ASP E 198 29.01 -25.49 57.10
CA ASP E 198 28.46 -26.85 57.27
C ASP E 198 29.06 -27.86 56.31
N GLY E 199 30.05 -27.47 55.50
CA GLY E 199 30.72 -28.35 54.57
C GLY E 199 29.95 -28.62 53.30
N HIS E 200 28.85 -27.89 53.07
CA HIS E 200 28.08 -28.02 51.84
C HIS E 200 28.98 -27.76 50.66
N ASP E 201 28.72 -28.45 49.55
CA ASP E 201 29.58 -28.34 48.40
C ASP E 201 29.43 -26.95 47.82
N ALA E 202 30.53 -26.39 47.33
CA ALA E 202 30.53 -25.02 46.82
C ALA E 202 30.91 -24.96 45.34
N SER E 203 30.40 -25.92 44.59
CA SER E 203 30.51 -25.89 43.15
C SER E 203 29.75 -24.69 42.64
N VAL E 204 30.03 -24.26 41.41
CA VAL E 204 29.30 -23.13 40.85
C VAL E 204 27.80 -23.39 40.85
N HIS E 205 27.41 -24.64 40.63
CA HIS E 205 26.00 -25.02 40.65
C HIS E 205 25.42 -24.76 42.03
N ALA E 206 26.11 -25.24 43.07
CA ALA E 206 25.61 -25.14 44.43
C ALA E 206 25.50 -23.69 44.89
N MET E 207 26.55 -22.88 44.69
CA MET E 207 26.45 -21.50 45.13
C MET E 207 25.35 -20.76 44.37
N ALA E 208 25.18 -21.05 43.08
CA ALA E 208 24.16 -20.36 42.28
C ALA E 208 22.77 -20.75 42.75
N GLU E 209 22.58 -22.01 43.12
CA GLU E 209 21.27 -22.43 43.59
C GLU E 209 21.00 -21.86 44.98
N ASP E 210 22.02 -21.84 45.84
CA ASP E 210 21.86 -21.33 47.21
C ASP E 210 21.57 -19.83 47.21
N VAL E 211 22.33 -19.04 46.45
CA VAL E 211 22.14 -17.59 46.46
C VAL E 211 20.86 -17.19 45.73
N SER E 212 20.41 -18.00 44.75
CA SER E 212 19.14 -17.70 44.10
C SER E 212 18.00 -17.87 45.09
N ALA E 213 18.10 -18.86 45.98
CA ALA E 213 17.09 -19.05 47.01
C ALA E 213 17.14 -17.89 47.99
N PHE E 214 18.36 -17.46 48.34
CA PHE E 214 18.51 -16.31 49.24
C PHE E 214 17.92 -15.06 48.61
N LEU E 215 18.13 -14.88 47.30
CA LEU E 215 17.61 -13.70 46.62
C LEU E 215 16.12 -13.77 46.43
N MET E 216 15.56 -14.98 46.47
CA MET E 216 14.11 -15.11 46.44
C MET E 216 13.53 -14.65 47.78
N TRP E 217 14.19 -15.04 48.89
CA TRP E 217 13.76 -14.61 50.21
C TRP E 217 13.95 -13.12 50.38
N ALA E 218 15.08 -12.58 49.91
CA ALA E 218 15.27 -11.15 50.04
C ALA E 218 14.20 -10.39 49.27
N ALA E 219 13.72 -10.97 48.17
CA ALA E 219 12.69 -10.35 47.35
C ALA E 219 11.31 -10.61 47.92
N GLU E 220 11.05 -11.82 48.41
CA GLU E 220 9.74 -12.20 48.95
C GLU E 220 9.94 -12.79 50.34
N PRO E 221 10.33 -11.96 51.31
CA PRO E 221 10.56 -12.48 52.66
C PRO E 221 9.34 -13.06 53.32
N LYS E 222 8.14 -12.61 52.95
CA LYS E 222 6.91 -13.07 53.58
C LYS E 222 6.24 -14.20 52.79
N LEU E 223 7.00 -14.92 51.97
CA LEU E 223 6.43 -15.98 51.13
C LEU E 223 5.71 -17.02 51.98
N MET E 224 6.38 -17.49 53.03
CA MET E 224 5.80 -18.52 53.90
C MET E 224 4.56 -18.02 54.64
N ALA E 225 4.58 -16.77 55.12
CA ALA E 225 3.39 -16.23 55.77
C ALA E 225 2.24 -16.17 54.79
N ARG E 226 2.53 -15.81 53.55
CA ARG E 226 1.49 -15.70 52.53
C ARG E 226 0.83 -17.04 52.23
N LYS E 227 1.62 -18.11 52.19
CA LYS E 227 1.03 -19.42 51.92
C LYS E 227 0.18 -19.94 53.07
N GLN E 228 0.66 -19.82 54.33
CA GLN E 228 -0.20 -20.20 55.45
C GLN E 228 -1.57 -19.52 55.35
N ALA E 229 -1.56 -18.22 55.07
CA ALA E 229 -2.80 -17.48 54.89
C ALA E 229 -3.58 -18.00 53.69
N GLY E 230 -2.87 -18.34 52.62
CA GLY E 230 -3.56 -18.86 51.45
C GLY E 230 -4.25 -20.16 51.78
N PHE E 231 -3.50 -21.10 52.39
CA PHE E 231 -4.09 -22.35 52.81
C PHE E 231 -5.30 -22.08 53.69
N THR E 232 -5.13 -21.22 54.71
CA THR E 232 -6.20 -20.92 55.64
C THR E 232 -7.44 -20.35 54.93
N ALA E 233 -7.25 -19.35 54.07
CA ALA E 233 -8.40 -18.78 53.38
C ALA E 233 -9.11 -19.84 52.56
N VAL E 234 -8.35 -20.73 51.92
CA VAL E 234 -8.94 -21.76 51.09
C VAL E 234 -9.67 -22.77 51.97
N MET E 235 -9.11 -23.10 53.13
CA MET E 235 -9.80 -24.04 54.02
C MET E 235 -11.09 -23.43 54.57
N PHE E 236 -11.06 -22.16 55.00
CA PHE E 236 -12.28 -21.45 55.41
C PHE E 236 -13.33 -21.52 54.31
N LEU E 237 -12.93 -21.09 53.12
CA LEU E 237 -13.86 -20.95 52.01
C LEU E 237 -14.32 -22.30 51.46
N THR E 238 -13.53 -23.34 51.64
CA THR E 238 -14.01 -24.66 51.25
C THR E 238 -15.18 -25.04 52.14
N VAL E 239 -14.97 -24.93 53.46
CA VAL E 239 -16.03 -25.20 54.43
C VAL E 239 -17.21 -24.28 54.20
N LEU E 240 -16.94 -22.99 54.05
CA LEU E 240 -18.01 -22.01 53.90
C LEU E 240 -18.80 -22.25 52.63
N SER E 241 -18.13 -22.66 51.56
CA SER E 241 -18.82 -22.90 50.31
C SER E 241 -19.76 -24.08 50.45
N VAL E 242 -19.29 -25.13 51.13
CA VAL E 242 -20.11 -26.32 51.36
C VAL E 242 -21.35 -25.93 52.16
N LEU E 243 -21.15 -25.20 53.25
CA LEU E 243 -22.29 -24.80 54.05
C LEU E 243 -23.24 -23.92 53.25
N LEU E 244 -22.70 -23.02 52.43
CA LEU E 244 -23.54 -22.14 51.62
C LEU E 244 -24.21 -22.91 50.50
N TYR E 245 -23.58 -24.00 50.06
CA TYR E 245 -24.17 -24.85 49.05
C TYR E 245 -25.38 -25.60 49.59
N LEU E 246 -25.21 -26.23 50.75
CA LEU E 246 -26.31 -26.95 51.37
C LEU E 246 -27.45 -26.00 51.71
N THR E 247 -27.13 -24.82 52.23
CA THR E 247 -28.17 -23.83 52.52
C THR E 247 -28.92 -23.42 51.28
N ASN E 248 -28.21 -23.09 50.20
CA ASN E 248 -28.89 -22.65 48.99
C ASN E 248 -29.77 -23.76 48.43
N LYS E 249 -29.29 -25.00 48.50
CA LYS E 249 -30.02 -26.12 47.95
C LYS E 249 -31.26 -26.39 48.77
N ARG E 250 -31.09 -26.45 50.09
CA ARG E 250 -32.20 -26.73 50.99
C ARG E 250 -33.22 -25.60 51.03
N LEU E 251 -32.86 -24.41 50.57
CA LEU E 251 -33.78 -23.28 50.54
C LEU E 251 -34.67 -23.36 49.32
N TRP E 252 -34.07 -23.53 48.14
CA TRP E 252 -34.80 -23.60 46.88
C TRP E 252 -35.58 -24.91 46.76
N ALA E 253 -35.38 -25.83 47.73
CA ALA E 253 -36.11 -27.09 47.75
C ALA E 253 -37.62 -26.86 47.84
N GLY E 254 -38.04 -25.80 48.54
CA GLY E 254 -39.44 -25.46 48.67
C GLY E 254 -39.97 -24.61 47.53
N VAL E 255 -39.47 -24.86 46.31
CA VAL E 255 -39.85 -24.11 45.12
C VAL E 255 -39.93 -25.08 43.94
N LYS E 256 -38.94 -25.97 43.80
CA LYS E 256 -38.88 -26.95 42.70
C LYS E 256 -38.77 -28.40 43.20
N GLY F 9 -35.52 -33.34 64.79
CA GLY F 9 -34.11 -33.63 64.71
C GLY F 9 -33.23 -32.41 64.51
N THR F 10 -31.93 -32.55 64.79
CA THR F 10 -30.97 -31.45 64.70
C THR F 10 -30.34 -31.33 63.31
N ARG F 11 -30.97 -31.89 62.27
CA ARG F 11 -30.37 -31.76 60.94
C ARG F 11 -30.74 -30.44 60.27
N ARG F 12 -32.03 -30.05 60.34
CA ARG F 12 -32.46 -28.76 59.80
C ARG F 12 -32.25 -27.55 60.70
N ASP F 13 -32.09 -27.72 62.02
CA ASP F 13 -31.78 -26.59 62.90
C ASP F 13 -30.31 -26.14 62.88
N PHE F 14 -29.39 -27.09 62.71
CA PHE F 14 -27.94 -26.81 62.70
C PHE F 14 -27.36 -26.09 61.48
N LEU F 15 -27.87 -26.30 60.27
CA LEU F 15 -27.27 -25.61 59.11
C LEU F 15 -27.39 -24.08 59.18
N TYR F 16 -28.57 -23.54 59.50
CA TYR F 16 -28.65 -22.07 59.53
C TYR F 16 -27.81 -21.45 60.63
N TYR F 17 -27.50 -22.20 61.70
CA TYR F 17 -26.55 -21.69 62.69
C TYR F 17 -25.11 -21.86 62.22
N ALA F 18 -24.76 -23.07 61.77
CA ALA F 18 -23.38 -23.34 61.36
C ALA F 18 -22.92 -22.46 60.20
N THR F 19 -23.80 -22.21 59.22
CA THR F 19 -23.44 -21.35 58.10
C THR F 19 -23.18 -19.92 58.55
N ALA F 20 -24.09 -19.34 59.34
CA ALA F 20 -23.93 -17.97 59.81
C ALA F 20 -22.71 -17.84 60.73
N GLY F 21 -22.45 -18.86 61.54
CA GLY F 21 -21.29 -18.82 62.41
C GLY F 21 -20.00 -18.76 61.62
N ALA F 22 -19.95 -19.50 60.52
CA ALA F 22 -18.80 -19.45 59.65
C ALA F 22 -18.66 -18.05 59.07
N GLY F 23 -19.79 -17.44 58.68
CA GLY F 23 -19.76 -16.09 58.15
C GLY F 23 -19.25 -15.09 59.19
N ALA F 24 -19.65 -15.29 60.44
CA ALA F 24 -19.21 -14.39 61.50
C ALA F 24 -17.70 -14.48 61.67
N VAL F 25 -17.17 -15.70 61.69
CA VAL F 25 -15.73 -15.89 61.80
C VAL F 25 -15.03 -15.24 60.61
N ALA F 26 -15.54 -15.49 59.40
CA ALA F 26 -14.93 -14.94 58.19
C ALA F 26 -14.89 -13.42 58.20
N THR F 27 -15.96 -12.76 58.67
CA THR F 27 -15.93 -11.30 58.75
C THR F 27 -14.89 -10.85 59.76
N GLY F 28 -14.87 -11.47 60.94
CA GLY F 28 -13.90 -11.10 61.96
C GLY F 28 -12.46 -11.29 61.49
N ALA F 29 -12.22 -12.39 60.75
CA ALA F 29 -10.89 -12.68 60.24
C ALA F 29 -10.46 -11.63 59.23
N ALA F 30 -11.42 -10.97 58.59
CA ALA F 30 -11.13 -9.93 57.61
C ALA F 30 -10.95 -8.57 58.27
N VAL F 31 -11.62 -8.34 59.41
CA VAL F 31 -11.59 -7.04 60.06
C VAL F 31 -10.33 -6.86 60.88
N TRP F 32 -9.89 -7.90 61.58
CA TRP F 32 -8.71 -7.76 62.42
C TRP F 32 -7.47 -7.26 61.67
N PRO F 33 -7.10 -7.80 60.50
CA PRO F 33 -5.93 -7.27 59.81
C PRO F 33 -6.11 -5.83 59.35
N LEU F 34 -7.35 -5.36 59.18
CA LEU F 34 -7.56 -3.96 58.83
C LEU F 34 -7.29 -3.05 60.01
N ILE F 35 -7.42 -3.56 61.23
CA ILE F 35 -7.08 -2.80 62.43
C ILE F 35 -5.60 -2.93 62.72
N ASN F 36 -5.07 -4.16 62.63
CA ASN F 36 -3.70 -4.40 63.08
C ASN F 36 -2.65 -3.77 62.18
N GLN F 37 -2.97 -3.40 60.93
CA GLN F 37 -1.97 -2.75 60.10
C GLN F 37 -1.58 -1.39 60.66
N MET F 38 -2.44 -0.82 61.52
CA MET F 38 -2.19 0.47 62.13
C MET F 38 -1.34 0.33 63.39
N ASN F 39 -1.19 -0.89 63.93
CA ASN F 39 -0.28 -1.11 65.02
C ASN F 39 1.16 -0.99 64.52
N PRO F 40 2.12 -0.74 65.42
CA PRO F 40 3.52 -0.46 65.00
C PRO F 40 4.09 -1.52 64.08
N SER F 41 4.64 -1.05 62.96
CA SER F 41 5.24 -1.95 61.98
C SER F 41 6.61 -2.44 62.44
N ALA F 42 7.15 -3.40 61.69
CA ALA F 42 8.36 -4.09 62.14
C ALA F 42 9.55 -3.15 62.23
N ASP F 43 9.59 -2.13 61.36
CA ASP F 43 10.66 -1.14 61.44
C ASP F 43 10.58 -0.38 62.76
N VAL F 44 9.37 -0.14 63.25
CA VAL F 44 9.19 0.55 64.52
C VAL F 44 9.45 -0.40 65.68
N GLN F 45 8.91 -1.62 65.62
CA GLN F 45 9.15 -2.63 66.66
C GLN F 45 10.63 -2.90 66.90
N ALA F 46 11.47 -2.66 65.89
CA ALA F 46 12.87 -3.07 65.91
C ALA F 46 13.80 -2.03 66.49
N LEU F 47 13.32 -0.82 66.74
CA LEU F 47 14.16 0.26 67.25
C LEU F 47 14.85 -0.18 68.52
N ALA F 48 16.16 0.08 68.60
CA ALA F 48 17.02 -0.42 69.66
C ALA F 48 17.65 0.73 70.42
N SER F 49 18.63 0.42 71.26
CA SER F 49 19.27 1.39 72.12
C SER F 49 20.08 2.40 71.31
N ILE F 50 20.47 3.49 71.98
CA ILE F 50 21.40 4.47 71.44
C ILE F 50 22.44 4.84 72.51
N PHE F 51 23.53 5.51 72.07
CA PHE F 51 24.62 5.92 72.94
C PHE F 51 24.87 7.41 72.79
N VAL F 52 25.10 8.12 73.91
CA VAL F 52 25.23 9.58 73.91
C VAL F 52 26.59 9.98 74.52
N ASP F 53 27.37 10.78 73.78
CA ASP F 53 28.61 11.34 74.31
C ASP F 53 28.33 12.53 75.23
N VAL F 54 28.97 12.54 76.39
CA VAL F 54 28.63 13.45 77.48
C VAL F 54 29.85 14.21 77.97
N SER F 55 31.05 13.90 77.44
CA SER F 55 32.28 14.55 77.89
C SER F 55 32.24 16.07 77.82
N SER F 56 31.38 16.65 76.98
CA SER F 56 31.36 18.08 76.77
C SER F 56 30.37 18.77 77.69
N VAL F 57 29.69 18.02 78.56
CA VAL F 57 28.59 18.53 79.38
C VAL F 57 29.17 18.94 80.72
N GLU F 58 29.17 20.26 80.99
CA GLU F 58 29.57 20.77 82.29
C GLU F 58 28.37 20.76 83.21
N PRO F 59 28.56 20.83 84.52
CA PRO F 59 27.41 20.94 85.41
C PRO F 59 26.60 22.18 85.09
N GLY F 60 25.27 22.02 85.16
CA GLY F 60 24.33 23.07 84.81
C GLY F 60 23.90 23.04 83.37
N VAL F 61 24.35 22.05 82.59
CA VAL F 61 24.01 21.90 81.18
C VAL F 61 23.06 20.73 81.08
N GLN F 62 22.00 20.93 80.29
CA GLN F 62 21.06 19.89 79.93
C GLN F 62 21.32 19.52 78.48
N LEU F 63 21.56 18.24 78.25
CA LEU F 63 21.66 17.69 76.90
C LEU F 63 20.29 17.12 76.54
N THR F 64 19.75 17.50 75.38
CA THR F 64 18.44 17.06 74.92
C THR F 64 18.58 16.19 73.66
N VAL F 65 18.05 14.97 73.73
CA VAL F 65 18.28 13.94 72.75
C VAL F 65 16.96 13.34 72.31
N LYS F 66 16.87 12.98 71.03
CA LYS F 66 15.66 12.40 70.47
C LYS F 66 15.77 10.89 70.59
N PHE F 67 14.72 10.26 71.10
CA PHE F 67 14.74 8.81 71.26
C PHE F 67 13.31 8.32 71.17
N LEU F 68 13.01 7.50 70.18
CA LEU F 68 11.65 7.03 69.94
C LEU F 68 10.69 8.21 69.71
N GLY F 69 11.16 9.22 68.98
CA GLY F 69 10.37 10.37 68.57
C GLY F 69 10.08 11.37 69.64
N LYS F 70 10.62 11.18 70.85
CA LYS F 70 10.39 12.06 71.98
C LYS F 70 11.72 12.54 72.55
N PRO F 71 11.72 13.66 73.28
CA PRO F 71 12.95 14.16 73.88
C PRO F 71 13.34 13.37 75.13
N ILE F 72 14.65 13.15 75.28
CA ILE F 72 15.20 12.64 76.53
C ILE F 72 16.15 13.71 77.03
N PHE F 73 15.98 14.08 78.29
CA PHE F 73 16.82 15.09 78.93
C PHE F 73 17.94 14.35 79.63
N ILE F 74 19.17 14.79 79.37
CA ILE F 74 20.35 14.32 80.10
C ILE F 74 20.99 15.59 80.66
N ARG F 75 20.75 15.85 81.96
CA ARG F 75 21.28 17.02 82.66
C ARG F 75 22.36 16.61 83.66
N ARG F 76 23.51 17.26 83.57
CA ARG F 76 24.54 17.14 84.61
C ARG F 76 24.22 18.19 85.66
N ARG F 77 23.69 17.73 86.80
CA ARG F 77 23.15 18.64 87.79
C ARG F 77 24.25 19.33 88.61
N THR F 78 23.96 20.57 88.96
CA THR F 78 24.80 21.37 89.81
C THR F 78 24.55 20.99 91.28
N GLU F 79 25.36 21.61 92.14
CA GLU F 79 25.23 21.45 93.58
C GLU F 79 23.87 21.92 94.08
N ALA F 80 23.42 23.10 93.62
CA ALA F 80 22.12 23.63 94.01
C ALA F 80 20.98 22.68 93.66
N ASP F 81 20.98 22.18 92.42
CA ASP F 81 19.96 21.21 91.99
C ASP F 81 19.90 20.02 92.93
N ILE F 82 21.06 19.50 93.31
CA ILE F 82 21.10 18.30 94.13
C ILE F 82 20.62 18.60 95.54
N GLU F 83 21.06 19.71 96.14
CA GLU F 83 20.61 20.07 97.49
C GLU F 83 19.10 20.26 97.55
N LEU F 84 18.54 21.04 96.62
CA LEU F 84 17.08 21.21 96.60
C LEU F 84 16.37 19.87 96.48
N GLY F 85 16.86 18.99 95.60
CA GLY F 85 16.19 17.71 95.40
C GLY F 85 16.21 16.85 96.65
N ARG F 86 17.34 16.82 97.36
CA ARG F 86 17.46 15.98 98.55
C ARG F 86 16.75 16.57 99.76
N SER F 87 16.45 17.87 99.74
CA SER F 87 15.81 18.51 100.87
C SER F 87 14.31 18.25 100.91
N VAL F 88 13.71 17.79 99.79
CA VAL F 88 12.28 17.52 99.76
C VAL F 88 11.97 16.21 100.47
N GLN F 89 11.01 16.29 101.39
CA GLN F 89 10.49 15.12 102.07
C GLN F 89 9.42 14.46 101.23
N LEU F 90 9.34 13.15 101.37
CA LEU F 90 8.42 12.32 100.60
C LEU F 90 6.98 12.82 100.68
N GLY F 91 6.52 13.18 101.88
CA GLY F 91 5.15 13.63 102.02
C GLY F 91 4.84 14.96 101.37
N GLN F 92 5.85 15.68 100.84
CA GLN F 92 5.65 16.97 100.18
C GLN F 92 5.52 16.85 98.68
N LEU F 93 5.69 15.64 98.12
CA LEU F 93 5.67 15.41 96.70
C LEU F 93 4.28 15.03 96.24
N VAL F 94 3.89 15.50 95.05
CA VAL F 94 2.63 15.09 94.44
C VAL F 94 2.66 13.61 94.10
N ASP F 95 3.75 13.16 93.48
CA ASP F 95 3.93 11.79 93.07
C ASP F 95 5.17 11.24 93.75
N THR F 96 4.98 10.23 94.59
CA THR F 96 6.06 9.71 95.42
C THR F 96 6.78 8.51 94.80
N ASN F 97 6.43 8.12 93.57
CA ASN F 97 7.12 7.02 92.89
C ASN F 97 8.29 7.57 92.06
N ALA F 98 9.41 6.82 92.05
CA ALA F 98 10.64 7.23 91.36
C ALA F 98 10.46 7.24 89.83
N ARG F 99 9.51 6.45 89.31
CA ARG F 99 9.30 6.31 87.87
C ARG F 99 10.58 5.94 87.14
N ASN F 100 11.27 4.93 87.67
CA ASN F 100 12.61 4.57 87.22
C ASN F 100 12.59 3.12 86.75
N ALA F 101 12.81 2.92 85.46
CA ALA F 101 12.78 1.58 84.87
C ALA F 101 13.95 0.71 85.32
N ASN F 102 15.00 1.30 85.88
CA ASN F 102 16.24 0.60 86.24
C ASN F 102 16.17 -0.07 87.60
N ILE F 103 15.19 0.27 88.43
CA ILE F 103 15.05 -0.28 89.76
C ILE F 103 13.62 -0.76 89.93
N ASP F 104 13.33 -1.23 91.15
CA ASP F 104 12.03 -1.78 91.49
C ASP F 104 10.94 -0.77 91.21
N ALA F 105 9.77 -1.29 90.83
CA ALA F 105 8.65 -0.43 90.47
C ALA F 105 8.12 0.33 91.67
N GLY F 106 8.32 -0.19 92.88
CA GLY F 106 7.85 0.43 94.09
C GLY F 106 8.82 1.37 94.77
N ALA F 107 10.00 1.62 94.21
CA ALA F 107 10.98 2.50 94.85
C ALA F 107 10.40 3.89 95.08
N GLU F 108 10.85 4.53 96.15
CA GLU F 108 10.35 5.86 96.53
C GLU F 108 11.05 6.96 95.74
N ALA F 109 10.36 8.10 95.59
CA ALA F 109 10.85 9.23 94.78
C ALA F 109 11.85 10.12 95.53
N THR F 110 12.74 9.53 96.32
CA THR F 110 13.84 10.26 96.90
C THR F 110 14.81 10.68 95.81
N ASP F 111 15.52 11.78 96.05
CA ASP F 111 16.48 12.30 95.07
C ASP F 111 17.52 11.25 94.68
N GLN F 112 17.88 10.35 95.60
CA GLN F 112 18.85 9.30 95.30
C GLN F 112 18.31 8.36 94.22
N ASN F 113 17.00 8.03 94.28
CA ASN F 113 16.35 7.14 93.31
C ASN F 113 15.94 7.85 92.03
N ARG F 114 16.35 9.11 91.83
CA ARG F 114 16.00 9.90 90.65
C ARG F 114 17.21 10.20 89.76
N THR F 115 18.40 9.79 90.18
CA THR F 115 19.64 10.04 89.46
C THR F 115 20.29 8.71 89.14
N LEU F 116 21.15 8.72 88.13
CA LEU F 116 21.82 7.48 87.74
C LEU F 116 22.96 7.10 88.68
N ASP F 117 23.67 8.11 89.20
CA ASP F 117 24.85 7.91 90.04
C ASP F 117 24.54 8.22 91.49
N GLU F 118 25.43 7.74 92.38
CA GLU F 118 25.26 7.96 93.81
C GLU F 118 25.49 9.42 94.15
N ALA F 119 26.41 10.08 93.43
CA ALA F 119 26.67 11.50 93.66
C ALA F 119 25.49 12.36 93.24
N GLY F 120 24.56 11.81 92.46
CA GLY F 120 23.36 12.52 92.07
C GLY F 120 23.65 13.59 91.05
N GLU F 121 24.73 13.41 90.28
CA GLU F 121 25.13 14.39 89.29
C GLU F 121 24.36 14.24 87.97
N TRP F 122 24.00 13.01 87.59
CA TRP F 122 23.42 12.70 86.27
C TRP F 122 21.92 12.36 86.34
N LEU F 123 21.10 13.32 85.91
CA LEU F 123 19.64 13.17 85.83
C LEU F 123 19.23 12.89 84.38
N VAL F 124 18.79 11.66 84.11
CA VAL F 124 18.33 11.24 82.79
C VAL F 124 16.84 10.91 82.86
N MET F 125 16.04 11.58 82.03
CA MET F 125 14.60 11.34 82.05
C MET F 125 13.99 11.75 80.71
N TRP F 126 12.80 11.21 80.47
CA TRP F 126 11.97 11.61 79.34
C TRP F 126 11.54 13.06 79.50
N GLY F 127 11.84 13.91 78.54
CA GLY F 127 11.38 15.28 78.57
C GLY F 127 9.95 15.32 78.05
N VAL F 128 9.07 14.49 78.60
CA VAL F 128 7.72 14.34 78.08
C VAL F 128 6.79 14.49 79.26
N CYS F 129 6.14 15.65 79.32
CA CYS F 129 5.19 15.96 80.38
C CYS F 129 4.15 14.87 80.55
N THR F 130 3.94 14.47 81.79
CA THR F 130 3.05 13.36 82.09
C THR F 130 1.58 13.77 82.05
N HIS F 131 1.29 15.06 81.81
CA HIS F 131 -0.09 15.48 81.57
C HIS F 131 -0.52 14.99 80.19
N LEU F 132 -0.10 15.72 79.13
CA LEU F 132 -0.49 15.43 77.76
C LEU F 132 0.69 15.46 76.79
N GLY F 133 1.91 15.28 77.31
CA GLY F 133 3.02 14.91 76.46
C GLY F 133 3.89 16.04 75.97
N CYS F 134 3.59 17.28 76.33
CA CYS F 134 4.48 18.34 75.90
C CYS F 134 5.89 18.21 76.51
N VAL F 135 6.77 19.09 76.04
CA VAL F 135 8.18 19.12 76.45
C VAL F 135 8.34 20.18 77.52
N PRO F 136 8.72 19.82 78.74
CA PRO F 136 9.03 20.85 79.72
C PRO F 136 10.27 21.66 79.34
N ILE F 137 10.26 22.92 79.77
CA ILE F 137 11.32 23.90 79.53
C ILE F 137 12.34 23.71 80.64
N GLY F 138 13.60 23.55 80.26
CA GLY F 138 14.63 23.25 81.23
C GLY F 138 15.41 24.45 81.72
N GLY F 139 16.69 24.23 81.94
CA GLY F 139 17.50 25.25 82.56
C GLY F 139 16.96 25.36 83.96
N VAL F 140 16.62 26.57 84.40
CA VAL F 140 16.15 26.78 85.76
C VAL F 140 14.85 27.58 85.69
N SER F 141 13.77 26.93 85.22
CA SER F 141 12.47 27.56 85.08
C SER F 141 11.44 26.98 86.06
N GLY F 142 10.37 27.74 86.24
CA GLY F 142 9.29 27.35 87.12
C GLY F 142 9.52 27.81 88.55
N ASP F 143 8.69 27.26 89.44
CA ASP F 143 8.63 27.67 90.84
C ASP F 143 9.41 26.74 91.77
N PHE F 144 10.07 25.69 91.24
CA PHE F 144 10.77 24.68 92.03
C PHE F 144 12.18 24.45 91.50
N GLY F 145 12.76 25.45 90.84
CA GLY F 145 14.13 25.33 90.37
C GLY F 145 14.35 24.13 89.47
N GLY F 146 13.41 23.86 88.56
CA GLY F 146 13.51 22.70 87.68
C GLY F 146 13.06 22.87 86.23
N TRP F 147 11.87 22.36 85.92
CA TRP F 147 11.32 22.40 84.58
C TRP F 147 9.91 22.98 84.63
N PHE F 148 9.54 23.66 83.55
CA PHE F 148 8.20 24.22 83.40
C PHE F 148 7.57 23.75 82.10
N CYS F 149 6.38 23.15 82.16
CA CYS F 149 5.68 22.73 80.95
C CYS F 149 4.74 23.84 80.43
N PRO F 150 4.98 24.43 79.25
CA PRO F 150 4.18 25.59 78.83
C PRO F 150 2.81 25.23 78.32
N CYS F 151 2.47 23.96 78.24
CA CYS F 151 1.22 23.62 77.60
C CYS F 151 0.03 23.86 78.51
N HIS F 152 0.12 23.47 79.78
CA HIS F 152 -0.95 23.76 80.74
C HIS F 152 -0.40 24.09 82.15
N GLY F 153 0.89 24.38 82.27
CA GLY F 153 1.43 24.98 83.47
C GLY F 153 1.86 24.05 84.60
N SER F 154 2.47 22.91 84.25
CA SER F 154 3.05 22.01 85.25
C SER F 154 4.47 22.45 85.60
N HIS F 155 4.79 22.39 86.90
CA HIS F 155 6.11 22.70 87.45
C HIS F 155 6.76 21.44 88.01
N TYR F 156 7.98 21.17 87.57
CA TYR F 156 8.81 20.09 88.06
C TYR F 156 10.02 20.68 88.80
N ASP F 157 10.54 19.94 89.79
CA ASP F 157 11.66 20.43 90.58
C ASP F 157 13.00 19.97 89.98
N SER F 158 14.08 20.16 90.73
CA SER F 158 15.44 19.92 90.24
C SER F 158 15.75 18.44 90.02
N ALA F 159 14.89 17.54 90.50
CA ALA F 159 14.97 16.11 90.25
C ALA F 159 13.91 15.64 89.25
N GLY F 160 13.18 16.56 88.63
CA GLY F 160 12.18 16.19 87.64
C GLY F 160 10.88 15.64 88.19
N ARG F 161 10.58 15.90 89.47
CA ARG F 161 9.36 15.43 90.13
C ARG F 161 8.24 16.46 90.01
N ILE F 162 7.02 15.98 89.77
CA ILE F 162 5.89 16.90 89.65
C ILE F 162 5.53 17.48 91.02
N ARG F 163 5.34 18.82 91.05
CA ARG F 163 5.06 19.59 92.27
C ARG F 163 3.82 20.47 92.18
N LYS F 164 3.38 20.85 90.99
CA LYS F 164 2.33 21.83 90.81
C LYS F 164 1.81 21.70 89.37
N GLY F 165 0.49 21.78 89.20
CA GLY F 165 -0.12 21.75 87.89
C GLY F 165 -0.96 20.53 87.62
N PRO F 166 -1.40 20.34 86.35
CA PRO F 166 -2.25 19.18 86.04
C PRO F 166 -1.52 17.84 85.91
N ALA F 167 -0.22 17.83 85.69
CA ALA F 167 0.49 16.59 85.45
C ALA F 167 0.40 15.66 86.66
N PRO F 168 0.06 14.38 86.48
CA PRO F 168 -0.15 13.50 87.63
C PRO F 168 1.12 12.88 88.18
N GLU F 169 2.16 12.75 87.34
CA GLU F 169 3.32 11.95 87.70
C GLU F 169 4.63 12.66 87.40
N ASN F 170 5.67 12.16 88.06
CA ASN F 170 7.04 12.55 87.80
C ASN F 170 7.47 12.15 86.38
N LEU F 171 8.36 12.96 85.79
CA LEU F 171 8.90 12.64 84.48
C LEU F 171 9.55 11.26 84.52
N PRO F 172 9.19 10.33 83.64
CA PRO F 172 9.74 8.97 83.74
C PRO F 172 11.22 8.93 83.39
N ILE F 173 11.92 7.99 84.02
CA ILE F 173 13.34 7.77 83.78
C ILE F 173 13.47 6.52 82.92
N PRO F 174 14.08 6.60 81.72
CA PRO F 174 14.17 5.41 80.88
C PRO F 174 15.28 4.50 81.39
N LEU F 175 15.35 3.30 80.82
CA LEU F 175 16.52 2.47 81.06
C LEU F 175 17.77 3.23 80.57
N ALA F 176 18.67 3.52 81.50
CA ALA F 176 19.86 4.30 81.18
C ALA F 176 20.99 3.90 82.11
N LYS F 177 22.18 3.77 81.54
CA LYS F 177 23.35 3.36 82.30
C LYS F 177 24.59 3.83 81.58
N PHE F 178 25.63 4.18 82.36
CA PHE F 178 26.91 4.55 81.79
C PHE F 178 27.59 3.29 81.25
N ILE F 179 27.84 3.27 79.92
CA ILE F 179 28.56 2.17 79.30
C ILE F 179 30.08 2.32 79.53
N ASP F 180 30.60 3.55 79.55
CA ASP F 180 31.99 3.78 79.95
C ASP F 180 32.07 5.17 80.63
N GLU F 181 33.28 5.72 80.75
CA GLU F 181 33.49 6.97 81.48
C GLU F 181 32.69 8.14 80.90
N THR F 182 32.40 8.12 79.59
CA THR F 182 31.90 9.30 78.89
C THR F 182 30.68 9.02 78.00
N THR F 183 30.11 7.80 78.05
CA THR F 183 29.00 7.41 77.17
C THR F 183 27.87 6.77 77.98
N ILE F 184 26.64 7.26 77.77
CA ILE F 184 25.43 6.71 78.40
C ILE F 184 24.67 5.93 77.33
N GLN F 185 24.23 4.71 77.68
CA GLN F 185 23.34 3.92 76.81
C GLN F 185 21.88 4.05 77.24
N LEU F 186 21.05 4.64 76.38
CA LEU F 186 19.60 4.73 76.59
C LEU F 186 18.91 3.54 75.94
N GLY F 187 17.91 2.99 76.62
CA GLY F 187 17.20 1.85 76.07
C GLY F 187 17.83 0.52 76.46
N GLY G 3 -40.71 -9.46 -42.15
CA GLY G 3 -39.91 -8.25 -42.17
C GLY G 3 -40.79 -7.03 -42.34
N ILE G 4 -40.24 -5.96 -42.94
CA ILE G 4 -41.00 -4.75 -43.19
C ILE G 4 -41.80 -4.92 -44.49
N PRO G 5 -43.04 -4.41 -44.60
CA PRO G 5 -43.77 -4.52 -45.87
C PRO G 5 -43.14 -3.66 -46.94
N HIS G 6 -42.94 -4.22 -48.12
CA HIS G 6 -42.26 -3.48 -49.18
C HIS G 6 -42.59 -4.12 -50.52
N ASP G 7 -42.29 -3.41 -51.58
CA ASP G 7 -42.49 -3.91 -52.93
C ASP G 7 -41.28 -4.73 -53.36
N HIS G 8 -41.53 -5.71 -54.22
CA HIS G 8 -40.52 -6.66 -54.64
C HIS G 8 -40.05 -6.35 -56.07
N TYR G 9 -38.98 -7.03 -56.46
CA TYR G 9 -38.42 -6.82 -57.78
C TYR G 9 -39.35 -7.46 -58.80
N GLU G 10 -39.33 -6.94 -60.01
CA GLU G 10 -40.12 -7.50 -61.09
C GLU G 10 -39.29 -7.35 -62.37
N PRO G 11 -38.93 -8.44 -63.04
CA PRO G 11 -38.13 -8.29 -64.26
C PRO G 11 -38.94 -7.58 -65.32
N ARG G 12 -38.31 -6.64 -66.00
CA ARG G 12 -38.99 -5.83 -67.00
C ARG G 12 -38.42 -6.04 -68.40
N THR G 13 -37.12 -5.81 -68.60
CA THR G 13 -36.49 -6.02 -69.89
C THR G 13 -36.43 -7.53 -70.20
N GLY G 14 -36.33 -7.86 -71.50
CA GLY G 14 -36.17 -9.25 -71.89
C GLY G 14 -34.90 -9.86 -71.31
N ILE G 15 -33.83 -9.05 -71.19
CA ILE G 15 -32.56 -9.49 -70.61
C ILE G 15 -32.73 -9.77 -69.12
N GLU G 16 -33.59 -8.99 -68.45
CA GLU G 16 -33.84 -9.17 -67.03
C GLU G 16 -34.64 -10.44 -66.77
N LYS G 17 -35.68 -10.71 -67.58
CA LYS G 17 -36.43 -11.96 -67.42
C LYS G 17 -35.51 -13.15 -67.65
N TRP G 18 -34.59 -13.01 -68.61
CA TRP G 18 -33.65 -14.09 -68.92
C TRP G 18 -32.72 -14.34 -67.75
N LEU G 19 -32.14 -13.28 -67.20
CA LEU G 19 -31.22 -13.45 -66.09
C LEU G 19 -31.94 -13.86 -64.80
N HIS G 20 -33.11 -13.28 -64.51
CA HIS G 20 -33.79 -13.54 -63.23
C HIS G 20 -34.24 -14.99 -63.08
N SER G 21 -34.52 -15.68 -64.17
CA SER G 21 -34.94 -17.08 -64.12
C SER G 21 -33.77 -18.04 -63.96
N ARG G 22 -32.54 -17.52 -63.82
CA ARG G 22 -31.31 -18.30 -63.73
C ARG G 22 -30.51 -17.95 -62.49
N LEU G 23 -30.32 -16.65 -62.26
CA LEU G 23 -29.62 -16.15 -61.07
C LEU G 23 -30.30 -14.82 -60.68
N PRO G 24 -31.13 -14.80 -59.62
CA PRO G 24 -31.85 -13.58 -59.26
C PRO G 24 -30.98 -12.54 -58.52
N ILE G 25 -29.78 -12.28 -59.05
CA ILE G 25 -28.84 -11.36 -58.42
C ILE G 25 -29.34 -9.92 -58.57
N VAL G 26 -30.03 -9.64 -59.68
CA VAL G 26 -30.61 -8.33 -59.86
C VAL G 26 -31.73 -8.12 -58.86
N ALA G 27 -32.55 -9.17 -58.62
CA ALA G 27 -33.61 -9.10 -57.62
C ALA G 27 -33.04 -8.82 -56.25
N LEU G 28 -31.88 -9.40 -55.96
CA LEU G 28 -31.26 -9.23 -54.65
C LEU G 28 -30.71 -7.82 -54.49
N ALA G 29 -30.05 -7.27 -55.52
CA ALA G 29 -29.57 -5.91 -55.44
C ALA G 29 -30.71 -4.92 -55.30
N TYR G 30 -31.84 -5.20 -55.97
CA TYR G 30 -33.00 -4.33 -55.89
C TYR G 30 -33.59 -4.37 -54.46
N ASP G 31 -33.87 -5.58 -53.96
CA ASP G 31 -34.46 -5.73 -52.63
C ASP G 31 -33.55 -5.18 -51.53
N THR G 32 -32.24 -5.15 -51.77
CA THR G 32 -31.29 -4.60 -50.81
C THR G 32 -31.30 -3.08 -50.81
N ILE G 33 -31.22 -2.48 -52.00
CA ILE G 33 -31.03 -1.04 -52.09
C ILE G 33 -32.34 -0.29 -51.89
N MET G 34 -33.48 -0.99 -51.87
CA MET G 34 -34.80 -0.38 -51.75
C MET G 34 -35.46 -0.68 -50.40
N ILE G 35 -34.69 -1.19 -49.44
CA ILE G 35 -35.17 -1.53 -48.10
C ILE G 35 -35.80 -0.31 -47.43
N PRO G 36 -36.99 -0.42 -46.86
CA PRO G 36 -37.55 0.73 -46.13
C PRO G 36 -36.72 1.04 -44.89
N THR G 37 -36.20 2.25 -44.83
CA THR G 37 -35.32 2.68 -43.76
C THR G 37 -36.06 3.75 -42.96
N PRO G 38 -35.97 3.77 -41.60
CA PRO G 38 -36.68 4.82 -40.86
C PRO G 38 -36.35 6.18 -41.39
N ARG G 39 -37.38 6.95 -41.57
CA ARG G 39 -37.21 8.25 -42.17
C ARG G 39 -36.42 9.17 -41.29
N ASN G 40 -36.32 8.90 -39.99
CA ASN G 40 -35.82 9.88 -39.01
C ASN G 40 -34.31 9.64 -38.60
N LEU G 41 -33.52 8.98 -39.45
CA LEU G 41 -32.10 8.77 -39.15
C LEU G 41 -31.34 10.09 -39.26
N ASN G 42 -30.48 10.36 -38.27
CA ASN G 42 -29.64 11.55 -38.19
C ASN G 42 -28.21 11.26 -38.65
N TRP G 43 -27.33 12.27 -38.47
CA TRP G 43 -25.99 12.19 -39.05
C TRP G 43 -25.11 11.16 -38.39
N MET G 44 -25.54 10.55 -37.30
CA MET G 44 -24.75 9.49 -36.71
C MET G 44 -24.95 8.16 -37.44
N TRP G 45 -25.79 8.10 -38.47
CA TRP G 45 -26.00 6.85 -39.19
C TRP G 45 -25.07 6.75 -40.42
N ILE G 46 -24.15 7.69 -40.62
CA ILE G 46 -23.27 7.66 -41.79
C ILE G 46 -22.04 6.79 -41.59
N TRP G 47 -21.66 6.50 -40.34
CA TRP G 47 -20.36 5.89 -40.08
C TRP G 47 -20.28 4.46 -40.59
N GLY G 48 -21.42 3.82 -40.88
CA GLY G 48 -21.37 2.50 -41.51
C GLY G 48 -20.79 2.58 -42.91
N VAL G 49 -21.22 3.59 -43.68
CA VAL G 49 -20.72 3.80 -45.04
C VAL G 49 -19.28 4.26 -45.00
N VAL G 50 -18.94 5.11 -44.02
CA VAL G 50 -17.53 5.54 -43.90
C VAL G 50 -16.67 4.32 -43.62
N LEU G 51 -17.10 3.47 -42.71
CA LEU G 51 -16.36 2.24 -42.42
C LEU G 51 -16.26 1.37 -43.65
N ALA G 52 -17.35 1.28 -44.42
CA ALA G 52 -17.32 0.48 -45.64
C ALA G 52 -16.29 1.02 -46.63
N PHE G 53 -16.28 2.34 -46.83
CA PHE G 53 -15.31 2.95 -47.74
C PHE G 53 -13.88 2.66 -47.30
N CYS G 54 -13.57 2.85 -46.01
CA CYS G 54 -12.24 2.61 -45.45
C CYS G 54 -11.75 1.20 -45.74
N LEU G 55 -12.61 0.21 -45.55
CA LEU G 55 -12.19 -1.16 -45.80
C LEU G 55 -11.81 -1.31 -47.26
N VAL G 56 -12.56 -0.69 -48.16
CA VAL G 56 -12.18 -0.77 -49.57
C VAL G 56 -10.90 0.00 -49.82
N LEU G 57 -10.80 1.23 -49.28
CA LEU G 57 -9.60 2.04 -49.45
C LEU G 57 -8.37 1.32 -48.96
N GLN G 58 -8.44 0.75 -47.76
CA GLN G 58 -7.27 0.07 -47.21
C GLN G 58 -6.90 -1.10 -48.09
N ILE G 59 -7.90 -1.83 -48.58
CA ILE G 59 -7.65 -3.02 -49.38
C ILE G 59 -7.02 -2.65 -50.71
N VAL G 60 -7.56 -1.64 -51.36
CA VAL G 60 -7.08 -1.30 -52.68
C VAL G 60 -5.70 -0.67 -52.61
N THR G 61 -5.47 0.23 -51.65
CA THR G 61 -4.11 0.77 -51.53
C THR G 61 -3.16 -0.28 -51.00
N GLY G 62 -3.65 -1.18 -50.17
CA GLY G 62 -2.80 -2.22 -49.65
C GLY G 62 -2.27 -3.16 -50.73
N ILE G 63 -3.15 -3.66 -51.59
CA ILE G 63 -2.76 -4.57 -52.67
C ILE G 63 -1.67 -3.90 -53.52
N VAL G 64 -1.87 -2.62 -53.80
CA VAL G 64 -0.94 -1.87 -54.60
C VAL G 64 0.40 -1.74 -53.87
N LEU G 65 0.37 -1.39 -52.58
CA LEU G 65 1.60 -1.27 -51.81
C LEU G 65 2.34 -2.60 -51.75
N ALA G 66 1.62 -3.71 -51.66
CA ALA G 66 2.30 -4.99 -51.58
C ALA G 66 3.04 -5.37 -52.85
N MET G 67 2.78 -4.67 -53.96
CA MET G 67 3.50 -4.90 -55.21
C MET G 67 4.91 -4.31 -55.20
N HIS G 68 5.26 -3.49 -54.20
CA HIS G 68 6.52 -2.78 -54.14
C HIS G 68 7.23 -2.94 -52.80
N TYR G 69 6.63 -3.64 -51.86
CA TYR G 69 7.14 -3.80 -50.50
C TYR G 69 7.81 -5.18 -50.38
N THR G 70 8.87 -5.24 -49.59
CA THR G 70 9.59 -6.49 -49.35
C THR G 70 9.55 -6.85 -47.88
N PRO G 71 8.81 -8.02 -47.46
CA PRO G 71 8.77 -8.43 -46.05
C PRO G 71 10.03 -9.16 -45.64
N HIS G 72 11.13 -8.42 -45.60
CA HIS G 72 12.39 -8.93 -45.11
C HIS G 72 13.07 -7.81 -44.38
N VAL G 73 13.66 -8.15 -43.23
CA VAL G 73 14.20 -7.14 -42.31
C VAL G 73 15.27 -6.29 -42.97
N ASP G 74 16.05 -6.87 -43.90
CA ASP G 74 17.13 -6.17 -44.63
C ASP G 74 16.60 -5.25 -45.73
N LEU G 75 15.33 -5.41 -46.14
CA LEU G 75 14.77 -4.75 -47.31
C LEU G 75 13.47 -3.99 -47.03
N ALA G 76 12.81 -4.29 -45.91
CA ALA G 76 11.49 -3.74 -45.60
C ALA G 76 11.49 -2.22 -45.52
N PHE G 77 12.30 -1.67 -44.63
CA PHE G 77 12.33 -0.22 -44.48
C PHE G 77 12.71 0.46 -45.80
N ALA G 78 13.72 -0.05 -46.49
CA ALA G 78 14.12 0.57 -47.76
C ALA G 78 13.00 0.48 -48.82
N SER G 79 12.25 -0.63 -48.83
CA SER G 79 11.23 -0.80 -49.87
C SER G 79 10.09 0.18 -49.65
N VAL G 80 9.83 0.59 -48.40
CA VAL G 80 8.83 1.61 -48.18
C VAL G 80 9.34 2.97 -48.67
N GLU G 81 10.62 3.27 -48.43
CA GLU G 81 11.18 4.49 -48.98
C GLU G 81 11.28 4.42 -50.49
N HIS G 82 11.48 3.22 -51.02
CA HIS G 82 11.46 3.10 -52.48
C HIS G 82 10.10 3.50 -53.04
N ILE G 83 9.02 3.01 -52.39
CA ILE G 83 7.64 3.42 -52.72
C ILE G 83 7.50 4.94 -52.61
N MET G 84 7.93 5.50 -51.49
CA MET G 84 7.76 6.92 -51.27
C MET G 84 8.47 7.76 -52.33
N ARG G 85 9.65 7.32 -52.79
CA ARG G 85 10.49 8.13 -53.64
C ARG G 85 10.40 7.79 -55.12
N ASN G 86 10.24 6.52 -55.46
CA ASN G 86 10.38 6.10 -56.84
C ASN G 86 9.08 5.67 -57.52
N VAL G 87 8.21 4.95 -56.80
CA VAL G 87 6.99 4.44 -57.38
C VAL G 87 6.09 5.62 -57.67
N ASN G 88 5.52 5.62 -58.88
CA ASN G 88 4.58 6.63 -59.34
C ASN G 88 3.42 6.73 -58.38
N GLY G 89 3.27 7.91 -57.77
CA GLY G 89 2.23 8.15 -56.79
C GLY G 89 2.42 7.37 -55.51
N GLY G 90 3.61 6.81 -55.31
CA GLY G 90 3.83 5.95 -54.17
C GLY G 90 3.72 6.71 -52.86
N PHE G 91 4.17 7.95 -52.85
CA PHE G 91 4.06 8.76 -51.65
C PHE G 91 2.61 8.95 -51.19
N MET G 92 1.71 9.13 -52.16
CA MET G 92 0.32 9.40 -51.86
C MET G 92 -0.40 8.09 -51.48
N LEU G 93 -0.04 7.00 -52.15
CA LEU G 93 -0.64 5.70 -51.83
C LEU G 93 -0.24 5.25 -50.44
N ARG G 94 1.01 5.51 -50.05
CA ARG G 94 1.47 5.18 -48.71
C ARG G 94 0.76 6.00 -47.64
N TYR G 95 0.67 7.30 -47.84
CA TYR G 95 0.01 8.14 -46.84
C TYR G 95 -1.49 7.84 -46.75
N LEU G 96 -2.11 7.47 -47.88
CA LEU G 96 -3.53 7.13 -47.84
C LEU G 96 -3.74 5.86 -47.05
N HIS G 97 -2.88 4.87 -47.24
CA HIS G 97 -3.05 3.62 -46.49
C HIS G 97 -2.84 3.86 -45.01
N ALA G 98 -1.83 4.66 -44.67
CA ALA G 98 -1.51 4.92 -43.28
C ALA G 98 -2.60 5.78 -42.64
N ASN G 99 -2.89 6.94 -43.23
CA ASN G 99 -3.97 7.75 -42.68
C ASN G 99 -5.35 7.08 -42.83
N GLY G 100 -5.52 6.20 -43.83
CA GLY G 100 -6.78 5.50 -43.98
C GLY G 100 -7.09 4.62 -42.78
N ALA G 101 -6.05 4.06 -42.15
CA ALA G 101 -6.27 3.30 -40.92
C ALA G 101 -6.80 4.23 -39.80
N SER G 102 -6.28 5.46 -39.73
CA SER G 102 -6.79 6.36 -38.71
C SER G 102 -8.24 6.68 -38.98
N LEU G 103 -8.57 6.99 -40.25
CA LEU G 103 -9.95 7.26 -40.61
C LEU G 103 -10.81 6.04 -40.28
N PHE G 104 -10.28 4.85 -40.56
CA PHE G 104 -10.99 3.62 -40.27
C PHE G 104 -11.32 3.55 -38.80
N PHE G 105 -10.39 3.97 -37.94
CA PHE G 105 -10.61 3.79 -36.51
C PHE G 105 -11.41 4.91 -35.84
N ILE G 106 -11.27 6.17 -36.28
CA ILE G 106 -12.18 7.22 -35.81
C ILE G 106 -13.62 6.82 -36.10
N ALA G 107 -13.85 6.21 -37.25
CA ALA G 107 -15.23 5.88 -37.61
C ALA G 107 -15.82 4.79 -36.72
N VAL G 108 -15.08 3.72 -36.40
CA VAL G 108 -15.68 2.68 -35.54
C VAL G 108 -16.05 3.24 -34.17
N TYR G 109 -15.18 4.07 -33.59
CA TYR G 109 -15.47 4.52 -32.24
C TYR G 109 -16.72 5.39 -32.25
N LEU G 110 -16.88 6.22 -33.27
CA LEU G 110 -18.13 6.96 -33.40
C LEU G 110 -19.33 6.02 -33.67
N HIS G 111 -19.11 5.05 -34.55
CA HIS G 111 -20.10 4.01 -34.83
C HIS G 111 -20.51 3.29 -33.55
N ILE G 112 -19.53 2.89 -32.74
CA ILE G 112 -19.79 2.13 -31.51
C ILE G 112 -20.54 3.00 -30.50
N PHE G 113 -20.06 4.23 -30.27
CA PHE G 113 -20.70 5.09 -29.28
C PHE G 113 -22.09 5.51 -29.73
N ARG G 114 -22.32 5.57 -31.04
CA ARG G 114 -23.68 5.74 -31.55
C ARG G 114 -24.53 4.58 -31.03
N GLY G 115 -24.02 3.37 -31.23
CA GLY G 115 -24.72 2.18 -30.79
C GLY G 115 -24.93 2.18 -29.30
N LEU G 116 -23.93 2.60 -28.53
CA LEU G 116 -24.07 2.56 -27.08
C LEU G 116 -25.13 3.53 -26.59
N TYR G 117 -25.37 4.63 -27.30
CA TYR G 117 -26.35 5.64 -26.87
C TYR G 117 -27.79 5.27 -27.21
N TYR G 118 -28.04 4.81 -28.44
CA TYR G 118 -29.38 4.57 -28.98
C TYR G 118 -29.84 3.12 -28.78
N GLY G 119 -29.05 2.29 -28.13
CA GLY G 119 -29.43 0.93 -27.88
C GLY G 119 -29.52 0.10 -29.12
N SER G 120 -28.65 0.33 -30.08
CA SER G 120 -28.64 -0.47 -31.29
C SER G 120 -28.10 -1.88 -31.04
N TYR G 121 -27.60 -2.15 -29.82
CA TYR G 121 -27.14 -3.47 -29.40
C TYR G 121 -28.24 -4.27 -28.70
N LYS G 122 -29.27 -3.58 -28.17
CA LYS G 122 -30.35 -4.30 -27.47
C LYS G 122 -31.20 -5.04 -28.48
N ALA G 123 -31.90 -6.05 -27.96
CA ALA G 123 -32.75 -6.91 -28.77
C ALA G 123 -33.64 -6.08 -29.70
N PRO G 124 -33.81 -6.52 -30.98
CA PRO G 124 -33.31 -7.77 -31.59
C PRO G 124 -31.90 -7.69 -32.28
N ARG G 125 -31.05 -6.79 -31.85
CA ARG G 125 -29.84 -6.50 -32.63
C ARG G 125 -28.56 -7.07 -32.01
N GLU G 126 -28.67 -8.09 -31.16
CA GLU G 126 -27.49 -8.67 -30.53
C GLU G 126 -26.54 -9.25 -31.55
N VAL G 127 -27.05 -9.98 -32.53
CA VAL G 127 -26.13 -10.62 -33.48
C VAL G 127 -25.37 -9.57 -34.25
N THR G 128 -26.05 -8.51 -34.70
CA THR G 128 -25.35 -7.44 -35.39
C THR G 128 -24.19 -6.95 -34.53
N TRP G 129 -24.46 -6.79 -33.22
CA TRP G 129 -23.49 -6.25 -32.27
C TRP G 129 -22.34 -7.22 -32.06
N ILE G 130 -22.64 -8.51 -31.88
CA ILE G 130 -21.60 -9.50 -31.63
C ILE G 130 -20.75 -9.63 -32.87
N VAL G 131 -21.36 -9.63 -34.06
CA VAL G 131 -20.57 -9.64 -35.28
C VAL G 131 -19.71 -8.38 -35.34
N GLY G 132 -20.27 -7.25 -34.90
CA GLY G 132 -19.50 -6.01 -34.82
C GLY G 132 -18.27 -6.14 -33.95
N MET G 133 -18.40 -6.79 -32.78
CA MET G 133 -17.24 -6.93 -31.89
C MET G 133 -16.14 -7.76 -32.54
N LEU G 134 -16.52 -8.78 -33.31
CA LEU G 134 -15.50 -9.57 -34.00
C LEU G 134 -14.77 -8.74 -35.05
N ILE G 135 -15.50 -7.92 -35.79
CA ILE G 135 -14.86 -7.05 -36.78
C ILE G 135 -13.85 -6.14 -36.08
N TYR G 136 -14.25 -5.61 -34.93
CA TYR G 136 -13.35 -4.69 -34.23
C TYR G 136 -12.08 -5.40 -33.79
N LEU G 137 -12.22 -6.63 -33.26
CA LEU G 137 -11.04 -7.39 -32.88
C LEU G 137 -10.16 -7.64 -34.09
N ALA G 138 -10.77 -7.96 -35.22
CA ALA G 138 -9.98 -8.24 -36.40
C ALA G 138 -9.26 -6.98 -36.85
N MET G 139 -9.96 -5.84 -36.78
CA MET G 139 -9.36 -4.56 -37.13
C MET G 139 -8.13 -4.25 -36.31
N MET G 140 -8.22 -4.44 -34.99
CA MET G 140 -7.07 -4.14 -34.14
C MET G 140 -5.91 -5.06 -34.51
N ALA G 141 -6.20 -6.36 -34.66
CA ALA G 141 -5.14 -7.30 -35.05
C ALA G 141 -4.57 -6.95 -36.43
N THR G 142 -5.41 -6.59 -37.39
CA THR G 142 -4.90 -6.23 -38.71
C THR G 142 -4.02 -5.01 -38.63
N ALA G 143 -4.50 -3.97 -37.95
CA ALA G 143 -3.73 -2.73 -37.90
C ALA G 143 -2.42 -2.92 -37.15
N PHE G 144 -2.42 -3.73 -36.10
CA PHE G 144 -1.18 -3.96 -35.37
C PHE G 144 -0.12 -4.51 -36.33
N MET G 145 -0.46 -5.60 -37.04
CA MET G 145 0.52 -6.25 -37.91
C MET G 145 0.91 -5.33 -39.06
N GLY G 146 -0.03 -4.52 -39.51
CA GLY G 146 0.30 -3.56 -40.55
C GLY G 146 1.38 -2.61 -40.09
N TYR G 147 1.28 -2.16 -38.84
CA TYR G 147 2.23 -1.18 -38.33
C TYR G 147 3.63 -1.77 -38.20
N VAL G 148 3.74 -3.09 -38.09
CA VAL G 148 5.05 -3.70 -38.00
C VAL G 148 5.77 -3.70 -39.33
N LEU G 149 5.04 -3.73 -40.44
CA LEU G 149 5.67 -3.95 -41.73
C LEU G 149 6.75 -2.94 -42.14
N PRO G 150 6.61 -1.63 -41.92
CA PRO G 150 7.72 -0.72 -42.27
C PRO G 150 9.01 -1.03 -41.52
N TRP G 151 8.94 -1.72 -40.38
CA TRP G 151 10.12 -2.13 -39.61
C TRP G 151 10.93 -0.92 -39.15
N GLY G 152 10.23 0.11 -38.68
CA GLY G 152 10.84 1.25 -38.03
C GLY G 152 11.04 0.93 -36.55
N GLN G 153 11.43 1.95 -35.79
CA GLN G 153 11.69 1.73 -34.36
C GLN G 153 10.40 1.44 -33.59
N MET G 154 9.32 2.17 -33.88
CA MET G 154 8.05 1.88 -33.22
C MET G 154 7.54 0.53 -33.64
N SER G 155 7.73 0.19 -34.89
CA SER G 155 7.35 -1.11 -35.39
C SER G 155 8.00 -2.20 -34.55
N PHE G 156 9.32 -2.15 -34.41
CA PHE G 156 10.04 -3.22 -33.74
C PHE G 156 9.69 -3.27 -32.27
N TRP G 157 9.71 -2.11 -31.61
CA TRP G 157 9.54 -2.10 -30.16
C TRP G 157 8.07 -2.14 -29.77
N GLY G 158 7.18 -1.62 -30.62
CA GLY G 158 5.74 -1.81 -30.40
C GLY G 158 5.38 -3.29 -30.48
N ALA G 159 5.98 -3.99 -31.43
CA ALA G 159 5.75 -5.42 -31.61
C ALA G 159 6.33 -6.20 -30.41
N THR G 160 7.48 -5.78 -29.91
CA THR G 160 8.10 -6.34 -28.72
C THR G 160 7.17 -6.24 -27.51
N VAL G 161 6.58 -5.06 -27.32
CA VAL G 161 5.72 -4.81 -26.17
C VAL G 161 4.47 -5.65 -26.27
N ILE G 162 3.85 -5.67 -27.45
CA ILE G 162 2.54 -6.26 -27.62
C ILE G 162 2.62 -7.77 -27.60
N THR G 163 3.67 -8.34 -28.18
CA THR G 163 3.89 -9.78 -28.04
C THR G 163 4.25 -10.16 -26.63
N GLY G 164 4.85 -9.23 -25.89
CA GLY G 164 5.15 -9.53 -24.51
C GLY G 164 3.91 -9.70 -23.66
N LEU G 165 2.80 -9.06 -24.05
CA LEU G 165 1.55 -9.19 -23.34
C LEU G 165 1.16 -10.65 -23.22
N PHE G 166 1.38 -11.41 -24.29
CA PHE G 166 0.93 -12.82 -24.27
C PHE G 166 1.88 -13.68 -23.46
N GLY G 167 3.13 -13.23 -23.27
CA GLY G 167 4.06 -13.93 -22.40
C GLY G 167 3.67 -13.86 -20.94
N ALA G 168 2.74 -12.97 -20.60
CA ALA G 168 2.26 -12.75 -19.25
C ALA G 168 1.20 -13.76 -18.84
N ILE G 169 0.70 -14.56 -19.78
CA ILE G 169 -0.32 -15.56 -19.47
C ILE G 169 0.32 -16.70 -18.66
N PRO G 170 -0.22 -17.07 -17.49
CA PRO G 170 0.42 -18.14 -16.70
C PRO G 170 0.52 -19.47 -17.43
N GLY G 171 1.62 -20.17 -17.20
CA GLY G 171 1.78 -21.51 -17.73
C GLY G 171 2.20 -21.56 -19.18
N ILE G 172 1.28 -21.08 -20.03
CA ILE G 172 1.38 -21.19 -21.47
C ILE G 172 1.89 -19.90 -22.12
N GLY G 173 2.11 -18.86 -21.33
CA GLY G 173 2.44 -17.57 -21.92
C GLY G 173 3.67 -17.59 -22.78
N HIS G 174 4.75 -18.21 -22.29
CA HIS G 174 5.97 -18.17 -23.08
C HIS G 174 5.80 -18.98 -24.36
N SER G 175 5.01 -20.06 -24.34
CA SER G 175 4.76 -20.82 -25.56
C SER G 175 4.01 -19.98 -26.57
N ILE G 176 2.95 -19.29 -26.15
CA ILE G 176 2.22 -18.44 -27.09
C ILE G 176 3.13 -17.36 -27.67
N GLN G 177 3.98 -16.77 -26.81
CA GLN G 177 4.85 -15.69 -27.27
C GLN G 177 5.85 -16.19 -28.33
N THR G 178 6.48 -17.35 -28.07
CA THR G 178 7.41 -17.95 -29.01
C THR G 178 6.75 -18.32 -30.34
N TRP G 179 5.54 -18.85 -30.28
CA TRP G 179 4.79 -19.23 -31.48
C TRP G 179 4.49 -18.00 -32.34
N LEU G 180 4.08 -16.90 -31.71
CA LEU G 180 3.84 -15.68 -32.47
C LEU G 180 5.11 -15.11 -33.09
N LEU G 181 6.23 -15.19 -32.38
CA LEU G 181 7.48 -14.58 -32.83
C LEU G 181 8.22 -15.44 -33.85
N GLY G 182 8.08 -16.77 -33.73
CA GLY G 182 8.82 -17.74 -34.50
C GLY G 182 10.26 -17.89 -34.06
N GLY G 183 10.55 -17.49 -32.82
CA GLY G 183 11.88 -17.52 -32.25
C GLY G 183 11.93 -16.82 -30.90
N PRO G 184 13.14 -16.56 -30.39
CA PRO G 184 13.25 -15.90 -29.08
C PRO G 184 12.94 -14.41 -29.08
N ALA G 185 12.85 -13.76 -30.22
CA ALA G 185 12.67 -12.31 -30.26
C ALA G 185 11.98 -11.94 -31.56
N VAL G 186 11.49 -10.71 -31.57
CA VAL G 186 10.98 -10.13 -32.80
C VAL G 186 12.12 -10.14 -33.79
N ASP G 187 11.96 -10.86 -34.90
CA ASP G 187 13.01 -10.97 -35.88
C ASP G 187 12.35 -11.14 -37.25
N ASN G 188 13.09 -11.66 -38.22
CA ASN G 188 12.57 -11.76 -39.59
C ASN G 188 11.37 -12.70 -39.64
N ALA G 189 11.44 -13.83 -38.93
CA ALA G 189 10.30 -14.73 -38.90
C ALA G 189 9.04 -14.00 -38.49
N THR G 190 9.18 -13.04 -37.60
CA THR G 190 8.00 -12.32 -37.17
C THR G 190 7.50 -11.41 -38.28
N LEU G 191 8.41 -10.68 -38.90
CA LEU G 191 7.99 -9.80 -39.99
C LEU G 191 7.36 -10.62 -41.14
N ASN G 192 7.95 -11.79 -41.47
CA ASN G 192 7.48 -12.59 -42.59
C ASN G 192 6.07 -13.09 -42.37
N ARG G 193 5.75 -13.54 -41.16
CA ARG G 193 4.42 -14.07 -40.90
C ARG G 193 3.38 -12.98 -40.66
N PHE G 194 3.79 -11.86 -40.08
CA PHE G 194 2.83 -10.78 -39.92
C PHE G 194 2.42 -10.28 -41.29
N PHE G 195 3.30 -10.34 -42.27
CA PHE G 195 2.93 -9.88 -43.59
C PHE G 195 1.83 -10.75 -44.18
N SER G 196 1.97 -12.07 -44.07
CA SER G 196 0.98 -12.97 -44.61
C SER G 196 -0.35 -12.71 -43.94
N LEU G 197 -0.35 -12.54 -42.62
CA LEU G 197 -1.60 -12.35 -41.90
C LEU G 197 -2.17 -10.97 -42.11
N HIS G 198 -1.33 -9.96 -42.34
CA HIS G 198 -1.88 -8.65 -42.63
C HIS G 198 -2.65 -8.68 -43.94
N TYR G 199 -2.24 -9.54 -44.86
CA TYR G 199 -2.94 -9.63 -46.14
C TYR G 199 -4.25 -10.35 -45.95
N LEU G 200 -4.21 -11.45 -45.20
CA LEU G 200 -5.37 -12.31 -45.02
C LEU G 200 -6.51 -11.64 -44.27
N LEU G 201 -6.23 -11.07 -43.11
CA LEU G 201 -7.30 -10.68 -42.19
C LEU G 201 -8.30 -9.70 -42.79
N PRO G 202 -7.90 -8.71 -43.59
CA PRO G 202 -8.89 -7.84 -44.22
C PRO G 202 -9.95 -8.58 -45.04
N PHE G 203 -9.60 -9.73 -45.57
CA PHE G 203 -10.60 -10.49 -46.30
C PHE G 203 -11.55 -11.15 -45.31
N VAL G 204 -11.04 -11.54 -44.16
CA VAL G 204 -11.90 -12.06 -43.10
C VAL G 204 -12.82 -10.97 -42.58
N ILE G 205 -12.30 -9.75 -42.42
CA ILE G 205 -13.14 -8.63 -42.02
C ILE G 205 -14.23 -8.40 -43.04
N ALA G 206 -13.89 -8.44 -44.34
CA ALA G 206 -14.89 -8.24 -45.38
C ALA G 206 -15.98 -9.31 -45.30
N ALA G 207 -15.58 -10.55 -45.02
CA ALA G 207 -16.57 -11.60 -44.87
C ALA G 207 -17.46 -11.33 -43.66
N LEU G 208 -16.88 -10.85 -42.55
CA LEU G 208 -17.70 -10.53 -41.39
C LEU G 208 -18.65 -9.38 -41.70
N VAL G 209 -18.17 -8.40 -42.46
CA VAL G 209 -19.02 -7.26 -42.82
C VAL G 209 -20.20 -7.71 -43.63
N ALA G 210 -20.02 -8.73 -44.47
CA ALA G 210 -21.16 -9.20 -45.24
C ALA G 210 -22.26 -9.72 -44.31
N ILE G 211 -21.86 -10.47 -43.28
CA ILE G 211 -22.81 -11.00 -42.30
C ILE G 211 -23.37 -9.86 -41.45
N HIS G 212 -22.54 -8.91 -41.10
CA HIS G 212 -22.97 -7.71 -40.40
C HIS G 212 -24.11 -7.00 -41.18
N ILE G 213 -23.95 -6.85 -42.49
CA ILE G 213 -24.98 -6.18 -43.29
C ILE G 213 -26.22 -7.05 -43.34
N TRP G 214 -26.01 -8.33 -43.48
CA TRP G 214 -27.11 -9.26 -43.45
C TRP G 214 -27.84 -9.15 -42.12
N ALA G 215 -27.10 -8.87 -41.05
CA ALA G 215 -27.66 -8.84 -39.71
C ALA G 215 -28.61 -7.68 -39.53
N PHE G 216 -28.19 -6.45 -39.91
CA PHE G 216 -29.12 -5.35 -39.66
C PHE G 216 -30.14 -5.18 -40.75
N HIS G 217 -29.98 -5.91 -41.85
CA HIS G 217 -31.02 -5.97 -42.86
C HIS G 217 -32.12 -6.90 -42.41
N SER G 218 -31.78 -7.95 -41.66
CA SER G 218 -32.79 -8.87 -41.14
C SER G 218 -33.71 -8.20 -40.11
N THR G 219 -33.18 -7.35 -39.23
CA THR G 219 -33.97 -6.70 -38.20
C THR G 219 -34.50 -5.34 -38.63
N GLY G 220 -33.85 -4.69 -39.55
CA GLY G 220 -34.15 -3.30 -39.86
C GLY G 220 -33.32 -2.37 -39.00
N ASN G 221 -33.00 -1.23 -39.59
CA ASN G 221 -32.16 -0.26 -38.90
C ASN G 221 -32.85 0.26 -37.65
N ASN G 222 -32.04 0.44 -36.62
CA ASN G 222 -32.49 1.18 -35.46
C ASN G 222 -32.57 2.64 -35.89
N ASN G 223 -33.24 3.42 -35.10
CA ASN G 223 -33.37 4.84 -35.34
C ASN G 223 -33.25 5.63 -34.04
N PRO G 224 -33.09 6.95 -34.13
CA PRO G 224 -32.88 7.74 -32.91
C PRO G 224 -33.96 7.60 -31.82
N THR G 225 -35.19 7.19 -32.16
CA THR G 225 -36.25 7.07 -31.14
C THR G 225 -36.25 5.70 -30.47
N GLY G 226 -35.60 4.71 -31.08
CA GLY G 226 -35.64 3.39 -30.58
C GLY G 226 -36.96 2.70 -30.82
N VAL G 227 -37.91 3.37 -31.54
CA VAL G 227 -39.22 2.82 -31.87
C VAL G 227 -39.15 2.12 -33.23
N GLU G 228 -39.56 0.86 -33.27
CA GLU G 228 -39.42 0.09 -34.50
C GLU G 228 -40.47 0.53 -35.53
N VAL G 229 -40.11 0.31 -36.82
CA VAL G 229 -41.03 0.59 -37.91
C VAL G 229 -42.23 -0.29 -37.78
N ARG G 230 -43.41 0.29 -38.01
CA ARG G 230 -44.68 -0.45 -38.03
C ARG G 230 -44.75 -1.41 -39.23
N ARG G 231 -45.12 -2.66 -38.95
CA ARG G 231 -45.12 -3.70 -39.97
C ARG G 231 -46.51 -4.26 -40.24
N THR G 232 -47.57 -3.72 -39.61
CA THR G 232 -48.94 -4.24 -39.75
C THR G 232 -49.55 -4.00 -41.13
N SER G 233 -49.06 -3.03 -41.90
CA SER G 233 -49.55 -2.76 -43.25
C SER G 233 -48.52 -1.91 -44.01
N LYS G 234 -48.62 -1.97 -45.34
CA LYS G 234 -47.73 -1.19 -46.20
C LYS G 234 -47.97 0.29 -46.01
N ALA G 235 -49.21 0.65 -45.70
CA ALA G 235 -49.62 2.03 -45.52
C ALA G 235 -48.82 2.71 -44.45
N GLU G 236 -48.75 2.11 -43.24
CA GLU G 236 -48.10 2.74 -42.11
C GLU G 236 -46.59 2.49 -42.03
N ALA G 237 -46.08 1.49 -42.74
CA ALA G 237 -44.63 1.34 -42.83
C ALA G 237 -44.05 2.47 -43.67
N GLN G 238 -44.79 2.93 -44.67
CA GLN G 238 -44.27 3.99 -45.53
C GLN G 238 -44.29 5.33 -44.81
N LYS G 239 -45.20 5.50 -43.85
CA LYS G 239 -45.19 6.72 -43.07
C LYS G 239 -44.01 6.77 -42.10
N ASP G 240 -43.46 5.61 -41.74
CA ASP G 240 -42.30 5.52 -40.88
C ASP G 240 -40.97 5.48 -41.66
N THR G 241 -41.03 5.23 -42.98
CA THR G 241 -39.83 4.89 -43.73
C THR G 241 -39.81 5.62 -45.07
N VAL G 242 -38.63 5.62 -45.66
CA VAL G 242 -38.41 5.92 -47.06
C VAL G 242 -37.48 4.84 -47.60
N PRO G 243 -37.52 4.54 -48.90
CA PRO G 243 -36.62 3.50 -49.43
C PRO G 243 -35.19 3.95 -49.32
N PHE G 244 -34.31 2.99 -49.00
CA PHE G 244 -32.88 3.27 -48.83
C PHE G 244 -32.33 4.02 -50.04
N TRP G 245 -32.56 3.46 -51.29
CA TRP G 245 -32.26 4.19 -52.51
C TRP G 245 -33.47 5.00 -52.92
N PRO G 246 -33.30 6.29 -53.29
CA PRO G 246 -32.14 7.17 -53.30
C PRO G 246 -31.90 7.91 -52.00
N TYR G 247 -32.93 7.97 -51.18
CA TYR G 247 -33.00 8.92 -50.06
C TYR G 247 -31.79 8.84 -49.10
N PHE G 248 -31.41 7.65 -48.67
CA PHE G 248 -30.29 7.54 -47.73
C PHE G 248 -28.97 7.20 -48.42
N ILE G 249 -29.00 6.68 -49.65
CA ILE G 249 -27.79 6.55 -50.44
C ILE G 249 -27.18 7.91 -50.68
N ILE G 250 -27.99 8.82 -51.19
CA ILE G 250 -27.47 10.13 -51.53
C ILE G 250 -27.06 10.88 -50.26
N LYS G 251 -27.85 10.74 -49.19
CA LYS G 251 -27.49 11.41 -47.95
C LYS G 251 -26.16 10.87 -47.38
N ASP G 252 -25.92 9.56 -47.50
CA ASP G 252 -24.67 8.98 -47.02
C ASP G 252 -23.50 9.40 -47.91
N VAL G 253 -23.69 9.33 -49.24
CA VAL G 253 -22.64 9.73 -50.17
C VAL G 253 -22.29 11.21 -49.96
N PHE G 254 -23.27 12.03 -49.66
CA PHE G 254 -22.95 13.42 -49.35
C PHE G 254 -22.03 13.50 -48.16
N ALA G 255 -22.43 12.86 -47.07
CA ALA G 255 -21.61 12.86 -45.86
C ALA G 255 -20.23 12.29 -46.14
N LEU G 256 -20.17 11.23 -46.96
CA LEU G 256 -18.89 10.63 -47.31
C LEU G 256 -18.01 11.64 -48.05
N ALA G 257 -18.59 12.42 -48.96
CA ALA G 257 -17.80 13.42 -49.68
C ALA G 257 -17.20 14.45 -48.74
N VAL G 258 -17.90 14.79 -47.65
CA VAL G 258 -17.39 15.78 -46.69
C VAL G 258 -16.29 15.17 -45.84
N VAL G 259 -16.48 13.91 -45.43
CA VAL G 259 -15.47 13.19 -44.67
C VAL G 259 -14.21 13.08 -45.49
N LEU G 260 -14.35 12.75 -46.77
CA LEU G 260 -13.14 12.60 -47.54
C LEU G 260 -12.50 13.95 -47.80
N LEU G 261 -13.29 15.02 -47.85
CA LEU G 261 -12.72 16.35 -47.97
C LEU G 261 -11.73 16.63 -46.85
N VAL G 262 -12.14 16.38 -45.61
CA VAL G 262 -11.22 16.57 -44.48
C VAL G 262 -10.06 15.60 -44.57
N PHE G 263 -10.35 14.32 -44.81
CA PHE G 263 -9.32 13.29 -44.88
C PHE G 263 -8.26 13.61 -45.93
N PHE G 264 -8.69 14.08 -47.10
CA PHE G 264 -7.70 14.40 -48.12
C PHE G 264 -6.93 15.67 -47.74
N ALA G 265 -7.51 16.55 -46.93
CA ALA G 265 -6.71 17.67 -46.45
C ALA G 265 -5.61 17.18 -45.51
N ILE G 266 -5.92 16.20 -44.65
CA ILE G 266 -4.89 15.61 -43.80
C ILE G 266 -3.81 14.98 -44.68
N VAL G 267 -4.21 14.10 -45.60
CA VAL G 267 -3.22 13.39 -46.41
C VAL G 267 -2.42 14.38 -47.28
N GLY G 268 -3.09 15.42 -47.75
CA GLY G 268 -2.43 16.37 -48.62
C GLY G 268 -1.53 17.34 -47.90
N PHE G 269 -1.87 17.68 -46.65
CA PHE G 269 -1.22 18.80 -45.95
C PHE G 269 -0.63 18.50 -44.58
N MET G 270 -1.01 17.41 -43.92
CA MET G 270 -0.40 17.01 -42.66
C MET G 270 -0.48 15.49 -42.52
N PRO G 271 0.12 14.78 -43.46
CA PRO G 271 -0.01 13.33 -43.47
C PRO G 271 0.68 12.64 -42.32
N ASN G 272 1.59 13.34 -41.63
CA ASN G 272 2.37 12.74 -40.56
C ASN G 272 1.91 13.15 -39.17
N TYR G 273 0.87 14.01 -39.06
CA TYR G 273 0.39 14.48 -37.78
C TYR G 273 -0.01 13.33 -36.89
N LEU G 274 -0.70 12.33 -37.45
CA LEU G 274 -1.21 11.21 -36.68
C LEU G 274 -0.22 10.07 -36.54
N GLY G 275 1.02 10.28 -36.96
CA GLY G 275 2.05 9.27 -36.90
C GLY G 275 3.06 9.59 -35.83
N HIS G 276 3.98 8.65 -35.66
CA HIS G 276 5.08 8.80 -34.72
C HIS G 276 6.42 8.99 -35.43
N PRO G 277 7.13 10.12 -35.26
CA PRO G 277 8.42 10.30 -35.98
C PRO G 277 9.41 9.18 -35.74
N ASP G 278 9.36 8.47 -34.63
CA ASP G 278 10.38 7.45 -34.46
C ASP G 278 10.24 6.29 -35.43
N ASN G 279 9.11 6.15 -36.15
CA ASN G 279 8.98 5.04 -37.12
C ASN G 279 9.62 5.33 -38.47
N TYR G 280 10.16 6.55 -38.67
CA TYR G 280 11.03 6.92 -39.76
C TYR G 280 12.53 6.63 -39.44
N ILE G 281 12.78 5.90 -38.36
CA ILE G 281 14.08 5.39 -38.00
C ILE G 281 14.07 3.88 -38.15
N GLU G 282 15.10 3.32 -38.77
CA GLU G 282 15.16 1.88 -38.97
C GLU G 282 15.17 1.14 -37.65
N ALA G 283 14.49 -0.01 -37.63
CA ALA G 283 14.45 -0.89 -36.47
C ALA G 283 15.86 -1.16 -35.97
N ASN G 284 16.04 -0.98 -34.67
CA ASN G 284 17.29 -1.26 -33.98
C ASN G 284 17.03 -2.22 -32.85
N PRO G 285 17.35 -3.51 -32.97
CA PRO G 285 16.99 -4.42 -31.88
C PRO G 285 17.75 -4.23 -30.60
N LEU G 286 18.73 -3.33 -30.58
CA LEU G 286 19.56 -3.06 -29.42
C LEU G 286 19.29 -1.73 -28.74
N SER G 287 18.44 -0.88 -29.30
CA SER G 287 18.17 0.40 -28.66
C SER G 287 16.70 0.74 -28.89
N THR G 288 16.06 1.23 -27.85
CA THR G 288 14.64 1.44 -27.75
C THR G 288 14.36 2.93 -27.68
N PRO G 289 13.47 3.47 -28.49
CA PRO G 289 13.16 4.90 -28.34
C PRO G 289 12.73 5.20 -26.92
N ALA G 290 13.08 6.41 -26.46
CA ALA G 290 12.72 6.78 -25.10
C ALA G 290 11.22 6.97 -24.93
N HIS G 291 10.58 7.51 -25.95
CA HIS G 291 9.18 7.91 -26.00
C HIS G 291 8.28 7.00 -26.82
N ILE G 292 8.45 5.68 -26.72
CA ILE G 292 7.54 4.79 -27.44
C ILE G 292 6.11 5.02 -27.00
N VAL G 293 5.22 5.22 -27.99
CA VAL G 293 3.79 5.44 -27.75
C VAL G 293 2.96 4.76 -28.83
N PRO G 294 1.85 4.11 -28.49
CA PRO G 294 1.02 3.52 -29.54
C PRO G 294 0.29 4.54 -30.41
N GLU G 295 -0.19 4.02 -31.53
CA GLU G 295 -1.13 4.73 -32.38
C GLU G 295 -2.36 5.09 -31.56
N TRP G 296 -2.90 6.28 -31.84
CA TRP G 296 -3.90 6.87 -30.96
C TRP G 296 -5.09 5.97 -30.72
N TYR G 297 -5.48 5.17 -31.70
CA TYR G 297 -6.67 4.36 -31.53
C TYR G 297 -6.44 3.16 -30.62
N PHE G 298 -5.21 2.85 -30.21
CA PHE G 298 -4.97 1.80 -29.21
C PHE G 298 -4.77 2.35 -27.82
N LEU G 299 -4.59 3.67 -27.72
CA LEU G 299 -4.19 4.28 -26.46
C LEU G 299 -5.16 4.03 -25.31
N PRO G 300 -6.49 4.11 -25.48
CA PRO G 300 -7.37 3.91 -24.33
C PRO G 300 -7.20 2.55 -23.68
N PHE G 301 -7.07 1.52 -24.50
CA PHE G 301 -6.96 0.19 -23.95
C PHE G 301 -5.59 -0.05 -23.41
N TYR G 302 -4.60 0.60 -24.01
CA TYR G 302 -3.23 0.55 -23.48
C TYR G 302 -3.21 1.20 -22.09
N ALA G 303 -3.94 2.33 -21.94
CA ALA G 303 -4.01 3.01 -20.63
C ALA G 303 -4.61 2.08 -19.56
N ILE G 304 -5.61 1.29 -19.94
CA ILE G 304 -6.24 0.35 -19.01
C ILE G 304 -5.21 -0.69 -18.60
N LEU G 305 -4.46 -1.19 -19.56
CA LEU G 305 -3.48 -2.23 -19.27
C LEU G 305 -2.48 -1.73 -18.24
N ARG G 306 -1.88 -0.56 -18.46
CA ARG G 306 -0.84 -0.10 -17.55
C ARG G 306 -1.38 0.54 -16.27
N ALA G 307 -2.68 0.83 -16.18
CA ALA G 307 -3.23 1.36 -14.93
C ALA G 307 -3.18 0.38 -13.78
N PHE G 308 -3.13 -0.93 -14.05
CA PHE G 308 -3.22 -1.94 -13.00
C PHE G 308 -1.85 -2.46 -12.64
N THR G 309 -1.18 -1.71 -11.74
CA THR G 309 0.13 -2.09 -11.24
C THR G 309 0.01 -2.93 -9.95
N ALA G 310 1.16 -3.43 -9.43
CA ALA G 310 1.19 -4.25 -8.22
C ALA G 310 0.78 -3.52 -6.94
N ASP G 311 0.88 -2.18 -6.88
CA ASP G 311 0.55 -1.43 -5.66
C ASP G 311 -0.96 -1.20 -5.54
N VAL G 312 -1.69 -1.35 -6.64
CA VAL G 312 -3.13 -1.11 -6.68
C VAL G 312 -3.79 -2.12 -5.77
N TRP G 313 -4.84 -1.67 -5.07
CA TRP G 313 -5.32 -2.50 -3.97
C TRP G 313 -5.99 -3.75 -4.50
N VAL G 314 -6.83 -3.60 -5.52
CA VAL G 314 -7.53 -4.75 -6.09
C VAL G 314 -6.58 -5.74 -6.73
N VAL G 315 -5.46 -5.26 -7.27
CA VAL G 315 -4.45 -6.14 -7.85
C VAL G 315 -3.79 -6.98 -6.74
N GLN G 316 -3.49 -6.36 -5.59
CA GLN G 316 -2.84 -7.06 -4.49
C GLN G 316 -3.76 -8.14 -3.88
N ILE G 317 -5.08 -7.91 -3.86
CA ILE G 317 -6.03 -8.93 -3.40
C ILE G 317 -6.06 -10.09 -4.38
N ALA G 318 -6.16 -9.78 -5.67
CA ALA G 318 -6.14 -10.82 -6.70
C ALA G 318 -4.88 -11.65 -6.56
N ASN G 319 -3.75 -11.01 -6.29
CA ASN G 319 -2.50 -11.75 -6.18
C ASN G 319 -2.55 -12.70 -5.00
N PHE G 320 -3.12 -12.26 -3.89
CA PHE G 320 -3.20 -13.07 -2.68
C PHE G 320 -4.19 -14.22 -2.91
N ILE G 321 -5.40 -13.91 -3.37
CA ILE G 321 -6.41 -14.93 -3.58
C ILE G 321 -5.99 -15.95 -4.64
N SER G 322 -5.29 -15.52 -5.67
CA SER G 322 -4.85 -16.43 -6.72
C SER G 322 -3.52 -17.11 -6.41
N PHE G 323 -3.02 -17.01 -5.18
CA PHE G 323 -1.77 -17.67 -4.78
C PHE G 323 -0.57 -17.28 -5.66
N GLY G 324 -0.56 -16.05 -6.18
CA GLY G 324 0.56 -15.50 -6.92
C GLY G 324 0.47 -15.62 -8.43
N ILE G 325 -0.51 -16.39 -8.93
CA ILE G 325 -0.73 -16.59 -10.37
C ILE G 325 -1.01 -15.27 -11.07
N ILE G 326 -1.90 -14.46 -10.50
CA ILE G 326 -2.30 -13.19 -11.10
C ILE G 326 -1.43 -12.07 -10.53
N ASP G 327 -0.36 -11.73 -11.25
CA ASP G 327 0.41 -10.57 -10.86
C ASP G 327 -0.09 -9.34 -11.63
N ALA G 328 0.54 -8.19 -11.39
CA ALA G 328 0.06 -6.96 -12.01
C ALA G 328 0.12 -7.01 -13.53
N LYS G 329 1.14 -7.64 -14.07
CA LYS G 329 1.28 -7.68 -15.53
C LYS G 329 0.09 -8.43 -16.13
N PHE G 330 -0.18 -9.65 -15.63
CA PHE G 330 -1.28 -10.42 -16.19
C PHE G 330 -2.62 -9.82 -15.84
N PHE G 331 -2.71 -9.19 -14.68
CA PHE G 331 -3.96 -8.53 -14.31
C PHE G 331 -4.26 -7.42 -15.31
N GLY G 332 -3.23 -6.65 -15.66
CA GLY G 332 -3.39 -5.57 -16.61
C GLY G 332 -3.80 -6.09 -17.97
N VAL G 333 -3.33 -7.28 -18.35
CA VAL G 333 -3.72 -7.88 -19.62
C VAL G 333 -5.17 -8.32 -19.54
N LEU G 334 -5.56 -8.90 -18.42
CA LEU G 334 -6.95 -9.28 -18.22
C LEU G 334 -7.81 -8.03 -18.26
N ALA G 335 -7.35 -6.96 -17.64
CA ALA G 335 -8.13 -5.73 -17.65
C ALA G 335 -8.31 -5.22 -19.08
N MET G 336 -7.29 -5.33 -19.92
CA MET G 336 -7.35 -4.76 -21.27
C MET G 336 -8.36 -5.54 -22.13
N PHE G 337 -8.23 -6.85 -22.18
CA PHE G 337 -9.20 -7.64 -22.89
C PHE G 337 -10.55 -7.62 -22.18
N GLY G 338 -10.54 -7.43 -20.86
CA GLY G 338 -11.79 -7.36 -20.12
C GLY G 338 -12.59 -6.12 -20.47
N ALA G 339 -11.92 -5.03 -20.79
CA ALA G 339 -12.63 -3.81 -21.16
C ALA G 339 -13.40 -3.99 -22.48
N ILE G 340 -12.84 -4.75 -23.42
CA ILE G 340 -13.54 -5.00 -24.68
C ILE G 340 -14.66 -6.01 -24.48
N LEU G 341 -14.43 -7.01 -23.62
CA LEU G 341 -15.43 -8.05 -23.42
C LEU G 341 -16.68 -7.48 -22.77
N VAL G 342 -16.53 -6.60 -21.77
CA VAL G 342 -17.73 -6.08 -21.12
C VAL G 342 -18.53 -5.25 -22.10
N MET G 343 -17.85 -4.64 -23.06
CA MET G 343 -18.55 -3.90 -24.08
C MET G 343 -19.25 -4.86 -25.04
N ALA G 344 -18.69 -6.04 -25.23
CA ALA G 344 -19.36 -7.03 -26.06
C ALA G 344 -20.61 -7.57 -25.38
N LEU G 345 -20.62 -7.59 -24.07
CA LEU G 345 -21.71 -8.15 -23.29
C LEU G 345 -22.78 -7.13 -22.93
N VAL G 346 -22.66 -5.90 -23.42
CA VAL G 346 -23.56 -4.83 -23.00
C VAL G 346 -25.03 -5.15 -23.34
N PRO G 347 -25.38 -5.99 -24.33
CA PRO G 347 -26.82 -6.31 -24.46
C PRO G 347 -27.37 -7.01 -23.24
N TRP G 348 -26.52 -7.73 -22.50
CA TRP G 348 -26.88 -8.52 -21.33
C TRP G 348 -26.56 -7.81 -20.01
N LEU G 349 -25.93 -6.65 -20.06
CA LEU G 349 -25.67 -5.86 -18.87
C LEU G 349 -26.65 -4.70 -18.74
N ASP G 350 -27.13 -4.19 -19.89
CA ASP G 350 -28.14 -3.14 -19.94
C ASP G 350 -29.49 -3.79 -19.70
N THR G 351 -30.00 -3.61 -18.49
CA THR G 351 -31.21 -4.29 -18.08
C THR G 351 -32.46 -3.46 -18.31
N SER G 352 -32.34 -2.28 -18.85
CA SER G 352 -33.48 -1.42 -19.14
C SER G 352 -34.20 -1.89 -20.43
N PRO G 353 -35.54 -1.91 -20.47
CA PRO G 353 -36.27 -2.26 -21.69
C PRO G 353 -36.39 -1.13 -22.67
N VAL G 354 -35.99 0.08 -22.28
CA VAL G 354 -36.03 1.25 -23.14
C VAL G 354 -34.86 1.21 -24.10
N ARG G 355 -35.15 1.27 -25.41
CA ARG G 355 -34.11 1.12 -26.41
C ARG G 355 -33.20 2.35 -26.46
N SER G 356 -33.76 3.50 -26.81
CA SER G 356 -32.96 4.72 -27.01
C SER G 356 -32.61 5.44 -25.71
N GLY G 357 -31.32 5.81 -25.57
CA GLY G 357 -30.89 6.58 -24.43
C GLY G 357 -31.46 7.99 -24.44
N ARG G 358 -32.07 8.41 -25.55
CA ARG G 358 -32.70 9.72 -25.63
C ARG G 358 -33.81 9.88 -24.60
N TYR G 359 -34.46 8.79 -24.18
CA TYR G 359 -35.58 8.84 -23.26
C TYR G 359 -35.21 8.23 -21.91
N ARG G 360 -33.92 8.27 -21.58
CA ARG G 360 -33.38 7.73 -20.33
C ARG G 360 -32.58 8.81 -19.59
N PRO G 361 -33.23 9.58 -18.69
CA PRO G 361 -32.52 10.72 -18.05
C PRO G 361 -31.23 10.38 -17.30
N MET G 362 -31.24 9.34 -16.46
CA MET G 362 -30.03 8.99 -15.73
C MET G 362 -28.97 8.40 -16.66
N PHE G 363 -29.39 7.59 -17.64
CA PHE G 363 -28.46 6.97 -18.58
C PHE G 363 -27.62 8.00 -19.33
N LYS G 364 -28.23 9.10 -19.78
CA LYS G 364 -27.49 10.12 -20.52
C LYS G 364 -26.25 10.58 -19.77
N ILE G 365 -26.39 10.79 -18.45
CA ILE G 365 -25.24 11.24 -17.64
C ILE G 365 -24.10 10.24 -17.72
N TYR G 366 -24.39 8.96 -17.44
CA TYR G 366 -23.32 7.98 -17.37
C TYR G 366 -22.77 7.69 -18.75
N PHE G 367 -23.59 7.85 -19.78
CA PHE G 367 -23.08 7.65 -21.12
C PHE G 367 -22.07 8.73 -21.47
N TRP G 368 -22.43 9.99 -21.25
CA TRP G 368 -21.53 11.07 -21.62
C TRP G 368 -20.28 11.07 -20.76
N LEU G 369 -20.37 10.55 -19.54
CA LEU G 369 -19.16 10.34 -18.74
C LEU G 369 -18.29 9.28 -19.40
N LEU G 370 -18.94 8.26 -19.99
CA LEU G 370 -18.19 7.21 -20.67
C LEU G 370 -17.51 7.79 -21.91
N ALA G 371 -18.20 8.66 -22.63
CA ALA G 371 -17.58 9.29 -23.79
C ALA G 371 -16.37 10.12 -23.36
N ALA G 372 -16.54 10.92 -22.31
CA ALA G 372 -15.42 11.69 -21.76
C ALA G 372 -14.34 10.75 -21.23
N ASP G 373 -14.75 9.66 -20.58
CA ASP G 373 -13.79 8.69 -20.08
C ASP G 373 -12.98 8.11 -21.21
N PHE G 374 -13.63 7.83 -22.35
CA PHE G 374 -12.92 7.23 -23.46
C PHE G 374 -11.87 8.19 -24.00
N VAL G 375 -12.23 9.46 -24.09
CA VAL G 375 -11.27 10.49 -24.50
C VAL G 375 -10.17 10.64 -23.46
N ILE G 376 -10.51 10.65 -22.17
CA ILE G 376 -9.49 10.76 -21.13
C ILE G 376 -8.53 9.58 -21.23
N LEU G 377 -9.09 8.37 -21.33
CA LEU G 377 -8.31 7.16 -21.47
C LEU G 377 -7.35 7.23 -22.64
N THR G 378 -7.79 7.78 -23.77
CA THR G 378 -6.89 7.94 -24.91
C THR G 378 -5.72 8.85 -24.57
N TRP G 379 -6.03 9.95 -23.88
CA TRP G 379 -5.03 10.96 -23.56
C TRP G 379 -4.00 10.44 -22.54
N VAL G 380 -4.45 9.77 -21.48
CA VAL G 380 -3.47 9.28 -20.49
C VAL G 380 -2.60 8.18 -21.09
N GLY G 381 -3.11 7.43 -22.06
CA GLY G 381 -2.32 6.39 -22.71
C GLY G 381 -0.99 6.91 -23.27
N ALA G 382 -0.98 8.16 -23.70
CA ALA G 382 0.19 8.76 -24.27
C ALA G 382 1.06 9.45 -23.21
N GLN G 383 0.63 9.48 -21.94
CA GLN G 383 1.42 10.09 -20.87
C GLN G 383 2.26 9.05 -20.17
N GLN G 384 3.14 9.54 -19.32
CA GLN G 384 3.96 8.66 -18.50
C GLN G 384 3.07 8.05 -17.43
N THR G 385 3.58 7.01 -16.78
CA THR G 385 2.84 6.29 -15.76
C THR G 385 3.10 6.86 -14.36
N THR G 386 3.71 8.05 -14.28
CA THR G 386 3.98 8.68 -13.01
C THR G 386 2.71 9.35 -12.47
N PHE G 387 2.79 9.76 -11.20
CA PHE G 387 1.73 10.55 -10.60
C PHE G 387 1.63 11.88 -11.36
N PRO G 388 0.39 12.39 -11.62
CA PRO G 388 -0.94 11.90 -11.25
C PRO G 388 -1.54 11.01 -12.32
N TYR G 389 -0.85 10.87 -13.45
CA TYR G 389 -1.42 10.13 -14.57
C TYR G 389 -1.76 8.71 -14.14
N ASP G 390 -0.99 8.14 -13.20
CA ASP G 390 -1.29 6.81 -12.70
C ASP G 390 -2.67 6.76 -12.02
N TRP G 391 -3.04 7.82 -11.30
CA TRP G 391 -4.37 7.86 -10.70
C TRP G 391 -5.40 8.19 -11.75
N ILE G 392 -5.10 9.14 -12.64
CA ILE G 392 -6.04 9.49 -13.70
C ILE G 392 -6.39 8.25 -14.51
N SER G 393 -5.42 7.39 -14.76
CA SER G 393 -5.70 6.19 -15.53
C SER G 393 -6.42 5.16 -14.69
N LEU G 394 -6.22 5.16 -13.36
CA LEU G 394 -6.98 4.22 -12.52
C LEU G 394 -8.46 4.60 -12.41
N ILE G 395 -8.77 5.89 -12.20
CA ILE G 395 -10.17 6.32 -12.13
C ILE G 395 -10.83 6.10 -13.48
N ALA G 396 -10.11 6.39 -14.56
CA ALA G 396 -10.68 6.22 -15.88
C ALA G 396 -10.93 4.74 -16.15
N SER G 397 -9.98 3.87 -15.82
CA SER G 397 -10.22 2.44 -16.00
C SER G 397 -11.38 1.98 -15.14
N ALA G 398 -11.44 2.47 -13.92
CA ALA G 398 -12.49 2.05 -13.03
C ALA G 398 -13.87 2.41 -13.58
N TYR G 399 -14.02 3.61 -14.14
CA TYR G 399 -15.34 4.01 -14.61
C TYR G 399 -15.78 3.16 -15.78
N TRP G 400 -14.83 2.79 -16.64
CA TRP G 400 -15.16 1.97 -17.80
C TRP G 400 -15.83 0.67 -17.35
N PHE G 401 -15.25 -0.02 -16.37
CA PHE G 401 -15.85 -1.26 -15.91
C PHE G 401 -17.11 -1.00 -15.10
N ALA G 402 -17.14 0.12 -14.37
CA ALA G 402 -18.32 0.43 -13.56
C ALA G 402 -19.54 0.68 -14.44
N TYR G 403 -19.34 1.36 -15.56
CA TYR G 403 -20.45 1.66 -16.47
C TYR G 403 -21.12 0.39 -16.93
N PHE G 404 -20.34 -0.57 -17.40
CA PHE G 404 -20.93 -1.77 -17.97
C PHE G 404 -21.38 -2.76 -16.89
N LEU G 405 -20.61 -2.91 -15.80
CA LEU G 405 -20.88 -3.99 -14.84
C LEU G 405 -21.78 -3.61 -13.67
N VAL G 406 -21.89 -2.31 -13.36
CA VAL G 406 -22.65 -1.86 -12.18
C VAL G 406 -23.75 -0.89 -12.58
N ILE G 407 -23.41 0.23 -13.21
CA ILE G 407 -24.42 1.24 -13.50
C ILE G 407 -25.51 0.68 -14.42
N LEU G 408 -25.13 0.12 -15.56
CA LEU G 408 -26.15 -0.31 -16.52
C LEU G 408 -27.04 -1.37 -15.93
N PRO G 409 -26.52 -2.41 -15.26
CA PRO G 409 -27.45 -3.36 -14.62
C PRO G 409 -28.35 -2.71 -13.58
N ILE G 410 -27.76 -1.84 -12.78
CA ILE G 410 -28.51 -1.18 -11.71
C ILE G 410 -29.50 -0.20 -12.30
N LEU G 411 -29.08 0.52 -13.34
CA LEU G 411 -29.94 1.55 -13.92
C LEU G 411 -31.26 0.96 -14.42
N GLY G 412 -31.24 -0.25 -14.97
CA GLY G 412 -32.47 -0.76 -15.50
C GLY G 412 -33.51 -1.13 -14.45
N ALA G 413 -33.14 -1.06 -13.18
CA ALA G 413 -34.00 -1.43 -12.07
C ALA G 413 -34.25 -0.28 -11.12
N ILE G 414 -34.01 0.94 -11.56
CA ILE G 414 -34.12 2.15 -10.73
C ILE G 414 -34.69 3.28 -11.57
N GLU G 415 -34.23 3.38 -12.80
CA GLU G 415 -34.54 4.49 -13.68
C GLU G 415 -36.02 4.64 -13.93
N LYS G 416 -36.45 5.90 -14.08
CA LYS G 416 -37.80 6.26 -14.52
C LYS G 416 -37.72 6.83 -15.93
N PRO G 417 -37.92 6.02 -16.96
CA PRO G 417 -37.75 6.52 -18.33
C PRO G 417 -38.90 7.41 -18.77
N VAL G 418 -38.58 8.25 -19.75
CA VAL G 418 -39.55 9.11 -20.40
C VAL G 418 -40.26 8.30 -21.51
N ALA G 419 -41.50 8.69 -21.80
CA ALA G 419 -42.27 8.03 -22.85
C ALA G 419 -41.66 8.32 -24.23
N PRO G 420 -41.36 7.30 -25.04
CA PRO G 420 -40.94 7.59 -26.40
C PRO G 420 -42.14 7.94 -27.25
N PRO G 421 -41.94 8.40 -28.47
CA PRO G 421 -43.05 8.64 -29.39
C PRO G 421 -43.79 7.34 -29.65
N ALA G 422 -45.04 7.49 -30.10
CA ALA G 422 -45.83 6.32 -30.45
C ALA G 422 -45.27 5.62 -31.66
N THR G 423 -44.81 6.39 -32.65
CA THR G 423 -44.30 5.87 -33.91
C THR G 423 -43.13 6.73 -34.38
N ILE G 424 -42.40 6.21 -35.38
CA ILE G 424 -41.32 6.97 -36.04
C ILE G 424 -41.88 8.18 -36.78
N GLU G 425 -43.08 8.02 -37.38
CA GLU G 425 -43.74 9.09 -38.10
C GLU G 425 -43.96 10.30 -37.19
N GLU G 426 -44.39 10.05 -35.96
CA GLU G 426 -44.64 11.15 -35.03
C GLU G 426 -43.37 11.98 -34.85
N ASP G 427 -42.24 11.30 -34.63
CA ASP G 427 -40.97 11.98 -34.40
C ASP G 427 -40.53 12.75 -35.64
N PHE G 428 -40.75 12.18 -36.83
CA PHE G 428 -40.30 12.80 -38.08
C PHE G 428 -41.00 14.12 -38.37
N ASN G 429 -42.32 14.14 -38.27
CA ASN G 429 -43.06 15.37 -38.53
C ASN G 429 -42.70 16.47 -37.55
N ALA G 430 -42.35 16.12 -36.31
CA ALA G 430 -41.93 17.13 -35.34
C ALA G 430 -40.56 17.73 -35.67
N HIS G 431 -39.85 17.19 -36.67
CA HIS G 431 -38.59 17.75 -37.17
C HIS G 431 -38.71 18.17 -38.67
N ALA H 1 14.42 11.15 -21.11
CA ALA H 1 14.45 12.25 -22.12
C ALA H 1 13.07 12.89 -22.24
N GLY H 2 12.92 13.81 -23.19
CA GLY H 2 11.66 14.50 -23.40
C GLY H 2 11.73 15.36 -24.64
N GLY H 3 10.70 16.19 -24.80
CA GLY H 3 10.67 17.19 -25.84
C GLY H 3 11.09 18.54 -25.30
N GLY H 4 11.33 19.47 -26.23
CA GLY H 4 11.81 20.79 -25.83
C GLY H 4 11.45 21.89 -26.80
N HIS H 5 11.98 23.09 -26.54
CA HIS H 5 11.71 24.29 -27.33
C HIS H 5 12.69 24.42 -28.48
N VAL H 6 12.15 24.74 -29.64
CA VAL H 6 12.90 25.03 -30.86
C VAL H 6 12.59 26.44 -31.38
N GLU H 7 13.56 27.03 -32.07
CA GLU H 7 13.34 28.33 -32.67
C GLU H 7 12.43 28.11 -33.88
N ASP H 8 11.29 28.78 -33.88
CA ASP H 8 10.28 28.59 -34.93
C ASP H 8 10.74 29.32 -36.19
N VAL H 9 11.40 28.59 -37.08
CA VAL H 9 11.88 29.19 -38.33
C VAL H 9 10.71 29.23 -39.31
N PRO H 10 10.57 30.31 -40.11
CA PRO H 10 9.53 30.30 -41.15
C PRO H 10 10.07 29.74 -42.45
N PHE H 11 10.02 28.42 -42.60
CA PHE H 11 10.52 27.86 -43.83
C PHE H 11 9.50 28.09 -44.92
N SER H 12 10.01 28.35 -46.12
CA SER H 12 9.15 28.65 -47.26
C SER H 12 8.24 27.46 -47.58
N PHE H 13 8.70 26.26 -47.33
CA PHE H 13 7.92 25.12 -47.75
C PHE H 13 6.74 24.82 -46.84
N GLU H 14 6.55 25.58 -45.76
CA GLU H 14 5.46 25.35 -44.82
C GLU H 14 4.20 26.07 -45.26
N GLY H 15 3.07 25.56 -44.80
CA GLY H 15 1.77 26.05 -45.21
C GLY H 15 1.26 25.29 -46.43
N PRO H 16 -0.06 25.27 -46.64
CA PRO H 16 -0.59 24.50 -47.79
C PRO H 16 -0.06 24.99 -49.14
N PHE H 17 0.24 26.27 -49.25
CA PHE H 17 0.79 26.82 -50.49
C PHE H 17 2.31 26.95 -50.40
N GLY H 18 2.91 26.36 -49.38
CA GLY H 18 4.35 26.44 -49.22
C GLY H 18 5.09 25.60 -50.25
N THR H 19 6.24 26.14 -50.68
CA THR H 19 7.11 25.47 -51.64
C THR H 19 8.58 25.68 -51.28
N PHE H 20 9.41 24.74 -51.74
CA PHE H 20 10.86 24.83 -51.55
C PHE H 20 11.47 25.98 -52.35
N ASP H 21 12.48 26.64 -51.78
CA ASP H 21 13.29 27.62 -52.52
C ASP H 21 14.45 26.87 -53.16
N GLN H 22 14.47 26.83 -54.49
CA GLN H 22 15.44 26.03 -55.23
C GLN H 22 16.86 26.42 -54.85
N HIS H 23 17.16 27.72 -54.78
CA HIS H 23 18.52 28.12 -54.44
C HIS H 23 18.87 27.75 -53.01
N GLN H 24 17.91 27.84 -52.08
CA GLN H 24 18.16 27.45 -50.71
C GLN H 24 18.51 25.97 -50.63
N LEU H 25 17.78 25.15 -51.39
CA LEU H 25 18.06 23.72 -51.40
C LEU H 25 19.45 23.43 -51.94
N GLN H 26 19.90 24.24 -52.92
CA GLN H 26 21.24 24.11 -53.46
C GLN H 26 22.30 24.50 -52.44
N ARG H 27 22.06 25.58 -51.70
CA ARG H 27 22.97 25.97 -50.63
C ARG H 27 23.03 24.90 -49.56
N GLY H 28 21.91 24.32 -49.21
CA GLY H 28 21.94 23.27 -48.20
C GLY H 28 22.70 22.04 -48.66
N LEU H 29 22.61 21.73 -49.96
CA LEU H 29 23.35 20.60 -50.51
C LEU H 29 24.84 20.86 -50.40
N GLN H 30 25.24 22.10 -50.62
CA GLN H 30 26.65 22.45 -50.49
C GLN H 30 27.08 22.28 -49.05
N VAL H 31 26.24 22.72 -48.12
CA VAL H 31 26.55 22.57 -46.71
C VAL H 31 26.62 21.09 -46.38
N TYR H 32 25.64 20.32 -46.84
CA TYR H 32 25.69 18.90 -46.54
C TYR H 32 26.99 18.25 -47.08
N THR H 33 27.36 18.56 -48.32
CA THR H 33 28.51 17.90 -48.93
C THR H 33 29.81 18.30 -48.26
N GLU H 34 29.95 19.58 -47.92
CA GLU H 34 31.20 20.11 -47.43
C GLU H 34 31.38 19.93 -45.94
N VAL H 35 30.30 19.75 -45.18
CA VAL H 35 30.40 19.69 -43.73
C VAL H 35 29.83 18.39 -43.19
N CYS H 36 28.52 18.20 -43.35
CA CYS H 36 27.85 17.09 -42.67
C CYS H 36 28.29 15.75 -43.21
N ALA H 37 28.53 15.69 -44.53
CA ALA H 37 28.80 14.41 -45.20
C ALA H 37 30.04 13.72 -44.65
N ALA H 38 30.93 14.49 -43.96
CA ALA H 38 32.13 13.96 -43.32
C ALA H 38 31.79 12.90 -42.28
N CYS H 39 30.63 12.98 -41.66
CA CYS H 39 30.20 12.03 -40.65
C CYS H 39 28.86 11.37 -40.99
N HIS H 40 27.91 12.15 -41.51
CA HIS H 40 26.56 11.67 -41.79
C HIS H 40 26.36 11.25 -43.23
N GLY H 41 25.60 10.19 -43.42
CA GLY H 41 25.22 9.70 -44.73
C GLY H 41 23.75 9.95 -45.02
N MET H 42 23.36 9.61 -46.29
CA MET H 42 21.96 9.64 -46.75
C MET H 42 21.63 8.41 -47.60
N LYS H 43 21.62 7.24 -46.95
CA LYS H 43 21.61 5.98 -47.68
C LYS H 43 20.30 5.74 -48.44
N PHE H 44 19.25 6.52 -48.17
CA PHE H 44 17.97 6.33 -48.87
C PHE H 44 17.75 7.33 -50.00
N VAL H 45 18.63 8.31 -50.16
CA VAL H 45 18.47 9.35 -51.18
C VAL H 45 19.23 8.94 -52.44
N PRO H 46 18.54 8.71 -53.59
CA PRO H 46 19.26 8.51 -54.85
C PRO H 46 19.88 9.82 -55.31
N ILE H 47 21.14 9.74 -55.75
CA ILE H 47 21.81 10.97 -56.17
C ILE H 47 21.07 11.61 -57.34
N ARG H 48 20.46 10.78 -58.20
CA ARG H 48 19.76 11.31 -59.37
C ARG H 48 18.66 12.27 -58.97
N SER H 49 18.17 12.19 -57.72
CA SER H 49 17.06 13.04 -57.29
C SER H 49 17.46 14.49 -57.13
N LEU H 50 18.76 14.82 -57.19
CA LEU H 50 19.18 16.21 -57.17
C LEU H 50 18.75 16.94 -58.44
N SER H 51 18.41 16.21 -59.50
CA SER H 51 17.89 16.76 -60.76
C SER H 51 16.34 16.77 -60.81
N GLU H 52 15.64 15.91 -60.05
CA GLU H 52 14.19 15.79 -60.16
C GLU H 52 13.51 17.13 -59.89
N PRO H 53 12.38 17.42 -60.55
CA PRO H 53 11.69 18.68 -60.30
C PRO H 53 11.16 18.71 -58.88
N GLY H 54 11.17 19.91 -58.30
CA GLY H 54 10.70 20.05 -56.94
C GLY H 54 11.78 19.92 -55.89
N GLY H 55 13.05 20.04 -56.28
CA GLY H 55 14.19 19.95 -55.41
C GLY H 55 15.23 20.96 -55.85
N PRO H 56 16.52 20.67 -55.61
CA PRO H 56 17.56 21.58 -56.09
C PRO H 56 17.52 21.74 -57.60
N GLU H 57 17.03 20.73 -58.33
CA GLU H 57 16.94 20.75 -59.80
C GLU H 57 18.27 21.18 -60.44
N LEU H 58 19.29 20.37 -60.16
CA LEU H 58 20.55 20.63 -60.82
C LEU H 58 20.54 20.01 -62.21
N PRO H 59 21.20 20.64 -63.19
CA PRO H 59 21.34 20.00 -64.50
C PRO H 59 21.98 18.63 -64.41
N GLU H 60 21.56 17.73 -65.31
CA GLU H 60 21.97 16.33 -65.24
C GLU H 60 23.48 16.18 -65.43
N ASP H 61 24.14 17.13 -66.08
CA ASP H 61 25.59 17.07 -66.20
C ASP H 61 26.26 17.38 -64.87
N GLN H 62 25.75 18.37 -64.15
CA GLN H 62 26.28 18.68 -62.82
C GLN H 62 26.11 17.52 -61.87
N VAL H 63 24.94 16.89 -61.88
CA VAL H 63 24.68 15.79 -60.97
C VAL H 63 25.61 14.63 -61.27
N ARG H 64 25.87 14.42 -62.58
CA ARG H 64 26.77 13.34 -62.99
C ARG H 64 28.15 13.63 -62.45
N ALA H 65 28.54 14.91 -62.51
CA ALA H 65 29.82 15.32 -61.95
C ALA H 65 29.82 15.21 -60.44
N TYR H 66 28.70 15.53 -59.79
CA TYR H 66 28.66 15.47 -58.33
C TYR H 66 28.84 14.03 -57.86
N ALA H 67 28.17 13.09 -58.50
CA ALA H 67 28.25 11.71 -58.09
C ALA H 67 29.64 11.11 -58.18
N THR H 68 30.51 11.66 -59.02
CA THR H 68 31.83 11.07 -59.21
C THR H 68 32.65 11.05 -57.93
N GLN H 69 32.49 12.07 -57.07
CA GLN H 69 33.36 12.19 -55.91
C GLN H 69 33.27 11.01 -54.97
N PHE H 70 32.18 10.26 -55.03
CA PHE H 70 31.98 9.12 -54.17
C PHE H 70 32.63 7.88 -54.78
N THR H 71 33.26 7.08 -53.92
CA THR H 71 33.79 5.76 -54.31
C THR H 71 32.79 4.70 -53.88
N VAL H 72 32.17 4.06 -54.86
CA VAL H 72 31.13 3.06 -54.63
C VAL H 72 31.67 1.69 -54.99
N THR H 73 31.33 0.69 -54.19
CA THR H 73 31.65 -0.70 -54.51
C THR H 73 30.52 -1.26 -55.37
N ASP H 74 30.82 -1.57 -56.63
CA ASP H 74 29.80 -2.13 -57.51
C ASP H 74 29.33 -3.48 -56.98
N GLU H 75 28.01 -3.72 -57.04
CA GLU H 75 27.46 -4.92 -56.44
C GLU H 75 27.89 -6.19 -57.20
N GLU H 76 27.69 -6.21 -58.51
CA GLU H 76 28.13 -7.36 -59.30
C GLU H 76 29.66 -7.46 -59.37
N THR H 77 30.32 -6.37 -59.80
CA THR H 77 31.76 -6.41 -60.01
C THR H 77 32.53 -6.64 -58.71
N GLY H 78 32.10 -5.98 -57.64
CA GLY H 78 32.80 -6.04 -56.38
C GLY H 78 33.99 -5.12 -56.29
N GLU H 79 34.39 -4.49 -57.39
CA GLU H 79 35.51 -3.55 -57.41
C GLU H 79 34.97 -2.13 -57.27
N ASP H 80 35.82 -1.23 -56.77
CA ASP H 80 35.45 0.16 -56.52
C ASP H 80 35.29 0.95 -57.82
N ARG H 81 34.46 2.00 -57.79
CA ARG H 81 34.27 2.85 -58.97
C ARG H 81 33.79 4.24 -58.54
N GLU H 82 33.75 5.16 -59.51
CA GLU H 82 33.19 6.49 -59.32
C GLU H 82 31.68 6.39 -59.18
N GLY H 83 31.08 7.35 -58.49
CA GLY H 83 29.64 7.31 -58.28
C GLY H 83 28.88 7.72 -59.51
N LYS H 84 27.69 7.17 -59.64
CA LYS H 84 26.74 7.53 -60.67
C LYS H 84 25.52 8.23 -60.06
N PRO H 85 24.68 8.88 -60.87
CA PRO H 85 23.40 9.40 -60.33
C PRO H 85 22.45 8.30 -59.85
N THR H 86 22.57 7.07 -60.37
CA THR H 86 21.72 5.95 -59.95
C THR H 86 22.11 5.37 -58.60
N ASP H 87 23.27 5.74 -58.06
CA ASP H 87 23.70 5.31 -56.73
C ASP H 87 23.07 6.16 -55.66
N HIS H 88 22.95 5.55 -54.48
CA HIS H 88 22.55 6.33 -53.35
C HIS H 88 23.77 7.04 -52.77
N PHE H 89 23.51 8.10 -52.01
CA PHE H 89 24.54 8.69 -51.19
C PHE H 89 25.09 7.64 -50.24
N PRO H 90 26.35 7.77 -49.83
CA PRO H 90 26.91 6.75 -48.96
C PRO H 90 26.25 6.77 -47.58
N HIS H 91 26.47 5.65 -46.87
CA HIS H 91 26.14 5.50 -45.48
C HIS H 91 26.96 6.48 -44.65
N SER H 92 26.55 6.67 -43.40
CA SER H 92 27.35 7.49 -42.47
C SER H 92 28.74 6.90 -42.32
N ALA H 93 29.77 7.72 -42.56
CA ALA H 93 31.16 7.30 -42.34
C ALA H 93 31.43 7.03 -40.88
N LEU H 94 30.82 7.83 -40.00
CA LEU H 94 30.97 7.71 -38.56
C LEU H 94 29.85 6.85 -38.02
N GLU H 95 30.24 5.77 -37.34
CA GLU H 95 29.29 4.70 -37.04
C GLU H 95 28.14 5.20 -36.17
N ASN H 96 28.38 6.13 -35.24
CA ASN H 96 27.31 6.63 -34.38
C ASN H 96 26.71 7.98 -34.87
N ALA H 97 27.08 8.44 -36.06
CA ALA H 97 26.42 9.60 -36.66
C ALA H 97 25.19 9.08 -37.42
N PRO H 98 23.97 9.41 -37.00
CA PRO H 98 22.79 8.83 -37.65
C PRO H 98 22.65 9.24 -39.11
N ASP H 99 22.02 8.36 -39.87
CA ASP H 99 21.70 8.66 -41.26
C ASP H 99 20.68 9.79 -41.33
N LEU H 100 20.91 10.72 -42.25
CA LEU H 100 20.10 11.92 -42.33
C LEU H 100 19.05 11.88 -43.43
N SER H 101 18.88 10.73 -44.11
CA SER H 101 17.89 10.67 -45.19
C SER H 101 16.52 11.13 -44.72
N LEU H 102 16.09 10.68 -43.52
CA LEU H 102 14.74 10.93 -43.02
C LEU H 102 14.71 11.71 -41.72
N MET H 103 15.80 12.39 -41.37
CA MET H 103 15.91 13.09 -40.09
C MET H 103 14.87 14.19 -39.96
N ALA H 104 14.58 14.93 -41.03
CA ALA H 104 13.65 16.06 -40.89
C ALA H 104 12.23 15.59 -40.60
N LYS H 105 11.99 14.28 -40.71
CA LYS H 105 10.73 13.66 -40.34
C LYS H 105 10.87 12.77 -39.10
N ALA H 106 12.08 12.36 -38.70
CA ALA H 106 12.30 11.48 -37.55
C ALA H 106 12.46 12.22 -36.20
N ARG H 107 12.24 13.51 -36.22
CA ARG H 107 12.32 14.38 -35.08
C ARG H 107 11.09 15.26 -35.02
N ALA H 108 10.57 15.47 -33.82
CA ALA H 108 9.51 16.44 -33.61
C ALA H 108 10.08 17.59 -32.82
N GLY H 109 9.87 18.81 -33.33
CA GLY H 109 10.36 20.00 -32.65
C GLY H 109 9.26 20.63 -31.81
N PHE H 110 7.99 20.37 -32.14
CA PHE H 110 6.84 20.91 -31.41
C PHE H 110 6.17 19.75 -30.69
N HIS H 111 5.91 19.94 -29.41
CA HIS H 111 5.29 18.93 -28.56
C HIS H 111 4.22 19.56 -27.71
N GLY H 112 3.47 18.73 -26.99
CA GLY H 112 2.54 19.28 -26.06
C GLY H 112 1.35 20.01 -26.62
N PRO H 113 0.72 20.88 -25.80
CA PRO H 113 1.16 21.19 -24.42
C PRO H 113 0.90 20.12 -23.38
N MET H 114 -0.32 19.81 -22.97
CA MET H 114 -0.48 18.78 -21.95
C MET H 114 -0.61 17.41 -22.59
N GLY H 115 0.16 17.19 -23.65
CA GLY H 115 0.11 15.96 -24.42
C GLY H 115 -1.26 15.82 -25.05
N THR H 116 -1.80 16.95 -25.47
CA THR H 116 -3.03 17.12 -26.19
C THR H 116 -2.79 17.15 -27.70
N GLY H 117 -1.57 17.42 -28.12
CA GLY H 117 -1.22 17.43 -29.51
C GLY H 117 -1.66 18.67 -30.25
N ILE H 118 -2.16 19.68 -29.53
CA ILE H 118 -2.60 20.90 -30.18
C ILE H 118 -1.45 21.70 -30.78
N SER H 119 -0.26 21.63 -30.17
CA SER H 119 0.88 22.39 -30.67
C SER H 119 1.32 21.95 -32.06
N GLN H 120 1.44 20.65 -32.26
CA GLN H 120 1.83 20.19 -33.59
C GLN H 120 0.74 20.50 -34.61
N LEU H 121 -0.52 20.49 -34.18
CA LEU H 121 -1.63 20.71 -35.10
C LEU H 121 -1.57 22.07 -35.77
N PHE H 122 -0.97 23.05 -35.10
CA PHE H 122 -0.91 24.42 -35.59
C PHE H 122 0.48 24.82 -36.06
N ASN H 123 1.51 24.24 -35.48
CA ASN H 123 2.89 24.61 -35.79
C ASN H 123 3.61 23.56 -36.61
N GLY H 124 2.96 22.44 -36.90
CA GLY H 124 3.59 21.33 -37.62
C GLY H 124 4.39 20.46 -36.68
N ILE H 125 4.99 19.41 -37.22
CA ILE H 125 5.76 18.49 -36.37
C ILE H 125 7.04 19.17 -35.89
N GLY H 126 7.70 19.92 -36.78
CA GLY H 126 8.82 20.75 -36.39
C GLY H 126 10.16 20.07 -36.49
N GLY H 127 10.30 19.09 -37.36
CA GLY H 127 11.55 18.39 -37.51
C GLY H 127 12.64 19.29 -38.03
N PRO H 128 12.42 20.00 -39.13
CA PRO H 128 13.48 20.89 -39.62
C PRO H 128 13.79 22.05 -38.69
N GLU H 129 12.81 22.51 -37.91
CA GLU H 129 13.07 23.52 -36.89
C GLU H 129 14.00 22.94 -35.84
N TYR H 130 13.79 21.69 -35.48
CA TYR H 130 14.62 21.01 -34.50
C TYR H 130 16.06 20.90 -34.97
N ILE H 131 16.27 20.44 -36.21
CA ILE H 131 17.63 20.37 -36.76
C ILE H 131 18.29 21.73 -36.67
N TYR H 132 17.58 22.77 -37.08
CA TYR H 132 18.12 24.11 -36.99
C TYR H 132 18.50 24.44 -35.57
N SER H 133 17.65 24.06 -34.60
CA SER H 133 17.89 24.37 -33.18
C SER H 133 19.12 23.64 -32.66
N VAL H 134 19.34 22.42 -33.12
CA VAL H 134 20.53 21.69 -32.71
C VAL H 134 21.79 22.34 -33.29
N LEU H 135 21.76 22.69 -34.58
CA LEU H 135 22.94 23.32 -35.18
C LEU H 135 23.21 24.68 -34.56
N THR H 136 22.19 25.33 -34.06
CA THR H 136 22.29 26.65 -33.48
C THR H 136 22.54 26.54 -31.97
N GLY H 137 22.10 25.43 -31.36
CA GLY H 137 22.03 25.38 -29.92
C GLY H 137 23.27 24.91 -29.18
N PHE H 138 24.44 25.25 -29.72
CA PHE H 138 25.72 25.01 -29.09
C PHE H 138 26.18 26.31 -28.42
N PRO H 139 26.08 26.45 -27.10
CA PRO H 139 26.54 27.68 -26.45
C PRO H 139 28.03 27.63 -26.15
N GLU H 140 28.64 28.82 -26.13
CA GLU H 140 30.07 28.91 -25.87
C GLU H 140 30.43 28.49 -24.45
N GLU H 141 29.59 28.82 -23.48
CA GLU H 141 29.77 28.42 -22.10
C GLU H 141 28.75 27.35 -21.72
N PRO H 142 29.12 26.30 -21.00
CA PRO H 142 28.11 25.34 -20.57
C PRO H 142 27.26 25.93 -19.48
N PRO H 143 26.16 25.27 -19.11
CA PRO H 143 25.37 25.75 -17.95
C PRO H 143 26.18 25.74 -16.67
N LYS H 144 25.89 26.71 -15.80
CA LYS H 144 26.71 26.92 -14.61
C LYS H 144 26.74 25.68 -13.74
N CYS H 145 25.70 24.85 -13.79
CA CYS H 145 25.63 23.69 -12.92
C CYS H 145 26.66 22.64 -13.28
N ALA H 146 27.36 22.77 -14.41
CA ALA H 146 28.31 21.73 -14.78
C ALA H 146 29.66 22.35 -15.06
N GLU H 147 29.97 23.47 -14.39
CA GLU H 147 31.26 24.13 -14.59
C GLU H 147 32.26 23.10 -14.13
N GLY H 148 32.76 22.30 -15.05
CA GLY H 148 33.73 21.29 -14.73
C GLY H 148 33.22 19.91 -14.43
N HIS H 149 32.13 19.49 -15.06
CA HIS H 149 31.53 18.18 -14.81
C HIS H 149 30.99 17.63 -16.13
N GLU H 150 31.45 18.19 -17.25
CA GLU H 150 31.03 17.81 -18.58
C GLU H 150 31.56 16.42 -18.94
N PRO H 151 30.73 15.49 -19.42
CA PRO H 151 31.30 14.21 -19.87
C PRO H 151 32.25 14.46 -21.02
N ASP H 152 33.36 13.73 -21.00
CA ASP H 152 34.37 13.90 -22.03
C ASP H 152 33.88 13.29 -23.34
N GLY H 153 34.09 14.04 -24.43
CA GLY H 153 33.66 13.64 -25.76
C GLY H 153 32.25 14.06 -26.13
N PHE H 154 31.61 14.87 -25.27
CA PHE H 154 30.25 15.37 -25.44
C PHE H 154 30.21 16.87 -25.31
N TYR H 155 29.10 17.44 -25.77
CA TYR H 155 28.96 18.88 -25.91
C TYR H 155 27.57 19.30 -25.50
N TYR H 156 27.47 20.38 -24.73
CA TYR H 156 26.15 20.82 -24.32
C TYR H 156 25.48 21.42 -25.53
N ASN H 157 24.23 21.01 -25.76
CA ASN H 157 23.39 21.54 -26.82
C ASN H 157 22.03 21.88 -26.23
N ARG H 158 21.50 23.08 -26.54
CA ARG H 158 20.26 23.54 -25.94
C ARG H 158 19.08 22.66 -26.32
N ALA H 159 19.04 22.19 -27.57
CA ALA H 159 17.87 21.52 -28.09
C ALA H 159 17.94 19.99 -27.93
N PHE H 160 19.12 19.41 -27.82
CA PHE H 160 19.22 17.97 -27.67
C PHE H 160 18.68 17.56 -26.28
N GLN H 161 17.74 16.62 -26.27
CA GLN H 161 17.06 16.24 -25.04
C GLN H 161 17.36 14.81 -24.60
N ASN H 162 17.97 13.99 -25.45
CA ASN H 162 18.17 12.58 -25.16
C ASN H 162 19.55 12.28 -24.66
N GLY H 163 20.32 13.32 -24.35
CA GLY H 163 21.69 13.12 -23.92
C GLY H 163 21.83 12.97 -22.41
N SER H 164 23.03 12.54 -22.00
CA SER H 164 23.31 12.43 -20.58
C SER H 164 23.47 13.84 -20.03
N VAL H 165 23.40 13.94 -18.71
CA VAL H 165 23.51 15.24 -18.05
C VAL H 165 24.23 14.98 -16.74
N PRO H 166 25.23 15.80 -16.37
CA PRO H 166 25.92 15.59 -15.09
C PRO H 166 24.96 15.56 -13.90
N ASP H 167 25.39 14.84 -12.87
CA ASP H 167 24.61 14.71 -11.64
C ASP H 167 24.32 16.05 -11.00
N THR H 168 25.22 17.03 -11.17
CA THR H 168 25.08 18.37 -10.59
C THR H 168 24.05 19.23 -11.30
N CYS H 169 23.47 18.73 -12.38
CA CYS H 169 22.49 19.46 -13.18
C CYS H 169 21.10 18.87 -13.03
N LYS H 170 20.90 18.01 -12.03
CA LYS H 170 19.63 17.41 -11.74
C LYS H 170 19.13 17.91 -10.38
N ASP H 171 17.80 18.00 -10.24
CA ASP H 171 17.19 18.45 -8.99
C ASP H 171 17.06 17.29 -7.99
N ALA H 172 16.38 17.54 -6.86
CA ALA H 172 16.24 16.54 -5.81
C ALA H 172 15.45 15.30 -6.20
N ASN H 173 14.55 15.37 -7.19
CA ASN H 173 13.81 14.20 -7.67
C ASN H 173 14.42 13.61 -8.96
N GLY H 174 15.59 14.11 -9.38
CA GLY H 174 16.34 13.59 -10.51
C GLY H 174 16.01 14.14 -11.89
N VAL H 175 15.13 15.14 -12.02
CA VAL H 175 14.83 15.72 -13.33
C VAL H 175 15.87 16.78 -13.67
N LYS H 176 16.29 16.82 -14.94
CA LYS H 176 17.40 17.69 -15.32
C LYS H 176 16.95 19.15 -15.28
N THR H 177 17.89 20.01 -14.86
CA THR H 177 17.65 21.45 -14.75
C THR H 177 17.88 22.17 -16.05
N THR H 178 18.82 21.67 -16.86
CA THR H 178 19.25 22.34 -18.09
C THR H 178 18.22 22.25 -19.20
N ALA H 179 18.23 23.26 -20.05
CA ALA H 179 17.34 23.27 -21.21
C ALA H 179 17.62 22.11 -22.11
N GLY H 180 18.89 21.74 -22.28
CA GLY H 180 19.23 20.62 -23.13
C GLY H 180 20.02 19.52 -22.49
N SER H 181 20.92 18.92 -23.26
CA SER H 181 21.73 17.84 -22.73
C SER H 181 22.96 17.71 -23.61
N TRP H 182 23.76 16.68 -23.31
CA TRP H 182 25.06 16.50 -23.93
C TRP H 182 24.98 15.53 -25.09
N ILE H 183 25.44 16.03 -26.24
CA ILE H 183 25.38 15.38 -27.53
C ILE H 183 26.81 14.99 -27.94
N ALA H 184 26.94 13.89 -28.66
CA ALA H 184 28.22 13.42 -29.14
C ALA H 184 28.66 14.15 -30.40
N MET H 185 27.81 14.99 -30.97
CA MET H 185 28.17 15.74 -32.15
C MET H 185 28.87 17.03 -31.74
N PRO H 186 30.14 17.25 -32.10
CA PRO H 186 30.75 18.56 -31.89
C PRO H 186 30.10 19.61 -32.77
N PRO H 187 30.12 20.88 -32.36
CA PRO H 187 29.50 21.94 -33.18
C PRO H 187 30.02 21.91 -34.60
N PRO H 188 29.20 21.54 -35.59
CA PRO H 188 29.73 21.37 -36.96
C PRO H 188 29.89 22.66 -37.74
N LEU H 189 29.13 23.71 -37.43
CA LEU H 189 29.13 24.92 -38.24
C LEU H 189 29.94 26.03 -37.60
N MET H 190 30.23 27.05 -38.41
CA MET H 190 30.97 28.23 -38.01
C MET H 190 30.92 29.20 -39.17
N ASP H 191 30.83 30.50 -38.85
CA ASP H 191 30.63 31.53 -39.87
C ASP H 191 31.57 31.40 -41.05
N ASP H 192 30.96 31.37 -42.23
CA ASP H 192 31.66 31.32 -43.52
C ASP H 192 32.56 30.10 -43.65
N LEU H 193 32.10 28.97 -43.10
CA LEU H 193 32.80 27.72 -43.31
C LEU H 193 32.60 27.25 -44.75
N VAL H 194 31.54 27.72 -45.38
CA VAL H 194 31.18 27.42 -46.76
C VAL H 194 31.21 28.72 -47.55
N GLU H 195 31.66 28.64 -48.79
CA GLU H 195 31.73 29.79 -49.67
C GLU H 195 30.61 29.58 -50.69
N TYR H 196 29.45 30.18 -50.46
CA TYR H 196 28.35 30.06 -51.42
C TYR H 196 28.64 30.80 -52.72
N ALA H 197 28.26 30.17 -53.83
CA ALA H 197 28.57 30.71 -55.15
C ALA H 197 27.81 32.01 -55.39
N ASP H 198 26.53 32.06 -54.99
CA ASP H 198 25.70 33.26 -55.24
C ASP H 198 25.99 34.40 -54.24
N GLY H 199 26.97 34.22 -53.36
CA GLY H 199 27.38 35.24 -52.40
C GLY H 199 26.45 35.34 -51.23
N HIS H 200 25.50 34.41 -51.09
CA HIS H 200 24.58 34.37 -49.97
C HIS H 200 25.39 34.28 -48.69
N ASP H 201 24.90 34.91 -47.62
CA ASP H 201 25.68 34.96 -46.39
C ASP H 201 25.73 33.57 -45.81
N ALA H 202 26.88 33.21 -45.21
CA ALA H 202 27.09 31.86 -44.69
C ALA H 202 27.34 31.88 -43.20
N SER H 203 26.59 32.72 -42.51
CA SER H 203 26.61 32.71 -41.05
C SER H 203 26.05 31.36 -40.60
N VAL H 204 26.32 30.99 -39.33
CA VAL H 204 25.80 29.71 -38.82
C VAL H 204 24.28 29.66 -38.93
N HIS H 205 23.61 30.79 -38.71
CA HIS H 205 22.16 30.81 -38.84
C HIS H 205 21.79 30.43 -40.25
N ALA H 206 22.41 31.10 -41.23
CA ALA H 206 22.06 30.89 -42.63
C ALA H 206 22.37 29.47 -43.06
N MET H 207 23.56 28.95 -42.76
CA MET H 207 23.81 27.59 -43.17
C MET H 207 22.87 26.61 -42.49
N ALA H 208 22.52 26.85 -41.21
CA ALA H 208 21.62 25.93 -40.51
C ALA H 208 20.21 25.96 -41.11
N GLU H 209 19.74 27.14 -41.50
CA GLU H 209 18.41 27.20 -42.09
C GLU H 209 18.41 26.58 -43.48
N ASP H 210 19.45 26.84 -44.27
CA ASP H 210 19.56 26.31 -45.63
C ASP H 210 19.65 24.79 -45.62
N VAL H 211 20.51 24.23 -44.75
CA VAL H 211 20.71 22.79 -44.73
C VAL H 211 19.50 22.10 -44.12
N SER H 212 18.78 22.80 -43.23
CA SER H 212 17.56 22.19 -42.71
C SER H 212 16.51 22.08 -43.80
N ALA H 213 16.45 23.07 -44.68
CA ALA H 213 15.52 23.00 -45.80
C ALA H 213 15.93 21.89 -46.75
N PHE H 214 17.23 21.77 -47.02
CA PHE H 214 17.72 20.69 -47.89
C PHE H 214 17.38 19.33 -47.29
N LEU H 215 17.52 19.22 -45.96
CA LEU H 215 17.25 17.94 -45.32
C LEU H 215 15.77 17.63 -45.26
N MET H 216 14.94 18.67 -45.36
CA MET H 216 13.51 18.45 -45.46
C MET H 216 13.18 17.89 -46.85
N TRP H 217 13.85 18.43 -47.88
CA TRP H 217 13.64 17.94 -49.23
C TRP H 217 14.18 16.52 -49.34
N ALA H 218 15.33 16.25 -48.73
CA ALA H 218 15.84 14.89 -48.82
C ALA H 218 14.90 13.89 -48.15
N ALA H 219 14.17 14.32 -47.12
CA ALA H 219 13.23 13.45 -46.43
C ALA H 219 11.89 13.39 -47.13
N GLU H 220 11.42 14.52 -47.65
CA GLU H 220 10.12 14.61 -48.31
C GLU H 220 10.28 15.23 -49.69
N PRO H 221 10.90 14.50 -50.60
CA PRO H 221 11.13 15.07 -51.94
C PRO H 221 9.86 15.38 -52.69
N LYS H 222 8.78 14.65 -52.39
CA LYS H 222 7.53 14.81 -53.11
C LYS H 222 6.57 15.75 -52.36
N LEU H 223 7.09 16.61 -51.49
CA LEU H 223 6.24 17.49 -50.71
C LEU H 223 5.37 18.32 -51.62
N MET H 224 5.98 18.95 -52.62
CA MET H 224 5.22 19.82 -53.52
C MET H 224 4.19 19.03 -54.34
N ALA H 225 4.54 17.84 -54.83
CA ALA H 225 3.56 17.03 -55.53
C ALA H 225 2.40 16.67 -54.60
N ARG H 226 2.71 16.38 -53.36
CA ARG H 226 1.69 16.00 -52.40
C ARG H 226 0.72 17.15 -52.14
N LYS H 227 1.21 18.38 -52.05
CA LYS H 227 0.31 19.50 -51.81
C LYS H 227 -0.54 19.83 -53.03
N GLN H 228 0.04 19.83 -54.23
CA GLN H 228 -0.80 20.02 -55.41
C GLN H 228 -1.96 19.04 -55.42
N ALA H 229 -1.68 17.77 -55.13
CA ALA H 229 -2.73 16.77 -55.07
C ALA H 229 -3.74 17.08 -53.99
N GLY H 230 -3.28 17.58 -52.85
CA GLY H 230 -4.22 17.93 -51.80
C GLY H 230 -5.16 19.03 -52.26
N PHE H 231 -4.60 20.11 -52.79
CA PHE H 231 -5.44 21.17 -53.32
C PHE H 231 -6.43 20.59 -54.33
N THR H 232 -5.91 19.79 -55.27
CA THR H 232 -6.76 19.20 -56.30
C THR H 232 -7.88 18.36 -55.69
N ALA H 233 -7.53 17.45 -54.78
CA ALA H 233 -8.55 16.59 -54.17
C ALA H 233 -9.60 17.42 -53.42
N VAL H 234 -9.17 18.47 -52.75
CA VAL H 234 -10.06 19.32 -51.98
C VAL H 234 -10.96 20.13 -52.90
N MET H 235 -10.42 20.59 -54.01
CA MET H 235 -11.28 21.36 -54.91
C MET H 235 -12.38 20.48 -55.52
N PHE H 236 -12.05 19.25 -55.97
CA PHE H 236 -13.04 18.27 -56.45
C PHE H 236 -14.11 18.07 -55.39
N LEU H 237 -13.68 17.72 -54.17
CA LEU H 237 -14.62 17.35 -53.12
C LEU H 237 -15.42 18.53 -52.62
N THR H 238 -14.91 19.76 -52.73
CA THR H 238 -15.76 20.88 -52.39
C THR H 238 -16.91 20.93 -53.38
N VAL H 239 -16.58 20.89 -54.68
CA VAL H 239 -17.60 20.87 -55.72
C VAL H 239 -18.52 19.68 -55.55
N LEU H 240 -17.93 18.50 -55.35
CA LEU H 240 -18.73 17.29 -55.26
C LEU H 240 -19.67 17.35 -54.06
N SER H 241 -19.19 17.91 -52.94
CA SER H 241 -20.05 17.99 -51.74
C SER H 241 -21.21 18.95 -51.98
N VAL H 242 -20.94 20.08 -52.63
CA VAL H 242 -22.00 21.03 -52.93
C VAL H 242 -23.05 20.40 -53.82
N LEU H 243 -22.62 19.74 -54.90
CA LEU H 243 -23.57 19.10 -55.78
C LEU H 243 -24.35 18.01 -55.05
N LEU H 244 -23.67 17.26 -54.17
CA LEU H 244 -24.35 16.20 -53.42
C LEU H 244 -25.28 16.81 -52.39
N TYR H 245 -24.95 18.01 -51.90
CA TYR H 245 -25.81 18.70 -50.95
C TYR H 245 -27.10 19.17 -51.62
N LEU H 246 -26.95 19.84 -52.76
CA LEU H 246 -28.11 20.30 -53.48
C LEU H 246 -28.99 19.14 -53.92
N THR H 247 -28.36 18.07 -54.42
CA THR H 247 -29.12 16.87 -54.79
C THR H 247 -29.82 16.28 -53.58
N ASN H 248 -29.12 16.13 -52.46
CA ASN H 248 -29.74 15.56 -51.27
C ASN H 248 -30.87 16.44 -50.78
N LYS H 249 -30.69 17.76 -50.87
CA LYS H 249 -31.70 18.67 -50.37
C LYS H 249 -32.92 18.61 -51.28
N ARG H 250 -32.70 18.73 -52.60
CA ARG H 250 -33.79 18.72 -53.59
C ARG H 250 -34.51 17.37 -53.67
N LEU H 251 -33.91 16.30 -53.16
CA LEU H 251 -34.52 14.98 -53.15
C LEU H 251 -35.49 14.85 -52.00
N TRP H 252 -35.03 15.18 -50.79
CA TRP H 252 -35.83 15.06 -49.57
C TRP H 252 -36.94 16.11 -49.54
N ALA H 253 -36.96 17.05 -50.51
CA ALA H 253 -38.02 18.04 -50.58
C ALA H 253 -39.38 17.39 -50.74
N GLY H 254 -39.44 16.29 -51.48
CA GLY H 254 -40.69 15.58 -51.68
C GLY H 254 -40.97 14.59 -50.58
N VAL H 255 -40.59 14.92 -49.33
CA VAL H 255 -40.77 14.04 -48.16
C VAL H 255 -41.15 14.87 -46.94
N LYS H 256 -40.50 16.02 -46.74
CA LYS H 256 -40.78 16.89 -45.59
C LYS H 256 -41.12 18.29 -46.06
N GLY I 9 -37.02 25.06 -67.17
CA GLY I 9 -36.08 24.73 -68.22
C GLY I 9 -35.07 23.67 -67.81
N THR I 10 -33.79 23.96 -68.04
CA THR I 10 -32.70 23.03 -67.76
C THR I 10 -32.14 23.20 -66.34
N ARG I 11 -32.91 23.78 -65.41
CA ARG I 11 -32.40 23.96 -64.05
C ARG I 11 -32.57 22.71 -63.19
N ARG I 12 -33.74 22.05 -63.23
CA ARG I 12 -33.89 20.80 -62.48
C ARG I 12 -33.35 19.55 -63.20
N ASP I 13 -33.16 19.59 -64.52
CA ASP I 13 -32.54 18.49 -65.27
C ASP I 13 -31.02 18.42 -65.12
N PHE I 14 -30.37 19.58 -64.99
CA PHE I 14 -28.93 19.71 -64.87
C PHE I 14 -28.27 19.27 -63.56
N LEU I 15 -28.91 19.40 -62.40
CA LEU I 15 -28.23 18.97 -61.18
C LEU I 15 -27.93 17.47 -61.15
N TYR I 16 -28.91 16.61 -61.48
CA TYR I 16 -28.65 15.17 -61.46
C TYR I 16 -27.64 14.74 -62.52
N TYR I 17 -27.47 15.52 -63.59
CA TYR I 17 -26.42 15.26 -64.57
C TYR I 17 -25.06 15.76 -64.08
N ALA I 18 -25.01 17.02 -63.60
CA ALA I 18 -23.75 17.62 -63.15
C ALA I 18 -23.13 16.85 -62.00
N THR I 19 -23.97 16.35 -61.07
CA THR I 19 -23.49 15.56 -59.94
C THR I 19 -22.86 14.26 -60.43
N ALA I 20 -23.54 13.54 -61.33
CA ALA I 20 -23.01 12.28 -61.87
C ALA I 20 -21.72 12.50 -62.64
N GLY I 21 -21.62 13.61 -63.39
CA GLY I 21 -20.38 13.91 -64.10
C GLY I 21 -19.22 14.09 -63.14
N ALA I 22 -19.48 14.76 -62.01
CA ALA I 22 -18.45 14.92 -61.00
C ALA I 22 -18.07 13.56 -60.42
N GLY I 23 -19.06 12.68 -60.21
CA GLY I 23 -18.76 11.35 -59.70
C GLY I 23 -17.89 10.55 -60.65
N ALA I 24 -18.13 10.70 -61.96
CA ALA I 24 -17.33 9.98 -62.97
C ALA I 24 -15.88 10.44 -62.93
N VAL I 25 -15.67 11.76 -62.83
CA VAL I 25 -14.32 12.33 -62.73
C VAL I 25 -13.61 11.80 -61.50
N ALA I 26 -14.32 11.81 -60.36
CA ALA I 26 -13.75 11.35 -59.11
C ALA I 26 -13.29 9.89 -59.20
N THR I 27 -14.09 9.03 -59.85
CA THR I 27 -13.68 7.63 -60.01
C THR I 27 -12.42 7.54 -60.88
N GLY I 28 -12.42 8.24 -62.02
CA GLY I 28 -11.27 8.20 -62.90
C GLY I 28 -9.99 8.67 -62.22
N ALA I 29 -10.09 9.73 -61.42
CA ALA I 29 -8.91 10.24 -60.73
C ALA I 29 -8.37 9.23 -59.73
N ALA I 30 -9.21 8.34 -59.24
CA ALA I 30 -8.77 7.33 -58.28
C ALA I 30 -8.24 6.08 -59.00
N VAL I 31 -8.77 5.78 -60.18
CA VAL I 31 -8.39 4.56 -60.87
C VAL I 31 -7.08 4.73 -61.61
N TRP I 32 -6.86 5.88 -62.23
CA TRP I 32 -5.62 6.07 -62.99
C TRP I 32 -4.36 5.85 -62.13
N PRO I 33 -4.21 6.43 -60.94
CA PRO I 33 -3.00 6.18 -60.16
C PRO I 33 -2.86 4.74 -59.71
N LEU I 34 -3.95 3.99 -59.63
CA LEU I 34 -3.86 2.56 -59.30
C LEU I 34 -3.31 1.78 -60.47
N ILE I 35 -3.46 2.29 -61.69
CA ILE I 35 -2.86 1.63 -62.84
C ILE I 35 -1.41 2.09 -63.01
N ASN I 36 -1.16 3.40 -62.91
CA ASN I 36 0.15 3.96 -63.25
C ASN I 36 1.25 3.60 -62.25
N GLN I 37 0.89 3.20 -61.02
CA GLN I 37 1.91 2.84 -60.04
C GLN I 37 2.70 1.60 -60.46
N MET I 38 2.15 0.80 -61.38
CA MET I 38 2.76 -0.40 -61.92
C MET I 38 3.68 -0.12 -63.11
N ASN I 39 3.58 1.08 -63.69
CA ASN I 39 4.51 1.51 -64.70
C ASN I 39 5.90 1.76 -64.10
N PRO I 40 6.95 1.74 -64.91
CA PRO I 40 8.33 1.81 -64.38
C PRO I 40 8.58 2.96 -63.41
N SER I 41 9.14 2.61 -62.26
CA SER I 41 9.44 3.64 -61.28
C SER I 41 10.68 4.40 -61.69
N ALA I 42 10.97 5.47 -60.95
CA ALA I 42 12.00 6.41 -61.38
C ALA I 42 13.39 5.77 -61.39
N ASP I 43 13.61 4.78 -60.53
CA ASP I 43 14.87 4.05 -60.51
C ASP I 43 15.08 3.26 -61.81
N VAL I 44 14.00 2.76 -62.40
CA VAL I 44 14.07 2.06 -63.67
C VAL I 44 14.19 3.05 -64.82
N GLN I 45 13.38 4.10 -64.80
CA GLN I 45 13.49 5.17 -65.79
C GLN I 45 14.89 5.76 -65.85
N ALA I 46 15.67 5.67 -64.77
CA ALA I 46 16.95 6.34 -64.65
C ALA I 46 18.11 5.51 -65.16
N LEU I 47 17.91 4.23 -65.43
CA LEU I 47 18.99 3.35 -65.86
C LEU I 47 19.67 3.95 -67.08
N ALA I 48 20.99 4.01 -67.06
CA ALA I 48 21.77 4.76 -68.04
C ALA I 48 22.75 3.83 -68.79
N SER I 49 23.68 4.44 -69.53
CA SER I 49 24.63 3.73 -70.37
C SER I 49 25.63 2.96 -69.53
N ILE I 50 26.33 2.02 -70.17
CA ILE I 50 27.44 1.31 -69.55
C ILE I 50 28.60 1.22 -70.54
N PHE I 51 29.77 0.85 -70.02
CA PHE I 51 31.01 0.73 -70.78
C PHE I 51 31.63 -0.65 -70.57
N VAL I 52 32.14 -1.26 -71.64
CA VAL I 52 32.64 -2.64 -71.62
C VAL I 52 34.11 -2.66 -72.09
N ASP I 53 34.99 -3.23 -71.27
CA ASP I 53 36.39 -3.41 -71.69
C ASP I 53 36.47 -4.65 -72.60
N VAL I 54 37.16 -4.53 -73.74
CA VAL I 54 37.11 -5.51 -74.82
C VAL I 54 38.49 -6.00 -75.21
N SER I 55 39.55 -5.45 -74.63
CA SER I 55 40.92 -5.79 -75.01
C SER I 55 41.22 -7.29 -74.94
N SER I 56 40.45 -8.06 -74.17
CA SER I 56 40.75 -9.47 -73.96
C SER I 56 40.02 -10.38 -74.95
N VAL I 57 39.24 -9.81 -75.89
CA VAL I 57 38.37 -10.59 -76.76
C VAL I 57 39.11 -10.84 -78.08
N GLU I 58 39.47 -12.09 -78.34
CA GLU I 58 40.06 -12.52 -79.60
C GLU I 58 38.95 -12.84 -80.59
N PRO I 59 39.25 -12.89 -81.89
CA PRO I 59 38.21 -13.30 -82.84
C PRO I 59 37.71 -14.70 -82.52
N GLY I 60 36.40 -14.86 -82.68
CA GLY I 60 35.70 -16.10 -82.37
C GLY I 60 35.17 -16.17 -80.97
N VAL I 61 35.31 -15.10 -80.18
CA VAL I 61 34.83 -15.02 -78.81
C VAL I 61 33.62 -14.11 -78.78
N GLN I 62 32.57 -14.55 -78.08
CA GLN I 62 31.40 -13.71 -77.81
C GLN I 62 31.44 -13.33 -76.34
N LEU I 63 31.38 -12.03 -76.09
CA LEU I 63 31.26 -11.51 -74.73
C LEU I 63 29.77 -11.23 -74.49
N THR I 64 29.23 -11.73 -73.37
CA THR I 64 27.81 -11.58 -73.00
C THR I 64 27.64 -10.72 -71.74
N VAL I 65 26.84 -9.65 -71.87
CA VAL I 65 26.74 -8.59 -70.88
C VAL I 65 25.27 -8.31 -70.58
N LYS I 66 24.96 -7.99 -69.31
CA LYS I 66 23.59 -7.70 -68.89
C LYS I 66 23.35 -6.20 -69.03
N PHE I 67 22.23 -5.84 -69.65
CA PHE I 67 21.90 -4.43 -69.85
C PHE I 67 20.40 -4.31 -69.89
N LEU I 68 19.83 -3.60 -68.94
CA LEU I 68 18.38 -3.50 -68.82
C LEU I 68 17.73 -4.89 -68.68
N GLY I 69 18.38 -5.75 -67.89
CA GLY I 69 17.88 -7.06 -67.53
C GLY I 69 17.93 -8.09 -68.63
N LYS I 70 18.51 -7.74 -69.76
CA LYS I 70 18.58 -8.62 -70.92
C LYS I 70 20.03 -8.77 -71.37
N PRO I 71 20.35 -9.84 -72.09
CA PRO I 71 21.73 -10.03 -72.57
C PRO I 71 22.01 -9.14 -73.77
N ILE I 72 23.21 -8.58 -73.82
CA ILE I 72 23.73 -7.92 -75.03
C ILE I 72 24.95 -8.71 -75.41
N PHE I 73 25.01 -9.11 -76.68
CA PHE I 73 26.11 -9.88 -77.22
C PHE I 73 27.08 -8.90 -77.83
N ILE I 74 28.36 -9.03 -77.47
CA ILE I 74 29.45 -8.31 -78.14
C ILE I 74 30.40 -9.39 -78.63
N ARG I 75 30.31 -9.68 -79.93
CA ARG I 75 31.13 -10.69 -80.60
C ARG I 75 32.17 -10.04 -81.50
N ARG I 76 33.42 -10.44 -81.30
CA ARG I 76 34.49 -10.10 -82.24
C ARG I 76 34.52 -11.19 -83.31
N ARG I 77 34.01 -10.86 -84.49
CA ARG I 77 33.79 -11.88 -85.51
C ARG I 77 35.09 -12.30 -86.18
N THR I 78 35.15 -13.58 -86.53
CA THR I 78 36.25 -14.16 -87.26
C THR I 78 36.12 -13.84 -88.75
N GLU I 79 37.14 -14.27 -89.48
CA GLU I 79 37.14 -14.14 -90.94
C GLU I 79 35.98 -14.92 -91.57
N ALA I 80 35.76 -16.17 -91.10
CA ALA I 80 34.68 -17.00 -91.61
C ALA I 80 33.30 -16.37 -91.41
N ASP I 81 33.03 -15.86 -90.20
CA ASP I 81 31.77 -15.18 -89.93
C ASP I 81 31.50 -14.06 -90.93
N ILE I 82 32.52 -13.25 -91.20
CA ILE I 82 32.35 -12.07 -92.06
C ILE I 82 32.11 -12.51 -93.50
N GLU I 83 32.91 -13.46 -94.00
CA GLU I 83 32.74 -13.94 -95.37
C GLU I 83 31.35 -14.52 -95.59
N LEU I 84 30.89 -15.42 -94.72
CA LEU I 84 29.53 -15.96 -94.85
C LEU I 84 28.52 -14.83 -94.80
N GLY I 85 28.71 -13.88 -93.87
CA GLY I 85 27.76 -12.80 -93.69
C GLY I 85 27.63 -11.87 -94.89
N ARG I 86 28.75 -11.54 -95.53
CA ARG I 86 28.69 -10.62 -96.67
C ARG I 86 28.18 -11.27 -97.95
N SER I 87 28.20 -12.60 -98.02
CA SER I 87 27.79 -13.28 -99.24
C SER I 87 26.28 -13.37 -99.38
N VAL I 88 25.53 -13.14 -98.30
CA VAL I 88 24.08 -13.22 -98.35
C VAL I 88 23.52 -11.98 -99.04
N GLN I 89 22.66 -12.22 -100.02
CA GLN I 89 21.95 -11.16 -100.69
C GLN I 89 20.70 -10.79 -99.91
N LEU I 90 20.34 -9.52 -100.05
CA LEU I 90 19.21 -8.95 -99.32
C LEU I 90 17.94 -9.77 -99.52
N GLY I 91 17.67 -10.19 -100.76
CA GLY I 91 16.48 -10.96 -101.08
C GLY I 91 16.46 -12.37 -100.50
N GLN I 92 17.54 -12.82 -99.87
CA GLN I 92 17.61 -14.15 -99.26
C GLN I 92 17.27 -14.14 -97.79
N LEU I 93 17.05 -12.94 -97.23
CA LEU I 93 16.81 -12.74 -95.82
C LEU I 93 15.31 -12.72 -95.49
N VAL I 94 14.95 -13.27 -94.32
CA VAL I 94 13.58 -13.16 -93.83
C VAL I 94 13.25 -11.71 -93.53
N ASP I 95 14.16 -11.02 -92.85
CA ASP I 95 14.01 -9.63 -92.45
C ASP I 95 15.13 -8.79 -93.02
N THR I 96 14.78 -7.85 -93.88
CA THR I 96 15.76 -7.05 -94.61
C THR I 96 16.08 -5.73 -93.93
N ASN I 97 15.53 -5.44 -92.74
CA ASN I 97 15.87 -4.22 -92.02
C ASN I 97 17.07 -4.44 -91.10
N ALA I 98 17.95 -3.43 -91.03
CA ALA I 98 19.19 -3.51 -90.24
C ALA I 98 18.91 -3.57 -88.73
N ARG I 99 17.76 -3.06 -88.28
CA ARG I 99 17.42 -2.99 -86.86
C ARG I 99 18.51 -2.31 -86.03
N ASN I 100 18.98 -1.17 -86.51
CA ASN I 100 20.13 -0.51 -85.93
C ASN I 100 19.76 0.89 -85.48
N ALA I 101 19.81 1.13 -84.17
CA ALA I 101 19.44 2.43 -83.64
C ALA I 101 20.45 3.53 -84.02
N ASN I 102 21.65 3.15 -84.45
CA ASN I 102 22.73 4.10 -84.69
C ASN I 102 22.66 4.74 -86.08
N ILE I 103 21.88 4.20 -86.99
CA ILE I 103 21.78 4.70 -88.35
C ILE I 103 20.31 4.84 -88.68
N ASP I 104 20.04 5.23 -89.93
CA ASP I 104 18.67 5.45 -90.38
C ASP I 104 17.85 4.20 -90.15
N ALA I 105 16.57 4.42 -89.84
CA ALA I 105 15.66 3.32 -89.54
C ALA I 105 15.39 2.49 -90.78
N GLY I 106 15.53 3.09 -91.95
CA GLY I 106 15.29 2.41 -93.21
C GLY I 106 16.51 1.78 -93.83
N ALA I 107 17.68 1.81 -93.18
CA ALA I 107 18.90 1.24 -93.75
C ALA I 107 18.71 -0.25 -94.05
N GLU I 108 19.39 -0.72 -95.09
CA GLU I 108 19.22 -2.11 -95.50
C GLU I 108 20.08 -3.01 -94.63
N ALA I 109 19.65 -4.28 -94.49
CA ALA I 109 20.29 -5.28 -93.62
C ALA I 109 21.50 -5.93 -94.25
N THR I 110 22.31 -5.14 -94.95
CA THR I 110 23.61 -5.55 -95.45
C THR I 110 24.54 -5.77 -94.27
N ASP I 111 25.54 -6.66 -94.45
CA ASP I 111 26.50 -6.94 -93.38
C ASP I 111 27.20 -5.68 -92.88
N GLN I 112 27.43 -4.69 -93.75
CA GLN I 112 28.07 -3.44 -93.32
C GLN I 112 27.18 -2.68 -92.35
N ASN I 113 25.84 -2.68 -92.59
CA ASN I 113 24.89 -1.97 -91.73
C ASN I 113 24.53 -2.78 -90.49
N ARG I 114 25.21 -3.91 -90.24
CA ARG I 114 24.97 -4.77 -89.08
C ARG I 114 26.13 -4.79 -88.08
N THR I 115 27.23 -4.09 -88.38
CA THR I 115 28.44 -4.05 -87.56
C THR I 115 28.73 -2.59 -87.24
N LEU I 116 29.50 -2.38 -86.16
CA LEU I 116 29.83 -1.02 -85.75
C LEU I 116 30.91 -0.41 -86.63
N ASP I 117 31.86 -1.22 -87.07
CA ASP I 117 33.01 -0.78 -87.85
C ASP I 117 32.87 -1.20 -89.31
N GLU I 118 33.67 -0.54 -90.17
CA GLU I 118 33.64 -0.85 -91.60
C GLU I 118 34.25 -2.20 -91.86
N ALA I 119 35.24 -2.60 -91.06
CA ALA I 119 35.87 -3.91 -91.21
C ALA I 119 34.91 -5.03 -90.83
N GLY I 120 33.82 -4.73 -90.13
CA GLY I 120 32.85 -5.76 -89.83
C GLY I 120 33.31 -6.73 -88.76
N GLU I 121 34.23 -6.28 -87.89
CA GLU I 121 34.78 -7.15 -86.86
C GLU I 121 33.89 -7.19 -85.61
N TRP I 122 33.19 -6.08 -85.29
CA TRP I 122 32.43 -5.90 -84.04
C TRP I 122 30.91 -5.94 -84.27
N LEU I 123 30.29 -7.06 -83.88
CA LEU I 123 28.84 -7.27 -83.92
C LEU I 123 28.30 -7.07 -82.49
N VAL I 124 27.56 -5.98 -82.28
CA VAL I 124 26.95 -5.66 -80.99
C VAL I 124 25.43 -5.70 -81.18
N MET I 125 24.75 -6.53 -80.39
CA MET I 125 23.31 -6.64 -80.54
C MET I 125 22.69 -7.18 -79.26
N TRP I 126 21.38 -6.93 -79.11
CA TRP I 126 20.60 -7.54 -78.04
C TRP I 126 20.55 -9.06 -78.24
N GLY I 127 21.00 -9.83 -77.26
CA GLY I 127 20.88 -11.28 -77.33
C GLY I 127 19.50 -11.71 -76.91
N VAL I 128 18.46 -11.15 -77.51
CA VAL I 128 17.07 -11.36 -77.11
C VAL I 128 16.31 -11.75 -78.34
N CYS I 129 15.97 -13.03 -78.43
CA CYS I 129 15.22 -13.56 -79.56
C CYS I 129 13.98 -12.74 -79.82
N THR I 130 13.78 -12.40 -81.10
CA THR I 130 12.71 -11.52 -81.51
C THR I 130 11.36 -12.22 -81.59
N HIS I 131 11.32 -13.54 -81.34
CA HIS I 131 10.07 -14.29 -81.19
C HIS I 131 9.44 -13.94 -79.85
N LEU I 132 9.95 -14.56 -78.76
CA LEU I 132 9.39 -14.40 -77.42
C LEU I 132 10.47 -14.16 -76.35
N GLY I 133 11.66 -13.67 -76.76
CA GLY I 133 12.56 -13.06 -75.81
C GLY I 133 13.63 -13.94 -75.24
N CYS I 134 13.69 -15.21 -75.65
CA CYS I 134 14.76 -16.06 -75.17
C CYS I 134 16.15 -15.60 -75.64
N VAL I 135 17.16 -16.27 -75.10
CA VAL I 135 18.57 -15.98 -75.37
C VAL I 135 19.04 -16.99 -76.41
N PRO I 136 19.45 -16.57 -77.60
CA PRO I 136 20.02 -17.54 -78.54
C PRO I 136 21.39 -18.07 -78.08
N ILE I 137 21.67 -19.32 -78.46
CA ILE I 137 22.90 -20.05 -78.13
C ILE I 137 23.93 -19.72 -79.21
N GLY I 138 25.12 -19.30 -78.79
CA GLY I 138 26.12 -18.91 -79.77
C GLY I 138 27.13 -20.02 -80.02
N GLY I 139 28.38 -19.62 -80.24
CA GLY I 139 29.45 -20.55 -80.61
C GLY I 139 29.26 -21.20 -81.96
N VAL I 140 28.76 -20.45 -82.93
CA VAL I 140 28.50 -20.96 -84.27
C VAL I 140 27.55 -22.14 -84.15
N SER I 141 26.30 -21.86 -83.77
CA SER I 141 25.28 -22.90 -83.60
C SER I 141 24.20 -22.72 -84.65
N GLY I 142 23.42 -23.76 -84.83
CA GLY I 142 22.36 -23.74 -85.80
C GLY I 142 22.82 -24.14 -87.18
N ASP I 143 21.94 -23.88 -88.13
CA ASP I 143 22.12 -24.33 -89.51
C ASP I 143 22.68 -23.22 -90.41
N PHE I 144 22.98 -22.03 -89.84
CA PHE I 144 23.44 -20.88 -90.62
C PHE I 144 24.70 -20.27 -90.01
N GLY I 145 25.48 -21.08 -89.30
CA GLY I 145 26.76 -20.62 -88.75
C GLY I 145 26.64 -19.40 -87.86
N GLY I 146 25.62 -19.33 -87.00
CA GLY I 146 25.38 -18.17 -86.16
C GLY I 146 24.90 -18.46 -84.75
N TRP I 147 23.60 -18.26 -84.53
CA TRP I 147 22.99 -18.45 -83.23
C TRP I 147 21.76 -19.34 -83.40
N PHE I 148 21.46 -20.11 -82.36
CA PHE I 148 20.28 -20.97 -82.31
C PHE I 148 19.49 -20.65 -81.04
N CYS I 149 18.19 -20.32 -81.21
CA CYS I 149 17.31 -20.07 -80.06
C CYS I 149 16.59 -21.34 -79.61
N PRO I 150 16.84 -21.87 -78.41
CA PRO I 150 16.27 -23.17 -78.05
C PRO I 150 14.81 -23.11 -77.65
N CYS I 151 14.21 -21.94 -77.59
CA CYS I 151 12.85 -21.88 -77.07
C CYS I 151 11.82 -22.37 -78.04
N HIS I 152 11.91 -21.96 -79.30
CA HIS I 152 11.02 -22.47 -80.34
C HIS I 152 11.76 -22.64 -81.68
N GLY I 153 13.08 -22.63 -81.67
CA GLY I 153 13.87 -23.06 -82.81
C GLY I 153 14.18 -22.05 -83.89
N SER I 154 14.48 -20.79 -83.52
CA SER I 154 14.91 -19.80 -84.50
C SER I 154 16.42 -19.89 -84.75
N HIS I 155 16.81 -19.77 -86.02
CA HIS I 155 18.19 -19.76 -86.44
C HIS I 155 18.56 -18.39 -86.98
N TYR I 156 19.64 -17.83 -86.45
CA TYR I 156 20.22 -16.58 -86.89
C TYR I 156 21.59 -16.87 -87.51
N ASP I 157 22.00 -16.03 -88.47
CA ASP I 157 23.25 -16.22 -89.18
C ASP I 157 24.40 -15.46 -88.48
N SER I 158 25.56 -15.36 -89.15
CA SER I 158 26.76 -14.81 -88.53
C SER I 158 26.69 -13.30 -88.30
N ALA I 159 25.69 -12.61 -88.86
CA ALA I 159 25.41 -11.21 -88.61
C ALA I 159 24.16 -11.04 -87.71
N GLY I 160 23.63 -12.13 -87.16
CA GLY I 160 22.48 -12.04 -86.28
C GLY I 160 21.17 -11.82 -86.97
N ARG I 161 21.10 -12.11 -88.27
CA ARG I 161 19.88 -11.93 -89.06
C ARG I 161 19.05 -13.20 -89.05
N ILE I 162 17.74 -13.02 -88.93
CA ILE I 162 16.84 -14.17 -88.90
C ILE I 162 16.77 -14.81 -90.29
N ARG I 163 16.88 -16.15 -90.30
CA ARG I 163 16.91 -16.96 -91.52
C ARG I 163 15.89 -18.11 -91.52
N LYS I 164 15.46 -18.57 -90.35
CA LYS I 164 14.65 -19.77 -90.21
C LYS I 164 14.02 -19.78 -88.81
N GLY I 165 12.74 -20.18 -88.73
CA GLY I 165 12.01 -20.31 -87.47
C GLY I 165 10.87 -19.33 -87.29
N PRO I 166 10.29 -19.27 -86.07
CA PRO I 166 9.14 -18.36 -85.82
C PRO I 166 9.52 -16.89 -85.62
N ALA I 167 10.77 -16.60 -85.29
CA ALA I 167 11.15 -15.22 -85.00
C ALA I 167 10.92 -14.32 -86.22
N PRO I 168 10.28 -13.15 -86.07
CA PRO I 168 9.99 -12.32 -87.25
C PRO I 168 11.10 -11.40 -87.72
N GLU I 169 12.05 -11.01 -86.85
CA GLU I 169 13.00 -9.95 -87.13
C GLU I 169 14.43 -10.32 -86.74
N ASN I 170 15.38 -9.56 -87.32
CA ASN I 170 16.78 -9.63 -86.93
C ASN I 170 16.95 -9.17 -85.49
N LEU I 171 17.94 -9.74 -84.80
CA LEU I 171 18.26 -9.31 -83.45
C LEU I 171 18.58 -7.82 -83.46
N PRO I 172 17.93 -7.00 -82.63
CA PRO I 172 18.14 -5.55 -82.71
C PRO I 172 19.52 -5.16 -82.24
N ILE I 173 20.03 -4.08 -82.82
CA ILE I 173 21.34 -3.52 -82.48
C ILE I 173 21.11 -2.28 -81.63
N PRO I 174 21.62 -2.22 -80.39
CA PRO I 174 21.36 -1.06 -79.56
C PRO I 174 22.26 0.10 -79.99
N LEU I 175 21.99 1.26 -79.43
CA LEU I 175 22.95 2.34 -79.55
C LEU I 175 24.26 1.88 -78.95
N ALA I 176 25.30 1.82 -79.78
CA ALA I 176 26.58 1.32 -79.36
C ALA I 176 27.65 2.00 -80.21
N LYS I 177 28.73 2.40 -79.54
CA LYS I 177 29.82 3.09 -80.20
C LYS I 177 31.09 2.91 -79.38
N PHE I 178 32.23 2.85 -80.07
CA PHE I 178 33.52 2.78 -79.39
C PHE I 178 33.82 4.15 -78.81
N ILE I 179 33.95 4.23 -77.48
CA ILE I 179 34.30 5.47 -76.79
C ILE I 179 35.81 5.72 -76.95
N ASP I 180 36.62 4.67 -76.96
CA ASP I 180 38.05 4.80 -77.28
C ASP I 180 38.49 3.50 -77.99
N GLU I 181 39.81 3.27 -78.05
CA GLU I 181 40.35 2.14 -78.79
C GLU I 181 39.84 0.78 -78.29
N THR I 182 39.49 0.68 -77.00
CA THR I 182 39.27 -0.61 -76.35
C THR I 182 37.98 -0.67 -75.53
N THR I 183 37.11 0.35 -75.60
CA THR I 183 35.91 0.43 -74.77
C THR I 183 34.69 0.75 -75.63
N ILE I 184 33.61 -0.04 -75.48
CA ILE I 184 32.33 0.20 -76.17
C ILE I 184 31.33 0.76 -75.17
N GLN I 185 30.63 1.82 -75.56
CA GLN I 185 29.54 2.38 -74.79
C GLN I 185 28.20 1.90 -75.34
N LEU I 186 27.47 1.12 -74.53
CA LEU I 186 26.13 0.67 -74.88
C LEU I 186 25.13 1.69 -74.37
N GLY I 187 24.11 1.98 -75.16
CA GLY I 187 23.11 2.96 -74.77
C GLY I 187 23.48 4.37 -75.20
N GLY J 3 -37.62 -22.70 -56.97
CA GLY J 3 -36.79 -23.90 -57.05
C GLY J 3 -37.64 -25.17 -57.09
N ILE J 4 -37.07 -26.25 -56.54
CA ILE J 4 -37.73 -27.53 -56.46
C ILE J 4 -38.62 -27.48 -55.22
N PRO J 5 -39.81 -28.09 -55.22
CA PRO J 5 -40.63 -28.08 -53.99
C PRO J 5 -40.00 -28.96 -52.91
N HIS J 6 -39.91 -28.43 -51.69
CA HIS J 6 -39.28 -29.16 -50.60
C HIS J 6 -39.79 -28.51 -49.32
N ASP J 7 -39.58 -29.21 -48.21
CA ASP J 7 -39.98 -28.68 -46.92
C ASP J 7 -38.87 -27.78 -46.38
N HIS J 8 -39.30 -26.81 -45.59
CA HIS J 8 -38.46 -25.73 -45.07
C HIS J 8 -38.09 -25.94 -43.59
N TYR J 9 -37.16 -25.09 -43.13
CA TYR J 9 -36.64 -25.16 -41.76
C TYR J 9 -37.65 -24.68 -40.71
N GLU J 10 -37.52 -25.23 -39.50
CA GLU J 10 -38.34 -24.86 -38.36
C GLU J 10 -37.49 -24.92 -37.09
N PRO J 11 -37.32 -23.81 -36.35
CA PRO J 11 -36.50 -23.86 -35.13
C PRO J 11 -37.10 -24.72 -34.04
N ARG J 12 -36.24 -25.49 -33.36
CA ARG J 12 -36.70 -26.41 -32.32
C ARG J 12 -36.18 -26.01 -30.94
N THR J 13 -34.87 -25.91 -30.75
CA THR J 13 -34.32 -25.48 -29.47
C THR J 13 -34.65 -24.02 -29.19
N GLY J 14 -34.66 -23.66 -27.90
CA GLY J 14 -34.86 -22.27 -27.54
C GLY J 14 -33.78 -21.36 -28.09
N ILE J 15 -32.53 -21.85 -28.18
CA ILE J 15 -31.41 -21.09 -28.75
C ILE J 15 -31.63 -20.92 -30.26
N GLU J 16 -32.21 -21.92 -30.93
CA GLU J 16 -32.44 -21.83 -32.36
C GLU J 16 -33.53 -20.82 -32.65
N LYS J 17 -34.59 -20.83 -31.85
CA LYS J 17 -35.65 -19.83 -32.00
C LYS J 17 -35.09 -18.41 -31.80
N TRP J 18 -34.15 -18.26 -30.87
CA TRP J 18 -33.53 -16.95 -30.58
C TRP J 18 -32.74 -16.46 -31.78
N LEU J 19 -31.89 -17.35 -32.31
CA LEU J 19 -31.03 -16.99 -33.44
C LEU J 19 -31.86 -16.81 -34.71
N HIS J 20 -32.85 -17.68 -34.94
CA HIS J 20 -33.60 -17.61 -36.20
C HIS J 20 -34.40 -16.32 -36.32
N SER J 21 -34.84 -15.76 -35.21
CA SER J 21 -35.61 -14.51 -35.24
C SER J 21 -34.75 -13.25 -35.38
N ARG J 22 -33.42 -13.37 -35.52
CA ARG J 22 -32.49 -12.24 -35.62
C ARG J 22 -31.61 -12.35 -36.85
N LEU J 23 -31.04 -13.53 -37.09
CA LEU J 23 -30.20 -13.81 -38.26
C LEU J 23 -30.47 -15.25 -38.68
N PRO J 24 -31.26 -15.47 -39.80
CA PRO J 24 -31.62 -16.83 -40.23
C PRO J 24 -30.50 -17.59 -40.96
N ILE J 25 -29.28 -17.57 -40.40
CA ILE J 25 -28.17 -18.25 -41.05
C ILE J 25 -28.36 -19.75 -40.97
N VAL J 26 -28.98 -20.23 -39.89
CA VAL J 26 -29.26 -21.65 -39.75
C VAL J 26 -30.31 -22.09 -40.78
N ALA J 27 -31.32 -21.26 -41.04
CA ALA J 27 -32.31 -21.60 -42.06
C ALA J 27 -31.62 -21.74 -43.41
N LEU J 28 -30.63 -20.91 -43.64
CA LEU J 28 -29.90 -20.92 -44.90
C LEU J 28 -29.04 -22.17 -45.01
N ALA J 29 -28.35 -22.55 -43.92
CA ALA J 29 -27.55 -23.76 -43.95
C ALA J 29 -28.38 -25.01 -44.18
N TYR J 30 -29.60 -25.05 -43.60
CA TYR J 30 -30.50 -26.20 -43.77
C TYR J 30 -30.97 -26.32 -45.22
N ASP J 31 -31.53 -25.24 -45.77
CA ASP J 31 -32.03 -25.29 -47.13
C ASP J 31 -30.92 -25.58 -48.14
N THR J 32 -29.68 -25.23 -47.81
CA THR J 32 -28.56 -25.51 -48.71
C THR J 32 -28.16 -26.97 -48.65
N ILE J 33 -27.96 -27.50 -47.45
CA ILE J 33 -27.39 -28.83 -47.35
C ILE J 33 -28.46 -29.89 -47.57
N MET J 34 -29.74 -29.50 -47.60
CA MET J 34 -30.85 -30.42 -47.75
C MET J 34 -31.55 -30.24 -49.09
N ILE J 35 -30.91 -29.52 -50.02
CA ILE J 35 -31.47 -29.23 -51.34
C ILE J 35 -31.79 -30.57 -52.02
N PRO J 36 -32.97 -30.76 -52.60
CA PRO J 36 -33.21 -32.01 -53.33
C PRO J 36 -32.31 -32.10 -54.55
N THR J 37 -31.50 -33.16 -54.56
CA THR J 37 -30.50 -33.41 -55.58
C THR J 37 -30.91 -34.65 -56.39
N PRO J 38 -30.76 -34.66 -57.73
CA PRO J 38 -31.13 -35.85 -58.48
C PRO J 38 -30.45 -37.08 -57.91
N ARG J 39 -31.22 -38.14 -57.74
CA ARG J 39 -30.72 -39.36 -57.14
C ARG J 39 -29.67 -40.09 -57.98
N ASN J 40 -29.61 -39.85 -59.29
CA ASN J 40 -28.89 -40.68 -60.25
C ASN J 40 -27.51 -40.10 -60.65
N LEU J 41 -26.90 -39.27 -59.79
CA LEU J 41 -25.59 -38.72 -60.11
C LEU J 41 -24.51 -39.79 -60.07
N ASN J 42 -23.62 -39.79 -61.08
CA ASN J 42 -22.51 -40.74 -61.14
C ASN J 42 -21.23 -40.08 -60.61
N TRP J 43 -20.09 -40.78 -60.73
CA TRP J 43 -18.87 -40.34 -60.09
C TRP J 43 -18.30 -39.10 -60.73
N MET J 44 -18.84 -38.64 -61.85
CA MET J 44 -18.34 -37.41 -62.44
C MET J 44 -18.90 -36.17 -61.76
N TRP J 45 -19.79 -36.33 -60.79
CA TRP J 45 -20.35 -35.18 -60.10
C TRP J 45 -19.57 -34.88 -58.79
N ILE J 46 -18.46 -35.59 -58.56
CA ILE J 46 -17.67 -35.39 -57.36
C ILE J 46 -16.65 -34.28 -57.52
N TRP J 47 -16.32 -33.92 -58.76
CA TRP J 47 -15.16 -33.06 -58.97
C TRP J 47 -15.40 -31.63 -58.48
N GLY J 48 -16.67 -31.26 -58.27
CA GLY J 48 -16.98 -29.98 -57.66
C GLY J 48 -16.48 -29.91 -56.23
N VAL J 49 -16.68 -30.99 -55.46
CA VAL J 49 -16.23 -31.05 -54.08
C VAL J 49 -14.70 -31.11 -54.03
N VAL J 50 -14.09 -31.84 -54.97
CA VAL J 50 -12.63 -31.92 -55.07
C VAL J 50 -12.07 -30.54 -55.35
N LEU J 51 -12.69 -29.82 -56.29
CA LEU J 51 -12.24 -28.47 -56.57
C LEU J 51 -12.35 -27.58 -55.34
N ALA J 52 -13.44 -27.73 -54.58
CA ALA J 52 -13.60 -26.96 -53.36
C ALA J 52 -12.48 -27.30 -52.39
N PHE J 53 -12.18 -28.60 -52.22
CA PHE J 53 -11.10 -28.99 -51.34
C PHE J 53 -9.77 -28.38 -51.79
N CYS J 54 -9.47 -28.48 -53.08
CA CYS J 54 -8.23 -27.96 -53.61
C CYS J 54 -8.06 -26.49 -53.28
N LEU J 55 -9.12 -25.70 -53.47
CA LEU J 55 -9.04 -24.27 -53.23
C LEU J 55 -8.69 -23.98 -51.77
N VAL J 56 -9.27 -24.74 -50.85
CA VAL J 56 -8.91 -24.53 -49.44
C VAL J 56 -7.47 -24.97 -49.19
N LEU J 57 -7.08 -26.14 -49.72
CA LEU J 57 -5.71 -26.64 -49.56
C LEU J 57 -4.71 -25.63 -50.10
N GLN J 58 -4.94 -25.11 -51.30
CA GLN J 58 -4.00 -24.16 -51.88
C GLN J 58 -3.92 -22.92 -51.00
N ILE J 59 -5.07 -22.48 -50.49
CA ILE J 59 -5.13 -21.25 -49.69
C ILE J 59 -4.40 -21.46 -48.36
N VAL J 60 -4.69 -22.58 -47.70
CA VAL J 60 -4.12 -22.78 -46.39
C VAL J 60 -2.64 -23.05 -46.49
N THR J 61 -2.22 -23.84 -47.47
CA THR J 61 -0.79 -24.03 -47.64
C THR J 61 -0.16 -22.76 -48.16
N GLY J 62 -0.92 -22.00 -48.96
CA GLY J 62 -0.39 -20.76 -49.49
C GLY J 62 -0.10 -19.75 -48.41
N ILE J 63 -1.07 -19.49 -47.52
CA ILE J 63 -0.88 -18.53 -46.43
C ILE J 63 0.32 -18.91 -45.60
N VAL J 64 0.43 -20.18 -45.32
CA VAL J 64 1.54 -20.69 -44.53
C VAL J 64 2.87 -20.50 -45.26
N LEU J 65 2.92 -20.86 -46.54
CA LEU J 65 4.14 -20.67 -47.33
C LEU J 65 4.53 -19.20 -47.37
N ALA J 66 3.54 -18.31 -47.45
CA ALA J 66 3.84 -16.90 -47.50
C ALA J 66 4.42 -16.37 -46.19
N MET J 67 4.33 -17.15 -45.09
CA MET J 67 4.92 -16.77 -43.82
C MET J 67 6.44 -16.95 -43.80
N HIS J 68 6.99 -17.63 -44.82
CA HIS J 68 8.39 -17.98 -44.90
C HIS J 68 9.05 -17.62 -46.23
N TYR J 69 8.30 -17.08 -47.19
CA TYR J 69 8.83 -16.78 -48.51
C TYR J 69 9.13 -15.29 -48.63
N THR J 70 10.20 -14.96 -49.33
CA THR J 70 10.58 -13.56 -49.50
C THR J 70 10.50 -13.21 -50.98
N PRO J 71 9.52 -12.26 -51.41
CA PRO J 71 9.39 -11.88 -52.84
C PRO J 71 10.43 -10.86 -53.26
N HIS J 72 11.67 -11.33 -53.27
CA HIS J 72 12.75 -10.51 -53.77
C HIS J 72 13.72 -11.40 -54.49
N VAL J 73 14.21 -10.91 -55.63
CA VAL J 73 15.03 -11.71 -56.55
C VAL J 73 16.26 -12.25 -55.88
N ASP J 74 16.83 -11.53 -54.89
CA ASP J 74 18.01 -11.99 -54.15
C ASP J 74 17.68 -13.07 -53.10
N LEU J 75 16.41 -13.24 -52.73
CA LEU J 75 16.04 -14.08 -51.60
C LEU J 75 14.98 -15.13 -51.92
N ALA J 76 14.26 -14.98 -53.02
CA ALA J 76 13.12 -15.81 -53.38
C ALA J 76 13.49 -17.29 -53.49
N PHE J 77 14.43 -17.61 -54.37
CA PHE J 77 14.83 -19.01 -54.54
C PHE J 77 15.34 -19.57 -53.23
N ALA J 78 16.17 -18.79 -52.50
CA ALA J 78 16.71 -19.22 -51.21
C ALA J 78 15.63 -19.43 -50.15
N SER J 79 14.59 -18.59 -50.16
CA SER J 79 13.56 -18.68 -49.12
C SER J 79 12.71 -19.94 -49.31
N VAL J 80 12.57 -20.40 -50.55
CA VAL J 80 11.86 -21.64 -50.79
C VAL J 80 12.69 -22.85 -50.30
N GLU J 81 14.01 -22.83 -50.53
CA GLU J 81 14.87 -23.88 -49.97
C GLU J 81 14.92 -23.79 -48.47
N HIS J 82 14.79 -22.58 -47.93
CA HIS J 82 14.72 -22.48 -46.49
C HIS J 82 13.52 -23.22 -45.96
N ILE J 83 12.36 -23.05 -46.62
CA ILE J 83 11.15 -23.80 -46.31
C ILE J 83 11.39 -25.31 -46.40
N MET J 84 11.97 -25.74 -47.50
CA MET J 84 12.17 -27.17 -47.75
C MET J 84 13.02 -27.83 -46.67
N ARG J 85 14.04 -27.12 -46.16
CA ARG J 85 15.03 -27.72 -45.26
C ARG J 85 14.80 -27.41 -43.80
N ASN J 86 14.33 -26.20 -43.50
CA ASN J 86 14.30 -25.72 -42.15
C ASN J 86 12.91 -25.55 -41.55
N VAL J 87 11.95 -25.05 -42.33
CA VAL J 87 10.62 -24.80 -41.80
C VAL J 87 10.00 -26.15 -41.50
N ASN J 88 9.38 -26.26 -40.32
CA ASN J 88 8.68 -27.45 -39.86
C ASN J 88 7.63 -27.87 -40.86
N GLY J 89 7.82 -29.06 -41.40
CA GLY J 89 6.91 -29.58 -42.39
C GLY J 89 6.92 -28.80 -43.68
N GLY J 90 7.91 -27.93 -43.85
CA GLY J 90 7.94 -27.04 -45.00
C GLY J 90 8.10 -27.82 -46.28
N PHE J 91 8.90 -28.88 -46.23
CA PHE J 91 9.06 -29.69 -47.41
C PHE J 91 7.72 -30.25 -47.86
N MET J 92 6.89 -30.66 -46.89
CA MET J 92 5.61 -31.26 -47.20
C MET J 92 4.59 -30.21 -47.61
N LEU J 93 4.60 -29.07 -46.93
CA LEU J 93 3.67 -28.00 -47.27
C LEU J 93 3.90 -27.45 -48.67
N ARG J 94 5.17 -27.33 -49.07
CA ARG J 94 5.53 -26.86 -50.41
C ARG J 94 5.07 -27.86 -51.48
N TYR J 95 5.37 -29.13 -51.29
CA TYR J 95 4.97 -30.11 -52.28
C TYR J 95 3.46 -30.22 -52.35
N LEU J 96 2.77 -30.01 -51.24
CA LEU J 96 1.31 -30.06 -51.30
C LEU J 96 0.80 -28.90 -52.13
N HIS J 97 1.38 -27.72 -51.95
CA HIS J 97 0.92 -26.57 -52.71
C HIS J 97 1.25 -26.74 -54.18
N ALA J 98 2.44 -27.25 -54.49
CA ALA J 98 2.85 -27.39 -55.90
C ALA J 98 2.06 -28.49 -56.59
N ASN J 99 2.09 -29.71 -56.03
CA ASN J 99 1.28 -30.78 -56.58
C ASN J 99 -0.21 -30.49 -56.37
N GLY J 100 -0.56 -29.69 -55.34
CA GLY J 100 -1.95 -29.35 -55.17
C GLY J 100 -2.47 -28.55 -56.35
N ALA J 101 -1.60 -27.74 -56.94
CA ALA J 101 -1.99 -27.02 -58.15
C ALA J 101 -2.27 -28.00 -59.29
N SER J 102 -1.49 -29.08 -59.37
CA SER J 102 -1.74 -30.07 -60.42
C SER J 102 -3.07 -30.75 -60.16
N LEU J 103 -3.30 -31.17 -58.91
CA LEU J 103 -4.59 -31.79 -58.58
C LEU J 103 -5.74 -30.83 -58.89
N PHE J 104 -5.53 -29.55 -58.57
CA PHE J 104 -6.54 -28.55 -58.87
C PHE J 104 -6.86 -28.53 -60.35
N PHE J 105 -5.82 -28.66 -61.20
CA PHE J 105 -6.08 -28.50 -62.61
C PHE J 105 -6.55 -29.77 -63.30
N ILE J 106 -6.08 -30.95 -62.90
CA ILE J 106 -6.69 -32.18 -63.39
C ILE J 106 -8.18 -32.18 -63.09
N ALA J 107 -8.55 -31.67 -61.91
CA ALA J 107 -9.96 -31.72 -61.52
C ALA J 107 -10.84 -30.83 -62.38
N VAL J 108 -10.41 -29.60 -62.70
CA VAL J 108 -11.26 -28.75 -63.54
C VAL J 108 -11.45 -29.38 -64.92
N TYR J 109 -10.38 -29.96 -65.48
CA TYR J 109 -10.53 -30.46 -66.84
C TYR J 109 -11.53 -31.61 -66.84
N LEU J 110 -11.48 -32.46 -65.82
CA LEU J 110 -12.49 -33.49 -65.65
C LEU J 110 -13.87 -32.87 -65.35
N HIS J 111 -13.90 -31.87 -64.48
CA HIS J 111 -15.14 -31.10 -64.18
C HIS J 111 -15.72 -30.49 -65.48
N ILE J 112 -14.86 -29.88 -66.31
CA ILE J 112 -15.29 -29.20 -67.53
C ILE J 112 -15.86 -30.18 -68.55
N PHE J 113 -15.13 -31.26 -68.80
CA PHE J 113 -15.56 -32.23 -69.81
C PHE J 113 -16.82 -32.95 -69.37
N ARG J 114 -17.03 -33.07 -68.06
CA ARG J 114 -18.31 -33.55 -67.57
C ARG J 114 -19.38 -32.62 -68.08
N GLY J 115 -19.18 -31.31 -67.91
CA GLY J 115 -20.16 -30.33 -68.38
C GLY J 115 -20.39 -30.44 -69.88
N LEU J 116 -19.32 -30.64 -70.65
CA LEU J 116 -19.42 -30.72 -72.10
C LEU J 116 -20.18 -31.96 -72.58
N TYR J 117 -20.13 -33.04 -71.81
CA TYR J 117 -20.78 -34.26 -72.25
C TYR J 117 -22.27 -34.22 -71.98
N TYR J 118 -22.65 -33.81 -70.78
CA TYR J 118 -24.03 -33.87 -70.31
C TYR J 118 -24.82 -32.60 -70.59
N GLY J 119 -24.21 -31.62 -71.25
CA GLY J 119 -24.94 -30.42 -71.58
C GLY J 119 -25.29 -29.62 -70.35
N SER J 120 -24.39 -29.62 -69.35
CA SER J 120 -24.57 -28.86 -68.12
C SER J 120 -24.39 -27.36 -68.33
N TYR J 121 -23.96 -26.95 -69.54
CA TYR J 121 -23.80 -25.54 -69.94
C TYR J 121 -25.03 -24.97 -70.63
N LYS J 122 -25.91 -25.82 -71.19
CA LYS J 122 -27.10 -25.34 -71.89
C LYS J 122 -28.11 -24.81 -70.87
N ALA J 123 -29.01 -23.97 -71.37
CA ALA J 123 -30.04 -23.34 -70.55
C ALA J 123 -30.74 -24.38 -69.67
N PRO J 124 -31.07 -24.04 -68.41
CA PRO J 124 -30.91 -22.73 -67.76
C PRO J 124 -29.58 -22.51 -67.04
N ARG J 125 -28.50 -23.18 -67.46
CA ARG J 125 -27.24 -23.21 -66.71
C ARG J 125 -26.11 -22.38 -67.33
N GLU J 126 -26.45 -21.37 -68.16
CA GLU J 126 -25.41 -20.55 -68.79
C GLU J 126 -24.59 -19.79 -67.75
N VAL J 127 -25.25 -19.21 -66.74
CA VAL J 127 -24.54 -18.39 -65.74
C VAL J 127 -23.56 -19.24 -64.98
N THR J 128 -23.97 -20.44 -64.57
CA THR J 128 -23.05 -21.36 -63.92
C THR J 128 -21.84 -21.57 -64.81
N TRP J 129 -22.07 -21.73 -66.11
CA TRP J 129 -20.98 -22.02 -67.02
C TRP J 129 -20.06 -20.79 -67.16
N ILE J 130 -20.65 -19.60 -67.32
CA ILE J 130 -19.87 -18.38 -67.51
C ILE J 130 -19.09 -18.03 -66.24
N VAL J 131 -19.72 -18.17 -65.08
CA VAL J 131 -19.01 -17.95 -63.83
C VAL J 131 -17.88 -18.97 -63.72
N GLY J 132 -18.14 -20.20 -64.17
CA GLY J 132 -17.10 -21.20 -64.23
C GLY J 132 -15.95 -20.75 -65.11
N MET J 133 -16.26 -20.16 -66.26
CA MET J 133 -15.20 -19.72 -67.16
C MET J 133 -14.33 -18.63 -66.52
N LEU J 134 -14.94 -17.72 -65.76
CA LEU J 134 -14.15 -16.70 -65.07
C LEU J 134 -13.23 -17.32 -64.02
N ILE J 135 -13.72 -18.31 -63.27
CA ILE J 135 -12.88 -18.98 -62.29
C ILE J 135 -11.68 -19.59 -62.99
N TYR J 136 -11.92 -20.20 -64.14
CA TYR J 136 -10.84 -20.87 -64.87
C TYR J 136 -9.78 -19.90 -65.30
N LEU J 137 -10.20 -18.73 -65.81
CA LEU J 137 -9.24 -17.71 -66.18
C LEU J 137 -8.44 -17.25 -64.96
N ALA J 138 -9.12 -17.08 -63.83
CA ALA J 138 -8.41 -16.65 -62.64
C ALA J 138 -7.46 -17.73 -62.20
N MET J 139 -7.89 -18.98 -62.28
CA MET J 139 -7.01 -20.09 -61.91
C MET J 139 -5.73 -20.10 -62.73
N MET J 140 -5.85 -19.94 -64.04
CA MET J 140 -4.64 -19.95 -64.87
C MET J 140 -3.74 -18.79 -64.49
N ALA J 141 -4.32 -17.59 -64.35
CA ALA J 141 -3.52 -16.44 -63.97
C ALA J 141 -2.86 -16.63 -62.62
N THR J 142 -3.59 -17.20 -61.66
CA THR J 142 -3.01 -17.44 -60.35
C THR J 142 -1.87 -18.43 -60.46
N ALA J 143 -2.07 -19.52 -61.18
CA ALA J 143 -1.02 -20.54 -61.25
C ALA J 143 0.23 -20.04 -61.97
N PHE J 144 0.05 -19.22 -63.01
CA PHE J 144 1.20 -18.70 -63.71
C PHE J 144 2.05 -17.89 -62.73
N MET J 145 1.42 -16.94 -62.04
CA MET J 145 2.18 -16.06 -61.16
C MET J 145 2.79 -16.84 -59.99
N GLY J 146 2.10 -17.86 -59.52
CA GLY J 146 2.66 -18.70 -58.49
C GLY J 146 3.94 -19.37 -58.92
N TYR J 147 3.97 -19.85 -60.18
CA TYR J 147 5.13 -20.58 -60.70
C TYR J 147 6.33 -19.66 -60.82
N VAL J 148 6.09 -18.36 -60.93
CA VAL J 148 7.16 -17.39 -61.02
C VAL J 148 7.82 -17.16 -59.69
N LEU J 149 7.09 -17.35 -58.58
CA LEU J 149 7.63 -16.92 -57.29
C LEU J 149 8.94 -17.58 -56.90
N PRO J 150 9.17 -18.87 -57.10
CA PRO J 150 10.49 -19.45 -56.76
C PRO J 150 11.67 -18.83 -57.53
N TRP J 151 11.43 -18.20 -58.68
CA TRP J 151 12.47 -17.51 -59.43
C TRP J 151 13.57 -18.49 -59.87
N GLY J 152 13.15 -19.68 -60.33
CA GLY J 152 14.05 -20.62 -60.96
C GLY J 152 14.20 -20.30 -62.43
N GLN J 153 14.85 -21.21 -63.16
CA GLN J 153 15.06 -20.93 -64.57
C GLN J 153 13.73 -20.99 -65.35
N MET J 154 12.85 -21.96 -65.05
CA MET J 154 11.56 -21.99 -65.74
C MET J 154 10.72 -20.80 -65.36
N SER J 155 10.80 -20.40 -64.10
CA SER J 155 10.09 -19.22 -63.63
C SER J 155 10.46 -17.99 -64.45
N PHE J 156 11.76 -17.74 -64.56
CA PHE J 156 12.19 -16.52 -65.19
C PHE J 156 11.85 -16.54 -66.68
N TRP J 157 12.16 -17.65 -67.33
CA TRP J 157 12.00 -17.74 -68.78
C TRP J 157 10.57 -18.04 -69.15
N GLY J 158 9.83 -18.75 -68.30
CA GLY J 158 8.40 -18.88 -68.52
C GLY J 158 7.71 -17.52 -68.45
N ALA J 159 8.15 -16.69 -67.51
CA ALA J 159 7.61 -15.34 -67.36
C ALA J 159 7.97 -14.47 -68.56
N THR J 160 9.21 -14.60 -69.04
CA THR J 160 9.66 -13.90 -70.26
C THR J 160 8.78 -14.26 -71.45
N VAL J 161 8.51 -15.54 -71.64
CA VAL J 161 7.75 -16.02 -72.78
C VAL J 161 6.30 -15.55 -72.69
N ILE J 162 5.68 -15.69 -71.51
CA ILE J 162 4.25 -15.43 -71.40
C ILE J 162 3.99 -13.92 -71.45
N THR J 163 4.91 -13.10 -70.90
CA THR J 163 4.79 -11.64 -71.08
C THR J 163 5.05 -11.22 -72.51
N GLY J 164 5.86 -11.99 -73.26
CA GLY J 164 6.08 -11.66 -74.65
C GLY J 164 4.82 -11.81 -75.49
N LEU J 165 3.90 -12.71 -75.08
CA LEU J 165 2.63 -12.88 -75.78
C LEU J 165 1.92 -11.55 -75.86
N PHE J 166 1.96 -10.75 -74.75
CA PHE J 166 1.23 -9.49 -74.69
C PHE J 166 1.94 -8.40 -75.48
N GLY J 167 3.25 -8.56 -75.70
CA GLY J 167 3.96 -7.65 -76.57
C GLY J 167 3.55 -7.79 -78.03
N ALA J 168 2.86 -8.88 -78.37
CA ALA J 168 2.45 -9.15 -79.73
C ALA J 168 1.18 -8.42 -80.14
N ILE J 169 0.48 -7.77 -79.22
CA ILE J 169 -0.73 -7.05 -79.63
C ILE J 169 -0.33 -5.81 -80.43
N PRO J 170 -0.86 -5.60 -81.64
CA PRO J 170 -0.43 -4.42 -82.43
C PRO J 170 -0.71 -3.11 -81.71
N GLY J 171 0.21 -2.16 -81.86
CA GLY J 171 -0.02 -0.83 -81.32
C GLY J 171 0.27 -0.72 -79.83
N ILE J 172 -0.53 -1.43 -79.03
CA ILE J 172 -0.52 -1.31 -77.58
C ILE J 172 0.29 -2.42 -76.91
N GLY J 173 0.81 -3.38 -77.68
CA GLY J 173 1.44 -4.54 -77.09
C GLY J 173 2.59 -4.19 -76.18
N HIS J 174 3.49 -3.31 -76.63
CA HIS J 174 4.66 -3.02 -75.80
C HIS J 174 4.28 -2.31 -74.52
N SER J 175 3.26 -1.44 -74.58
CA SER J 175 2.81 -0.78 -73.36
C SER J 175 2.28 -1.79 -72.38
N ILE J 176 1.42 -2.71 -72.83
CA ILE J 176 0.90 -3.73 -71.92
C ILE J 176 2.06 -4.53 -71.34
N GLN J 177 3.05 -4.86 -72.18
CA GLN J 177 4.18 -5.66 -71.76
C GLN J 177 5.02 -4.94 -70.69
N THR J 178 5.34 -3.67 -70.95
CA THR J 178 6.08 -2.87 -69.97
C THR J 178 5.33 -2.69 -68.66
N TRP J 179 4.02 -2.46 -68.74
CA TRP J 179 3.18 -2.28 -67.58
C TRP J 179 3.18 -3.55 -66.72
N LEU J 180 3.07 -4.72 -67.36
CA LEU J 180 3.13 -5.99 -66.62
C LEU J 180 4.49 -6.23 -66.01
N LEU J 181 5.56 -5.85 -66.72
CA LEU J 181 6.93 -6.13 -66.29
C LEU J 181 7.41 -5.14 -65.25
N GLY J 182 6.95 -3.88 -65.36
CA GLY J 182 7.42 -2.79 -64.54
C GLY J 182 8.76 -2.31 -64.94
N GLY J 183 9.16 -2.58 -66.18
CA GLY J 183 10.46 -2.22 -66.67
C GLY J 183 10.71 -2.86 -68.02
N PRO J 184 11.96 -2.82 -68.50
CA PRO J 184 12.26 -3.42 -69.81
C PRO J 184 12.32 -4.94 -69.77
N ALA J 185 12.35 -5.58 -68.61
CA ALA J 185 12.52 -7.02 -68.59
C ALA J 185 11.93 -7.61 -67.32
N VAL J 186 11.77 -8.93 -67.36
CA VAL J 186 11.43 -9.66 -66.16
C VAL J 186 12.55 -9.44 -65.16
N ASP J 187 12.22 -8.81 -64.04
CA ASP J 187 13.18 -8.51 -63.00
C ASP J 187 12.42 -8.48 -61.68
N ASN J 188 12.99 -7.81 -60.68
CA ASN J 188 12.40 -7.77 -59.32
C ASN J 188 11.04 -7.10 -59.30
N ALA J 189 10.88 -5.98 -60.03
CA ALA J 189 9.58 -5.33 -60.07
C ALA J 189 8.49 -6.32 -60.46
N THR J 190 8.82 -7.24 -61.35
CA THR J 190 7.86 -8.24 -61.81
C THR J 190 7.59 -9.26 -60.70
N LEU J 191 8.63 -9.74 -60.06
CA LEU J 191 8.44 -10.70 -58.98
C LEU J 191 7.60 -10.10 -57.84
N ASN J 192 7.87 -8.84 -57.49
CA ASN J 192 7.20 -8.22 -56.35
C ASN J 192 5.69 -8.07 -56.61
N ARG J 193 5.33 -7.70 -57.84
CA ARG J 193 3.90 -7.50 -58.17
C ARG J 193 3.19 -8.81 -58.42
N PHE J 194 3.90 -9.81 -58.96
CA PHE J 194 3.27 -11.11 -59.10
C PHE J 194 2.91 -11.71 -57.76
N PHE J 195 3.69 -11.43 -56.73
CA PHE J 195 3.37 -11.97 -55.41
C PHE J 195 2.06 -11.41 -54.86
N SER J 196 1.87 -10.10 -54.95
CA SER J 196 0.65 -9.52 -54.42
C SER J 196 -0.56 -10.07 -55.12
N LEU J 197 -0.49 -10.22 -56.45
CA LEU J 197 -1.65 -10.68 -57.21
C LEU J 197 -1.88 -12.18 -57.02
N HIS J 198 -0.81 -12.95 -56.79
CA HIS J 198 -0.98 -14.37 -56.51
C HIS J 198 -1.71 -14.56 -55.20
N TYR J 199 -1.56 -13.62 -54.26
CA TYR J 199 -2.25 -13.72 -52.99
C TYR J 199 -3.72 -13.34 -53.16
N LEU J 200 -3.96 -12.28 -53.93
CA LEU J 200 -5.29 -11.73 -54.11
C LEU J 200 -6.24 -12.69 -54.83
N LEU J 201 -5.82 -13.20 -56.00
CA LEU J 201 -6.75 -13.86 -56.91
C LEU J 201 -7.46 -15.06 -56.30
N PRO J 202 -6.82 -15.90 -55.48
CA PRO J 202 -7.57 -16.97 -54.82
C PRO J 202 -8.75 -16.44 -54.00
N PHE J 203 -8.68 -15.21 -53.49
CA PHE J 203 -9.85 -14.67 -52.80
C PHE J 203 -10.92 -14.27 -53.81
N VAL J 204 -10.51 -13.80 -54.98
CA VAL J 204 -11.48 -13.51 -56.04
C VAL J 204 -12.13 -14.80 -56.51
N ILE J 205 -11.35 -15.86 -56.64
CA ILE J 205 -11.90 -17.17 -56.98
C ILE J 205 -12.93 -17.58 -55.96
N ALA J 206 -12.60 -17.37 -54.69
CA ALA J 206 -13.53 -17.73 -53.62
C ALA J 206 -14.86 -16.98 -53.78
N ALA J 207 -14.81 -15.69 -54.15
CA ALA J 207 -16.04 -14.98 -54.38
C ALA J 207 -16.77 -15.54 -55.61
N LEU J 208 -16.03 -15.87 -56.67
CA LEU J 208 -16.68 -16.47 -57.83
C LEU J 208 -17.27 -17.82 -57.49
N VAL J 209 -16.55 -18.64 -56.70
CA VAL J 209 -17.13 -19.95 -56.35
C VAL J 209 -18.42 -19.76 -55.57
N ALA J 210 -18.49 -18.71 -54.75
CA ALA J 210 -19.73 -18.49 -54.04
C ALA J 210 -20.88 -18.22 -55.03
N ILE J 211 -20.60 -17.44 -56.07
CA ILE J 211 -21.60 -17.17 -57.10
C ILE J 211 -21.87 -18.43 -57.92
N HIS J 212 -20.82 -19.15 -58.21
CA HIS J 212 -20.92 -20.44 -58.87
C HIS J 212 -21.89 -21.37 -58.17
N ILE J 213 -21.75 -21.49 -56.84
CA ILE J 213 -22.60 -22.39 -56.06
C ILE J 213 -24.02 -21.85 -56.00
N TRP J 214 -24.16 -20.55 -55.83
CA TRP J 214 -25.48 -19.92 -55.85
C TRP J 214 -26.16 -20.18 -57.19
N ALA J 215 -25.39 -20.25 -58.28
CA ALA J 215 -25.95 -20.40 -59.61
C ALA J 215 -26.58 -21.76 -59.82
N PHE J 216 -25.88 -22.85 -59.45
CA PHE J 216 -26.46 -24.17 -59.68
C PHE J 216 -27.37 -24.59 -58.55
N HIS J 217 -27.38 -23.85 -57.44
CA HIS J 217 -28.41 -24.09 -56.44
C HIS J 217 -29.72 -23.46 -56.90
N SER J 218 -29.66 -22.36 -57.64
CA SER J 218 -30.86 -21.70 -58.18
C SER J 218 -31.57 -22.57 -59.21
N THR J 219 -30.80 -23.24 -60.06
CA THR J 219 -31.34 -24.07 -61.13
C THR J 219 -31.55 -25.54 -60.73
N GLY J 220 -30.80 -26.03 -59.79
CA GLY J 220 -30.75 -27.45 -59.49
C GLY J 220 -29.67 -28.13 -60.28
N ASN J 221 -29.10 -29.17 -59.68
CA ASN J 221 -28.01 -29.86 -60.34
C ASN J 221 -28.50 -30.51 -61.61
N ASN J 222 -27.66 -30.49 -62.63
CA ASN J 222 -27.91 -31.31 -63.80
C ASN J 222 -27.66 -32.76 -63.39
N ASN J 223 -28.16 -33.68 -64.20
CA ASN J 223 -27.92 -35.09 -63.96
C ASN J 223 -27.63 -35.83 -65.24
N PRO J 224 -27.13 -37.07 -65.17
CA PRO J 224 -26.71 -37.77 -66.40
C PRO J 224 -27.74 -37.90 -67.50
N THR J 225 -29.05 -37.86 -67.20
CA THR J 225 -30.08 -38.03 -68.24
C THR J 225 -30.45 -36.73 -68.92
N GLY J 226 -30.11 -35.60 -68.33
CA GLY J 226 -30.50 -34.31 -68.84
C GLY J 226 -31.96 -34.02 -68.60
N VAL J 227 -32.67 -34.90 -67.91
CA VAL J 227 -34.09 -34.70 -67.60
C VAL J 227 -34.18 -34.02 -66.25
N GLU J 228 -34.88 -32.88 -66.20
CA GLU J 228 -34.94 -32.10 -64.98
C GLU J 228 -35.84 -32.76 -63.94
N VAL J 229 -35.55 -32.45 -62.67
CA VAL J 229 -36.37 -32.92 -61.56
C VAL J 229 -37.76 -32.36 -61.72
N ARG J 230 -38.77 -33.19 -61.47
CA ARG J 230 -40.16 -32.74 -61.49
C ARG J 230 -40.46 -31.77 -60.35
N ARG J 231 -41.08 -30.63 -60.68
CA ARG J 231 -41.34 -29.58 -59.72
C ARG J 231 -42.83 -29.29 -59.53
N THR J 232 -43.71 -30.08 -60.17
CA THR J 232 -45.15 -29.84 -60.09
C THR J 232 -45.68 -30.14 -58.69
N SER J 233 -44.97 -30.96 -57.91
CA SER J 233 -45.36 -31.24 -56.54
C SER J 233 -44.18 -31.82 -55.78
N LYS J 234 -44.25 -31.68 -54.45
CA LYS J 234 -43.21 -32.20 -53.57
C LYS J 234 -43.16 -33.72 -53.60
N ALA J 235 -44.31 -34.34 -53.85
CA ALA J 235 -44.43 -35.79 -53.90
C ALA J 235 -43.49 -36.41 -54.93
N GLU J 236 -43.52 -35.89 -56.16
CA GLU J 236 -42.78 -36.41 -57.30
C GLU J 236 -41.37 -35.83 -57.40
N ALA J 237 -41.09 -34.74 -56.69
CA ALA J 237 -39.73 -34.26 -56.59
C ALA J 237 -38.91 -35.23 -55.78
N GLN J 238 -39.53 -35.86 -54.79
CA GLN J 238 -38.85 -36.80 -53.91
C GLN J 238 -38.57 -38.12 -54.61
N LYS J 239 -39.39 -38.48 -55.58
CA LYS J 239 -39.08 -39.70 -56.32
C LYS J 239 -37.88 -39.50 -57.25
N ASP J 240 -37.59 -38.25 -57.65
CA ASP J 240 -36.46 -37.91 -58.49
C ASP J 240 -35.21 -37.52 -57.71
N THR J 241 -35.32 -37.26 -56.41
CA THR J 241 -34.23 -36.64 -55.67
C THR J 241 -34.06 -37.30 -54.33
N VAL J 242 -32.90 -37.02 -53.73
CA VAL J 242 -32.66 -37.22 -52.31
C VAL J 242 -31.98 -35.95 -51.81
N PRO J 243 -32.07 -35.63 -50.52
CA PRO J 243 -31.42 -34.42 -50.03
C PRO J 243 -29.92 -34.55 -50.15
N PHE J 244 -29.26 -33.43 -50.46
CA PHE J 244 -27.80 -33.43 -50.62
C PHE J 244 -27.12 -34.04 -49.40
N TRP J 245 -27.45 -33.54 -48.18
CA TRP J 245 -27.04 -34.18 -46.95
C TRP J 245 -28.09 -35.18 -46.51
N PRO J 246 -27.73 -36.40 -46.12
CA PRO J 246 -26.38 -37.03 -46.07
C PRO J 246 -25.96 -37.72 -47.35
N TYR J 247 -26.92 -38.02 -48.21
CA TYR J 247 -26.69 -38.96 -49.29
C TYR J 247 -25.50 -38.59 -50.20
N PHE J 248 -25.40 -37.33 -50.65
CA PHE J 248 -24.32 -36.95 -51.55
C PHE J 248 -23.14 -36.27 -50.88
N ILE J 249 -23.31 -35.77 -49.66
CA ILE J 249 -22.18 -35.30 -48.88
C ILE J 249 -21.23 -36.47 -48.64
N ILE J 250 -21.77 -37.56 -48.10
CA ILE J 250 -20.96 -38.72 -47.76
C ILE J 250 -20.41 -39.38 -49.02
N LYS J 251 -21.20 -39.44 -50.09
CA LYS J 251 -20.71 -40.03 -51.32
C LYS J 251 -19.55 -39.21 -51.90
N ASP J 252 -19.63 -37.88 -51.78
CA ASP J 252 -18.58 -37.00 -52.26
C ASP J 252 -17.34 -37.12 -51.39
N VAL J 253 -17.54 -37.08 -50.06
CA VAL J 253 -16.45 -37.20 -49.10
C VAL J 253 -15.73 -38.52 -49.27
N PHE J 254 -16.48 -39.59 -49.57
CA PHE J 254 -15.84 -40.87 -49.84
C PHE J 254 -14.91 -40.74 -51.03
N ALA J 255 -15.42 -40.22 -52.15
CA ALA J 255 -14.63 -40.05 -53.34
C ALA J 255 -13.40 -39.20 -53.08
N LEU J 256 -13.56 -38.16 -52.26
CA LEU J 256 -12.44 -37.30 -51.89
C LEU J 256 -11.36 -38.08 -51.17
N ALA J 257 -11.76 -38.98 -50.26
CA ALA J 257 -10.78 -39.79 -49.52
C ALA J 257 -9.96 -40.64 -50.48
N VAL J 258 -10.58 -41.09 -51.57
CA VAL J 258 -9.89 -41.90 -52.55
C VAL J 258 -8.95 -41.02 -53.37
N VAL J 259 -9.42 -39.84 -53.74
CA VAL J 259 -8.58 -38.90 -54.46
C VAL J 259 -7.38 -38.53 -53.63
N LEU J 260 -7.60 -38.25 -52.35
CA LEU J 260 -6.48 -37.84 -51.53
C LEU J 260 -5.54 -39.00 -51.26
N LEU J 261 -6.06 -40.22 -51.24
CA LEU J 261 -5.20 -41.38 -51.11
C LEU J 261 -4.17 -41.39 -52.25
N VAL J 262 -4.64 -41.23 -53.48
CA VAL J 262 -3.71 -41.17 -54.61
C VAL J 262 -2.83 -39.94 -54.51
N PHE J 263 -3.44 -38.78 -54.26
CA PHE J 263 -2.71 -37.51 -54.20
C PHE J 263 -1.58 -37.54 -53.18
N PHE J 264 -1.85 -38.09 -51.99
CA PHE J 264 -0.81 -38.12 -50.98
C PHE J 264 0.26 -39.14 -51.32
N ALA J 265 -0.06 -40.14 -52.14
CA ALA J 265 0.99 -41.02 -52.63
C ALA J 265 1.91 -40.26 -53.59
N ILE J 266 1.34 -39.42 -54.46
CA ILE J 266 2.16 -38.59 -55.34
C ILE J 266 3.07 -37.69 -54.52
N VAL J 267 2.48 -36.93 -53.59
CA VAL J 267 3.25 -35.97 -52.81
C VAL J 267 4.28 -36.69 -51.97
N GLY J 268 3.93 -37.87 -51.46
CA GLY J 268 4.84 -38.60 -50.59
C GLY J 268 5.94 -39.33 -51.33
N PHE J 269 5.67 -39.79 -52.55
CA PHE J 269 6.56 -40.73 -53.23
C PHE J 269 7.03 -40.29 -54.60
N MET J 270 6.39 -39.33 -55.24
CA MET J 270 6.89 -38.79 -56.51
C MET J 270 6.47 -37.33 -56.62
N PRO J 271 6.91 -36.49 -55.68
CA PRO J 271 6.45 -35.11 -55.64
C PRO J 271 6.98 -34.27 -56.79
N ASN J 272 8.03 -34.75 -57.47
CA ASN J 272 8.67 -34.02 -58.55
C ASN J 272 8.32 -34.56 -59.91
N TYR J 273 7.49 -35.61 -60.00
CA TYR J 273 7.17 -36.18 -61.31
C TYR J 273 6.54 -35.16 -62.25
N LEU J 274 5.61 -34.34 -61.75
CA LEU J 274 4.89 -33.38 -62.59
C LEU J 274 5.61 -32.02 -62.73
N GLY J 275 6.86 -31.93 -62.29
CA GLY J 275 7.64 -30.71 -62.35
C GLY J 275 8.73 -30.74 -63.39
N HIS J 276 9.39 -29.58 -63.52
CA HIS J 276 10.52 -29.41 -64.42
C HIS J 276 11.83 -29.27 -63.65
N PRO J 277 12.82 -30.15 -63.81
CA PRO J 277 14.04 -30.02 -62.99
C PRO J 277 14.74 -28.69 -63.12
N ASP J 278 14.58 -27.98 -64.22
CA ASP J 278 15.30 -26.72 -64.40
C ASP J 278 14.84 -25.62 -63.46
N ASN J 279 13.70 -25.79 -62.77
CA ASN J 279 13.25 -24.77 -61.82
C ASN J 279 13.95 -24.91 -60.47
N TYR J 280 14.79 -25.94 -60.32
CA TYR J 280 15.74 -26.06 -59.22
C TYR J 280 17.07 -25.38 -59.54
N ILE J 281 17.14 -24.62 -60.63
CA ILE J 281 18.29 -23.79 -60.98
C ILE J 281 17.88 -22.33 -60.83
N GLU J 282 18.71 -21.54 -60.16
CA GLU J 282 18.37 -20.13 -59.97
C GLU J 282 18.26 -19.43 -61.32
N ALA J 283 17.31 -18.50 -61.40
CA ALA J 283 17.09 -17.66 -62.58
C ALA J 283 18.40 -17.06 -63.07
N ASN J 284 18.62 -17.19 -64.36
CA ASN J 284 19.79 -16.62 -65.00
C ASN J 284 19.29 -15.73 -66.13
N PRO J 285 19.27 -14.40 -65.98
CA PRO J 285 18.70 -13.59 -67.06
C PRO J 285 19.53 -13.61 -68.32
N LEU J 286 20.72 -14.25 -68.31
CA LEU J 286 21.62 -14.32 -69.44
C LEU J 286 21.72 -15.68 -70.14
N SER J 287 21.08 -16.72 -69.61
CA SER J 287 21.11 -18.03 -70.25
C SER J 287 19.80 -18.74 -69.99
N THR J 288 19.28 -19.38 -71.04
CA THR J 288 17.97 -19.99 -71.10
C THR J 288 18.11 -21.50 -71.25
N PRO J 289 17.45 -22.32 -70.42
CA PRO J 289 17.54 -23.78 -70.61
C PRO J 289 17.13 -24.15 -72.02
N ALA J 290 17.74 -25.20 -72.56
CA ALA J 290 17.39 -25.55 -73.93
C ALA J 290 15.97 -26.10 -74.07
N HIS J 291 15.52 -26.86 -73.10
CA HIS J 291 14.26 -27.58 -73.13
C HIS J 291 13.20 -26.94 -72.27
N ILE J 292 13.09 -25.62 -72.26
CA ILE J 292 12.02 -25.02 -71.48
C ILE J 292 10.67 -25.51 -71.98
N VAL J 293 9.83 -25.97 -71.04
CA VAL J 293 8.50 -26.46 -71.37
C VAL J 293 7.51 -26.07 -70.29
N PRO J 294 6.30 -25.65 -70.64
CA PRO J 294 5.31 -25.33 -69.60
C PRO J 294 4.80 -26.51 -68.79
N GLU J 295 4.18 -26.15 -67.67
CA GLU J 295 3.39 -27.05 -66.84
C GLU J 295 2.28 -27.70 -67.64
N TRP J 296 2.03 -28.97 -67.32
CA TRP J 296 1.19 -29.82 -68.14
C TRP J 296 -0.20 -29.19 -68.32
N TYR J 297 -0.69 -28.47 -67.32
CA TYR J 297 -2.03 -27.90 -67.46
C TYR J 297 -2.06 -26.71 -68.38
N PHE J 298 -0.90 -26.16 -68.83
CA PHE J 298 -0.90 -25.13 -69.86
C PHE J 298 -0.56 -25.67 -71.23
N LEU J 299 -0.08 -26.91 -71.29
CA LEU J 299 0.45 -27.42 -72.55
C LEU J 299 -0.56 -27.44 -73.69
N PRO J 300 -1.82 -27.86 -73.51
CA PRO J 300 -2.73 -27.92 -74.66
C PRO J 300 -2.91 -26.57 -75.31
N PHE J 301 -3.05 -25.52 -74.52
CA PHE J 301 -3.26 -24.18 -75.04
C PHE J 301 -1.97 -23.60 -75.55
N TYR J 302 -0.85 -23.98 -74.93
CA TYR J 302 0.46 -23.56 -75.44
C TYR J 302 0.69 -24.18 -76.84
N ALA J 303 0.32 -25.45 -77.00
CA ALA J 303 0.47 -26.14 -78.28
C ALA J 303 -0.36 -25.45 -79.35
N ILE J 304 -1.54 -24.98 -78.99
CA ILE J 304 -2.41 -24.26 -79.93
C ILE J 304 -1.71 -22.99 -80.36
N LEU J 305 -1.10 -22.29 -79.42
CA LEU J 305 -0.46 -21.03 -79.73
C LEU J 305 0.63 -21.19 -80.78
N ARG J 306 1.56 -22.13 -80.58
CA ARG J 306 2.70 -22.22 -81.49
C ARG J 306 2.43 -22.96 -82.79
N ALA J 307 1.27 -23.63 -82.93
CA ALA J 307 0.91 -24.30 -84.18
C ALA J 307 0.65 -23.37 -85.34
N PHE J 308 0.29 -22.10 -85.10
CA PHE J 308 -0.13 -21.19 -86.17
C PHE J 308 1.05 -20.30 -86.52
N THR J 309 1.92 -20.81 -87.42
CA THR J 309 3.07 -20.07 -87.88
C THR J 309 2.75 -19.26 -89.14
N ALA J 310 3.71 -18.46 -89.61
CA ALA J 310 3.48 -17.63 -90.79
C ALA J 310 3.26 -18.38 -92.09
N ASP J 311 3.75 -19.62 -92.18
CA ASP J 311 3.64 -20.40 -93.41
C ASP J 311 2.26 -21.05 -93.54
N VAL J 312 1.54 -21.17 -92.44
CA VAL J 312 0.23 -21.83 -92.44
C VAL J 312 -0.67 -21.00 -93.32
N TRP J 313 -1.41 -21.68 -94.19
CA TRP J 313 -2.13 -20.96 -95.24
C TRP J 313 -3.13 -19.98 -94.65
N VAL J 314 -3.80 -20.36 -93.56
CA VAL J 314 -4.85 -19.51 -93.01
C VAL J 314 -4.26 -18.25 -92.37
N VAL J 315 -3.03 -18.34 -91.85
CA VAL J 315 -2.29 -17.20 -91.30
C VAL J 315 -1.88 -16.22 -92.41
N GLN J 316 -1.44 -16.75 -93.56
CA GLN J 316 -1.01 -15.86 -94.62
C GLN J 316 -2.16 -15.05 -95.18
N ILE J 317 -3.38 -15.60 -95.20
CA ILE J 317 -4.56 -14.82 -95.59
C ILE J 317 -4.83 -13.75 -94.57
N ALA J 318 -4.80 -14.11 -93.28
CA ALA J 318 -4.99 -13.11 -92.24
C ALA J 318 -3.98 -11.98 -92.39
N ASN J 319 -2.71 -12.31 -92.67
CA ASN J 319 -1.69 -11.28 -92.79
C ASN J 319 -1.95 -10.36 -93.98
N PHE J 320 -2.37 -10.93 -95.11
CA PHE J 320 -2.59 -10.14 -96.31
C PHE J 320 -3.83 -9.24 -96.14
N ILE J 321 -4.96 -9.84 -95.73
CA ILE J 321 -6.19 -9.07 -95.57
C ILE J 321 -6.02 -7.99 -94.51
N SER J 322 -5.29 -8.28 -93.44
CA SER J 322 -5.09 -7.32 -92.37
C SER J 322 -3.90 -6.39 -92.62
N PHE J 323 -3.33 -6.36 -93.84
CA PHE J 323 -2.21 -5.47 -94.18
C PHE J 323 -1.02 -5.64 -93.26
N GLY J 324 -0.78 -6.84 -92.74
CA GLY J 324 0.42 -7.09 -91.96
C GLY J 324 0.24 -6.93 -90.46
N ILE J 325 -0.91 -6.39 -90.05
CA ILE J 325 -1.22 -6.19 -88.63
C ILE J 325 -1.21 -7.52 -87.89
N ILE J 326 -1.86 -8.53 -88.45
CA ILE J 326 -1.96 -9.85 -87.84
C ILE J 326 -0.85 -10.72 -88.41
N ASP J 327 0.27 -10.82 -87.68
CA ASP J 327 1.29 -11.77 -88.07
C ASP J 327 1.05 -13.09 -87.31
N ALA J 328 1.93 -14.07 -87.53
CA ALA J 328 1.76 -15.39 -86.91
C ALA J 328 1.80 -15.36 -85.39
N LYS J 329 2.63 -14.49 -84.84
CA LYS J 329 2.76 -14.42 -83.39
C LYS J 329 1.42 -14.05 -82.76
N PHE J 330 0.81 -12.97 -83.23
CA PHE J 330 -0.46 -12.51 -82.66
C PHE J 330 -1.61 -13.45 -83.01
N PHE J 331 -1.54 -14.08 -84.18
CA PHE J 331 -2.55 -15.04 -84.60
C PHE J 331 -2.58 -16.18 -83.59
N GLY J 332 -1.40 -16.66 -83.18
CA GLY J 332 -1.32 -17.72 -82.22
C GLY J 332 -1.90 -17.27 -80.89
N VAL J 333 -1.69 -15.99 -80.55
CA VAL J 333 -2.26 -15.48 -79.31
C VAL J 333 -3.76 -15.42 -79.41
N LEU J 334 -4.28 -14.95 -80.55
CA LEU J 334 -5.74 -14.96 -80.74
C LEU J 334 -6.25 -16.39 -80.70
N ALA J 335 -5.53 -17.30 -81.35
CA ALA J 335 -5.96 -18.70 -81.35
C ALA J 335 -5.97 -19.25 -79.93
N MET J 336 -5.00 -18.86 -79.11
CA MET J 336 -4.91 -19.41 -77.76
C MET J 336 -6.06 -18.93 -76.90
N PHE J 337 -6.28 -17.61 -76.84
CA PHE J 337 -7.42 -17.10 -76.09
C PHE J 337 -8.72 -17.45 -76.80
N GLY J 338 -8.69 -17.58 -78.11
CA GLY J 338 -9.88 -17.97 -78.83
C GLY J 338 -10.33 -19.38 -78.52
N ALA J 339 -9.39 -20.27 -78.25
CA ALA J 339 -9.75 -21.64 -77.94
C ALA J 339 -10.56 -21.71 -76.67
N ILE J 340 -10.23 -20.85 -75.71
CA ILE J 340 -10.97 -20.77 -74.45
C ILE J 340 -12.31 -20.08 -74.65
N LEU J 341 -12.33 -19.07 -75.51
CA LEU J 341 -13.55 -18.30 -75.72
C LEU J 341 -14.65 -19.14 -76.37
N VAL J 342 -14.33 -19.96 -77.39
CA VAL J 342 -15.39 -20.73 -78.04
C VAL J 342 -15.96 -21.70 -77.02
N MET J 343 -15.14 -22.12 -76.07
CA MET J 343 -15.62 -22.98 -75.01
C MET J 343 -16.49 -22.20 -74.04
N ALA J 344 -16.21 -20.90 -73.86
CA ALA J 344 -17.09 -20.08 -73.04
C ALA J 344 -18.40 -19.88 -73.75
N LEU J 345 -18.38 -19.88 -75.08
CA LEU J 345 -19.54 -19.64 -75.93
C LEU J 345 -20.27 -20.92 -76.30
N VAL J 346 -19.85 -22.06 -75.79
CA VAL J 346 -20.42 -23.33 -76.22
C VAL J 346 -21.92 -23.39 -75.93
N PRO J 347 -22.50 -22.69 -74.94
CA PRO J 347 -23.98 -22.75 -74.83
C PRO J 347 -24.70 -22.22 -76.04
N TRP J 348 -24.09 -21.29 -76.78
CA TRP J 348 -24.73 -20.66 -77.94
C TRP J 348 -24.23 -21.25 -79.24
N LEU J 349 -23.27 -22.17 -79.19
CA LEU J 349 -22.79 -22.84 -80.38
C LEU J 349 -23.42 -24.22 -80.53
N ASP J 350 -23.75 -24.87 -79.41
CA ASP J 350 -24.45 -26.16 -79.41
C ASP J 350 -25.93 -25.88 -79.65
N THR J 351 -26.41 -26.14 -80.87
CA THR J 351 -27.78 -25.80 -81.25
C THR J 351 -28.75 -26.95 -81.03
N SER J 352 -28.31 -28.09 -80.51
CA SER J 352 -29.22 -29.20 -80.25
C SER J 352 -30.05 -28.93 -78.98
N PRO J 353 -31.36 -29.21 -78.97
CA PRO J 353 -32.15 -29.03 -77.73
C PRO J 353 -32.05 -30.19 -76.75
N VAL J 354 -31.44 -31.30 -77.16
CA VAL J 354 -31.26 -32.45 -76.29
C VAL J 354 -30.09 -32.13 -75.37
N ARG J 355 -30.33 -32.22 -74.06
CA ARG J 355 -29.33 -31.82 -73.08
C ARG J 355 -28.17 -32.82 -73.01
N SER J 356 -28.45 -34.07 -72.63
CA SER J 356 -27.41 -35.07 -72.39
C SER J 356 -26.87 -35.68 -73.67
N GLY J 357 -25.54 -35.73 -73.78
CA GLY J 357 -24.89 -36.36 -74.91
C GLY J 357 -25.07 -37.87 -74.93
N ARG J 358 -25.59 -38.43 -73.84
CA ARG J 358 -25.86 -39.87 -73.76
C ARG J 358 -26.88 -40.29 -74.82
N TYR J 359 -27.76 -39.37 -75.23
CA TYR J 359 -28.83 -39.66 -76.18
C TYR J 359 -28.58 -38.95 -77.51
N ARG J 360 -27.31 -38.66 -77.81
CA ARG J 360 -26.88 -38.00 -79.04
C ARG J 360 -25.82 -38.86 -79.74
N PRO J 361 -26.24 -39.76 -80.65
CA PRO J 361 -25.26 -40.71 -81.25
C PRO J 361 -24.06 -40.09 -81.98
N MET J 362 -24.28 -39.10 -82.85
CA MET J 362 -23.14 -38.51 -83.54
C MET J 362 -22.30 -37.67 -82.59
N PHE J 363 -22.95 -36.94 -81.67
CA PHE J 363 -22.23 -36.08 -80.73
C PHE J 363 -21.20 -36.87 -79.95
N LYS J 364 -21.55 -38.08 -79.47
CA LYS J 364 -20.60 -38.87 -78.69
C LYS J 364 -19.30 -39.06 -79.44
N ILE J 365 -19.39 -39.31 -80.74
CA ILE J 365 -18.22 -39.52 -81.57
C ILE J 365 -17.32 -38.28 -81.53
N TYR J 366 -17.89 -37.12 -81.85
CA TYR J 366 -17.07 -35.92 -81.95
C TYR J 366 -16.58 -35.43 -80.58
N PHE J 367 -17.34 -35.72 -79.52
CA PHE J 367 -16.93 -35.35 -78.18
C PHE J 367 -15.72 -36.14 -77.75
N TRP J 368 -15.76 -37.47 -77.94
CA TRP J 368 -14.62 -38.29 -77.52
C TRP J 368 -13.41 -37.98 -78.39
N LEU J 369 -13.63 -37.52 -79.63
CA LEU J 369 -12.51 -37.01 -80.42
C LEU J 369 -11.97 -35.74 -79.79
N LEU J 370 -12.86 -34.89 -79.25
CA LEU J 370 -12.38 -33.67 -78.60
C LEU J 370 -11.57 -34.00 -77.37
N ALA J 371 -12.03 -34.98 -76.59
CA ALA J 371 -11.27 -35.41 -75.42
C ALA J 371 -9.91 -35.97 -75.84
N ALA J 372 -9.90 -36.84 -76.87
CA ALA J 372 -8.65 -37.36 -77.40
C ALA J 372 -7.78 -36.23 -77.93
N ASP J 373 -8.42 -35.28 -78.60
CA ASP J 373 -7.67 -34.14 -79.13
C ASP J 373 -6.97 -33.37 -78.01
N PHE J 374 -7.65 -33.21 -76.87
CA PHE J 374 -7.11 -32.47 -75.74
C PHE J 374 -5.88 -33.17 -75.17
N VAL J 375 -5.93 -34.51 -75.08
CA VAL J 375 -4.78 -35.28 -74.63
C VAL J 375 -3.63 -35.15 -75.61
N ILE J 376 -3.93 -35.21 -76.91
CA ILE J 376 -2.92 -35.07 -77.96
C ILE J 376 -2.29 -33.70 -77.83
N LEU J 377 -3.13 -32.68 -77.73
CA LEU J 377 -2.66 -31.31 -77.57
C LEU J 377 -1.73 -31.16 -76.35
N THR J 378 -2.05 -31.83 -75.25
CA THR J 378 -1.17 -31.77 -74.10
C THR J 378 0.17 -32.34 -74.48
N TRP J 379 0.16 -33.45 -75.21
CA TRP J 379 1.39 -34.12 -75.56
C TRP J 379 2.24 -33.34 -76.54
N VAL J 380 1.64 -32.80 -77.61
CA VAL J 380 2.46 -32.06 -78.58
C VAL J 380 3.00 -30.79 -77.97
N GLY J 381 2.29 -30.23 -76.99
CA GLY J 381 2.77 -29.03 -76.32
C GLY J 381 4.16 -29.21 -75.74
N ALA J 382 4.50 -30.40 -75.31
CA ALA J 382 5.81 -30.62 -74.75
C ALA J 382 6.85 -31.01 -75.79
N GLN J 383 6.46 -31.18 -77.07
CA GLN J 383 7.41 -31.54 -78.10
C GLN J 383 7.93 -30.30 -78.82
N GLN J 384 8.95 -30.53 -79.65
CA GLN J 384 9.50 -29.49 -80.48
C GLN J 384 8.52 -29.18 -81.62
N THR J 385 8.76 -28.07 -82.29
CA THR J 385 7.89 -27.61 -83.36
C THR J 385 8.32 -28.14 -84.72
N THR J 386 9.24 -29.11 -84.76
CA THR J 386 9.67 -29.66 -86.03
C THR J 386 8.64 -30.65 -86.56
N PHE J 387 8.82 -31.03 -87.83
CA PHE J 387 7.96 -32.06 -88.42
C PHE J 387 8.16 -33.38 -87.67
N PRO J 388 7.08 -34.15 -87.40
CA PRO J 388 5.65 -33.96 -87.75
C PRO J 388 4.80 -33.24 -86.69
N TYR J 389 5.40 -32.93 -85.54
CA TYR J 389 4.68 -32.34 -84.42
C TYR J 389 4.02 -31.04 -84.83
N ASP J 390 4.66 -30.33 -85.76
CA ASP J 390 4.09 -29.08 -86.26
C ASP J 390 2.74 -29.32 -86.92
N TRP J 391 2.61 -30.44 -87.64
CA TRP J 391 1.36 -30.82 -88.27
C TRP J 391 0.38 -31.38 -87.23
N ILE J 392 0.86 -32.24 -86.31
CA ILE J 392 0.00 -32.82 -85.28
C ILE J 392 -0.71 -31.70 -84.51
N SER J 393 0.01 -30.61 -84.24
CA SER J 393 -0.59 -29.50 -83.50
C SER J 393 -1.54 -28.72 -84.40
N LEU J 394 -1.29 -28.70 -85.71
CA LEU J 394 -2.21 -28.03 -86.62
C LEU J 394 -3.52 -28.81 -86.78
N ILE J 395 -3.46 -30.14 -86.95
CA ILE J 395 -4.70 -30.92 -87.07
C ILE J 395 -5.48 -30.85 -85.75
N ALA J 396 -4.76 -30.97 -84.63
CA ALA J 396 -5.39 -30.93 -83.32
C ALA J 396 -5.99 -29.57 -83.02
N SER J 397 -5.27 -28.49 -83.32
CA SER J 397 -5.82 -27.15 -83.10
C SER J 397 -7.05 -26.94 -83.93
N ALA J 398 -7.01 -27.40 -85.18
CA ALA J 398 -8.12 -27.25 -86.10
C ALA J 398 -9.37 -27.95 -85.59
N TYR J 399 -9.20 -29.17 -85.05
CA TYR J 399 -10.38 -29.91 -84.60
C TYR J 399 -11.02 -29.20 -83.43
N TRP J 400 -10.21 -28.60 -82.57
CA TRP J 400 -10.72 -27.89 -81.41
C TRP J 400 -11.70 -26.80 -81.84
N PHE J 401 -11.31 -25.99 -82.81
CA PHE J 401 -12.19 -24.92 -83.25
C PHE J 401 -13.33 -25.45 -84.10
N ALA J 402 -13.08 -26.53 -84.84
CA ALA J 402 -14.13 -27.11 -85.66
C ALA J 402 -15.26 -27.65 -84.81
N TYR J 403 -14.91 -28.26 -83.67
CA TYR J 403 -15.91 -28.84 -82.78
C TYR J 403 -16.91 -27.77 -82.32
N PHE J 404 -16.39 -26.64 -81.85
CA PHE J 404 -17.26 -25.62 -81.29
C PHE J 404 -17.90 -24.79 -82.37
N LEU J 405 -17.19 -24.49 -83.44
CA LEU J 405 -17.67 -23.53 -84.42
C LEU J 405 -18.40 -24.16 -85.61
N VAL J 406 -18.21 -25.44 -85.88
CA VAL J 406 -18.79 -26.07 -87.05
C VAL J 406 -19.63 -27.28 -86.67
N ILE J 407 -19.03 -28.25 -85.98
CA ILE J 407 -19.74 -29.48 -85.68
C ILE J 407 -20.95 -29.21 -84.81
N LEU J 408 -20.74 -28.53 -83.66
CA LEU J 408 -21.83 -28.33 -82.71
C LEU J 408 -22.95 -27.50 -83.33
N PRO J 409 -22.69 -26.39 -84.02
CA PRO J 409 -23.79 -25.71 -84.71
C PRO J 409 -24.50 -26.57 -85.74
N ILE J 410 -23.74 -27.32 -86.56
CA ILE J 410 -24.31 -28.15 -87.62
C ILE J 410 -25.04 -29.35 -87.04
N LEU J 411 -24.45 -29.95 -86.00
CA LEU J 411 -25.03 -31.15 -85.39
C LEU J 411 -26.45 -30.92 -84.88
N GLY J 412 -26.73 -29.73 -84.34
CA GLY J 412 -28.04 -29.51 -83.75
C GLY J 412 -29.18 -29.44 -84.73
N ALA J 413 -28.87 -29.46 -86.03
CA ALA J 413 -29.85 -29.40 -87.11
C ALA J 413 -29.78 -30.63 -88.02
N ILE J 414 -29.17 -31.74 -87.56
CA ILE J 414 -28.93 -32.95 -88.36
C ILE J 414 -29.13 -34.25 -87.58
N GLU J 415 -28.66 -34.27 -86.34
CA GLU J 415 -28.65 -35.48 -85.51
C GLU J 415 -30.06 -36.01 -85.26
N LYS J 416 -30.17 -37.34 -85.12
CA LYS J 416 -31.41 -37.98 -84.70
C LYS J 416 -31.24 -38.54 -83.28
N PRO J 417 -31.63 -37.79 -82.25
CA PRO J 417 -31.37 -38.23 -80.87
C PRO J 417 -32.29 -39.36 -80.42
N VAL J 418 -31.82 -40.08 -79.41
CA VAL J 418 -32.62 -41.13 -78.80
C VAL J 418 -33.56 -40.49 -77.78
N ALA J 419 -34.68 -41.15 -77.55
CA ALA J 419 -35.62 -40.63 -76.56
C ALA J 419 -35.00 -40.76 -75.17
N PRO J 420 -34.94 -39.69 -74.38
CA PRO J 420 -34.46 -39.87 -73.01
C PRO J 420 -35.53 -40.48 -72.15
N PRO J 421 -35.20 -40.88 -70.93
CA PRO J 421 -36.24 -41.35 -70.02
C PRO J 421 -37.23 -40.23 -69.76
N ALA J 422 -38.42 -40.63 -69.33
CA ALA J 422 -39.43 -39.65 -68.99
C ALA J 422 -39.02 -38.85 -67.76
N THR J 423 -38.40 -39.53 -66.79
CA THR J 423 -38.05 -38.94 -65.52
C THR J 423 -36.73 -39.51 -65.04
N ILE J 424 -36.20 -38.85 -63.99
CA ILE J 424 -35.00 -39.33 -63.32
C ILE J 424 -35.28 -40.68 -62.65
N GLU J 425 -36.50 -40.84 -62.12
CA GLU J 425 -36.92 -42.07 -61.46
C GLU J 425 -36.82 -43.28 -62.38
N GLU J 426 -37.26 -43.14 -63.63
CA GLU J 426 -37.18 -44.27 -64.54
C GLU J 426 -35.73 -44.75 -64.72
N ASP J 427 -34.80 -43.81 -64.92
CA ASP J 427 -33.39 -44.14 -65.15
C ASP J 427 -32.74 -44.79 -63.93
N PHE J 428 -33.08 -44.33 -62.73
CA PHE J 428 -32.47 -44.86 -61.51
C PHE J 428 -32.84 -46.33 -61.31
N ASN J 429 -34.15 -46.65 -61.42
CA ASN J 429 -34.63 -48.03 -61.28
C ASN J 429 -34.07 -48.97 -62.35
N ALA J 430 -33.83 -48.47 -63.55
CA ALA J 430 -33.25 -49.29 -64.62
C ALA J 430 -31.79 -49.65 -64.38
N HIS J 431 -31.15 -49.13 -63.33
CA HIS J 431 -29.77 -49.48 -62.96
C HIS J 431 -29.75 -50.11 -61.57
N ALA K 1 20.22 -29.00 -77.68
CA ALA K 1 20.56 -30.10 -76.74
C ALA K 1 19.47 -31.16 -76.78
N GLY K 2 19.58 -32.15 -75.89
CA GLY K 2 18.62 -33.23 -75.85
C GLY K 2 18.86 -34.14 -74.65
N GLY K 3 18.14 -35.28 -74.65
CA GLY K 3 18.36 -36.31 -73.67
C GLY K 3 19.26 -37.44 -74.17
N GLY K 4 19.67 -38.28 -73.23
CA GLY K 4 20.59 -39.36 -73.53
C GLY K 4 20.47 -40.52 -72.58
N HIS K 5 21.38 -41.49 -72.70
CA HIS K 5 21.36 -42.71 -71.91
C HIS K 5 22.14 -42.52 -70.61
N VAL K 6 21.57 -42.97 -69.48
CA VAL K 6 22.21 -42.98 -68.17
C VAL K 6 22.28 -44.42 -67.65
N GLU K 7 23.30 -44.69 -66.84
CA GLU K 7 23.45 -45.99 -66.19
C GLU K 7 22.46 -46.14 -65.03
N ASP K 8 21.62 -47.18 -65.09
CA ASP K 8 20.57 -47.43 -64.09
C ASP K 8 21.20 -48.01 -62.83
N VAL K 9 21.54 -47.14 -61.88
CA VAL K 9 22.13 -47.58 -60.61
C VAL K 9 21.00 -48.02 -59.68
N PRO K 10 21.15 -49.11 -58.88
CA PRO K 10 20.12 -49.44 -57.89
C PRO K 10 20.44 -48.76 -56.56
N PHE K 11 19.99 -47.52 -56.40
CA PHE K 11 20.25 -46.78 -55.17
C PHE K 11 19.34 -47.23 -54.05
N SER K 12 19.90 -47.24 -52.83
CA SER K 12 19.14 -47.70 -51.67
C SER K 12 17.92 -46.82 -51.41
N PHE K 13 18.02 -45.54 -51.72
CA PHE K 13 16.95 -44.60 -51.38
C PHE K 13 15.77 -44.65 -52.34
N GLU K 14 15.82 -45.47 -53.38
CA GLU K 14 14.75 -45.55 -54.37
C GLU K 14 13.69 -46.56 -53.92
N GLY K 15 12.48 -46.37 -54.42
CA GLY K 15 11.35 -47.16 -54.01
C GLY K 15 10.61 -46.55 -52.84
N PRO K 16 9.32 -46.89 -52.65
CA PRO K 16 8.55 -46.25 -51.56
C PRO K 16 9.11 -46.53 -50.17
N PHE K 17 9.72 -47.70 -49.96
CA PHE K 17 10.34 -48.04 -48.69
C PHE K 17 11.83 -47.78 -48.73
N GLY K 18 12.32 -47.10 -49.76
CA GLY K 18 13.74 -46.85 -49.88
C GLY K 18 14.23 -45.85 -48.85
N THR K 19 15.45 -46.11 -48.36
CA THR K 19 16.08 -45.25 -47.38
C THR K 19 17.57 -45.13 -47.68
N PHE K 20 18.14 -44.03 -47.21
CA PHE K 20 19.56 -43.80 -47.36
C PHE K 20 20.39 -44.80 -46.56
N ASP K 21 21.53 -45.21 -47.13
CA ASP K 21 22.54 -46.01 -46.42
C ASP K 21 23.49 -45.03 -45.76
N GLN K 22 23.49 -45.01 -44.43
CA GLN K 22 24.23 -43.99 -43.67
C GLN K 22 25.72 -43.95 -44.05
N HIS K 23 26.35 -45.12 -44.13
CA HIS K 23 27.77 -45.14 -44.43
C HIS K 23 28.07 -44.63 -45.84
N GLN K 24 27.19 -44.92 -46.80
CA GLN K 24 27.39 -44.42 -48.15
C GLN K 24 27.38 -42.89 -48.20
N LEU K 25 26.46 -42.26 -47.47
CA LEU K 25 26.39 -40.81 -47.45
C LEU K 25 27.65 -40.20 -46.85
N GLN K 26 28.22 -40.85 -45.83
CA GLN K 26 29.45 -40.38 -45.20
C GLN K 26 30.62 -40.50 -46.17
N ARG K 27 30.69 -41.62 -46.88
CA ARG K 27 31.71 -41.78 -47.90
C ARG K 27 31.54 -40.73 -48.99
N GLY K 28 30.29 -40.47 -49.39
CA GLY K 28 30.03 -39.46 -50.40
C GLY K 28 30.40 -38.08 -49.92
N LEU K 29 30.21 -37.82 -48.63
CA LEU K 29 30.60 -36.54 -48.05
C LEU K 29 32.11 -36.37 -48.13
N GLN K 30 32.84 -37.44 -47.89
CA GLN K 30 34.29 -37.39 -47.98
C GLN K 30 34.73 -37.09 -49.40
N VAL K 31 34.07 -37.71 -50.38
CA VAL K 31 34.39 -37.47 -51.78
C VAL K 31 34.12 -36.01 -52.14
N TYR K 32 32.95 -35.49 -51.76
CA TYR K 32 32.67 -34.09 -52.06
C TYR K 32 33.74 -33.20 -51.44
N THR K 33 34.08 -33.47 -50.17
CA THR K 33 35.01 -32.59 -49.46
C THR K 33 36.40 -32.68 -50.06
N GLU K 34 36.83 -33.88 -50.41
CA GLU K 34 38.19 -34.10 -50.87
C GLU K 34 38.41 -33.87 -52.34
N VAL K 35 37.35 -33.91 -53.16
CA VAL K 35 37.45 -33.80 -54.62
C VAL K 35 36.58 -32.65 -55.18
N CYS K 36 35.27 -32.78 -55.06
CA CYS K 36 34.37 -31.85 -55.74
C CYS K 36 34.48 -30.44 -55.17
N ALA K 37 34.68 -30.33 -53.85
CA ALA K 37 34.63 -29.04 -53.15
C ALA K 37 35.68 -28.04 -53.65
N ALA K 38 36.75 -28.53 -54.31
CA ALA K 38 37.77 -27.65 -54.86
C ALA K 38 37.18 -26.65 -55.82
N CYS K 39 36.08 -27.02 -56.50
CA CYS K 39 35.40 -26.21 -57.50
C CYS K 39 33.94 -25.97 -57.17
N HIS K 40 33.23 -26.99 -56.67
CA HIS K 40 31.79 -26.92 -56.42
C HIS K 40 31.46 -26.57 -54.99
N GLY K 41 30.41 -25.74 -54.86
CA GLY K 41 29.87 -25.39 -53.57
C GLY K 41 28.50 -26.03 -53.37
N MET K 42 27.95 -25.84 -52.18
CA MET K 42 26.58 -26.25 -51.87
C MET K 42 25.94 -25.15 -51.04
N LYS K 43 25.71 -23.99 -51.67
CA LYS K 43 25.41 -22.77 -50.93
C LYS K 43 24.09 -22.83 -50.19
N PHE K 44 23.24 -23.81 -50.48
CA PHE K 44 21.95 -23.99 -49.85
C PHE K 44 21.95 -25.05 -48.76
N VAL K 45 23.03 -25.79 -48.56
CA VAL K 45 23.07 -26.87 -47.57
C VAL K 45 23.60 -26.30 -46.25
N PRO K 46 22.80 -26.27 -45.17
CA PRO K 46 23.37 -25.87 -43.88
C PRO K 46 24.27 -26.98 -43.42
N ILE K 47 25.46 -26.59 -42.95
CA ILE K 47 26.45 -27.56 -42.51
C ILE K 47 25.91 -28.38 -41.36
N ARG K 48 25.05 -27.77 -40.51
CA ARG K 48 24.50 -28.47 -39.34
C ARG K 48 23.73 -29.70 -39.74
N SER K 49 23.26 -29.78 -40.98
CA SER K 49 22.45 -30.92 -41.41
C SER K 49 23.26 -32.20 -41.53
N LEU K 50 24.59 -32.12 -41.44
CA LEU K 50 25.38 -33.34 -41.39
C LEU K 50 25.13 -34.11 -40.09
N SER K 51 24.58 -33.47 -39.05
CA SER K 51 24.22 -34.13 -37.80
C SER K 51 22.76 -34.60 -37.77
N GLU K 52 21.89 -33.94 -38.55
CA GLU K 52 20.44 -34.18 -38.49
C GLU K 52 20.12 -35.63 -38.81
N PRO K 53 19.06 -36.18 -38.21
CA PRO K 53 18.68 -37.56 -38.53
C PRO K 53 18.19 -37.67 -39.97
N GLY K 54 18.47 -38.82 -40.58
CA GLY K 54 18.07 -39.05 -41.96
C GLY K 54 19.11 -38.67 -42.98
N GLY K 55 20.37 -38.51 -42.55
CA GLY K 55 21.47 -38.14 -43.39
C GLY K 55 22.73 -38.88 -42.98
N PRO K 56 23.89 -38.26 -43.19
CA PRO K 56 25.12 -38.91 -42.72
C PRO K 56 25.08 -39.15 -41.23
N GLU K 57 24.34 -38.31 -40.50
CA GLU K 57 24.18 -38.42 -39.06
C GLU K 57 25.53 -38.55 -38.36
N LEU K 58 26.33 -37.52 -38.54
CA LEU K 58 27.60 -37.41 -37.86
C LEU K 58 27.38 -36.86 -36.44
N PRO K 59 28.18 -37.29 -35.46
CA PRO K 59 28.09 -36.66 -34.15
C PRO K 59 28.29 -35.15 -34.26
N GLU K 60 27.59 -34.41 -33.42
CA GLU K 60 27.58 -32.96 -33.55
C GLU K 60 28.95 -32.34 -33.34
N ASP K 61 29.83 -33.04 -32.62
CA ASP K 61 31.20 -32.55 -32.46
C ASP K 61 32.02 -32.68 -33.73
N GLN K 62 31.86 -33.79 -34.46
CA GLN K 62 32.56 -33.92 -35.74
C GLN K 62 32.10 -32.84 -36.71
N VAL K 63 30.78 -32.59 -36.73
CA VAL K 63 30.23 -31.58 -37.63
C VAL K 63 30.76 -30.23 -37.23
N ARG K 64 30.92 -30.02 -35.92
CA ARG K 64 31.47 -28.76 -35.44
C ARG K 64 32.90 -28.64 -35.91
N ALA K 65 33.63 -29.74 -35.87
CA ALA K 65 35.00 -29.76 -36.36
C ALA K 65 35.06 -29.60 -37.88
N TYR K 66 34.13 -30.23 -38.60
CA TYR K 66 34.15 -30.13 -40.06
C TYR K 66 33.96 -28.69 -40.50
N ALA K 67 33.02 -27.98 -39.86
CA ALA K 67 32.73 -26.59 -40.23
C ALA K 67 33.91 -25.66 -40.05
N THR K 68 34.88 -25.99 -39.19
CA THR K 68 36.00 -25.07 -38.94
C THR K 68 36.80 -24.80 -40.20
N GLN K 69 36.94 -25.80 -41.09
CA GLN K 69 37.84 -25.66 -42.24
C GLN K 69 37.40 -24.53 -43.16
N PHE K 70 36.13 -24.14 -43.13
CA PHE K 70 35.64 -23.09 -44.00
C PHE K 70 35.94 -21.74 -43.35
N THR K 71 36.34 -20.77 -44.18
CA THR K 71 36.52 -19.38 -43.76
C THR K 71 35.27 -18.61 -44.13
N VAL K 72 34.51 -18.22 -43.13
CA VAL K 72 33.23 -17.53 -43.26
C VAL K 72 33.38 -16.08 -42.85
N THR K 73 32.71 -15.19 -43.56
CA THR K 73 32.62 -13.78 -43.18
C THR K 73 31.43 -13.66 -42.23
N ASP K 74 31.70 -13.33 -40.96
CA ASP K 74 30.64 -13.19 -39.96
C ASP K 74 29.68 -12.07 -40.35
N GLU K 75 28.38 -12.32 -40.11
CA GLU K 75 27.37 -11.36 -40.56
C GLU K 75 27.45 -10.06 -39.78
N GLU K 76 27.39 -10.14 -38.45
CA GLU K 76 27.50 -8.95 -37.61
C GLU K 76 28.92 -8.34 -37.63
N THR K 77 29.94 -9.15 -37.31
CA THR K 77 31.32 -8.66 -37.17
C THR K 77 31.90 -8.13 -38.46
N GLY K 78 31.66 -8.82 -39.57
CA GLY K 78 32.28 -8.43 -40.82
C GLY K 78 33.71 -8.90 -40.98
N GLU K 79 34.31 -9.46 -39.92
CA GLU K 79 35.67 -9.99 -39.98
C GLU K 79 35.59 -11.48 -40.23
N ASP K 80 36.66 -12.04 -40.81
CA ASP K 80 36.66 -13.46 -41.13
C ASP K 80 36.78 -14.30 -39.87
N ARG K 81 36.24 -15.52 -39.93
CA ARG K 81 36.32 -16.46 -38.81
C ARG K 81 36.19 -17.89 -39.32
N GLU K 82 36.43 -18.84 -38.43
CA GLU K 82 36.22 -20.24 -38.76
C GLU K 82 34.73 -20.52 -38.88
N GLY K 83 34.40 -21.56 -39.64
CA GLY K 83 33.01 -21.89 -39.87
C GLY K 83 32.38 -22.56 -38.67
N LYS K 84 31.07 -22.35 -38.53
CA LYS K 84 30.22 -22.98 -37.54
C LYS K 84 29.27 -23.95 -38.23
N PRO K 85 28.61 -24.84 -37.49
CA PRO K 85 27.60 -25.69 -38.13
C PRO K 85 26.42 -24.90 -38.69
N THR K 86 26.16 -23.70 -38.17
CA THR K 86 25.03 -22.91 -38.67
C THR K 86 25.34 -22.26 -40.00
N ASP K 87 26.59 -22.29 -40.45
CA ASP K 87 26.92 -21.76 -41.76
C ASP K 87 26.60 -22.77 -42.84
N HIS K 88 26.35 -22.26 -44.04
CA HIS K 88 26.23 -23.08 -45.23
C HIS K 88 27.59 -23.42 -45.81
N PHE K 89 27.61 -24.46 -46.64
CA PHE K 89 28.77 -24.72 -47.46
C PHE K 89 29.06 -23.49 -48.32
N PRO K 90 30.32 -23.26 -48.69
CA PRO K 90 30.64 -22.08 -49.51
C PRO K 90 30.07 -22.18 -50.93
N HIS K 91 30.04 -21.03 -51.58
CA HIS K 91 29.74 -20.99 -53.00
C HIS K 91 30.84 -21.74 -53.76
N SER K 92 30.56 -22.04 -55.02
CA SER K 92 31.58 -22.68 -55.86
C SER K 92 32.81 -21.78 -55.99
N ALA K 93 33.99 -22.35 -55.67
CA ALA K 93 35.26 -21.64 -55.85
C ALA K 93 35.53 -21.33 -57.30
N LEU K 94 35.14 -22.23 -58.19
CA LEU K 94 35.32 -22.06 -59.63
C LEU K 94 34.06 -21.44 -60.23
N GLU K 95 34.26 -20.32 -60.91
CA GLU K 95 33.16 -19.43 -61.28
C GLU K 95 32.10 -20.12 -62.15
N ASN K 96 32.54 -21.00 -63.05
CA ASN K 96 31.65 -21.73 -63.95
C ASN K 96 31.32 -23.14 -63.46
N ALA K 97 31.69 -23.50 -62.24
CA ALA K 97 31.28 -24.76 -61.63
C ALA K 97 29.93 -24.64 -60.92
N PRO K 98 28.87 -25.31 -61.40
CA PRO K 98 27.55 -25.11 -60.78
C PRO K 98 27.46 -25.60 -59.33
N ASP K 99 26.56 -24.96 -58.58
CA ASP K 99 26.26 -25.39 -57.22
C ASP K 99 25.62 -26.75 -57.20
N LEU K 100 26.05 -27.61 -56.27
CA LEU K 100 25.60 -29.00 -56.23
C LEU K 100 24.52 -29.27 -55.15
N SER K 101 24.05 -28.22 -54.46
CA SER K 101 23.01 -28.39 -53.42
C SER K 101 21.82 -29.14 -53.96
N LEU K 102 21.39 -28.77 -55.17
CA LEU K 102 20.18 -29.28 -55.78
C LEU K 102 20.46 -30.01 -57.10
N MET K 103 21.72 -30.40 -57.33
CA MET K 103 22.05 -31.00 -58.62
C MET K 103 21.27 -32.28 -58.84
N ALA K 104 21.11 -33.09 -57.80
CA ALA K 104 20.43 -34.36 -58.00
C ALA K 104 18.95 -34.19 -58.32
N LYS K 105 18.40 -32.96 -58.19
CA LYS K 105 17.04 -32.68 -58.60
C LYS K 105 16.93 -31.76 -59.80
N ALA K 106 18.00 -31.05 -60.15
CA ALA K 106 18.00 -30.14 -61.29
C ALA K 106 18.42 -30.84 -62.60
N ARG K 107 18.59 -32.17 -62.57
CA ARG K 107 18.94 -32.96 -63.73
C ARG K 107 18.03 -34.18 -63.78
N ALA K 108 17.57 -34.48 -64.99
CA ALA K 108 16.81 -35.69 -65.30
C ALA K 108 17.65 -36.61 -66.18
N GLY K 109 17.75 -37.87 -65.76
CA GLY K 109 18.48 -38.89 -66.50
C GLY K 109 17.57 -39.71 -67.39
N PHE K 110 16.28 -39.76 -67.05
CA PHE K 110 15.31 -40.54 -67.79
C PHE K 110 14.33 -39.61 -68.53
N HIS K 111 14.13 -39.89 -69.81
CA HIS K 111 13.26 -39.11 -70.68
C HIS K 111 12.42 -40.07 -71.49
N GLY K 112 11.46 -39.51 -72.21
CA GLY K 112 10.71 -40.31 -73.14
C GLY K 112 9.74 -41.38 -72.65
N PRO K 113 9.42 -42.34 -73.54
CA PRO K 113 9.91 -42.48 -74.94
C PRO K 113 9.35 -41.49 -75.95
N MET K 114 8.07 -41.46 -76.25
CA MET K 114 7.57 -40.53 -77.25
C MET K 114 7.22 -39.20 -76.59
N GLY K 115 8.02 -38.81 -75.59
CA GLY K 115 7.73 -37.60 -74.86
C GLY K 115 6.39 -37.78 -74.18
N THR K 116 6.14 -39.02 -73.71
CA THR K 116 4.97 -39.42 -72.94
C THR K 116 5.20 -39.34 -71.44
N GLY K 117 6.47 -39.34 -70.99
CA GLY K 117 6.81 -39.25 -69.58
C GLY K 117 6.64 -40.55 -68.84
N ILE K 118 6.39 -41.66 -69.55
CA ILE K 118 6.22 -42.98 -68.93
C ILE K 118 7.52 -43.49 -68.32
N SER K 119 8.67 -43.09 -68.90
CA SER K 119 9.96 -43.54 -68.39
C SER K 119 10.21 -43.05 -66.98
N GLN K 120 9.96 -41.77 -66.76
CA GLN K 120 10.13 -41.21 -65.43
C GLN K 120 9.10 -41.77 -64.46
N LEU K 121 7.91 -42.12 -64.95
CA LEU K 121 6.85 -42.60 -64.07
C LEU K 121 7.24 -43.89 -63.34
N PHE K 122 8.09 -44.71 -63.96
CA PHE K 122 8.47 -46.00 -63.38
C PHE K 122 9.89 -46.02 -62.83
N ASN K 123 10.81 -45.23 -63.39
CA ASN K 123 12.21 -45.24 -63.00
C ASN K 123 12.61 -43.98 -62.22
N GLY K 124 11.68 -43.05 -62.01
CA GLY K 124 12.01 -41.81 -61.34
C GLY K 124 12.60 -40.82 -62.33
N ILE K 125 12.94 -39.64 -61.82
CA ILE K 125 13.48 -38.59 -62.69
C ILE K 125 14.90 -38.93 -63.13
N GLY K 126 15.72 -39.48 -62.22
CA GLY K 126 17.02 -40.00 -62.58
C GLY K 126 18.18 -39.04 -62.48
N GLY K 127 18.12 -38.08 -61.57
CA GLY K 127 19.17 -37.12 -61.37
C GLY K 127 20.47 -37.75 -60.84
N PRO K 128 20.41 -38.54 -59.74
CA PRO K 128 21.67 -39.14 -59.26
C PRO K 128 22.23 -40.18 -60.23
N GLU K 129 21.37 -40.82 -61.02
CA GLU K 129 21.80 -41.70 -62.09
C GLU K 129 22.56 -40.89 -63.13
N TYR K 130 22.06 -39.70 -63.46
CA TYR K 130 22.73 -38.81 -64.41
C TYR K 130 24.10 -38.42 -63.90
N ILE K 131 24.16 -37.97 -62.64
CA ILE K 131 25.42 -37.61 -62.01
C ILE K 131 26.41 -38.77 -62.10
N TYR K 132 25.96 -39.97 -61.74
CA TYR K 132 26.82 -41.14 -61.80
C TYR K 132 27.36 -41.35 -63.21
N SER K 133 26.50 -41.17 -64.21
CA SER K 133 26.86 -41.39 -65.61
C SER K 133 27.92 -40.40 -66.11
N VAL K 134 27.83 -39.14 -65.68
CA VAL K 134 28.84 -38.14 -66.04
C VAL K 134 30.20 -38.46 -65.40
N LEU K 135 30.21 -38.82 -64.10
CA LEU K 135 31.46 -39.16 -63.42
C LEU K 135 32.10 -40.41 -64.01
N THR K 136 31.30 -41.28 -64.60
CA THR K 136 31.74 -42.53 -65.15
C THR K 136 32.10 -42.37 -66.63
N GLY K 137 31.45 -41.42 -67.31
CA GLY K 137 31.48 -41.34 -68.75
C GLY K 137 32.60 -40.57 -69.40
N PHE K 138 33.77 -40.58 -68.79
CA PHE K 138 34.97 -39.98 -69.37
C PHE K 138 35.88 -41.06 -69.99
N PRO K 139 35.92 -41.24 -71.32
CA PRO K 139 36.83 -42.25 -71.89
C PRO K 139 38.22 -41.70 -72.10
N GLU K 140 39.22 -42.59 -72.01
CA GLU K 140 40.59 -42.13 -72.16
C GLU K 140 40.87 -41.63 -73.56
N GLU K 141 40.28 -42.29 -74.61
CA GLU K 141 40.44 -41.81 -75.98
C GLU K 141 39.12 -41.20 -76.47
N PRO K 142 39.13 -40.05 -77.14
CA PRO K 142 37.87 -39.52 -77.67
C PRO K 142 37.40 -40.30 -78.88
N PRO K 143 36.19 -40.02 -79.34
CA PRO K 143 35.71 -40.63 -80.58
C PRO K 143 36.57 -40.26 -81.80
N LYS K 144 36.64 -41.20 -82.74
CA LYS K 144 37.54 -41.08 -83.89
C LYS K 144 37.27 -39.80 -84.68
N CYS K 145 36.04 -39.27 -84.63
CA CYS K 145 35.71 -38.10 -85.43
C CYS K 145 36.41 -36.84 -84.95
N ALA K 146 37.05 -36.85 -83.79
CA ALA K 146 37.70 -35.64 -83.30
C ALA K 146 39.15 -35.91 -82.94
N GLU K 147 39.76 -36.88 -83.63
CA GLU K 147 41.16 -37.21 -83.37
C GLU K 147 41.93 -35.94 -83.70
N GLY K 148 42.14 -35.07 -82.74
CA GLY K 148 42.88 -33.85 -82.96
C GLY K 148 42.05 -32.64 -83.34
N HIS K 149 40.82 -32.53 -82.80
CA HIS K 149 39.91 -31.44 -83.12
C HIS K 149 39.11 -31.06 -81.87
N GLU K 150 39.60 -31.48 -80.70
CA GLU K 150 38.97 -31.21 -79.42
C GLU K 150 39.07 -29.73 -79.04
N PRO K 151 37.99 -29.06 -78.65
CA PRO K 151 38.15 -27.68 -78.17
C PRO K 151 39.04 -27.69 -76.92
N ASP K 152 39.92 -26.69 -76.83
CA ASP K 152 40.84 -26.63 -75.71
C ASP K 152 40.09 -26.19 -74.46
N GLY K 153 40.38 -26.89 -73.37
CA GLY K 153 39.74 -26.65 -72.09
C GLY K 153 38.45 -27.41 -71.90
N PHE K 154 38.10 -28.32 -72.83
CA PHE K 154 36.89 -29.13 -72.76
C PHE K 154 37.28 -30.60 -72.93
N TYR K 155 36.37 -31.49 -72.52
CA TYR K 155 36.64 -32.92 -72.43
C TYR K 155 35.41 -33.69 -72.86
N TYR K 156 35.60 -34.76 -73.65
CA TYR K 156 34.44 -35.55 -74.09
C TYR K 156 33.87 -36.38 -72.93
N ASN K 157 32.53 -36.33 -72.76
CA ASN K 157 31.81 -37.14 -71.78
C ASN K 157 30.60 -37.78 -72.44
N ARG K 158 30.38 -39.09 -72.21
CA ARG K 158 29.30 -39.81 -72.91
C ARG K 158 27.93 -39.26 -72.55
N ALA K 159 27.72 -38.87 -71.28
CA ALA K 159 26.37 -38.53 -70.80
C ALA K 159 26.05 -37.04 -70.91
N PHE K 160 27.05 -36.18 -70.93
CA PHE K 160 26.80 -34.76 -71.05
C PHE K 160 26.29 -34.45 -72.45
N GLN K 161 25.14 -33.79 -72.55
CA GLN K 161 24.46 -33.55 -73.81
C GLN K 161 24.42 -32.08 -74.20
N ASN K 162 24.79 -31.17 -73.32
CA ASN K 162 24.66 -29.75 -73.59
C ASN K 162 25.96 -29.10 -74.06
N GLY K 163 26.98 -29.90 -74.36
CA GLY K 163 28.26 -29.36 -74.77
C GLY K 163 28.39 -29.14 -76.28
N SER K 164 29.44 -28.42 -76.65
CA SER K 164 29.78 -28.17 -78.04
C SER K 164 30.34 -29.43 -78.67
N VAL K 165 30.40 -29.45 -80.00
CA VAL K 165 30.89 -30.61 -80.73
C VAL K 165 31.65 -30.13 -81.96
N PRO K 166 32.87 -30.66 -82.23
CA PRO K 166 33.61 -30.24 -83.43
C PRO K 166 32.82 -30.46 -84.70
N ASP K 167 33.13 -29.65 -85.72
CA ASP K 167 32.45 -29.75 -87.02
C ASP K 167 32.62 -31.14 -87.63
N THR K 168 33.75 -31.81 -87.37
CA THR K 168 33.98 -33.13 -87.93
C THR K 168 33.15 -34.23 -87.27
N CYS K 169 32.37 -33.89 -86.23
CA CYS K 169 31.54 -34.79 -85.46
C CYS K 169 30.06 -34.55 -85.72
N LYS K 170 29.74 -33.79 -86.76
CA LYS K 170 28.37 -33.50 -87.18
C LYS K 170 28.10 -34.15 -88.53
N ASP K 171 26.85 -34.55 -88.77
CA ASP K 171 26.48 -35.16 -90.05
C ASP K 171 26.22 -34.08 -91.11
N ALA K 172 25.73 -34.48 -92.30
CA ALA K 172 25.52 -33.53 -93.39
C ALA K 172 24.47 -32.45 -93.11
N ASN K 173 23.52 -32.69 -92.21
CA ASN K 173 22.53 -31.68 -91.81
C ASN K 173 22.92 -31.00 -90.48
N GLY K 174 24.12 -31.27 -89.96
CA GLY K 174 24.64 -30.64 -88.76
C GLY K 174 24.29 -31.24 -87.42
N VAL K 175 23.61 -32.38 -87.38
CA VAL K 175 23.27 -33.02 -86.11
C VAL K 175 24.48 -33.82 -85.63
N LYS K 176 24.75 -33.78 -84.32
CA LYS K 176 25.97 -34.37 -83.79
C LYS K 176 25.91 -35.89 -83.85
N THR K 177 27.06 -36.49 -84.14
CA THR K 177 27.22 -37.94 -84.25
C THR K 177 27.48 -38.63 -82.92
N THR K 178 28.17 -37.95 -81.99
CA THR K 178 28.61 -38.57 -80.74
C THR K 178 27.46 -38.83 -79.77
N ALA K 179 27.63 -39.87 -78.96
CA ALA K 179 26.65 -40.21 -77.94
C ALA K 179 26.47 -39.08 -76.92
N GLY K 180 27.57 -38.41 -76.58
CA GLY K 180 27.57 -37.31 -75.64
C GLY K 180 28.11 -36.04 -76.24
N SER K 181 28.81 -35.21 -75.46
CA SER K 181 29.36 -33.96 -75.98
C SER K 181 30.48 -33.50 -75.05
N TRP K 182 31.01 -32.31 -75.31
CA TRP K 182 32.21 -31.85 -74.61
C TRP K 182 31.86 -30.96 -73.42
N ILE K 183 32.37 -31.35 -72.26
CA ILE K 183 32.06 -30.73 -70.98
C ILE K 183 33.32 -30.00 -70.52
N ALA K 184 33.13 -28.88 -69.83
CA ALA K 184 34.27 -28.11 -69.37
C ALA K 184 34.90 -28.67 -68.10
N MET K 185 34.29 -29.69 -67.48
CA MET K 185 34.83 -30.30 -66.28
C MET K 185 35.84 -31.39 -66.63
N PRO K 186 37.11 -31.28 -66.23
CA PRO K 186 38.01 -32.42 -66.42
C PRO K 186 37.60 -33.59 -65.55
N PRO K 187 37.94 -34.83 -65.93
CA PRO K 187 37.57 -36.03 -65.14
C PRO K 187 38.02 -35.91 -63.70
N PRO K 188 37.09 -35.79 -62.76
CA PRO K 188 37.51 -35.52 -61.38
C PRO K 188 37.99 -36.72 -60.61
N LEU K 189 37.56 -37.92 -60.98
CA LEU K 189 37.83 -39.16 -60.25
C LEU K 189 38.94 -39.98 -60.90
N MET K 190 39.43 -40.97 -60.14
CA MET K 190 40.47 -41.92 -60.51
C MET K 190 40.55 -42.95 -59.40
N ASP K 191 40.79 -44.21 -59.76
CA ASP K 191 40.75 -45.33 -58.80
C ASP K 191 41.53 -45.05 -57.51
N ASP K 192 40.84 -45.19 -56.38
CA ASP K 192 41.44 -45.06 -55.05
C ASP K 192 42.02 -43.66 -54.83
N LEU K 193 41.35 -42.64 -55.38
CA LEU K 193 41.71 -41.25 -55.13
C LEU K 193 41.36 -40.83 -53.69
N VAL K 194 40.42 -41.51 -53.08
CA VAL K 194 39.98 -41.25 -51.71
C VAL K 194 40.30 -42.48 -50.88
N GLU K 195 40.73 -42.26 -49.65
CA GLU K 195 41.05 -43.33 -48.71
C GLU K 195 39.93 -43.38 -47.68
N TYR K 196 38.96 -44.25 -47.89
CA TYR K 196 37.85 -44.44 -46.95
C TYR K 196 38.33 -45.08 -45.64
N ALA K 197 37.79 -44.59 -44.51
CA ALA K 197 38.26 -45.06 -43.21
C ALA K 197 37.90 -46.52 -42.97
N ASP K 198 36.66 -46.95 -43.33
CA ASP K 198 36.25 -48.34 -43.07
C ASP K 198 36.80 -49.33 -44.08
N GLY K 199 37.66 -48.89 -45.00
CA GLY K 199 38.28 -49.74 -46.01
C GLY K 199 37.38 -50.07 -47.18
N HIS K 200 36.23 -49.39 -47.30
CA HIS K 200 35.29 -49.57 -48.41
C HIS K 200 36.01 -49.28 -49.73
N ASP K 201 35.61 -50.00 -50.77
CA ASP K 201 36.33 -49.87 -52.05
C ASP K 201 36.09 -48.50 -52.66
N ALA K 202 37.16 -47.94 -53.26
CA ALA K 202 37.12 -46.60 -53.83
C ALA K 202 37.44 -46.59 -55.33
N SER K 203 36.91 -47.56 -56.07
CA SER K 203 36.98 -47.53 -57.53
C SER K 203 36.13 -46.35 -58.00
N VAL K 204 36.34 -45.92 -59.25
CA VAL K 204 35.52 -44.83 -59.76
C VAL K 204 34.05 -45.21 -59.67
N HIS K 205 33.74 -46.49 -59.89
CA HIS K 205 32.37 -46.95 -59.77
C HIS K 205 31.89 -46.72 -58.35
N ALA K 206 32.68 -47.15 -57.36
CA ALA K 206 32.24 -47.03 -55.98
C ALA K 206 32.12 -45.57 -55.55
N MET K 207 33.15 -44.75 -55.83
CA MET K 207 33.05 -43.34 -55.44
C MET K 207 31.92 -42.63 -56.17
N ALA K 208 31.68 -42.97 -57.44
CA ALA K 208 30.64 -42.31 -58.22
C ALA K 208 29.26 -42.64 -57.67
N GLU K 209 29.06 -43.88 -57.22
CA GLU K 209 27.76 -44.24 -56.64
C GLU K 209 27.61 -43.58 -55.28
N ASP K 210 28.68 -43.55 -54.48
CA ASP K 210 28.62 -42.96 -53.15
C ASP K 210 28.33 -41.46 -53.21
N VAL K 211 29.05 -40.73 -54.06
CA VAL K 211 28.87 -39.28 -54.09
C VAL K 211 27.55 -38.92 -54.74
N SER K 212 27.04 -39.75 -55.64
CA SER K 212 25.72 -39.46 -56.22
C SER K 212 24.66 -39.61 -55.14
N ALA K 213 24.85 -40.57 -54.24
CA ALA K 213 23.94 -40.74 -53.12
C ALA K 213 24.04 -39.59 -52.14
N PHE K 214 25.26 -39.12 -51.86
CA PHE K 214 25.41 -37.98 -50.97
C PHE K 214 24.71 -36.74 -51.51
N LEU K 215 24.83 -36.51 -52.81
CA LEU K 215 24.25 -35.36 -53.48
C LEU K 215 22.74 -35.44 -53.62
N MET K 216 22.19 -36.66 -53.56
CA MET K 216 20.75 -36.81 -53.54
C MET K 216 20.22 -36.38 -52.18
N TRP K 217 20.95 -36.76 -51.11
CA TRP K 217 20.57 -36.32 -49.77
C TRP K 217 20.75 -34.82 -49.61
N ALA K 218 21.82 -34.27 -50.16
CA ALA K 218 22.03 -32.83 -50.03
C ALA K 218 20.90 -32.06 -50.72
N ALA K 219 20.35 -32.64 -51.77
CA ALA K 219 19.28 -32.03 -52.53
C ALA K 219 17.93 -32.26 -51.89
N GLU K 220 17.71 -33.45 -51.36
CA GLU K 220 16.44 -33.83 -50.74
C GLU K 220 16.74 -34.39 -49.35
N PRO K 221 17.17 -33.54 -48.41
CA PRO K 221 17.50 -34.06 -47.07
C PRO K 221 16.34 -34.67 -46.35
N LYS K 222 15.10 -34.25 -46.66
CA LYS K 222 13.90 -34.72 -45.98
C LYS K 222 13.22 -35.87 -46.70
N LEU K 223 13.96 -36.60 -47.55
CA LEU K 223 13.39 -37.69 -48.34
C LEU K 223 12.72 -38.72 -47.43
N MET K 224 13.42 -39.17 -46.40
CA MET K 224 12.87 -40.18 -45.50
C MET K 224 11.65 -39.66 -44.75
N ALA K 225 11.70 -38.41 -44.27
CA ALA K 225 10.52 -37.87 -43.59
C ALA K 225 9.32 -37.80 -44.53
N ARG K 226 9.56 -37.44 -45.79
CA ARG K 226 8.47 -37.31 -46.75
C ARG K 226 7.79 -38.65 -47.00
N LYS K 227 8.57 -39.74 -47.09
CA LYS K 227 7.99 -41.06 -47.33
C LYS K 227 7.24 -41.59 -46.11
N GLN K 228 7.80 -41.44 -44.90
CA GLN K 228 7.06 -41.82 -43.71
C GLN K 228 5.68 -41.17 -43.70
N ALA K 229 5.64 -39.87 -43.99
CA ALA K 229 4.37 -39.16 -44.04
C ALA K 229 3.49 -39.72 -45.15
N GLY K 230 4.09 -40.06 -46.27
CA GLY K 230 3.30 -40.62 -47.35
C GLY K 230 2.66 -41.93 -46.94
N PHE K 231 3.48 -42.84 -46.38
CA PHE K 231 2.97 -44.11 -45.88
C PHE K 231 1.84 -43.87 -44.89
N THR K 232 2.06 -42.98 -43.91
CA THR K 232 1.03 -42.73 -42.90
C THR K 232 -0.26 -42.23 -43.54
N ALA K 233 -0.18 -41.22 -44.40
CA ALA K 233 -1.41 -40.72 -45.02
C ALA K 233 -2.11 -41.81 -45.82
N VAL K 234 -1.34 -42.62 -46.53
CA VAL K 234 -1.96 -43.65 -47.36
C VAL K 234 -2.58 -44.74 -46.48
N MET K 235 -1.90 -45.12 -45.40
CA MET K 235 -2.49 -46.13 -44.55
C MET K 235 -3.73 -45.57 -43.87
N PHE K 236 -3.63 -44.33 -43.37
CA PHE K 236 -4.80 -43.65 -42.84
C PHE K 236 -5.96 -43.61 -43.83
N LEU K 237 -5.71 -43.10 -45.03
CA LEU K 237 -6.77 -42.87 -45.99
C LEU K 237 -7.33 -44.16 -46.54
N THR K 238 -6.56 -45.25 -46.50
CA THR K 238 -7.11 -46.55 -46.87
C THR K 238 -8.20 -46.92 -45.89
N VAL K 239 -7.89 -46.85 -44.60
CA VAL K 239 -8.88 -47.12 -43.55
C VAL K 239 -10.04 -46.16 -43.71
N LEU K 240 -9.74 -44.88 -43.87
CA LEU K 240 -10.80 -43.89 -43.96
C LEU K 240 -11.65 -44.12 -45.20
N SER K 241 -11.01 -44.54 -46.29
CA SER K 241 -11.75 -44.78 -47.52
C SER K 241 -12.67 -45.97 -47.35
N VAL K 242 -12.19 -47.04 -46.72
CA VAL K 242 -13.05 -48.21 -46.49
C VAL K 242 -14.23 -47.81 -45.61
N LEU K 243 -13.96 -47.11 -44.52
CA LEU K 243 -15.05 -46.70 -43.64
C LEU K 243 -16.06 -45.81 -44.36
N LEU K 244 -15.58 -44.90 -45.20
CA LEU K 244 -16.49 -44.02 -45.91
C LEU K 244 -17.27 -44.81 -46.97
N TYR K 245 -16.68 -45.89 -47.48
CA TYR K 245 -17.36 -46.73 -48.45
C TYR K 245 -18.52 -47.48 -47.81
N LEU K 246 -18.26 -48.10 -46.67
CA LEU K 246 -19.30 -48.82 -45.95
C LEU K 246 -20.42 -47.88 -45.51
N THR K 247 -20.06 -46.70 -45.01
CA THR K 247 -21.07 -45.71 -44.62
C THR K 247 -21.91 -45.31 -45.82
N ASN K 248 -21.28 -45.01 -46.96
CA ASN K 248 -22.02 -44.62 -48.14
C ASN K 248 -22.90 -45.75 -48.63
N LYS K 249 -22.42 -46.98 -48.53
CA LYS K 249 -23.18 -48.12 -49.02
C LYS K 249 -24.40 -48.37 -48.16
N ARG K 250 -24.20 -48.43 -46.84
CA ARG K 250 -25.26 -48.71 -45.88
C ARG K 250 -26.32 -47.62 -45.81
N LEU K 251 -26.00 -46.43 -46.31
CA LEU K 251 -26.92 -45.30 -46.32
C LEU K 251 -27.89 -45.40 -47.51
N TRP K 252 -27.34 -45.59 -48.71
CA TRP K 252 -28.10 -45.68 -49.95
C TRP K 252 -28.92 -46.97 -50.03
N ALA K 253 -28.73 -47.89 -49.07
CA ALA K 253 -29.49 -49.13 -49.04
C ALA K 253 -30.99 -48.86 -48.94
N GLY K 254 -31.38 -47.80 -48.22
CA GLY K 254 -32.77 -47.41 -48.06
C GLY K 254 -33.29 -46.53 -49.18
N VAL K 255 -32.86 -46.79 -50.43
CA VAL K 255 -33.26 -46.00 -51.58
C VAL K 255 -33.46 -46.90 -52.80
N LYS K 256 -32.56 -47.86 -53.02
CA LYS K 256 -32.65 -48.77 -54.17
C LYS K 256 -32.68 -50.25 -53.79
N GLY L 9 -26.89 -56.15 -33.03
CA GLY L 9 -26.11 -55.72 -31.89
C GLY L 9 -25.45 -54.37 -32.10
N THR L 10 -24.13 -54.31 -31.84
CA THR L 10 -23.34 -53.09 -31.94
C THR L 10 -22.73 -52.89 -33.34
N ARG L 11 -23.29 -53.54 -34.37
CA ARG L 11 -22.74 -53.38 -35.72
C ARG L 11 -23.25 -52.14 -36.45
N ARG L 12 -24.57 -51.83 -36.38
CA ARG L 12 -25.03 -50.59 -37.01
C ARG L 12 -24.83 -49.28 -36.21
N ASP L 13 -24.64 -49.33 -34.89
CA ASP L 13 -24.32 -48.14 -34.10
C ASP L 13 -22.87 -47.67 -34.23
N PHE L 14 -21.95 -48.63 -34.37
CA PHE L 14 -20.51 -48.38 -34.47
C PHE L 14 -20.01 -47.74 -35.77
N LEU L 15 -20.60 -47.99 -36.92
CA LEU L 15 -20.04 -47.37 -38.13
C LEU L 15 -20.12 -45.84 -38.10
N TYR L 16 -21.26 -45.25 -37.73
CA TYR L 16 -21.29 -43.78 -37.71
C TYR L 16 -20.36 -43.18 -36.67
N TYR L 17 -19.99 -43.93 -35.63
CA TYR L 17 -18.98 -43.45 -34.70
C TYR L 17 -17.56 -43.64 -35.28
N ALA L 18 -17.25 -44.84 -35.77
CA ALA L 18 -15.90 -45.11 -36.28
C ALA L 18 -15.53 -44.19 -37.45
N THR L 19 -16.49 -43.91 -38.35
CA THR L 19 -16.24 -43.02 -39.48
C THR L 19 -15.96 -41.59 -38.99
N ALA L 20 -16.81 -41.08 -38.10
CA ALA L 20 -16.64 -39.74 -37.55
C ALA L 20 -15.36 -39.62 -36.73
N GLY L 21 -15.01 -40.67 -35.99
CA GLY L 21 -13.78 -40.64 -35.21
C GLY L 21 -12.56 -40.52 -36.09
N ALA L 22 -12.55 -41.25 -37.22
CA ALA L 22 -11.45 -41.14 -38.18
C ALA L 22 -11.41 -39.74 -38.78
N GLY L 23 -12.58 -39.17 -39.06
CA GLY L 23 -12.64 -37.83 -39.60
C GLY L 23 -12.07 -36.82 -38.62
N ALA L 24 -12.34 -37.04 -37.32
CA ALA L 24 -11.82 -36.13 -36.29
C ALA L 24 -10.31 -36.20 -36.26
N VAL L 25 -9.75 -37.41 -36.31
CA VAL L 25 -8.30 -37.59 -36.33
C VAL L 25 -7.71 -36.90 -37.55
N ALA L 26 -8.33 -37.12 -38.72
CA ALA L 26 -7.86 -36.55 -39.97
C ALA L 26 -7.81 -35.02 -39.90
N THR L 27 -8.81 -34.40 -39.29
CA THR L 27 -8.77 -32.97 -39.17
C THR L 27 -7.59 -32.57 -38.30
N GLY L 28 -7.42 -33.24 -37.16
CA GLY L 28 -6.31 -32.93 -36.28
C GLY L 28 -4.96 -33.10 -36.93
N ALA L 29 -4.79 -34.17 -37.73
CA ALA L 29 -3.50 -34.42 -38.39
C ALA L 29 -3.15 -33.34 -39.39
N ALA L 30 -4.14 -32.64 -39.92
CA ALA L 30 -3.96 -31.56 -40.88
C ALA L 30 -3.74 -30.24 -40.16
N VAL L 31 -4.33 -30.10 -38.97
CA VAL L 31 -4.28 -28.84 -38.24
C VAL L 31 -2.97 -28.69 -37.46
N TRP L 32 -2.47 -29.77 -36.85
CA TRP L 32 -1.23 -29.63 -36.07
C TRP L 32 -0.08 -29.07 -36.87
N PRO L 33 0.24 -29.57 -38.07
CA PRO L 33 1.37 -28.99 -38.83
C PRO L 33 1.14 -27.55 -39.26
N LEU L 34 -0.11 -27.10 -39.33
CA LEU L 34 -0.40 -25.70 -39.65
C LEU L 34 -0.07 -24.80 -38.48
N ILE L 35 -0.08 -25.34 -37.27
CA ILE L 35 0.33 -24.56 -36.11
C ILE L 35 1.85 -24.63 -35.97
N ASN L 36 2.41 -25.83 -36.10
CA ASN L 36 3.83 -26.02 -35.82
C ASN L 36 4.72 -25.36 -36.86
N GLN L 37 4.20 -25.05 -38.05
CA GLN L 37 5.04 -24.38 -39.05
C GLN L 37 5.43 -23.00 -38.58
N MET L 38 4.68 -22.44 -37.63
CA MET L 38 4.99 -21.13 -37.08
C MET L 38 5.98 -21.21 -35.90
N ASN L 39 6.19 -22.39 -35.31
CA ASN L 39 7.19 -22.60 -34.28
C ASN L 39 8.60 -22.54 -34.86
N PRO L 40 9.62 -22.29 -34.02
CA PRO L 40 10.99 -22.05 -34.53
C PRO L 40 11.50 -23.11 -35.48
N SER L 41 11.99 -22.66 -36.63
CA SER L 41 12.52 -23.51 -37.69
C SER L 41 13.92 -23.99 -37.33
N ALA L 42 14.42 -24.90 -38.16
CA ALA L 42 15.66 -25.59 -37.81
C ALA L 42 16.83 -24.64 -37.76
N ASP L 43 16.79 -23.57 -38.57
CA ASP L 43 17.85 -22.58 -38.55
C ASP L 43 17.89 -21.86 -37.21
N VAL L 44 16.72 -21.66 -36.59
CA VAL L 44 16.61 -20.96 -35.31
C VAL L 44 16.95 -21.90 -34.15
N GLN L 45 16.42 -23.11 -34.16
CA GLN L 45 16.69 -24.05 -33.08
C GLN L 45 18.18 -24.32 -32.88
N ALA L 46 18.99 -24.14 -33.93
CA ALA L 46 20.39 -24.55 -33.92
C ALA L 46 21.35 -23.46 -33.44
N LEU L 47 20.91 -22.21 -33.30
CA LEU L 47 21.81 -21.13 -32.91
C LEU L 47 22.51 -21.44 -31.58
N ALA L 48 23.82 -21.23 -31.57
CA ALA L 48 24.68 -21.64 -30.47
C ALA L 48 25.44 -20.42 -29.93
N SER L 49 26.49 -20.66 -29.15
CA SER L 49 27.22 -19.61 -28.46
C SER L 49 27.95 -18.68 -29.44
N ILE L 50 28.39 -17.55 -28.89
CA ILE L 50 29.26 -16.59 -29.55
C ILE L 50 30.35 -16.19 -28.57
N PHE L 51 31.40 -15.52 -29.07
CA PHE L 51 32.52 -15.08 -28.26
C PHE L 51 32.76 -13.59 -28.43
N VAL L 52 33.05 -12.90 -27.32
CA VAL L 52 33.18 -11.44 -27.31
C VAL L 52 34.58 -11.12 -26.77
N ASP L 53 35.35 -10.37 -27.54
CA ASP L 53 36.65 -9.91 -27.05
C ASP L 53 36.44 -8.72 -26.13
N VAL L 54 37.10 -8.75 -24.97
CA VAL L 54 36.81 -7.82 -23.88
C VAL L 54 38.05 -7.07 -23.42
N SER L 55 39.22 -7.39 -23.98
CA SER L 55 40.48 -6.76 -23.58
C SER L 55 40.44 -5.23 -23.68
N SER L 56 39.55 -4.69 -24.49
CA SER L 56 39.48 -3.26 -24.76
C SER L 56 38.50 -2.54 -23.83
N VAL L 57 37.87 -3.26 -22.90
CA VAL L 57 36.81 -2.73 -22.06
C VAL L 57 37.46 -2.24 -20.76
N GLU L 58 37.48 -0.91 -20.54
CA GLU L 58 37.93 -0.35 -19.29
C GLU L 58 36.78 -0.32 -18.30
N PRO L 59 37.05 -0.21 -17.01
CA PRO L 59 35.94 -0.06 -16.07
C PRO L 59 35.15 1.19 -16.41
N GLY L 60 33.82 1.09 -16.29
CA GLY L 60 32.90 2.16 -16.62
C GLY L 60 32.40 2.11 -18.05
N VAL L 61 32.79 1.11 -18.83
CA VAL L 61 32.34 0.94 -20.21
C VAL L 61 31.38 -0.22 -20.22
N GLN L 62 30.25 -0.06 -20.90
CA GLN L 62 29.31 -1.14 -21.14
C GLN L 62 29.41 -1.50 -22.61
N LEU L 63 29.66 -2.78 -22.88
CA LEU L 63 29.62 -3.34 -24.22
C LEU L 63 28.25 -3.97 -24.42
N THR L 64 27.57 -3.62 -25.53
CA THR L 64 26.24 -4.15 -25.86
C THR L 64 26.32 -5.00 -27.14
N VAL L 65 25.88 -6.25 -27.04
CA VAL L 65 26.09 -7.27 -28.04
C VAL L 65 24.75 -7.95 -28.35
N LYS L 66 24.55 -8.33 -29.61
CA LYS L 66 23.31 -8.96 -30.03
C LYS L 66 23.46 -10.46 -29.91
N PHE L 67 22.47 -11.11 -29.32
CA PHE L 67 22.50 -12.55 -29.12
C PHE L 67 21.06 -13.07 -29.13
N LEU L 68 20.74 -13.91 -30.10
CA LEU L 68 19.39 -14.41 -30.28
C LEU L 68 18.40 -13.27 -30.49
N GLY L 69 18.82 -12.26 -31.25
CA GLY L 69 17.98 -11.14 -31.63
C GLY L 69 17.70 -10.13 -30.54
N LYS L 70 18.29 -10.30 -29.35
CA LYS L 70 18.11 -9.45 -28.19
C LYS L 70 19.44 -8.93 -27.69
N PRO L 71 19.45 -7.82 -26.96
CA PRO L 71 20.70 -7.27 -26.42
C PRO L 71 21.22 -8.01 -25.19
N ILE L 72 22.54 -8.15 -25.13
CA ILE L 72 23.24 -8.59 -23.94
C ILE L 72 24.18 -7.48 -23.47
N PHE L 73 24.10 -7.12 -22.18
CA PHE L 73 24.94 -6.06 -21.59
C PHE L 73 26.19 -6.68 -20.96
N ILE L 74 27.36 -6.14 -21.32
CA ILE L 74 28.63 -6.48 -20.67
C ILE L 74 29.25 -5.19 -20.13
N ARG L 75 29.10 -4.94 -18.83
CA ARG L 75 29.68 -3.76 -18.21
C ARG L 75 30.85 -4.19 -17.33
N ARG L 76 32.00 -3.56 -17.58
CA ARG L 76 33.15 -3.70 -16.69
C ARG L 76 32.94 -2.62 -15.64
N ARG L 77 32.53 -3.04 -14.46
CA ARG L 77 32.10 -2.11 -13.44
C ARG L 77 33.27 -1.38 -12.77
N THR L 78 33.01 -0.12 -12.45
CA THR L 78 33.90 0.75 -11.72
C THR L 78 33.79 0.42 -10.24
N GLU L 79 34.62 1.12 -9.47
CA GLU L 79 34.60 1.00 -8.01
C GLU L 79 33.26 1.42 -7.41
N ALA L 80 32.68 2.55 -7.87
CA ALA L 80 31.40 3.00 -7.34
C ALA L 80 30.30 1.98 -7.58
N ASP L 81 30.19 1.45 -8.80
CA ASP L 81 29.20 0.42 -9.09
C ASP L 81 29.31 -0.77 -8.14
N ILE L 82 30.54 -1.24 -7.89
CA ILE L 82 30.74 -2.43 -7.07
C ILE L 82 30.38 -2.14 -5.61
N GLU L 83 30.84 -1.01 -5.07
CA GLU L 83 30.52 -0.65 -3.69
C GLU L 83 29.02 -0.52 -3.50
N LEU L 84 28.35 0.22 -4.40
CA LEU L 84 26.90 0.35 -4.31
C LEU L 84 26.25 -1.01 -4.32
N GLY L 85 26.71 -1.91 -5.18
CA GLY L 85 26.07 -3.22 -5.29
C GLY L 85 26.18 -4.02 -4.01
N ARG L 86 27.34 -3.98 -3.37
CA ARG L 86 27.52 -4.75 -2.16
C ARG L 86 26.86 -4.08 -0.95
N SER L 87 26.57 -2.78 -1.04
CA SER L 87 25.99 -2.04 0.07
C SER L 87 24.48 -2.27 0.19
N VAL L 88 23.83 -2.78 -0.86
CA VAL L 88 22.39 -3.03 -0.84
C VAL L 88 22.13 -4.27 0.00
N GLN L 89 21.21 -4.14 0.96
CA GLN L 89 20.79 -5.28 1.74
C GLN L 89 19.72 -6.06 1.00
N LEU L 90 19.74 -7.39 1.22
CA LEU L 90 18.85 -8.32 0.53
C LEU L 90 17.38 -7.91 0.72
N GLY L 91 17.01 -7.51 1.93
CA GLY L 91 15.63 -7.13 2.21
C GLY L 91 15.17 -5.86 1.52
N GLN L 92 16.07 -5.14 0.84
CA GLN L 92 15.75 -3.91 0.11
C GLN L 92 15.45 -4.16 -1.36
N LEU L 93 15.59 -5.41 -1.81
CA LEU L 93 15.43 -5.72 -3.22
C LEU L 93 14.00 -6.14 -3.51
N VAL L 94 13.52 -5.74 -4.68
CA VAL L 94 12.22 -6.19 -5.17
C VAL L 94 12.26 -7.69 -5.42
N ASP L 95 13.30 -8.14 -6.11
CA ASP L 95 13.51 -9.54 -6.48
C ASP L 95 14.85 -10.01 -5.94
N THR L 96 14.83 -10.99 -5.02
CA THR L 96 16.02 -11.47 -4.30
C THR L 96 16.68 -12.68 -4.96
N ASN L 97 16.19 -13.12 -6.12
CA ASN L 97 16.77 -14.22 -6.88
C ASN L 97 17.84 -13.71 -7.84
N ALA L 98 18.90 -14.51 -7.99
CA ALA L 98 20.02 -14.09 -8.83
C ALA L 98 19.65 -14.06 -10.30
N ARG L 99 18.64 -14.85 -10.73
CA ARG L 99 18.26 -14.94 -12.15
C ARG L 99 19.49 -15.26 -13.00
N ASN L 100 20.24 -16.26 -12.55
CA ASN L 100 21.54 -16.59 -13.10
C ASN L 100 21.55 -18.03 -13.61
N ALA L 101 21.69 -18.19 -14.93
CA ALA L 101 21.66 -19.51 -15.56
C ALA L 101 22.86 -20.37 -15.21
N ASN L 102 23.94 -19.76 -14.70
CA ASN L 102 25.20 -20.42 -14.42
C ASN L 102 25.24 -21.10 -13.07
N ILE L 103 24.32 -20.80 -12.17
CA ILE L 103 24.32 -21.36 -10.82
C ILE L 103 22.92 -21.89 -10.49
N ASP L 104 22.78 -22.35 -9.25
CA ASP L 104 21.55 -22.94 -8.75
C ASP L 104 20.40 -21.96 -8.98
N ALA L 105 19.22 -22.51 -9.24
CA ALA L 105 18.07 -21.65 -9.53
C ALA L 105 17.64 -20.86 -8.29
N GLY L 106 17.94 -21.37 -7.08
CA GLY L 106 17.56 -20.71 -5.85
C GLY L 106 18.58 -19.76 -5.25
N ALA L 107 19.72 -19.54 -5.92
CA ALA L 107 20.78 -18.66 -5.40
C ALA L 107 20.29 -17.23 -5.15
N GLU L 108 20.88 -16.59 -4.12
CA GLU L 108 20.47 -15.23 -3.75
C GLU L 108 21.12 -14.15 -4.60
N ALA L 109 20.42 -13.01 -4.71
CA ALA L 109 20.81 -11.86 -5.54
C ALA L 109 21.82 -10.95 -4.87
N THR L 110 22.80 -11.52 -4.17
CA THR L 110 23.91 -10.73 -3.67
C THR L 110 24.75 -10.25 -4.85
N ASP L 111 25.44 -9.12 -4.65
CA ASP L 111 26.27 -8.56 -5.72
C ASP L 111 27.32 -9.57 -6.21
N GLN L 112 27.80 -10.47 -5.34
CA GLN L 112 28.78 -11.47 -5.76
C GLN L 112 28.16 -12.44 -6.76
N ASN L 113 26.88 -12.80 -6.58
CA ASN L 113 26.18 -13.74 -7.45
C ASN L 113 25.63 -13.10 -8.73
N ARG L 114 25.97 -11.84 -9.00
CA ARG L 114 25.48 -11.13 -10.18
C ARG L 114 26.58 -10.83 -11.18
N THR L 115 27.83 -11.19 -10.87
CA THR L 115 29.02 -10.96 -11.68
C THR L 115 29.72 -12.29 -11.98
N LEU L 116 30.55 -12.29 -13.03
CA LEU L 116 31.29 -13.50 -13.41
C LEU L 116 32.48 -13.77 -12.49
N ASP L 117 33.15 -12.73 -12.00
CA ASP L 117 34.35 -12.82 -11.18
C ASP L 117 34.02 -12.48 -9.72
N GLU L 118 34.95 -12.86 -8.83
CA GLU L 118 34.75 -12.59 -7.42
C GLU L 118 34.89 -11.11 -7.12
N ALA L 119 35.77 -10.42 -7.86
CA ALA L 119 35.95 -8.99 -7.69
C ALA L 119 34.72 -8.20 -8.14
N GLY L 120 33.83 -8.81 -8.91
CA GLY L 120 32.61 -8.14 -9.29
C GLY L 120 32.84 -7.08 -10.35
N GLU L 121 33.90 -7.23 -11.15
CA GLU L 121 34.21 -6.22 -12.15
C GLU L 121 33.40 -6.42 -13.43
N TRP L 122 33.07 -7.68 -13.78
CA TRP L 122 32.44 -8.05 -15.06
C TRP L 122 30.98 -8.43 -14.84
N LEU L 123 30.06 -7.52 -15.21
CA LEU L 123 28.61 -7.73 -15.14
C LEU L 123 28.07 -8.09 -16.53
N VAL L 124 27.66 -9.36 -16.70
CA VAL L 124 27.10 -9.87 -17.95
C VAL L 124 25.65 -10.27 -17.72
N MET L 125 24.74 -9.69 -18.50
CA MET L 125 23.32 -9.98 -18.34
C MET L 125 22.58 -9.65 -19.63
N TRP L 126 21.39 -10.25 -19.78
CA TRP L 126 20.45 -9.89 -20.86
C TRP L 126 19.98 -8.47 -20.71
N GLY L 127 20.20 -7.67 -21.73
CA GLY L 127 19.71 -6.31 -21.72
C GLY L 127 18.25 -6.24 -22.12
N VAL L 128 17.39 -7.02 -21.47
CA VAL L 128 16.00 -7.17 -21.86
C VAL L 128 15.16 -6.96 -20.61
N CYS L 129 14.53 -5.79 -20.53
CA CYS L 129 13.67 -5.43 -19.43
C CYS L 129 12.65 -6.52 -19.15
N THR L 130 12.53 -6.89 -17.87
CA THR L 130 11.66 -8.01 -17.49
C THR L 130 10.18 -7.66 -17.42
N HIS L 131 9.80 -6.39 -17.63
CA HIS L 131 8.40 -6.01 -17.77
C HIS L 131 7.91 -6.50 -19.13
N LEU L 132 8.22 -5.78 -20.20
CA LEU L 132 7.73 -6.14 -21.52
C LEU L 132 8.81 -6.10 -22.58
N GLY L 133 10.08 -6.22 -22.19
CA GLY L 133 11.10 -6.58 -23.16
C GLY L 133 11.87 -5.44 -23.79
N CYS L 134 11.58 -4.20 -23.43
CA CYS L 134 12.38 -3.11 -23.95
C CYS L 134 13.85 -3.17 -23.45
N VAL L 135 14.69 -2.27 -23.95
CA VAL L 135 16.11 -2.23 -23.60
C VAL L 135 16.31 -1.12 -22.57
N PRO L 136 16.79 -1.42 -21.36
CA PRO L 136 17.08 -0.31 -20.42
C PRO L 136 18.32 0.48 -20.82
N ILE L 137 18.30 1.77 -20.47
CA ILE L 137 19.39 2.69 -20.77
C ILE L 137 20.41 2.64 -19.64
N GLY L 138 21.67 2.43 -19.98
CA GLY L 138 22.74 2.30 -19.00
C GLY L 138 23.52 3.59 -18.84
N GLY L 139 24.83 3.47 -18.61
CA GLY L 139 25.64 4.65 -18.33
C GLY L 139 25.31 5.33 -17.02
N VAL L 140 25.02 4.54 -15.98
CA VAL L 140 24.62 5.09 -14.69
C VAL L 140 23.38 5.95 -14.82
N SER L 141 22.24 5.32 -15.14
CA SER L 141 20.95 5.99 -15.27
C SER L 141 20.00 5.53 -14.17
N GLY L 142 18.94 6.30 -13.95
CA GLY L 142 17.97 5.95 -12.94
C GLY L 142 18.36 6.49 -11.59
N ASP L 143 17.67 6.01 -10.55
CA ASP L 143 17.80 6.48 -9.17
C ASP L 143 18.68 5.57 -8.32
N PHE L 144 19.24 4.51 -8.90
CA PHE L 144 20.02 3.51 -8.17
C PHE L 144 21.35 3.27 -8.89
N GLY L 145 21.84 4.26 -9.62
CA GLY L 145 23.14 4.18 -10.26
C GLY L 145 23.32 2.99 -11.18
N GLY L 146 22.30 2.67 -11.99
CA GLY L 146 22.35 1.50 -12.86
C GLY L 146 21.72 1.69 -14.25
N TRP L 147 20.51 1.16 -14.45
CA TRP L 147 19.84 1.23 -15.73
C TRP L 147 18.44 1.78 -15.54
N PHE L 148 17.94 2.48 -16.57
CA PHE L 148 16.60 3.03 -16.59
C PHE L 148 15.88 2.57 -17.85
N CYS L 149 14.72 1.93 -17.70
CA CYS L 149 13.91 1.51 -18.85
C CYS L 149 12.90 2.58 -19.28
N PRO L 150 13.02 3.18 -20.47
CA PRO L 150 12.13 4.30 -20.83
C PRO L 150 10.74 3.88 -21.26
N CYS L 151 10.44 2.58 -21.33
CA CYS L 151 9.16 2.16 -21.86
C CYS L 151 8.04 2.33 -20.83
N HIS L 152 8.28 1.93 -19.59
CA HIS L 152 7.32 2.15 -18.53
C HIS L 152 8.00 2.51 -17.21
N GLY L 153 9.29 2.87 -17.23
CA GLY L 153 9.93 3.49 -16.07
C GLY L 153 10.51 2.58 -15.01
N SER L 154 11.14 1.47 -15.40
CA SER L 154 11.83 0.62 -14.44
C SER L 154 13.27 1.10 -14.16
N HIS L 155 13.66 1.02 -12.89
CA HIS L 155 15.02 1.35 -12.43
C HIS L 155 15.72 0.09 -11.93
N TYR L 156 16.93 -0.15 -12.45
CA TYR L 156 17.79 -1.23 -12.02
C TYR L 156 19.01 -0.60 -11.34
N ASP L 157 19.60 -1.32 -10.38
CA ASP L 157 20.73 -0.79 -9.62
C ASP L 157 22.04 -1.23 -10.29
N SER L 158 23.17 -1.03 -9.59
CA SER L 158 24.49 -1.23 -10.15
C SER L 158 24.83 -2.70 -10.40
N ALA L 159 24.03 -3.63 -9.87
CA ALA L 159 24.17 -5.05 -10.15
C ALA L 159 23.08 -5.56 -11.10
N GLY L 160 22.27 -4.66 -11.67
CA GLY L 160 21.22 -5.06 -12.58
C GLY L 160 20.00 -5.62 -11.89
N ARG L 161 19.83 -5.34 -10.59
CA ARG L 161 18.70 -5.84 -9.80
C ARG L 161 17.57 -4.82 -9.86
N ILE L 162 16.35 -5.33 -10.01
CA ILE L 162 15.18 -4.46 -10.09
C ILE L 162 14.88 -3.84 -8.73
N ARG L 163 14.64 -2.52 -8.74
CA ARG L 163 14.43 -1.75 -7.52
C ARG L 163 13.15 -0.91 -7.52
N LYS L 164 12.62 -0.57 -8.68
CA LYS L 164 11.52 0.38 -8.82
C LYS L 164 10.92 0.23 -10.21
N GLY L 165 9.57 0.27 -10.30
CA GLY L 165 8.87 0.21 -11.58
C GLY L 165 8.02 -1.04 -11.79
N PRO L 166 7.52 -1.25 -13.03
CA PRO L 166 6.66 -2.43 -13.28
C PRO L 166 7.38 -3.77 -13.44
N ALA L 167 8.67 -3.75 -13.75
CA ALA L 167 9.39 -4.98 -14.02
C ALA L 167 9.38 -5.89 -12.78
N PRO L 168 9.04 -7.19 -12.92
CA PRO L 168 8.93 -8.05 -11.74
C PRO L 168 10.25 -8.66 -11.28
N GLU L 169 11.24 -8.80 -12.16
CA GLU L 169 12.43 -9.58 -11.88
C GLU L 169 13.71 -8.86 -12.27
N ASN L 170 14.81 -9.33 -11.68
CA ASN L 170 16.14 -8.90 -12.07
C ASN L 170 16.42 -9.29 -13.52
N LEU L 171 17.23 -8.47 -14.20
CA LEU L 171 17.63 -8.78 -15.56
C LEU L 171 18.28 -10.16 -15.62
N PRO L 172 17.81 -11.09 -16.47
CA PRO L 172 18.37 -12.44 -16.40
C PRO L 172 19.80 -12.44 -16.92
N ILE L 173 20.60 -13.33 -16.33
CA ILE L 173 22.01 -13.50 -16.68
C ILE L 173 22.14 -14.77 -17.52
N PRO L 174 22.64 -14.70 -18.76
CA PRO L 174 22.75 -15.90 -19.59
C PRO L 174 23.91 -16.77 -19.15
N LEU L 175 23.98 -17.95 -19.75
CA LEU L 175 25.19 -18.74 -19.60
C LEU L 175 26.38 -17.94 -20.17
N ALA L 176 27.36 -17.63 -19.30
CA ALA L 176 28.50 -16.82 -19.69
C ALA L 176 29.71 -17.20 -18.86
N LYS L 177 30.86 -17.32 -19.51
CA LYS L 177 32.09 -17.69 -18.84
C LYS L 177 33.30 -17.23 -19.64
N PHE L 178 34.37 -16.86 -18.93
CA PHE L 178 35.63 -16.54 -19.60
C PHE L 178 36.31 -17.81 -20.11
N ILE L 179 36.49 -17.90 -21.43
CA ILE L 179 37.20 -19.02 -22.04
C ILE L 179 38.71 -18.82 -21.83
N ASP L 180 39.18 -17.58 -21.82
CA ASP L 180 40.56 -17.25 -21.46
C ASP L 180 40.56 -15.87 -20.80
N GLU L 181 41.74 -15.25 -20.71
CA GLU L 181 41.92 -13.98 -19.99
C GLU L 181 41.03 -12.85 -20.55
N THR L 182 40.70 -12.89 -21.83
CA THR L 182 40.14 -11.73 -22.52
C THR L 182 38.90 -12.03 -23.37
N THR L 183 38.34 -13.25 -23.31
CA THR L 183 37.23 -13.65 -24.17
C THR L 183 36.13 -14.26 -23.32
N ILE L 184 34.89 -13.76 -23.50
CA ILE L 184 33.70 -14.30 -22.83
C ILE L 184 32.92 -15.11 -23.84
N GLN L 185 32.52 -16.32 -23.45
CA GLN L 185 31.62 -17.16 -24.23
C GLN L 185 30.21 -17.03 -23.70
N LEU L 186 29.31 -16.48 -24.51
CA LEU L 186 27.88 -16.36 -24.21
C LEU L 186 27.07 -17.56 -24.72
N GLY L 187 26.12 -18.01 -23.91
CA GLY L 187 25.29 -19.15 -24.26
C GLY L 187 25.84 -20.49 -23.82
CHA HEM M . -5.69 20.71 55.19
CHB HEM M . -10.19 20.76 56.93
CHC HEM M . -11.77 18.11 53.28
CHD HEM M . -7.28 17.96 51.64
C1A HEM M . -6.80 20.96 55.94
C2A HEM M . -6.78 21.81 57.09
C3A HEM M . -8.00 21.84 57.58
C4A HEM M . -8.85 21.00 56.74
CMA HEM M . -8.48 22.64 58.83
CAA HEM M . -5.52 22.55 57.55
CBA HEM M . -5.28 23.67 56.51
CGA HEM M . -4.25 24.70 56.98
O1A HEM M . -3.08 24.74 56.45
O2A HEM M . -4.61 25.50 57.91
C1B HEM M . -11.03 20.09 56.07
C2B HEM M . -12.47 19.96 56.23
C3B HEM M . -12.90 19.25 55.22
C4B HEM M . -11.78 18.87 54.41
CMB HEM M . -13.29 20.60 57.38
CAB HEM M . -14.39 18.90 55.07
CBB HEM M . -14.99 18.49 53.93
C1C HEM M . -10.67 17.79 52.52
C2C HEM M . -10.71 16.88 51.38
C3C HEM M . -9.46 16.83 50.93
C4C HEM M . -8.61 17.70 51.75
CMC HEM M . -11.96 16.11 50.82
CAC HEM M . -9.10 15.97 49.70
CBC HEM M . -7.89 15.74 49.28
C1D HEM M . -6.50 18.68 52.47
C2D HEM M . -5.05 18.81 52.29
C3D HEM M . -4.58 19.57 53.28
C4D HEM M . -5.73 19.93 54.08
CMD HEM M . -4.25 18.16 51.13
CAD HEM M . -3.12 20.02 53.56
CBD HEM M . -2.79 21.27 52.75
CGD HEM M . -3.11 22.56 53.47
O1D HEM M . -3.61 23.53 52.87
O2D HEM M . -2.84 22.62 54.70
NA HEM M . -8.08 20.46 55.73
NB HEM M . -10.63 19.41 54.95
NC HEM M . -9.37 18.30 52.73
ND HEM M . -6.90 19.37 53.58
FE HEM M . -8.69 19.36 54.17
HHB HEM M . -10.58 21.10 57.76
HHC HEM M . -12.63 17.72 53.00
HHD HEM M . -6.83 17.57 50.85
HMA HEM M . -7.98 22.34 59.62
HMAA HEM M . -9.43 22.50 58.97
HMAB HEM M . -8.31 23.60 58.68
HAA HEM M . -4.76 21.95 57.57
HAAA HEM M . -5.66 22.94 58.43
HBA HEM M . -6.11 24.13 56.33
HBAA HEM M . -4.96 23.27 55.69
HMB HEM M . -14.23 20.37 57.27
HMBA HEM M . -13.18 21.56 57.35
HMBB HEM M . -12.97 20.26 58.23
HAB HEM M . -14.94 18.99 55.84
HBB HEM M . -15.94 18.29 53.93
HBBA HEM M . -14.47 18.39 53.12
HMC HEM M . -11.70 15.59 50.05
HMCA HEM M . -12.64 16.76 50.54
HMCB HEM M . -12.32 15.53 51.50
HAC HEM M . -9.83 15.58 49.22
HBC HEM M . -7.74 15.20 48.50
HBCA HEM M . -7.12 16.13 49.75
HMD HEM M . -3.31 18.39 51.23
HMDA HEM M . -4.59 18.50 50.28
HMDB HEM M . -4.36 17.20 51.17
HAD HEM M . -2.53 19.30 53.31
HADA HEM M . -3.03 20.21 54.51
HBD HEM M . -3.29 21.26 51.92
HBDA HEM M . -1.84 21.26 52.54
HHA HEM M . -4.82 20.81 55.63
CHA HEM N . -31.77 21.24 58.83
CHB HEM N . -27.87 20.69 56.17
CHC HEM N . -25.16 19.81 60.06
CHD HEM N . -29.27 19.54 62.57
C1A HEM N . -30.94 21.31 57.76
C2A HEM N . -31.21 21.89 56.45
C3A HEM N . -30.10 21.70 55.72
C4A HEM N . -29.12 21.04 56.57
CMA HEM N . -29.88 22.13 54.25
CAA HEM N . -32.52 22.55 55.91
CBA HEM N . -33.16 23.57 56.85
CGA HEM N . -32.06 24.36 57.45
O1A HEM N . -31.15 24.85 56.70
O2A HEM N . -32.11 24.44 58.69
C1B HEM N . -26.77 20.41 56.96
C2B HEM N . -25.41 20.19 56.48
C3B HEM N . -24.65 19.95 57.57
C4B HEM N . -25.54 19.99 58.74
CMB HEM N . -25.07 20.31 54.97
CAB HEM N . -23.14 19.66 57.72
CBB HEM N . -22.26 19.41 56.72
C1C HEM N . -26.08 19.70 61.10
C2C HEM N . -25.72 19.52 62.49
C3C HEM N . -26.83 19.46 63.19
C4C HEM N . -27.93 19.58 62.26
CMC HEM N . -24.24 19.46 62.85
CAC HEM N . -27.05 19.27 64.70
CBC HEM N . -26.16 18.89 65.62
C1D HEM N . -30.31 20.00 61.80
C2D HEM N . -31.67 20.17 62.22
C3D HEM N . -32.35 20.63 61.16
C4D HEM N . -31.45 20.78 60.06
CMD HEM N . -32.22 19.86 63.61
CAD HEM N . -33.84 21.00 61.05
CBD HEM N . -34.60 19.85 60.45
CGD HEM N . -36.03 20.27 60.27
O1D HEM N . -36.31 21.52 60.23
O2D HEM N . -36.84 19.31 60.17
NA HEM N . -29.66 20.82 57.80
NB HEM N . -26.83 20.26 58.33
NC HEM N . -27.45 19.74 60.99
ND HEM N . -30.21 20.36 60.47
FE HEM N . -28.56 20.33 59.26
HHB HEM N . -27.71 20.64 55.20
HHC HEM N . -24.25 20.02 60.30
HHD HEM N . -29.51 19.15 63.43
HMA HEM N . -28.97 21.87 53.97
HMAA HEM N . -29.98 23.10 54.17
HMAB HEM N . -30.53 21.69 53.68
HAA HEM N . -33.17 21.85 55.74
HAAA HEM N . -32.32 22.99 55.08
HBA HEM N . -33.66 23.12 57.55
HBAA HEM N . -33.75 24.16 56.35
HMB HEM N . -24.13 20.15 54.83
HMBA HEM N . -25.29 21.21 54.66
HMBB HEM N . -25.59 19.66 54.48
HAB HEM N . -22.79 19.65 58.61
HBB HEM N . -21.32 19.24 56.94
HBBA HEM N . -22.55 19.40 55.81
HMC HEM N . -24.14 19.34 63.81
HMCA HEM N . -23.81 20.28 62.58
HMCB HEM N . -23.83 18.73 62.38
HAC HEM N . -27.93 19.44 65.01
HBC HEM N . -26.43 18.82 66.55
HBCA HEM N . -25.25 18.70 65.37
HMD HEM N . -32.09 18.91 63.81
HMDA HEM N . -33.19 20.07 63.64
HMDB HEM N . -31.76 20.40 64.28
HAD HEM N . -33.94 21.79 60.48
HADA HEM N . -34.19 21.20 61.93
HBD HEM N . -34.56 19.09 61.05
HBDA HEM N . -34.21 19.62 59.59
HHA HEM N . -32.64 21.70 58.74
O6 FMX O . -7.51 23.00 67.32
C6 FMX O . -6.92 22.08 66.83
N2 FMX O . -5.59 21.74 66.98
N1 FMX O . -4.65 22.42 67.77
C21 FMX O . -4.44 22.05 69.16
C22 FMX O . -5.00 20.90 69.68
C23 FMX O . -4.74 20.61 71.01
C24 FMX O . -3.98 21.45 71.80
C25 FMX O . -3.44 22.60 71.25
C26 FMX O . -3.68 22.89 69.93
C3 FMX O . -5.23 20.64 66.24
O4 FMX O . -6.43 20.09 65.82
O3 FMX O . -4.09 20.29 65.98
C5 FMX O . -7.54 21.06 65.91
C7 FMX O . -7.79 21.74 64.57
C8 FMX O . -8.71 20.23 66.40
C9 FMX O . -9.98 20.20 65.81
C10 FMX O . -11.01 19.38 66.29
C11 FMX O . -10.72 18.59 67.36
C12 FMX O . -9.45 18.61 67.95
C13 FMX O . -8.45 19.40 67.47
O14 FMX O . -11.73 17.78 67.81
C15 FMX O . -11.32 16.56 68.36
C16 FMX O . -10.71 15.66 67.50
C17 FMX O . -10.27 14.45 68.00
C18 FMX O . -10.45 14.12 69.34
C19 FMX O . -11.06 15.03 70.18
C20 FMX O . -11.49 16.25 69.70
HN11 FMX O . -4.14 23.17 67.33
H221 FMX O . -5.58 20.26 69.06
H231 FMX O . -5.17 19.72 71.43
H241 FMX O . -3.81 21.21 72.83
H251 FMX O . -2.85 23.26 71.85
H261 FMX O . -3.28 23.77 69.47
H71 FMX O . -8.05 20.99 63.83
H72 FMX O . -6.89 22.25 64.26
H73 FMX O . -8.59 22.45 64.65
H91 FMX O . -10.17 20.83 64.97
H101 FMX O . -11.99 19.36 65.84
H121 FMX O . -9.27 17.96 68.78
H131 FMX O . -7.49 19.40 67.92
H161 FMX O . -10.57 15.93 66.48
H171 FMX O . -9.80 13.74 67.33
H181 FMX O . -10.12 13.17 69.71
H191 FMX O . -11.20 14.79 71.22
H201 FMX O . -11.96 16.94 70.36
C1 ASC P . -1.15 30.64 76.19
C2 ASC P . -2.58 30.81 76.04
C3 ASC P . -3.12 29.67 76.37
C4 ASC P . -2.04 28.72 76.81
C5 ASC P . -2.22 27.30 76.38
C6 ASC P . -3.18 26.50 77.21
O1 ASC P . -0.32 31.47 76.35
O2 ASC P . -3.15 31.96 75.58
O3 ASC P . -4.40 29.24 76.41
O4 ASC P . -0.93 29.29 76.10
O5 ASC P . -0.87 26.80 76.58
O6 ASC P . -3.46 25.24 76.58
H4 ASC P . -1.85 28.78 77.86
H5 ASC P . -2.50 27.27 75.33
H61 ASC P . -4.10 27.05 77.36
H62 ASC P . -2.72 26.33 78.17
HO2 ASC P . -3.78 32.31 76.22
HO5 ASC P . -0.47 27.34 77.28
HO6 ASC P . -2.77 24.57 76.76
SR SR Q . -8.94 21.56 98.59
N1 LOP R . -38.39 36.79 63.40
C1 LOP R . -38.06 37.76 64.45
C2 LOP R . -38.23 37.25 65.92
O1 LOP R . -37.74 35.91 66.12
P1 LOP R . -37.22 35.56 67.59
O2 LOP R . -35.66 35.70 67.47
O3 LOP R . -37.66 34.11 67.96
O4 LOP R . -37.83 36.49 68.61
C3 LOP R . -34.74 35.08 68.33
C4 LOP R . -33.45 34.57 67.71
C5 LOP R . -33.35 33.09 67.37
O5 LOP R . -32.95 35.37 66.63
O6 LOP R . -32.22 32.31 67.86
C6 LOP R . -31.92 36.12 66.90
O7 LOP R . -32.00 36.88 67.90
C7 LOP R . -30.87 36.46 65.78
C8 LOP R . -29.41 36.06 66.16
C9 LOP R . -28.43 36.59 65.07
C10 LOP R . -27.04 35.83 65.02
C11 LOP R . -26.03 36.56 64.04
C12 LOP R . -25.42 35.59 62.96
C13 LOP R . -24.31 36.24 62.07
C14 LOP R . -22.98 35.44 62.11
C15 LOP R . -21.88 35.79 61.41
C16 LOP R . -21.89 35.98 59.86
C17 LOP R . -20.49 35.70 59.24
C18 LOP R . -20.54 34.79 57.96
C19 LOP R . -19.20 34.82 57.16
C20 LOP R . -18.13 34.06 57.98
C21 LOP R . -16.71 34.06 57.37
C22 LOP R . -15.77 33.44 58.43
C23 LOP R . -14.47 32.98 57.78
C24 LOP R . -31.13 32.25 67.16
O8 LOP R . -31.09 32.89 66.09
C25 LOP R . -29.85 31.48 67.56
C26 LOP R . -28.74 32.40 68.17
C27 LOP R . -27.34 31.87 67.84
C28 LOP R . -26.32 32.16 68.97
C29 LOP R . -25.03 31.37 68.61
C30 LOP R . -23.66 31.82 69.21
C31 LOP R . -22.55 31.22 68.30
C32 LOP R . -21.13 31.58 68.79
C33 LOP R . -20.06 31.52 67.65
C34 LOP R . -18.60 31.31 68.24
C35 LOP R . -17.86 32.57 68.74
HN11 LOP R . -38.61 35.91 63.82
HN12 LOP R . -37.62 36.69 62.78
H11 LOP R . -38.73 38.60 64.31
H12 LOP R . -37.04 38.08 64.32
H21 LOP R . -39.28 37.29 66.19
H22 LOP R . -37.69 37.91 66.56
H31 LOP R . -35.22 34.24 68.82
H32 LOP R . -34.47 35.81 69.09
H4 LOP R . -32.72 34.70 68.50
H51 LOP R . -33.37 33.00 66.29
H52 LOP R . -34.23 32.61 67.75
H71 LOP R . -30.89 37.52 65.59
H72 LOP R . -31.16 35.93 64.87
H81 LOP R . -29.34 34.97 66.21
H82 LOP R . -29.16 36.49 67.11
H91 LOP R . -28.24 37.64 65.25
H92 LOP R . -28.91 36.46 64.10
H101 LOP R . -27.20 34.82 64.68
H102 LOP R . -26.61 35.82 66.02
H111 LOP R . -25.22 36.99 64.62
H112 LOP R . -26.56 37.36 63.52
H121 LOP R . -26.23 35.25 62.32
H122 LOP R . -25.03 34.71 63.47
H131 LOP R . -24.11 37.25 62.41
H132 LOP R . -24.64 36.31 61.04
H14 LOP R . -22.85 34.76 62.95
H15 LOP R . -20.93 35.85 61.93
H161 LOP R . -22.15 37.02 59.67
H162 LOP R . -22.64 35.33 59.41
H171 LOP R . -19.84 35.24 59.97
H172 LOP R . -20.05 36.65 58.93
H181 LOP R . -21.34 35.15 57.31
H182 LOP R . -20.76 33.77 58.25
H191 LOP R . -18.87 35.83 56.99
H192 LOP R . -19.32 34.31 56.21
H201 LOP R . -18.46 33.03 58.11
H202 LOP R . -18.07 34.53 58.95
H211 LOP R . -16.40 35.08 57.15
H212 LOP R . -16.69 33.47 56.45
H221 LOP R . -16.25 32.59 58.90
H222 LOP R . -15.54 34.18 59.20
H231 LOP R . -13.74 32.74 58.55
H232 LOP R . -14.08 33.77 57.15
H233 LOP R . -14.67 32.09 57.17
H251 LOP R . -29.43 30.98 66.70
H252 LOP R . -30.11 30.71 68.29
H261 LOP R . -28.86 32.38 69.25
H262 LOP R . -28.86 33.41 67.80
H271 LOP R . -26.99 32.28 66.90
H272 LOP R . -27.42 30.79 67.74
H281 LOP R . -26.71 31.80 69.92
H282 LOP R . -26.11 33.22 69.03
H291 LOP R . -24.93 31.43 67.53
H292 LOP R . -25.18 30.32 68.87
H301 LOP R . -23.56 31.45 70.23
H302 LOP R . -23.60 32.90 69.19
H311 LOP R . -22.67 31.57 67.28
H312 LOP R . -22.64 30.14 68.27
H321 LOP R . -20.85 30.85 69.55
H322 LOP R . -21.13 32.57 69.23
H331 LOP R . -20.08 32.45 67.08
H332 LOP R . -20.29 30.69 66.99
H341 LOP R . -18.00 30.87 67.45
H342 LOP R . -18.66 30.58 69.05
H351 LOP R . -16.82 32.32 68.96
H352 LOP R . -18.34 32.95 69.64
H353 LOP R . -17.88 33.34 67.97
FE HEC S . 18.98 36.95 63.64
CHA HEC S . 17.13 35.12 65.68
CHB HEC S . 16.11 38.52 62.47
CHC HEC S . 20.82 38.76 61.55
CHD HEC S . 21.84 35.28 64.71
NA HEC S . 16.95 36.86 63.95
C1A HEC S . 16.44 36.03 64.90
C2A HEC S . 15.01 36.25 64.98
C3A HEC S . 14.70 37.19 64.10
C4A HEC S . 15.92 37.58 63.45
CMA HEC S . 13.29 37.75 63.84
CAA HEC S . 14.06 35.48 65.93
CBA HEC S . 13.60 36.33 67.10
CGA HEC S . 12.48 35.50 67.64
O1A HEC S . 12.72 34.27 67.79
O2A HEC S . 11.38 36.06 67.88
NB HEC S . 18.56 38.38 62.30
C1B HEC S . 17.32 38.86 61.91
C2B HEC S . 17.52 39.82 60.83
C3B HEC S . 18.84 39.88 60.59
C4B HEC S . 19.48 39.00 61.53
CMB HEC S . 16.38 40.58 60.08
CAB HEC S . 19.58 40.75 59.53
CBB HEC S . 19.30 42.24 59.69
NC HEC S . 20.97 36.99 63.22
C1C HEC S . 21.51 37.86 62.33
C2C HEC S . 22.92 37.63 62.23
C3C HEC S . 23.23 36.75 63.21
C4C HEC S . 21.99 36.28 63.78
CMC HEC S . 23.85 38.53 61.38
CAC HEC S . 24.58 36.11 63.64
CBC HEC S . 25.79 37.07 63.79
ND HEC S . 19.42 35.42 64.96
C1D HEC S . 20.65 34.92 65.29
C2D HEC S . 20.51 33.95 66.35
C3D HEC S . 19.03 33.91 66.66
C4D HEC S . 18.46 34.86 65.75
CMD HEC S . 21.59 33.13 67.05
CAD HEC S . 18.33 33.05 67.73
CBD HEC S . 17.94 34.00 68.89
CGD HEC S . 17.36 33.23 70.05
O1D HEC S . 17.39 33.76 71.21
O2D HEC S . 16.91 32.08 69.78
HHA HEC S . 16.57 34.59 66.29
HHB HEC S . 15.31 38.98 62.14
HHC HEC S . 21.36 39.31 60.95
HHD HEC S . 22.65 34.80 64.99
HMA1 HEC S . 13.04 37.59 62.90
HMA2 HEC S . 13.29 38.72 64.02
HMA3 HEC S . 12.65 37.31 64.43
HAA1 HEC S . 14.53 34.70 66.28
HAA2 HEC S . 13.28 35.19 65.43
HBA1 HEC S . 13.27 37.19 66.80
HBA2 HEC S . 14.30 36.44 67.76
HMB1 HEC S . 16.41 40.36 59.14
HMB2 HEC S . 16.50 41.54 60.20
HMB3 HEC S . 15.52 40.31 60.45
HAB HEC S . 20.53 40.60 59.62
HBB1 HEC S . 20.12 42.72 59.85
HBB2 HEC S . 18.69 42.38 60.43
HBB3 HEC S . 18.88 42.58 58.87
HMC1 HEC S . 24.29 37.99 60.70
HMC2 HEC S . 24.53 38.93 61.95
HMC3 HEC S . 23.33 39.23 60.95
HAC HEC S . 24.45 35.63 64.46
HBC1 HEC S . 26.12 37.03 64.70
HBC2 HEC S . 25.52 37.98 63.58
HBC3 HEC S . 26.50 36.80 63.17
HMD1 HEC S . 21.60 33.34 68.01
HMD2 HEC S . 22.47 33.36 66.67
HMD3 HEC S . 21.41 32.18 66.93
HAD1 HEC S . 18.92 32.36 68.06
HAD2 HEC S . 17.53 32.65 67.36
HBD1 HEC S . 17.28 34.64 68.57
HBD2 HEC S . 18.74 34.47 69.19
SR SR T . 1.15 49.03 61.09
C1 BOG U . -6.61 44.18 56.13
O1 BOG U . -7.66 44.57 55.33
C2 BOG U . -5.24 44.45 55.48
O2 BOG U . -5.03 43.58 54.32
C3 BOG U . -4.08 44.22 56.39
O3 BOG U . -2.93 44.85 55.76
C4 BOG U . -4.26 44.80 57.77
O4 BOG U . -3.28 44.22 58.67
C5 BOG U . -5.64 44.56 58.37
O5 BOG U . -6.73 44.90 57.44
C6 BOG U . -5.84 45.45 59.59
O6 BOG U . -7.23 45.72 59.66
C1' BOG U . -8.89 44.07 55.83
C2' BOG U . -10.06 44.67 55.03
C3' BOG U . -11.39 44.35 55.73
C4' BOG U . -11.89 42.98 55.29
C5' BOG U . -12.57 42.19 56.43
C6' BOG U . -14.03 42.61 56.61
C7' BOG U . -14.72 41.72 57.67
C8' BOG U . -14.24 42.11 59.09
H1 BOG U . -6.68 43.23 56.30
H2 BOG U . -5.22 45.36 55.18
HO2 BOG U . -4.93 44.06 53.62
H3 BOG U . -3.93 43.26 56.47
HO3 BOG U . -2.50 44.26 55.31
H4 BOG U . -4.11 45.75 57.72
HO4 BOG U . -2.92 44.85 59.13
H5 BOG U . -5.72 43.64 58.64
H61 BOG U . -5.34 46.27 59.47
H62 BOG U . -5.54 44.98 60.38
HO6 BOG U . -7.66 45.01 59.46
H1'1 BOG U . -8.97 44.32 56.77
H1'2 BOG U . -8.90 43.10 55.76
H2'1 BOG U . -10.07 44.29 54.15
H2'2 BOG U . -9.95 45.62 54.96
H3'1 BOG U . -12.05 45.03 55.50
H3'2 BOG U . -11.26 44.36 56.70
H4'1 BOG U . -11.14 42.46 54.96
H4'2 BOG U . -12.53 43.09 54.57
H5'1 BOG U . -12.08 42.37 57.25
H5'2 BOG U . -12.53 41.25 56.23
H6'1 BOG U . -14.50 42.52 55.77
H6'2 BOG U . -14.07 43.55 56.89
H7'1 BOG U . -15.68 41.84 57.60
H7'2 BOG U . -14.49 40.80 57.50
H8'1 BOG U . -14.66 41.52 59.73
H8'2 BOG U . -13.28 42.03 59.14
H8'3 BOG U . -14.51 43.03 59.28
FE1 FES V . 8.82 4.38 20.16
FE2 FES V . 5.85 3.48 19.90
S1 FES V . 7.69 3.13 18.76
S2 FES V . 7.00 4.60 21.39
CHA HEM W . -2.66 0.91 43.62
CHB HEM W . -6.73 -0.19 41.29
CHC HEM W . -9.19 1.95 44.81
CHD HEM W . -5.10 3.16 47.04
C1A HEM W . -3.57 0.41 42.76
C2A HEM W . -3.19 -0.39 41.62
C3A HEM W . -4.28 -0.70 40.96
C4A HEM W . -5.41 -0.09 41.66
CMA HEM W . -4.34 -1.59 39.67
CAA HEM W . -1.74 -0.83 41.30
CBA HEM W . -1.34 -1.84 42.38
CGA HEM W . 0.03 -2.43 42.11
O1A HEM W . 0.84 -2.55 43.08
O2A HEM W . 0.32 -2.78 40.92
C1B HEM W . -7.79 0.28 42.02
C2B HEM W . -9.22 0.20 41.66
C3B HEM W . -9.86 0.80 42.68
C4B HEM W . -8.89 1.26 43.64
CMB HEM W . -9.70 -0.49 40.33
CAB HEM W . -11.34 1.06 42.94
CBB HEM W . -12.31 0.87 42.05
C1C HEM W . -8.31 2.52 45.68
C2C HEM W . -8.67 3.44 46.76
C3C HEM W . -7.51 3.77 47.34
C4C HEM W . -6.43 3.06 46.67
CMC HEM W . -10.11 3.93 47.08
CAC HEM W . -7.18 4.68 48.54
CBC HEM W . -7.99 5.20 49.44
C1D HEM W . -4.06 2.68 46.32
C2D HEM W . -2.64 2.80 46.65
C3D HEM W . -1.96 2.17 45.70
C4D HEM W . -2.94 1.65 44.74
CMD HEM W . -2.03 3.50 47.87
CAD HEM W . -0.43 2.02 45.60
CBD HEM W . -0.05 0.88 46.54
CGD HEM W . -0.04 -0.44 45.80
O1D HEM W . -0.67 -1.43 46.31
O2D HEM W . 0.57 -0.49 44.68
NA HEM W . -4.94 0.62 42.76
NB HEM W . -7.62 0.93 43.23
NC HEM W . -6.95 2.30 45.64
ND HEM W . -4.22 1.97 45.15
FE HEM W . -5.92 1.44 44.17
HHB HEM W . -6.94 -0.79 40.54
HHC HEM W . -10.14 2.01 45.04
HHD HEM W . -4.91 3.45 47.96
HMA HEM W . -3.82 -1.16 38.96
HMAA HEM W . -5.28 -1.67 39.38
HMAB HEM W . -3.98 -2.48 39.87
HAA HEM W . -1.14 -0.06 41.33
HAAA HEM W . -1.70 -1.24 40.43
HBA HEM W . -1.99 -2.56 42.40
HBAA HEM W . -1.32 -1.39 43.24
HMB HEM W . -10.66 -0.43 40.27
HMBA HEM W . -9.42 -1.42 40.34
HMBB HEM W . -9.30 -0.04 39.57
HAB HEM W . -11.59 1.38 43.80
HBB HEM W . -13.24 1.06 42.30
HBBA HEM W . -12.10 0.55 41.16
HMC HEM W . -10.08 4.53 47.84
HMCA HEM W . -10.66 3.16 47.29
HMCB HEM W . -10.48 4.39 46.32
HAC HEM W . -6.25 4.91 48.65
HBC HEM W . -7.64 5.76 50.15
HBCA HEM W . -8.94 5.01 49.40
HMD HEM W . -1.06 3.42 47.84
HMDA HEM W . -2.36 3.08 48.69
HMDB HEM W . -2.29 4.45 47.86
HAD HEM W . 0.00 2.84 45.89
HADA HEM W . -0.17 1.81 44.70
HBD HEM W . -0.68 0.83 47.27
HBDA HEM W . 0.84 1.04 46.90
HHA HEM W . -1.71 0.82 43.38
CHA HEM X . -27.12 -5.57 36.54
CHB HEM X . -23.79 -4.08 39.71
CHC HEM X . -20.94 -2.74 36.08
CHD HEM X . -24.64 -3.20 33.11
C1A HEM X . -26.40 -5.40 37.71
C2A HEM X . -26.67 -6.01 38.99
C3A HEM X . -25.76 -5.58 39.86
C4A HEM X . -24.85 -4.71 39.16
CMA HEM X . -25.65 -5.96 41.35
CAA HEM X . -27.84 -6.97 39.28
CBA HEM X . -27.33 -8.40 39.33
CGA HEM X . -26.92 -8.91 37.97
O1A HEM X . -25.74 -9.30 37.85
O2A HEM X . -27.73 -8.95 37.02
C1B HEM X . -22.73 -3.59 39.01
C2B HEM X . -21.51 -3.03 39.60
C3B HEM X . -20.70 -2.67 38.56
C4B HEM X . -21.41 -2.97 37.34
CMB HEM X . -21.33 -2.98 41.15
CAB HEM X . -19.27 -2.02 38.48
CBB HEM X . -18.60 -1.46 39.48
C1C HEM X . -21.68 -2.71 34.92
C2C HEM X . -21.18 -2.36 33.59
C3C HEM X . -22.22 -2.50 32.74
C4C HEM X . -23.36 -2.93 33.54
CMC HEM X . -19.69 -1.94 33.36
CAC HEM X . -22.31 -2.26 31.20
CBC HEM X . -21.40 -1.74 30.35
C1D HEM X . -25.61 -3.93 33.76
C2D HEM X . -26.79 -4.48 33.13
C3D HEM X . -27.48 -5.12 34.07
C4D HEM X . -26.76 -5.02 35.32
CMD HEM X . -27.08 -4.26 31.64
CAD HEM X . -28.80 -5.87 33.92
CBD HEM X . -29.88 -5.16 34.69
CGD HEM X . -31.20 -5.75 34.33
O1D HEM X . -31.24 -6.96 33.95
O2D HEM X . -32.20 -4.97 34.46
NA HEM X . -25.25 -4.62 37.85
NB HEM X . -22.65 -3.53 37.63
NC HEM X . -23.01 -3.09 34.85
ND HEM X . -25.62 -4.28 35.08
FE HEM X . -24.14 -3.86 36.21
HHB HEM X . -23.69 -4.14 40.69
HHC HEM X . -19.96 -2.64 35.99
HHD HEM X . -24.90 -2.82 32.24
HMA HEM X . -24.89 -5.50 41.76
HMAA HEM X . -25.53 -6.93 41.44
HMAB HEM X . -26.48 -5.70 41.82
HAA HEM X . -28.51 -6.89 38.58
HAAA HEM X . -28.24 -6.73 40.13
HBA HEM X . -28.04 -8.97 39.67
HBAA HEM X . -26.57 -8.44 39.93
HMB HEM X . -20.47 -2.58 41.36
HMBA HEM X . -21.36 -3.87 41.52
HMBB HEM X . -22.03 -2.44 41.54
HAB HEM X . -18.85 -2.02 37.61
HBB HEM X . -17.73 -1.09 39.33
HBBA HEM X . -18.99 -1.43 40.37
HMC HEM X . -19.50 -1.15 33.88
HMCA HEM X . -19.54 -1.75 32.42
HMCB HEM X . -19.10 -2.66 33.64
HAC HEM X . -23.15 -2.49 30.81
HBC HEM X . -21.62 -1.66 29.40
HBCA HEM X . -20.52 -1.48 30.67
HMD HEM X . -27.16 -3.30 31.46
HMDA HEM X . -27.93 -4.70 31.40
HMDB HEM X . -26.35 -4.63 31.09
HAD HEM X . -28.70 -6.78 34.25
HADA HEM X . -29.04 -5.91 32.97
HBD HEM X . -29.88 -4.23 34.46
HBDA HEM X . -29.72 -5.27 35.64
HHA HEM X . -28.02 -5.92 36.62
O6 FMX Y . -1.92 -1.72 31.65
C6 FMX Y . -1.76 -0.64 32.11
N2 FMX Y . -0.62 0.08 32.07
N1 FMX Y . 0.55 -0.35 31.41
C21 FMX Y . 0.83 0.03 30.05
C22 FMX Y . 0.16 1.08 29.41
C23 FMX Y . 0.48 1.39 28.10
C24 FMX Y . 1.45 0.66 27.44
C25 FMX Y . 2.10 -0.40 28.09
C26 FMX Y . 1.80 -0.70 29.39
C3 FMX Y . -0.72 1.29 32.73
O4 FMX Y . -1.93 1.24 33.40
O3 FMX Y . 0.07 2.19 32.76
C5 FMX Y . -2.79 0.16 32.91
C7 FMX Y . -3.21 -0.73 34.07
C8 FMX Y . -3.95 0.80 32.17
C9 FMX Y . -5.28 0.69 32.61
C10 FMX Y . -6.30 1.30 31.91
C11 FMX Y . -6.02 2.02 30.78
C12 FMX Y . -4.71 2.16 30.34
C13 FMX Y . -3.67 1.54 31.02
O14 FMX Y . -7.07 2.62 30.09
C15 FMX Y . -6.93 3.94 29.72
C16 FMX Y . -6.97 4.85 30.74
C17 FMX Y . -6.84 6.19 30.45
C18 FMX Y . -6.64 6.61 29.14
C19 FMX Y . -6.58 5.68 28.13
C20 FMX Y . -6.73 4.33 28.42
HN11 FMX Y . 1.17 -0.93 31.94
H221 FMX Y . -0.58 1.62 29.95
H231 FMX Y . -0.03 2.19 27.60
H241 FMX Y . 1.69 0.89 26.43
H251 FMX Y . 2.86 -0.95 27.57
H261 FMX Y . 2.28 -1.50 29.91
H71 FMX Y . -3.71 -0.12 34.82
H72 FMX Y . -2.35 -1.20 34.51
H73 FMX Y . -3.90 -1.49 33.73
H91 FMX Y . -5.49 0.13 33.49
H101 FMX Y . -7.31 1.21 32.24
H121 FMX Y . -4.51 2.72 29.45
H131 FMX Y . -2.67 1.64 30.69
H161 FMX Y . -7.13 4.51 31.73
H171 FMX Y . -6.88 6.91 31.24
H181 FMX Y . -6.52 7.65 28.92
H191 FMX Y . -6.42 5.98 27.12
H201 FMX Y . -6.68 3.60 27.64
C1 ASC Z . 7.19 -6.96 23.57
C2 ASC Z . 5.82 -7.43 23.76
C3 ASC Z . 4.98 -6.47 23.42
C4 ASC Z . 5.81 -5.34 22.89
C5 ASC Z . 5.13 -4.04 23.28
C6 ASC Z . 4.29 -3.57 22.13
O1 ASC Z . 8.21 -7.60 23.55
O2 ASC Z . 5.53 -8.68 24.28
O3 ASC Z . 3.64 -6.29 23.38
O4 ASC Z . 7.13 -5.58 23.45
O5 ASC Z . 6.21 -3.16 23.59
O6 ASC Z . 3.52 -2.49 22.70
H4 ASC Z . 5.89 -5.38 21.82
H5 ASC Z . 4.51 -4.22 24.16
H61 ASC Z . 3.66 -4.36 21.75
H62 ASC Z . 4.95 -3.21 21.35
HO2 ASC Z . 5.39 -9.32 23.58
HO5 ASC Z . 6.30 -3.13 24.55
HO6 ASC Z . 4.03 -1.67 22.77
N1 LOP AA . -29.38 -21.67 31.29
C1 LOP AA . -28.77 -22.66 30.41
C2 LOP AA . -28.78 -22.24 28.93
O1 LOP AA . -28.61 -20.84 28.77
P1 LOP AA . -27.97 -20.36 27.40
O2 LOP AA . -26.56 -19.80 27.85
O3 LOP AA . -28.86 -19.24 26.77
O4 LOP AA . -27.93 -21.45 26.35
C3 LOP AA . -25.53 -19.22 27.04
C4 LOP AA . -24.33 -18.56 27.71
C5 LOP AA . -24.40 -17.06 28.05
O5 LOP AA . -23.74 -19.30 28.81
O6 LOP AA . -23.33 -16.19 27.62
C6 LOP AA . -22.51 -19.69 28.69
O7 LOP AA . -22.20 -20.41 27.69
C7 LOP AA . -21.59 -19.64 29.99
C8 LOP AA . -20.05 -19.73 29.70
C9 LOP AA . -19.24 -18.61 30.43
C10 LOP AA . -17.74 -18.94 30.70
C11 LOP AA . -17.12 -18.04 31.86
C12 LOP AA . -16.44 -18.87 33.02
C13 LOP AA . -15.80 -18.00 34.16
C14 LOP AA . -14.26 -17.90 33.99
C15 LOP AA . -13.41 -17.43 34.92
C16 LOP AA . -13.85 -17.09 36.38
C17 LOP AA . -12.63 -16.68 37.24
C18 LOP AA . -13.00 -16.05 38.63
C19 LOP AA . -12.04 -16.49 39.78
C20 LOP AA . -11.04 -15.42 40.26
C21 LOP AA . -10.26 -14.71 39.12
C22 LOP AA . -9.15 -13.78 39.67
C23 LOP AA . -8.43 -13.13 38.48
C24 LOP AA . -22.46 -15.63 28.44
O8 LOP AA . -22.85 -15.30 29.59
C25 LOP AA . -21.19 -14.88 27.90
C26 LOP AA . -19.81 -15.50 28.24
C27 LOP AA . -18.74 -14.75 27.40
C28 LOP AA . -17.27 -14.98 27.82
C29 LOP AA . -16.39 -13.77 27.38
C30 LOP AA . -14.98 -13.86 28.00
C31 LOP AA . -14.35 -12.46 28.28
C32 LOP AA . -13.12 -12.51 29.24
C33 LOP AA . -11.79 -12.69 28.44
C34 LOP AA . -10.54 -12.84 29.34
C35 LOP AA . -9.29 -13.04 28.46
HN11 LOP AA . -29.61 -20.85 30.76
HN12 LOP AA . -28.72 -21.42 32.01
H11 LOP AA . -29.36 -23.57 30.51
H12 LOP AA . -27.75 -22.84 30.73
H21 LOP AA . -29.70 -22.55 28.47
H22 LOP AA . -27.95 -22.74 28.43
H31 LOP AA . -26.01 -18.46 26.42
H32 LOP AA . -25.16 -20.00 26.39
H4 LOP AA . -23.56 -18.60 26.95
H51 LOP AA . -24.49 -16.96 29.13
H52 LOP AA . -25.31 -16.67 27.61
H71 LOP AA . -21.87 -20.47 30.62
H72 LOP AA . -21.81 -18.73 30.53
H81 LOP AA . -19.88 -19.66 28.62
H82 LOP AA . -19.70 -20.70 30.05
H91 LOP AA . -19.73 -18.39 31.37
H92 LOP AA . -19.29 -17.72 29.81
H101 LOP AA . -17.16 -18.77 29.79
H102 LOP AA . -17.64 -19.99 30.97
H111 LOP AA . -17.92 -17.44 32.28
H112 LOP AA . -16.38 -17.38 31.43
H121 LOP AA . -15.68 -19.50 32.57
H122 LOP AA . -17.18 -19.53 33.45
H131 LOP AA . -16.03 -18.43 35.12
H132 LOP AA . -16.22 -16.99 34.14
H14 LOP AA . -13.85 -18.25 33.05
H15 LOP AA . -12.35 -17.64 34.77
H161 LOP AA . -14.27 -18.00 36.81
H162 LOP AA . -14.62 -16.31 36.38
H171 LOP AA . -12.03 -15.97 36.68
H172 LOP AA . -12.02 -17.55 37.43
H181 LOP AA . -14.00 -16.39 38.88
H182 LOP AA . -13.01 -14.97 38.56
H191 LOP AA . -11.49 -17.38 39.46
H192 LOP AA . -12.67 -16.73 40.63
H201 LOP AA . -10.34 -15.89 40.93
H202 LOP AA . -11.60 -14.67 40.81
H211 LOP AA . -10.96 -14.12 38.54
H212 LOP AA . -9.81 -15.45 38.47
H221 LOP AA . -8.45 -14.36 40.26
H222 LOP AA . -9.60 -13.00 40.28
H231 LOP AA . -7.80 -12.32 38.84
H232 LOP AA . -9.17 -12.73 37.79
H233 LOP AA . -7.82 -13.86 37.98
H251 LOP AA . -21.20 -13.88 28.32
H252 LOP AA . -21.26 -14.77 26.82
H261 LOP AA . -19.81 -16.56 27.98
H262 LOP AA . -19.60 -15.38 29.31
H271 LOP AA . -18.94 -13.69 27.51
H272 LOP AA . -18.85 -15.01 26.36
H281 LOP AA . -16.90 -15.89 27.37
H282 LOP AA . -17.21 -15.08 28.91
H291 LOP AA . -16.87 -12.86 27.74
H292 LOP AA . -16.31 -13.75 26.30
H301 LOP AA . -14.33 -14.43 27.34
H302 LOP AA . -15.05 -14.38 28.95
H311 LOP AA . -15.13 -11.86 28.75
H312 LOP AA . -14.08 -11.99 27.35
H321 LOP AA . -13.23 -13.31 29.96
H322 LOP AA . -13.05 -11.56 29.77
H331 LOP AA . -11.66 -11.83 27.80
H332 LOP AA . -11.89 -13.58 27.82
H341 LOP AA . -10.68 -13.69 30.00
H342 LOP AA . -10.43 -11.95 29.94
H351 LOP AA . -8.44 -13.28 29.10
H352 LOP AA . -9.08 -12.13 27.91
H353 LOP AA . -9.47 -13.85 27.76
FE HEC BA . 25.83 -9.03 38.78
CHA HEC BA . 23.71 -7.78 36.46
CHB HEC BA . 23.52 -11.51 39.56
CHC HEC BA . 27.96 -10.48 41.13
CHD HEC BA . 28.16 -6.71 38.06
NA HEC BA . 24.00 -9.56 38.14
C1A HEC BA . 23.28 -8.87 37.18
C2A HEC BA . 22.00 -9.52 37.06
C3A HEC BA . 21.95 -10.53 37.92
C4A HEC BA . 23.19 -10.59 38.61
CMA HEC BA . 20.80 -11.52 38.15
CAA HEC BA . 20.87 -9.07 36.13
CBA HEC BA . 20.86 -9.78 34.79
CGA HEC BA . 19.91 -8.98 33.95
O1A HEC BA . 20.12 -7.76 33.80
O2A HEC BA . 18.94 -9.57 33.42
NB HEC BA . 25.79 -10.72 40.04
C1B HEC BA . 24.69 -11.52 40.28
C2B HEC BA . 24.97 -12.37 41.41
C3B HEC BA . 26.21 -12.09 41.85
C4B HEC BA . 26.73 -11.05 40.99
CMB HEC BA . 24.00 -13.40 42.02
CAB HEC BA . 26.96 -12.72 43.04
CBB HEC BA . 27.11 -14.24 42.92
NC HEC BA . 27.69 -8.67 39.50
C1C HEC BA . 28.41 -9.38 40.45
C2C HEC BA . 29.70 -8.74 40.64
C3C HEC BA . 29.79 -7.76 39.70
C4C HEC BA . 28.50 -7.65 39.02
CMC HEC BA . 30.79 -9.33 41.55
CAC HEC BA . 30.93 -6.73 39.42
CBC HEC BA . 32.32 -7.39 39.34
ND HEC BA . 25.91 -7.48 37.49
C1D HEC BA . 27.03 -6.68 37.30
C2D HEC BA . 26.82 -5.81 36.18
C3D HEC BA . 25.43 -6.16 35.68
C4D HEC BA . 24.94 -7.20 36.55
CMD HEC BA . 27.76 -4.76 35.56
CAD HEC BA . 24.75 -5.50 34.47
CBD HEC BA . 25.06 -6.40 33.28
CGD HEC BA . 24.46 -5.80 32.05
O1D HEC BA . 23.54 -4.98 32.24
O2D HEC BA . 24.88 -6.12 30.89
HHA HEC BA . 23.08 -7.40 35.82
HHB HEC BA . 22.87 -12.23 39.74
HHC HEC BA . 28.57 -10.89 41.78
HHD HEC BA . 28.81 -5.98 37.92
HMA1 HEC BA . 20.50 -11.45 39.08
HMA2 HEC BA . 21.10 -12.43 37.96
HMA3 HEC BA . 20.05 -11.29 37.55
HAA1 HEC BA . 20.97 -8.11 35.96
HAA2 HEC BA . 20.02 -9.21 36.57
HBA1 HEC BA . 20.55 -10.70 34.90
HBA2 HEC BA . 21.75 -9.78 34.40
HMB1 HEC BA . 23.84 -13.17 42.95
HMB2 HEC BA . 24.38 -14.28 41.96
HMB3 HEC BA . 23.16 -13.38 41.53
HAB HEC BA . 27.83 -12.33 43.11
HBB1 HEC BA . 28.06 -14.46 42.92
HBB2 HEC BA . 26.70 -14.54 42.10
HBB3 HEC BA . 26.68 -14.67 43.68
HMC1 HEC BA . 31.00 -8.71 42.26
HMC2 HEC BA . 31.59 -9.52 41.03
HMC3 HEC BA . 30.46 -10.17 41.94
HAC HEC BA . 30.74 -6.28 38.60
HBC1 HEC BA . 32.70 -7.21 38.46
HBC2 HEC BA . 32.25 -8.34 39.47
HBC3 HEC BA . 32.90 -7.00 40.02
HMD1 HEC BA . 27.33 -3.88 35.60
HMD2 HEC BA . 27.96 -4.99 34.64
HMD3 HEC BA . 28.60 -4.74 36.08
HAD1 HEC BA . 25.11 -4.62 34.31
HAD2 HEC BA . 23.79 -5.46 34.61
HBD1 HEC BA . 24.66 -7.29 33.42
HBD2 HEC BA . 26.01 -6.49 33.17
SR SR CA . 11.01 -25.05 39.18
C1 BOG DA . 1.63 -22.23 42.84
O1 BOG DA . 0.52 -22.89 43.30
C2 BOG DA . 2.77 -22.25 43.87
O2 BOG DA . 2.34 -21.57 45.06
C3 BOG DA . 4.02 -21.59 43.36
O3 BOG DA . 5.16 -21.74 44.28
C4 BOG DA . 4.41 -22.14 42.01
O4 BOG DA . 5.42 -21.32 41.42
C5 BOG DA . 3.25 -22.19 41.03
O5 BOG DA . 2.05 -22.85 41.56
C6 BOG DA . 3.72 -23.01 39.87
O6 BOG DA . 2.66 -23.00 38.95
C1' BOG DA . -0.61 -22.78 42.46
C2' BOG DA . -1.77 -23.53 43.14
C3' BOG DA . -3.01 -23.50 42.23
C4' BOG DA . -3.85 -22.25 42.55
C5' BOG DA . -4.56 -21.71 41.30
C6' BOG DA . -6.03 -22.15 41.26
C7' BOG DA . -6.69 -21.55 40.00
C8' BOG DA . -6.39 -22.39 38.75
H1 BOG DA . 1.39 -21.30 42.68
H2 BOG DA . 2.97 -23.18 44.09
HO2 BOG DA . 2.98 -21.09 45.35
H3 BOG DA . 3.83 -20.65 43.25
HO3 BOG DA . 5.63 -21.03 44.26
H4 BOG DA . 4.76 -23.04 42.13
HO4 BOG DA . 6.02 -21.82 41.07
H5 BOG DA . 3.03 -21.30 40.74
H61 BOG DA . 3.91 -23.91 40.15
H62 BOG DA . 4.51 -22.60 39.48
HO6 BOG DA . 1.94 -22.74 39.34
H1'1 BOG DA . -0.41 -23.19 41.59
H1'2 BOG DA . -0.85 -21.85 42.34
H2'1 BOG DA . -1.98 -23.12 43.99
H2'2 BOG DA . -1.50 -24.46 43.29
H3'1 BOG DA . -3.54 -24.29 42.40
H3'2 BOG DA . -2.72 -23.48 41.31
H4'1 BOG DA . -3.27 -21.56 42.90
H4'2 BOG DA . -4.52 -22.48 43.22
H5'1 BOG DA . -4.11 -22.05 40.51
H5'2 BOG DA . -4.52 -20.75 41.31
H6'1 BOG DA . -6.48 -21.82 42.05
H6'2 BOG DA . -6.08 -23.11 41.24
H7'1 BOG DA . -7.66 -21.52 40.14
H7'2 BOG DA . -6.37 -20.65 39.87
H8'1 BOG DA . -6.79 -21.96 37.97
H8'2 BOG DA . -5.42 -22.44 38.62
FE1 FES EA . 2.58 19.54 80.11
FE2 FES EA . -0.39 19.75 79.86
S1 FES EA . 1.06 20.58 81.26
S2 FES EA . 1.19 18.96 78.52
CHA HEM FA . 0.96 -1.13 -43.77
CHB HEM FA . -3.34 -1.11 -41.65
CHC HEM FA . -5.09 -3.66 -45.33
CHD HEM FA . -0.70 -3.94 -47.24
C1A HEM FA . -0.10 -0.92 -42.93
C2A HEM FA . 0.03 -0.07 -41.76
C3A HEM FA . -1.15 -0.04 -41.17
C4A HEM FA . -2.05 -0.89 -41.96
CMA HEM FA . -1.51 0.73 -39.87
CAA HEM FA . 1.30 0.69 -41.37
CBA HEM FA . 1.33 1.87 -42.38
CGA HEM FA . 2.63 2.66 -42.34
O1A HEM FA . 3.50 2.43 -43.24
O2A HEM FA . 2.79 3.51 -41.41
C1B HEM FA . -4.22 -1.73 -42.47
C2B HEM FA . -5.63 -1.89 -42.21
C3B HEM FA . -6.13 -2.59 -43.23
C4B HEM FA . -5.04 -2.93 -44.15
CMB HEM FA . -6.38 -1.32 -40.96
CAB HEM FA . -7.62 -2.95 -43.31
CBB HEM FA . -8.24 -3.44 -44.36
C1C HEM FA . -4.04 -4.04 -46.12
C2C HEM FA . -4.13 -5.05 -47.17
C3C HEM FA . -2.92 -5.13 -47.73
C4C HEM FA . -2.02 -4.18 -47.03
CMC HEM FA . -5.41 -5.83 -47.59
CAC HEM FA . -2.64 -6.12 -48.90
CBC HEM FA . -1.58 -6.08 -49.66
C1D HEM FA . 0.14 -3.22 -46.46
C2D HEM FA . 1.57 -3.07 -46.70
C3D HEM FA . 2.07 -2.27 -45.74
C4D HEM FA . 0.94 -1.92 -44.88
CMD HEM FA . 2.30 -3.73 -47.89
CAD HEM FA . 3.55 -1.82 -45.59
CBD HEM FA . 3.82 -0.36 -45.16
CGD HEM FA . 3.07 0.63 -46.02
O1D HEM FA . 2.61 0.21 -47.09
O2D HEM FA . 2.93 1.85 -45.72
NA HEM FA . -1.40 -1.46 -43.04
NB HEM FA . -3.85 -2.38 -43.64
NC HEM FA . -2.74 -3.51 -46.05
ND HEM FA . -0.24 -2.51 -45.34
FE HEM FA . -2.09 -2.46 -44.50
HHB HEM FA . -3.59 -1.04 -40.71
HHC HEM FA . -5.98 -3.92 -45.64
HHD HEM FA . -0.30 -4.34 -48.05
HMA HEM FA . -2.45 0.58 -39.64
HMAA HEM FA . -1.35 1.69 -40.01
HMAB HEM FA . -0.94 0.40 -39.13
HAA HEM FA . 2.08 0.13 -41.48
HAAA HEM FA . 1.24 1.02 -40.47
HBA HEM FA . 0.59 2.47 -42.18
HBAA HEM FA . 1.21 1.52 -43.28
HMB HEM FA . -7.32 -1.56 -41.00
HMBA HEM FA . -6.29 -0.35 -40.96
HMBB HEM FA . -5.98 -1.69 -40.16
HAB HEM FA . -8.14 -2.81 -42.51
HBB HEM FA . -9.20 -3.65 -44.32
HBBA HEM FA . -7.75 -3.61 -45.19
HMC HEM FA . -5.21 -6.44 -48.32
HMCA HEM FA . -6.10 -5.21 -47.88
HMCB HEM FA . -5.74 -6.35 -46.83
HAC HEM FA . -3.28 -6.82 -49.06
HBC HEM FA . -1.47 -6.71 -50.38
HBCA HEM FA . -0.92 -5.38 -49.52
HMD HEM FA . 2.21 -4.71 -47.83
HMDA HEM FA . 3.25 -3.50 -47.86
HMDB HEM FA . 1.92 -3.42 -48.74
HAD HEM FA . 4.00 -1.97 -46.44
HADA HEM FA . 3.97 -2.40 -44.93
HBD HEM FA . 4.77 -0.18 -45.23
HBDA HEM FA . 3.55 -0.25 -44.23
HHA HEM FA . 1.84 -0.82 -43.45
CHA HEM GA . -24.87 -0.70 -38.39
CHB HEM GA . -21.23 -1.35 -41.45
CHC HEM GA . -18.25 -2.02 -37.64
CHD HEM GA . -22.14 -2.48 -34.78
C1A HEM GA . -24.12 -0.67 -39.55
C2A HEM GA . -24.51 -0.12 -40.82
C3A HEM GA . -23.50 -0.32 -41.67
C4A HEM GA . -22.44 -0.97 -40.95
CMA HEM GA . -23.45 0.09 -43.15
CAA HEM GA . -25.87 0.52 -41.16
CBA HEM GA . -25.75 2.02 -41.36
CGA HEM GA . -25.11 2.63 -40.16
O1A HEM GA . -24.10 3.31 -40.37
O2A HEM GA . -25.59 2.42 -39.02
C1B HEM GA . -20.08 -1.59 -40.70
C2B HEM GA . -18.72 -1.85 -41.24
C3B HEM GA . -17.91 -2.03 -40.17
C4B HEM GA . -18.72 -1.92 -38.95
CMB HEM GA . -18.42 -1.85 -42.79
CAB HEM GA . -16.38 -2.31 -40.07
CBB HEM GA . -15.51 -2.53 -41.07
C1C HEM GA . -19.03 -2.23 -36.50
C2C HEM GA . -18.54 -2.50 -35.14
C3C HEM GA . -19.63 -2.63 -34.33
C4C HEM GA . -20.81 -2.44 -35.18
CMC HEM GA . -17.02 -2.61 -34.85
CAC HEM GA . -19.79 -2.95 -32.81
CBC HEM GA . -18.88 -3.30 -31.91
C1D HEM GA . -23.22 -1.98 -35.49
C2D HEM GA . -24.55 -1.78 -34.98
C3D HEM GA . -25.30 -1.30 -35.98
C4D HEM GA . -24.47 -1.17 -37.15
CMD HEM GA . -24.97 -2.11 -33.53
CAD HEM GA . -26.78 -0.90 -35.95
CBD HEM GA . -27.62 -2.10 -36.35
CGD HEM GA . -29.02 -1.67 -36.49
O1D HEM GA . -29.26 -0.41 -36.47
O2D HEM GA . -29.83 -2.63 -36.62
NA HEM GA . -22.84 -1.18 -39.67
NB HEM GA . -20.04 -1.67 -39.31
NC HEM GA . -20.41 -2.18 -36.47
ND HEM GA . -23.22 -1.63 -36.81
FE HEM GA . -21.63 -1.70 -37.93
HHB HEM GA . -21.15 -1.40 -42.42
HHC HEM GA . -17.29 -1.93 -37.50
HHD HEM GA . -22.34 -2.90 -33.92
HMA HEM GA . -24.19 -0.36 -43.63
HMAA HEM GA . -22.60 -0.20 -43.54
HMAB HEM GA . -23.55 1.05 -43.23
HAA HEM GA . -26.48 0.36 -40.43
HAAA HEM GA . -26.21 0.13 -41.97
HBA HEM GA . -26.64 2.40 -41.48
HBAA HEM GA . -25.22 2.20 -42.14
HMB HEM GA . -17.48 -2.04 -42.93
HMBA HEM GA . -18.64 -0.98 -43.16
HMBB HEM GA . -18.95 -2.52 -43.22
HAB HEM GA . -16.01 -2.32 -39.20
HBB HEM GA . -14.57 -2.68 -40.87
HBBA HEM GA . -15.81 -2.52 -41.99
HMC HEM GA . -16.64 -3.32 -35.38
HMCA HEM GA . -16.89 -2.81 -33.91
HMCB HEM GA . -16.59 -1.78 -35.08
HAC HEM GA . -20.69 -2.87 -32.48
HBC HEM GA . -19.14 -3.46 -30.99
HBCA HEM GA . -17.95 -3.38 -32.17
HMD HEM GA . -25.92 -1.90 -33.41
HMDA HEM GA . -24.43 -1.58 -32.91
HMDB HEM GA . -24.83 -3.07 -33.36
HAD HEM GA . -26.94 -0.17 -36.58
HADA HEM GA . -27.03 -0.61 -35.05
HBD HEM GA . -27.55 -2.79 -35.65
HBDA HEM GA . -27.30 -2.47 -37.19
HHA HEM GA . -25.78 -0.34 -38.45
O6 FMX HA . -0.24 1.42 -31.74
C6 FMX HA . 0.32 0.46 -32.17
N2 FMX HA . 1.64 0.09 -32.03
N1 FMX HA . 2.61 0.83 -31.31
C21 FMX HA . 2.85 0.50 -29.91
C22 FMX HA . 2.37 -0.66 -29.31
C23 FMX HA . 2.63 -0.90 -27.98
C24 FMX HA . 3.37 -0.01 -27.23
C25 FMX HA . 3.83 1.14 -27.82
C26 FMX HA . 3.58 1.40 -29.15
C3 FMX HA . 1.94 -1.08 -32.71
O4 FMX HA . 0.76 -1.57 -33.18
O3 FMX HA . 3.04 -1.55 -32.93
C5 FMX HA . -0.35 -0.62 -33.01
C7 FMX HA . -0.72 0.06 -34.32
C8 FMX HA . -1.46 -1.49 -32.38
C9 FMX HA . -2.79 -1.55 -32.81
C10 FMX HA . -3.71 -2.38 -32.16
C11 FMX HA . -3.30 -3.14 -31.10
C12 FMX HA . -1.99 -3.10 -30.67
C13 FMX HA . -1.09 -2.28 -31.31
O14 FMX HA . -4.19 -3.98 -30.44
C15 FMX HA . -3.73 -5.22 -30.03
C16 FMX HA . -3.30 -6.08 -31.01
C17 FMX HA . -2.83 -7.33 -30.68
C18 FMX HA . -2.76 -7.72 -29.34
C19 FMX HA . -3.18 -6.83 -28.36
C20 FMX HA . -3.66 -5.58 -28.69
HN11 FMX HA . 3.09 1.55 -31.79
H221 FMX HA . 1.80 -1.36 -29.91
H231 FMX HA . 2.26 -1.80 -27.53
H241 FMX HA . 3.57 -0.21 -26.20
H251 FMX HA . 4.40 1.85 -27.25
H261 FMX HA . 3.94 2.29 -29.64
H71 FMX HA . -1.05 -0.69 -35.03
H72 FMX HA . 0.14 0.58 -34.71
H73 FMX HA . -1.53 0.76 -34.17
H91 FMX HA . -3.11 -0.94 -33.64
H101 FMX HA . -4.73 -2.43 -32.48
H121 FMX HA . -1.68 -3.69 -29.85
H131 FMX HA . -0.08 -2.24 -30.98
H161 FMX HA . -3.38 -5.76 -32.03
H171 FMX HA . -2.51 -8.01 -31.45
H181 FMX HA . -2.38 -8.69 -29.07
H191 FMX HA . -3.13 -7.11 -27.32
H201 FMX HA . -3.99 -4.89 -27.94
C1 ASC IA . 7.08 8.46 -23.08
C2 ASC IA . 5.71 8.85 -23.28
C3 ASC IA . 4.95 7.83 -23.01
C4 ASC IA . 5.80 6.71 -22.51
C5 ASC IA . 5.26 5.39 -22.99
C6 ASC IA . 4.60 4.76 -21.79
O1 ASC IA . 8.02 9.19 -23.06
O2 ASC IA . 5.38 10.10 -23.75
O3 ASC IA . 3.62 7.60 -23.05
O4 ASC IA . 7.11 7.07 -22.99
O5 ASC IA . 6.42 4.68 -23.40
O6 ASC IA . 4.11 3.46 -22.16
H4 ASC IA . 5.85 6.71 -21.43
H5 ASC IA . 4.55 5.54 -23.80
H61 ASC IA . 3.79 5.39 -21.43
H62 ASC IA . 5.36 4.68 -21.01
HO2 ASC IA . 5.37 10.74 -23.03
HO5 ASC IA . 6.83 5.18 -24.11
HO6 ASC IA . 4.80 2.78 -22.10
SR SR JA . 0.27 -0.06 -0.01
N1 LOP KA . -31.38 14.14 -33.81
C1 LOP KA . -31.02 15.15 -32.82
C2 LOP KA . -31.20 14.73 -31.34
O1 LOP KA . -30.76 13.40 -31.03
P1 LOP KA . -30.03 13.20 -29.63
O2 LOP KA . -28.49 13.30 -29.92
O3 LOP KA . -30.35 11.78 -29.09
O4 LOP KA . -30.45 14.21 -28.59
C3 LOP KA . -27.51 12.91 -28.99
C4 LOP KA . -26.11 12.62 -29.47
C5 LOP KA . -25.72 11.18 -29.70
O5 LOP KA . -25.63 13.46 -30.51
O6 LOP KA . -24.31 11.05 -29.90
C6 LOP KA . -24.64 14.27 -30.22
O7 LOP KA . -24.76 15.07 -29.24
C7 LOP KA . -23.69 14.66 -31.42
C8 LOP KA . -22.23 14.14 -31.24
C9 LOP KA . -21.30 14.71 -32.38
C10 LOP KA . -19.97 13.88 -32.57
C11 LOP KA . -19.00 14.55 -33.62
C12 LOP KA . -18.36 13.50 -34.59
C13 LOP KA . -17.48 14.12 -35.72
C14 LOP KA . -15.97 13.86 -35.47
C15 LOP KA . -15.00 14.09 -36.38
C16 LOP KA . -15.25 13.86 -37.90
C17 LOP KA . -13.88 13.78 -38.70
C18 LOP KA . -13.84 12.61 -39.73
C19 LOP KA . -12.67 12.80 -40.75
C20 LOP KA . -11.34 12.90 -39.97
C21 LOP KA . -10.12 12.28 -40.70
C22 LOP KA . -9.02 11.84 -39.70
C23 LOP KA . -8.17 10.75 -40.32
C24 LOP KA . -23.63 9.95 -29.82
O8 LOP KA . -24.23 8.94 -29.32
C25 LOP KA . -22.10 9.94 -30.26
C26 LOP KA . -21.13 9.92 -29.06
C27 LOP KA . -19.64 9.86 -29.46
C28 LOP KA . -18.76 9.80 -28.16
C29 LOP KA . -17.26 10.10 -28.42
C30 LOP KA . -16.45 8.95 -29.10
C31 LOP KA . -15.31 9.61 -29.92
C32 LOP KA . -13.99 8.81 -30.09
C33 LOP KA . -12.84 9.85 -30.37
C34 LOP KA . -11.40 9.26 -30.34
C35 LOP KA . -10.40 10.30 -29.76
HN11 LOP KA . -31.62 13.28 -33.34
HN12 LOP KA . -30.61 13.98 -34.42
H11 LOP KA . -31.67 16.00 -33.00
H12 LOP KA . -29.98 15.43 -32.98
H21 LOP KA . -32.25 14.83 -31.06
H22 LOP KA . -30.62 15.41 -30.73
H31 LOP KA . -27.87 12.02 -28.48
H32 LOP KA . -27.45 13.71 -28.26
H4 LOP KA . -25.49 12.89 -28.61
H51 LOP KA . -26.24 10.80 -30.58
H52 LOP KA . -26.01 10.59 -28.83
H71 LOP KA . -23.66 15.75 -31.49
H72 LOP KA . -24.11 14.26 -32.34
H81 LOP KA . -22.24 13.05 -31.30
H82 LOP KA . -21.86 14.46 -30.29
H91 LOP KA . -21.05 15.74 -32.14
H92 LOP KA . -21.86 14.68 -33.31
H101 LOP KA . -20.23 12.88 -32.92
H102 LOP KA . -19.46 13.81 -31.61
H111 LOP KA . -18.21 15.07 -33.08
H112 LOP KA . -19.56 15.27 -34.21
H121 LOP KA . -19.15 12.91 -35.03
H122 LOP KA . -17.75 12.82 -33.99
H131 LOP KA . -17.64 15.19 -35.79
H132 LOP KA . -17.75 13.69 -36.69
H14 LOP KA . -15.67 13.72 -34.44
H15 LOP KA . -14.08 14.55 -36.06
H161 LOP KA . -15.80 14.70 -38.28
H162 LOP KA . -15.82 12.95 -38.06
H171 LOP KA . -13.06 13.67 -38.01
H172 LOP KA . -13.75 14.71 -39.26
H181 LOP KA . -14.78 12.58 -40.27
H182 LOP KA . -13.70 11.67 -39.21
H191 LOP KA . -12.80 13.71 -41.31
H192 LOP KA . -12.61 11.95 -41.42
H201 LOP KA . -11.48 12.36 -39.03
H202 LOP KA . -11.13 13.94 -39.74
H211 LOP KA . -9.71 12.99 -41.41
H212 LOP KA . -10.46 11.40 -41.24
H221 LOP KA . -9.49 11.45 -38.80
H222 LOP KA . -8.40 12.69 -39.44
H231 LOP KA . -7.28 10.58 -39.70
H232 LOP KA . -7.85 11.05 -41.32
H233 LOP KA . -8.74 9.82 -40.38
H251 LOP KA . -21.89 10.85 -30.82
H252 LOP KA . -21.90 9.10 -30.91
H261 LOP KA . -21.36 9.03 -28.47
H262 LOP KA . -21.30 10.79 -28.44
H271 LOP KA . -19.39 10.73 -30.03
H272 LOP KA . -19.46 8.97 -30.05
H281 LOP KA . -18.86 8.82 -27.69
H282 LOP KA . -19.14 10.55 -27.48
H291 LOP KA . -16.77 10.33 -27.47
H292 LOP KA . -17.21 10.98 -29.05
H301 LOP KA . -17.11 8.42 -29.79
H302 LOP KA . -16.06 8.26 -28.35
H311 LOP KA . -15.07 10.58 -29.48
H312 LOP KA . -15.68 9.84 -30.91
H321 LOP KA . -14.06 8.11 -30.91
H322 LOP KA . -13.77 8.29 -29.16
H331 LOP KA . -12.89 10.62 -29.62
H332 LOP KA . -13.01 10.29 -31.34
H341 LOP KA . -11.10 8.99 -31.34
H342 LOP KA . -11.39 8.37 -29.73
H351 LOP KA . -9.38 9.93 -29.87
H352 LOP KA . -10.60 10.46 -28.71
H353 LOP KA . -10.50 11.25 -30.30
C1 BOG LA . -0.58 22.27 -42.90
O1 BOG LA . -1.77 22.67 -43.50
C2 BOG LA . 0.58 22.62 -43.82
O2 BOG LA . 0.42 21.80 -45.02
C3 BOG LA . 1.92 22.36 -43.20
O3 BOG LA . 3.04 22.91 -44.00
C4 BOG LA . 2.03 22.89 -41.80
O4 BOG LA . 3.17 22.28 -41.19
C5 BOG LA . 0.81 22.60 -40.91
O5 BOG LA . -0.45 22.94 -41.58
C6 BOG LA . 0.87 23.48 -39.71
O6 BOG LA . 0.29 24.72 -40.08
C1' BOG LA . -2.93 22.19 -42.85
C2' BOG LA . -4.15 22.70 -43.64
C3' BOG LA . -5.45 22.41 -42.86
C4' BOG LA . -6.17 21.12 -43.34
C5' BOG LA . -6.67 20.24 -42.18
C6' BOG LA . -8.08 20.65 -41.79
C7' BOG LA . -8.59 19.76 -40.63
C8' BOG LA . -8.10 20.32 -39.29
H1 BOG LA . -0.60 21.31 -42.77
H2 BOG LA . 0.52 23.55 -44.07
HO2 BOG LA . 0.79 22.19 -45.68
H3 BOG LA . 2.04 21.40 -43.15
HO3 BOG LA . 3.75 22.46 -43.85
H4 BOG LA . 2.16 23.85 -41.83
HO4 BOG LA . 3.87 22.74 -41.37
H5 BOG LA . 0.80 21.66 -40.64
H61 BOG LA . 1.81 23.63 -39.46
H62 BOG LA . 0.39 23.09 -38.98
HO6 BOG LA . -0.56 24.67 -39.97
H1'1 BOG LA . -2.96 22.52 -41.95
H1'2 BOG LA . -2.92 21.22 -42.85
H2'1 BOG LA . -4.19 22.25 -44.50
H2'2 BOG LA . -4.06 23.66 -43.77
H3'1 BOG LA . -6.06 23.16 -42.96
H3'2 BOG LA . -5.24 22.31 -41.93
H4'1 BOG LA . -5.56 20.60 -43.88
H4'2 BOG LA . -6.94 21.38 -43.89
H5'1 BOG LA . -6.07 20.36 -41.43
H5'2 BOG LA . -6.67 19.32 -42.46
H6'1 BOG LA . -8.67 20.55 -42.55
H6'2 BOG LA . -8.09 21.58 -41.50
H7'1 BOG LA . -9.55 19.73 -40.64
H7'2 BOG LA . -8.24 18.86 -40.75
H8'1 BOG LA . -8.38 19.74 -38.57
H8'2 BOG LA . -7.13 20.39 -39.29
H8'3 BOG LA . -8.48 21.21 -39.17
FE HEC MA . 25.72 15.43 -36.73
CHA HEC MA . 23.88 13.67 -34.62
CHB HEC MA . 22.95 17.07 -37.86
CHC HEC MA . 27.61 17.29 -38.95
CHD HEC MA . 28.52 13.69 -35.89
NA HEC MA . 23.81 15.39 -36.32
C1A HEC MA . 23.22 14.56 -35.40
C2A HEC MA . 21.78 14.77 -35.42
C3A HEC MA . 21.54 15.71 -36.32
C4A HEC MA . 22.79 16.12 -36.90
CMA HEC MA . 20.19 16.32 -36.72
CAA HEC MA . 20.77 14.01 -34.53
CBA HEC MA . 20.27 14.79 -33.30
CGA HEC MA . 19.41 13.82 -32.50
O1A HEC MA . 19.79 12.61 -32.43
O2A HEC MA . 18.38 14.23 -31.94
NB HEC MA . 25.35 16.93 -38.09
C1B HEC MA . 24.14 17.43 -38.45
C2B HEC MA . 24.28 18.40 -39.51
C3B HEC MA . 25.58 18.44 -39.81
C4B HEC MA . 26.26 17.54 -38.92
CMB HEC MA . 23.12 19.15 -40.22
CAB HEC MA . 26.26 19.30 -40.91
CBB HEC MA . 25.92 20.81 -40.84
NC HEC MA . 27.71 15.46 -37.34
C1C HEC MA . 28.30 16.34 -38.22
C2C HEC MA . 29.69 16.01 -38.35
C3C HEC MA . 29.97 15.11 -37.37
C4C HEC MA . 28.70 14.70 -36.81
CMC HEC MA . 30.65 16.92 -39.16
CAC HEC MA . 31.28 14.38 -36.97
CBC HEC MA . 32.48 15.33 -36.77
ND HEC MA . 26.12 13.90 -35.50
C1D HEC MA . 27.37 13.38 -35.21
C2D HEC MA . 27.29 12.45 -34.11
C3D HEC MA . 25.83 12.45 -33.75
C4D HEC MA . 25.19 13.37 -34.64
CMD HEC MA . 28.38 11.61 -33.41
CAD HEC MA . 25.21 11.66 -32.59
CBD HEC MA . 25.14 12.69 -31.46
CGD HEC MA . 24.40 12.10 -30.31
O1D HEC MA . 24.73 12.39 -29.12
O2D HEC MA . 23.50 11.31 -30.64
HHA HEC MA . 23.34 13.19 -33.96
HHB HEC MA . 22.14 17.56 -38.15
HHC HEC MA . 28.15 17.87 -39.54
HHD HEC MA . 29.30 13.13 -35.69
HMA1 HEC MA . 20.02 16.17 -37.66
HMA2 HEC MA . 20.20 17.29 -36.54
HMA3 HEC MA . 19.47 15.91 -36.18
HAA1 HEC MA . 21.18 13.19 -34.23
HAA2 HEC MA . 20.00 13.78 -35.07
HBA1 HEC MA . 19.74 15.55 -33.57
HBA2 HEC MA . 21.03 15.09 -32.77
HMB1 HEC MA . 23.14 18.94 -41.16
HMB2 HEC MA . 23.24 20.11 -40.09
HMB3 HEC MA . 22.28 18.87 -39.83
HAB HEC MA . 27.21 19.19 -40.84
HBB1 HEC MA . 26.73 21.32 -40.72
HBB2 HEC MA . 25.31 20.97 -40.10
HBB3 HEC MA . 25.49 21.07 -41.68
HMC1 HEC MA . 31.04 16.40 -39.88
HMC2 HEC MA . 31.35 17.24 -38.58
HMC3 HEC MA . 30.16 17.66 -39.53
HAC HEC MA . 31.14 13.90 -36.16
HBC1 HEC MA . 32.81 15.25 -35.86
HBC2 HEC MA . 32.20 16.24 -36.93
HBC3 HEC MA . 33.18 15.09 -37.39
HMD1 HEC MA . 28.42 11.85 -32.45
HMD2 HEC MA . 29.25 11.77 -33.83
HMD3 HEC MA . 28.16 10.65 -33.48
HAD1 HEC MA . 25.78 10.91 -32.34
HAD2 HEC MA . 24.32 11.35 -32.84
HBD1 HEC MA . 24.66 13.48 -31.78
HBD2 HEC MA . 26.02 12.95 -31.19
SR SR NA . 7.69 27.18 -38.72
FE1 FES OA . 13.50 -17.74 -79.52
FE2 FES OA . 10.60 -18.63 -79.46
S1 FES OA . 12.27 -18.95 -80.85
S2 FES OA . 11.78 -17.27 -78.20
CHA HEM PA . 3.70 -21.07 -55.21
CHB HEM PA . -0.42 -21.99 -57.47
CHC HEM PA . -2.84 -19.89 -53.86
CHD HEM PA . 1.31 -18.65 -51.87
C1A HEM PA . 2.76 -21.50 -56.09
C2A HEM PA . 3.11 -22.27 -57.25
C3A HEM PA . 2.00 -22.55 -57.89
C4A HEM PA . 0.91 -21.94 -57.14
CMA HEM PA . 1.87 -23.37 -59.22
CAA HEM PA . 4.55 -22.69 -57.60
CBA HEM PA . 4.75 -24.02 -56.88
CGA HEM PA . 6.17 -24.48 -57.02
O1A HEM PA . 7.05 -23.72 -56.54
O2A HEM PA . 6.41 -25.58 -57.62
C1B HEM PA . -1.46 -21.61 -56.67
C2B HEM PA . -2.86 -21.87 -56.90
C3B HEM PA . -3.54 -21.30 -55.90
C4B HEM PA . -2.59 -20.63 -55.01
CMB HEM PA . -3.39 -22.69 -58.12
CAB HEM PA . -5.04 -21.38 -55.80
CBB HEM PA . -5.78 -21.07 -54.73
C1C HEM PA . -1.92 -19.30 -53.05
C2C HEM PA . -2.26 -18.38 -51.94
C3C HEM PA . -1.05 -18.05 -51.42
C4C HEM PA . -0.01 -18.76 -52.15
CMC HEM PA . -3.71 -17.88 -51.52
CAC HEM PA . -0.67 -17.13 -50.24
CBC HEM PA . -1.45 -16.71 -49.25
C1D HEM PA . 2.32 -19.18 -52.59
C2D HEM PA . 3.72 -18.99 -52.28
C3D HEM PA . 4.46 -19.69 -53.19
C4D HEM PA . 3.47 -20.30 -54.09
CMD HEM PA . 4.23 -18.15 -51.07
CAD HEM PA . 6.00 -19.69 -53.19
CBD HEM PA . 6.72 -20.75 -54.00
CGD HEM PA . 6.50 -22.16 -53.47
O1D HEM PA . 5.90 -22.31 -52.39
O2D HEM PA . 6.93 -23.17 -54.09
NA HEM PA . 1.41 -21.28 -56.04
NB HEM PA . -1.32 -20.85 -55.51
NC HEM PA . -0.55 -19.54 -53.14
ND HEM PA . 2.17 -19.97 -53.70
FE HEM PA . 0.46 -20.40 -54.58
HHB HEM PA . -0.63 -22.19 -58.42
HHC HEM PA . -3.78 -19.80 -53.59
HHD HEM PA . 1.56 -18.17 -51.05
HMA HEM PA . 0.93 -23.42 -59.48
HMAA HEM PA . 2.23 -24.27 -59.07
HMAB HEM PA . 2.38 -22.93 -59.93
HAA HEM PA . 5.18 -22.04 -57.28
HAAA HEM PA . 4.63 -22.81 -58.56
HBA HEM PA . 4.16 -24.69 -57.25
HBAA HEM PA . 4.56 -23.91 -55.94
HMB HEM PA . -3.13 -22.25 -58.95
HMBA HEM PA . -4.36 -22.73 -58.08
HMBB HEM PA . -3.03 -23.58 -58.09
HAB HEM PA . -5.52 -21.66 -56.58
HBB HEM PA . -6.74 -21.14 -54.76
HBBA HEM PA . -5.33 -20.77 -53.91
HMC HEM PA . -3.64 -17.29 -50.77
HMCA HEM PA . -4.25 -18.66 -51.29
HMCB HEM PA . -4.12 -17.42 -52.27
HAC HEM PA . 0.23 -16.81 -50.22
HBC HEM PA . -1.10 -16.14 -48.56
HBCA HEM PA . -2.37 -17.00 -49.22
HMD HEM PA . 3.92 -17.23 -51.16
HMDA HEM PA . 5.21 -18.17 -51.05
HMDB HEM PA . 3.88 -18.54 -50.23
HAD HEM PA . 6.30 -19.78 -52.26
HADA HEM PA . 6.31 -18.82 -53.50
HBD HEM PA . 7.67 -20.56 -54.00
HBDA HEM PA . 6.39 -20.70 -54.92
HHA HEM PA . 4.63 -21.34 -55.38
CHA HEM QA . -21.07 -27.72 -60.85
CHB HEM QA . -17.63 -26.16 -57.82
CHC HEM QA . -14.97 -24.84 -61.67
CHD HEM QA . -18.83 -25.40 -64.46
C1A HEM QA . -20.32 -27.55 -59.70
C2A HEM QA . -20.53 -28.18 -58.40
C3A HEM QA . -19.59 -27.73 -57.56
C4A HEM QA . -18.72 -26.83 -58.30
CMA HEM QA . -19.42 -28.13 -56.06
CAA HEM QA . -21.66 -29.17 -58.02
CBA HEM QA . -21.03 -30.56 -57.99
CGA HEM QA . -20.70 -31.00 -59.38
O1A HEM QA . -19.50 -31.29 -59.65
O2A HEM QA . -21.66 -31.06 -60.22
C1B HEM QA . -16.56 -25.65 -58.58
C2B HEM QA . -15.30 -25.09 -58.07
C3B HEM QA . -14.57 -24.74 -59.15
C4B HEM QA . -15.36 -25.04 -60.35
CMB HEM QA . -15.04 -25.01 -56.53
CAB HEM QA . -13.16 -24.10 -59.29
CBB HEM QA . -12.33 -23.73 -58.31
C1C HEM QA . -15.79 -24.84 -62.79
C2C HEM QA . -15.42 -24.46 -64.12
C3C HEM QA . -16.48 -24.61 -64.91
C4C HEM QA . -17.54 -25.10 -64.06
CMC HEM QA . -13.98 -23.97 -64.40
CAC HEM QA . -16.71 -24.36 -66.41
CBC HEM QA . -15.84 -23.95 -67.35
C1D HEM QA . -19.74 -26.12 -63.75
C2D HEM QA . -20.96 -26.67 -64.28
C3D HEM QA . -21.58 -27.30 -63.28
C4D HEM QA . -20.78 -27.19 -62.09
CMD HEM QA . -21.40 -26.49 -65.73
CAD HEM QA . -22.90 -28.08 -63.31
CBD HEM QA . -24.01 -27.19 -62.82
CGD HEM QA . -25.22 -28.04 -62.55
O1D HEM QA . -25.14 -29.31 -62.42
O2D HEM QA . -26.28 -27.38 -62.47
NA HEM QA . -19.20 -26.74 -59.59
NB HEM QA . -16.55 -25.60 -59.96
NC HEM QA . -17.09 -25.26 -62.79
ND HEM QA . -19.66 -26.45 -62.41
FE HEM QA . -18.12 -26.02 -61.11
HHB HEM QA . -17.58 -26.02 -56.85
HHC HEM QA . -14.02 -24.70 -61.83
HHD HEM QA . -19.11 -25.05 -65.33
HMA HEM QA . -18.64 -27.65 -55.68
HMAA HEM QA . -19.27 -29.09 -55.99
HMAB HEM QA . -20.22 -27.88 -55.56
HAA HEM QA . -22.36 -29.15 -58.70
HAAA HEM QA . -22.03 -28.95 -57.15
HBA HEM QA . -21.66 -31.18 -57.59
HBAA HEM QA . -20.23 -30.54 -57.45
HMB HEM QA . -14.16 -24.62 -56.36
HMBA HEM QA . -15.06 -25.90 -56.15
HMBB HEM QA . -15.72 -24.47 -56.12
HAB HEM QA . -12.84 -23.96 -60.19
HBB HEM QA . -11.46 -23.34 -58.52
HBBA HEM QA . -12.59 -23.84 -57.38
HMC HEM QA . -13.79 -23.18 -63.87
HMCA HEM QA . -13.88 -23.75 -65.34
HMCB HEM QA . -13.35 -24.67 -64.16
HAC HEM QA . -17.60 -24.52 -66.73
HBC HEM QA . -16.12 -23.83 -68.26
HBCA HEM QA . -14.92 -23.76 -67.09
HMD HEM QA . -22.25 -26.95 -65.88
HMDA HEM QA . -20.72 -26.89 -66.32
HMDB HEM QA . -21.49 -25.54 -65.94
HAD HEM QA . -22.82 -28.86 -62.74
HADA HEM QA . -23.08 -28.36 -64.22
HBD HEM QA . -24.22 -26.52 -63.49
HBDA HEM QA . -23.74 -26.74 -62.00
HHA HEM QA . -21.87 -28.27 -60.78
O6 FMX RA . 3.34 -23.46 -67.38
C6 FMX RA . 3.71 -22.42 -66.97
N2 FMX RA . 4.93 -21.78 -67.07
N1 FMX RA . 6.08 -22.24 -67.78
C21 FMX RA . 6.36 -21.84 -69.15
C22 FMX RA . 5.70 -20.81 -69.80
C23 FMX RA . 6.05 -20.49 -71.11
C24 FMX RA . 7.04 -21.19 -71.77
C25 FMX RA . 7.70 -22.22 -71.12
C26 FMX RA . 7.35 -22.54 -69.81
C3 FMX RA . 4.93 -20.58 -66.38
O4 FMX RA . 3.68 -20.40 -65.82
O3 FMX RA . 5.89 -19.87 -66.27
C5 FMX RA . 2.81 -21.55 -66.11
C7 FMX RA . 2.58 -22.35 -64.83
C8 FMX RA . 1.55 -20.98 -66.73
C9 FMX RA . 0.25 -21.29 -66.27
C10 FMX RA . -0.86 -20.70 -66.85
C11 FMX RA . -0.66 -19.80 -67.86
C12 FMX RA . 0.60 -19.49 -68.33
C13 FMX RA . 1.72 -20.07 -67.77
O14 FMX RA . -1.77 -19.25 -68.40
C15 FMX RA . -1.70 -17.96 -68.91
C16 FMX RA . -1.50 -16.97 -67.97
C17 FMX RA . -1.42 -15.66 -68.39
C18 FMX RA . -1.54 -15.35 -69.74
C19 FMX RA . -1.73 -16.35 -70.68
C20 FMX RA . -1.79 -17.67 -70.27
HN11 FMX RA . 6.68 -22.87 -67.28
H221 FMX RA . 4.93 -20.27 -69.28
H231 FMX RA . 5.53 -19.70 -71.61
H241 FMX RA . 7.30 -20.94 -72.78
H251 FMX RA . 8.48 -22.77 -71.62
H261 FMX RA . 7.84 -23.32 -69.28
H71 FMX RA . 2.08 -21.73 -64.11
H72 FMX RA . 3.54 -22.67 -64.44
H73 FMX RA . 1.98 -23.23 -65.04
H91 FMX RA . 0.14 -21.97 -65.47
H101 FMX RA . -1.85 -20.92 -66.51
H121 FMX RA . 0.70 -18.78 -69.14
H131 FMX RA . 2.70 -19.82 -68.11
H161 FMX RA . -1.42 -17.25 -66.94
H171 FMX RA . -1.27 -14.88 -67.68
H181 FMX RA . -1.47 -14.32 -70.06
H191 FMX RA . -1.81 -16.11 -71.72
H201 FMX RA . -1.96 -18.46 -70.98
C1 ASC SA . 12.05 -29.47 -75.98
C2 ASC SA . 10.66 -29.78 -75.71
C3 ASC SA . 9.97 -28.70 -76.03
C4 ASC SA . 10.95 -27.69 -76.57
C5 ASC SA . 10.61 -26.25 -76.29
C6 ASC SA . 9.43 -25.73 -77.15
O1 ASC SA . 12.93 -30.23 -76.21
O2 ASC SA . 10.24 -31.00 -75.19
O3 ASC SA . 8.65 -28.40 -76.01
O4 ASC SA . 12.17 -28.10 -75.92
O5 ASC SA . 11.89 -25.62 -76.54
O6 ASC SA . 8.53 -24.89 -76.37
H4 ASC SA . 11.09 -27.83 -77.63
H5 ASC SA . 10.35 -26.17 -75.24
H61 ASC SA . 8.88 -26.57 -77.57
H62 ASC SA . 9.85 -25.16 -77.96
HO2 ASC SA . 9.74 -31.50 -75.84
HO5 ASC SA . 11.85 -24.73 -76.16
HO6 ASC SA . 9.00 -24.45 -75.64
N1 LOP TA . -22.84 -45.24 -66.71
C1 LOP TA . -22.89 -45.77 -68.06
C2 LOP TA . -23.09 -44.66 -69.10
O1 LOP TA . -22.05 -43.70 -69.06
P1 LOP TA . -22.26 -42.41 -69.95
O2 LOP TA . -20.84 -41.85 -70.27
O3 LOP TA . -23.15 -41.41 -69.16
O4 LOP TA . -22.97 -42.75 -71.23
C3 LOP TA . -19.97 -41.62 -69.19
C4 LOP TA . -18.68 -40.82 -69.33
C5 LOP TA . -18.77 -39.31 -69.33
O5 LOP TA . -17.72 -41.22 -68.37
O6 LOP TA . -17.56 -38.62 -69.70
C6 LOP TA . -16.91 -42.16 -68.70
O7 LOP TA . -17.34 -43.10 -69.44
C7 LOP TA . -15.72 -42.42 -67.69
C8 LOP TA . -14.83 -41.16 -67.40
C9 LOP TA . -13.72 -41.53 -66.34
C10 LOP TA . -12.49 -40.54 -66.31
C11 LOP TA . -11.36 -41.03 -65.31
C12 LOP TA . -10.70 -39.85 -64.49
C13 LOP TA . -9.89 -40.31 -63.23
C14 LOP TA . -8.43 -39.76 -63.28
C15 LOP TA . -7.61 -39.62 -62.22
C16 LOP TA . -7.96 -38.79 -60.93
C17 LOP TA . -6.78 -37.85 -60.49
C18 LOP TA . -6.56 -37.71 -58.94
C19 LOP TA . -5.22 -38.34 -58.46
C20 LOP TA . -4.25 -37.27 -57.90
C21 LOP TA . -3.70 -36.31 -59.00
C22 LOP TA . -2.59 -35.38 -58.46
C23 LOP TA . -2.04 -34.50 -59.59
C24 LOP TA . -17.16 -37.53 -69.12
O8 LOP TA . -18.07 -36.86 -68.54
C25 LOP TA . -15.84 -36.79 -69.56
C26 LOP TA . -14.49 -37.46 -69.24
C27 LOP TA . -13.44 -36.88 -70.23
C28 LOP TA . -11.96 -37.14 -69.88
C29 LOP TA . -11.04 -36.00 -70.43
C30 LOP TA . -9.58 -36.07 -69.88
C31 LOP TA . -8.90 -34.65 -69.83
C32 LOP TA . -7.57 -34.58 -68.99
C33 LOP TA . -6.34 -34.82 -69.90
C34 LOP TA . -5.00 -34.74 -69.13
C35 LOP TA . -3.82 -35.22 -70.00
HN11 LOP TA . -22.87 -44.23 -66.75
HN12 LOP TA . -22.00 -45.53 -66.26
H11 LOP TA . -23.74 -46.45 -68.11
H12 LOP TA . -21.97 -46.31 -68.28
H21 LOP TA . -24.04 -44.16 -68.92
H22 LOP TA . -23.11 -45.10 -70.09
H31 LOP TA . -19.69 -42.58 -68.78
H32 LOP TA . -20.55 -41.10 -68.44
H4 LOP TA . -18.27 -41.09 -70.31
H51 LOP TA . -19.02 -39.00 -68.32
H52 LOP TA . -19.57 -39.00 -70.00
H71 LOP TA . -15.08 -43.20 -68.08
H72 LOP TA . -16.15 -42.74 -66.75
H81 LOP TA . -15.45 -40.35 -67.02
H82 LOP TA . -14.35 -40.87 -68.32
H91 LOP TA . -13.36 -42.53 -66.54
H92 LOP TA . -14.19 -41.51 -65.36
H101 LOP TA . -12.84 -39.56 -65.99
H102 LOP TA . -12.08 -40.47 -67.30
H111 LOP TA . -10.58 -41.51 -65.88
H112 LOP TA . -11.78 -41.73 -64.61
H121 LOP TA . -11.50 -39.17 -64.19
H122 LOP TA . -10.06 -39.29 -65.16
H131 LOP TA . -9.85 -41.39 -63.18
H132 LOP TA . -10.37 -39.96 -62.32
H14 LOP TA . -7.98 -39.70 -64.26
H15 LOP TA . -6.58 -39.93 -62.33
H161 LOP TA . -8.19 -39.47 -60.11
H162 LOP TA . -8.84 -38.18 -61.14
H171 LOP TA . -6.98 -36.87 -60.90
H172 LOP TA . -5.85 -38.20 -60.95
H181 LOP TA . -7.37 -38.25 -58.45
H182 LOP TA . -6.61 -36.68 -58.64
H191 LOP TA . -4.75 -38.89 -59.27
H192 LOP TA . -5.45 -39.01 -57.65
H201 LOP TA . -3.41 -37.77 -57.42
H202 LOP TA . -4.78 -36.68 -57.16
H211 LOP TA . -4.52 -35.71 -59.37
H212 LOP TA . -3.31 -36.91 -59.83
H221 LOP TA . -1.79 -35.97 -58.03
H222 LOP TA . -3.01 -34.73 -57.69
H231 LOP TA . -1.42 -33.72 -59.17
H232 LOP TA . -2.86 -34.07 -60.15
H233 LOP TA . -1.43 -35.12 -60.26
H251 LOP TA . -15.84 -35.81 -69.09
H252 LOP TA . -15.88 -36.61 -70.63
H261 LOP TA . -14.55 -38.54 -69.36
H262 LOP TA . -14.19 -37.22 -68.23
H271 LOP TA . -13.58 -35.80 -70.24
H272 LOP TA . -13.63 -37.26 -71.22
H281 LOP TA . -11.65 -38.09 -70.30
H282 LOP TA . -11.86 -37.17 -68.80
H291 LOP TA . -11.47 -35.05 -70.13
H292 LOP TA . -11.01 -36.04 -71.51
H301 LOP TA . -8.99 -36.74 -70.50
H302 LOP TA . -9.61 -36.45 -68.87
H311 LOP TA . -9.62 -33.98 -69.38
H312 LOP TA . -8.70 -34.32 -70.84
H321 LOP TA . -7.60 -35.30 -68.18
H322 LOP TA . -7.49 -33.57 -68.58
H331 LOP TA . -6.33 -34.05 -70.68
H332 LOP TA . -6.43 -35.79 -70.36
H341 LOP TA . -5.07 -35.36 -68.24
H342 LOP TA . -4.83 -33.72 -68.82
H351 LOP TA . -2.91 -35.30 -69.40
H352 LOP TA . -3.65 -34.52 -70.81
H353 LOP TA . -4.06 -36.20 -70.43
FE HEC UA . 31.92 -30.70 -61.61
CHA HEC UA . 29.75 -29.35 -63.82
CHB HEC UA . 29.68 -33.11 -60.84
CHC HEC UA . 34.15 -32.01 -59.44
CHD HEC UA . 34.33 -28.34 -62.57
NA HEC UA . 30.05 -31.18 -62.21
C1A HEC UA . 29.30 -30.45 -63.11
C2A HEC UA . 27.98 -31.06 -63.22
C3A HEC UA . 27.95 -32.11 -62.40
C4A HEC UA . 29.25 -32.20 -61.75
CMA HEC UA . 26.75 -33.05 -62.20
CAA HEC UA . 26.84 -30.55 -64.13
CBA HEC UA . 26.85 -31.22 -65.49
CGA HEC UA . 26.00 -30.32 -66.35
O1A HEC UA . 26.44 -29.16 -66.56
O2A HEC UA . 24.90 -30.76 -66.81
NB HEC UA . 31.95 -32.28 -60.42
C1B HEC UA . 30.88 -33.11 -60.17
C2B HEC UA . 31.26 -33.99 -59.06
C3B HEC UA . 32.50 -33.67 -58.69
C4B HEC UA . 32.94 -32.60 -59.54
CMB HEC UA . 30.36 -35.07 -58.39
CAB HEC UA . 33.33 -34.32 -57.54
CBB HEC UA . 33.47 -35.85 -57.65
NC HEC UA . 33.88 -30.28 -61.09
C1C HEC UA . 34.60 -30.95 -60.14
C2C HEC UA . 35.92 -30.40 -60.05
C3C HEC UA . 35.96 -29.36 -60.90
C4C HEC UA . 34.68 -29.27 -61.59
CMC HEC UA . 36.99 -30.83 -59.01
CAC HEC UA . 37.13 -28.36 -61.15
CBC HEC UA . 38.56 -28.97 -61.22
ND HEC UA . 32.04 -29.06 -62.96
C1D HEC UA . 33.13 -28.27 -63.24
C2D HEC UA . 32.81 -27.39 -64.33
C3D HEC UA . 31.40 -27.71 -64.74
C4D HEC UA . 30.99 -28.76 -63.82
CMD HEC UA . 33.68 -26.33 -65.03
CAD HEC UA . 30.59 -27.05 -65.88
CBD HEC UA . 30.73 -27.88 -67.17
CGD HEC UA . 30.00 -27.21 -68.31
O1D HEC UA . 28.96 -26.58 -68.05
O2D HEC UA . 30.48 -27.35 -69.47
HHA HEC UA . 29.07 -28.91 -64.39
HHB HEC UA . 29.07 -33.85 -60.63
HHC HEC UA . 34.77 -32.39 -58.77
HHD HEC UA . 35.02 -27.69 -62.81
HMA1 HEC UA . 26.47 -33.03 -61.26
HMA2 HEC UA . 27.00 -33.96 -62.43
HMA3 HEC UA . 26.00 -32.76 -62.76
HAA1 HEC UA . 26.93 -29.60 -64.24
HAA2 HEC UA . 25.99 -30.73 -63.69
HBA1 HEC UA . 26.46 -32.11 -65.44
HBA2 HEC UA . 27.76 -31.26 -65.84
HMB1 HEC UA . 30.25 -34.87 -57.45
HMB2 HEC UA . 30.77 -35.94 -58.50
HMB3 HEC UA . 29.48 -35.08 -58.82
HAB HEC UA . 34.21 -33.93 -57.53
HBB1 HEC UA . 34.40 -36.10 -57.72
HBB2 HEC UA . 33.00 -36.17 -58.45
HBB3 HEC UA . 33.08 -36.28 -56.87
HMC1 HEC UA . 37.24 -30.07 -58.46
HMC2 HEC UA . 37.77 -31.17 -59.46
HMC3 HEC UA . 36.62 -31.53 -58.44
HAC HEC UA . 36.97 -27.87 -61.96
HBC1 HEC UA . 38.95 -28.79 -62.09
HBC2 HEC UA . 38.50 -29.93 -61.09
HBC3 HEC UA . 39.11 -28.59 -60.52
HMD1 HEC UA . 33.78 -26.56 -65.97
HMD2 HEC UA . 34.57 -26.31 -64.61
HMD3 HEC UA . 33.26 -25.45 -64.95
HAD1 HEC UA . 30.94 -26.15 -66.04
HAD2 HEC UA . 29.67 -26.99 -65.63
HBD1 HEC UA . 30.35 -28.76 -67.03
HBD2 HEC UA . 31.66 -27.97 -67.40
SR SR VA . 17.50 -46.82 -60.34
C1 BOG WA . 8.17 -44.01 -56.15
O1 BOG WA . 7.16 -44.62 -55.42
C2 BOG WA . 9.51 -44.07 -55.42
O2 BOG WA . 9.45 -43.30 -54.20
C3 BOG WA . 10.63 -43.54 -56.24
O3 BOG WA . 11.87 -43.70 -55.46
C4 BOG WA . 10.72 -44.26 -57.56
O4 BOG WA . 11.71 -43.70 -58.44
C5 BOG WA . 9.39 -44.22 -58.32
O5 BOG WA . 8.24 -44.63 -57.50
C6 BOG WA . 9.46 -45.17 -59.48
O6 BOG WA . 8.20 -45.78 -59.64
C1' BOG WA . 5.88 -44.38 -55.98
C2' BOG WA . 4.85 -45.42 -55.51
C3' BOG WA . 3.60 -45.29 -56.38
C4' BOG WA . 2.65 -44.19 -55.84
C5' BOG WA . 1.97 -43.37 -56.93
C6' BOG WA . 0.66 -44.05 -57.33
C7' BOG WA . 0.16 -43.46 -58.67
C8' BOG WA . 0.86 -44.13 -59.88
H1 BOG WA . 7.94 -43.07 -56.25
H2 BOG WA . 9.70 -45.00 -55.19
HO2 BOG WA . 10.19 -43.37 -53.78
H3 BOG WA . 10.48 -42.61 -56.40
HO3 BOG WA . 11.97 -43.04 -54.94
H4 BOG WA . 10.95 -45.19 -57.39
HO4 BOG WA . 11.91 -44.26 -59.04
H5 BOG WA . 9.24 -43.32 -58.64
H61 BOG WA . 10.14 -45.85 -59.31
H62 BOG WA . 9.70 -44.68 -60.29
HO6 BOG WA . 7.60 -45.18 -59.66
H1'1 BOG WA . 5.95 -44.42 -56.95
H1'2 BOG WA . 5.59 -43.49 -55.71
H2'1 BOG WA . 4.63 -45.26 -54.58
H2'2 BOG WA . 5.23 -46.31 -55.59
H3'1 BOG WA . 3.13 -46.13 -56.39
H3'2 BOG WA . 3.85 -45.07 -57.29
H4'1 BOG WA . 3.18 -43.59 -55.29
H4'2 BOG WA . 1.98 -44.60 -55.29
H5'1 BOG WA . 2.55 -43.32 -57.71
H5'2 BOG WA . 1.78 -42.49 -56.60
H6'1 BOG WA . 0.00 -43.89 -56.64
H6'2 BOG WA . 0.80 -45.00 -57.44
H7'1 BOG WA . -0.80 -43.62 -58.74
H7'2 BOG WA . 0.33 -42.52 -58.68
H8'1 BOG WA . 0.55 -43.71 -60.71
H8'2 BOG WA . 1.82 -44.00 -59.81
H8'3 BOG WA . 0.65 -45.08 -59.90
FE1 FES XA . 10.85 -2.06 -19.51
FE2 FES XA . 7.82 -1.79 -19.27
S1 FES XA . 9.54 -1.01 -18.15
S2 FES XA . 9.13 -2.54 -20.83
#